data_7WTF
#
_entry.id   7WTF
#
_cell.length_a   1.00
_cell.length_b   1.00
_cell.length_c   1.00
_cell.angle_alpha   90.00
_cell.angle_beta   90.00
_cell.angle_gamma   90.00
#
_symmetry.space_group_name_H-M   'P 1'
#
loop_
_entity.id
_entity.type
_entity.pdbx_description
1 polymer 'Heavy chain of XGv051'
2 polymer 'Light chain of XGv051'
3 polymer 'Spike glycoprotein'
4 branched 2-acetamido-2-deoxy-beta-D-glucopyranose-(1-4)-2-acetamido-2-deoxy-beta-D-glucopyranose
5 branched beta-D-mannopyranose-(1-4)-2-acetamido-2-deoxy-beta-D-glucopyranose-(1-4)-2-acetamido-2-deoxy-beta-D-glucopyranose
6 non-polymer 2-acetamido-2-deoxy-beta-D-glucopyranose
#
loop_
_entity_poly.entity_id
_entity_poly.type
_entity_poly.pdbx_seq_one_letter_code
_entity_poly.pdbx_strand_id
1 'polypeptide(L)'
;VQLVQSGAEVKKPGSSVKVSCKASGGTFSNYALSWVRQAPGQGLEWMGGIIPIFGTTNYAQKFQGRVTITADESTSTAYM
ELSSLRSEDTAVYYCARLDGYSFGHDRYYQDGMDDWGPGT
;
H,G,I
2 'polypeptide(L)'
;DIQMTQSPSSLSASVGDRVTITCRASQAIRNDLGWYQQKPGKAPKCLIYAASSLQSGVPSRFSGSGSGTEFTLTISSLQP
EDFATYFCLQQNIYPRTFGQGTKV
;
L,J,K
3 'polypeptide(L)'
;QCVNLTTRTQLPPAYTNSFTRGVYYPDKVFRSSVLHSTQDLFLPFFSNVTWFHVISGTNGTKRFDNPVLPFNDGVYFASI
EKSNIIRGWIFGTTLDSKTQSLLIVNNATNVVIKVCEFQFCNDPFLDHKNNKSWMESEFRVYSSANNCTFEYVSQPFLMD
LEGKQGNFKNLREFVFKNIDGYFKIYSKHTPIIVREPEDLPQGFSALEPLVDLPIGINITRFQTLLALHRSYLTPGDSSS
GWTAGAAAYYVGYLQPRTFLLKYNENGTITDAVDCALDPLSETKCTLKSFTVEKGIYQTSNFRVQPTESIVRFPNITNLC
PFDEVFNATRFASVYAWNRKRISNCVADYSVLYNLAPFFTFKCYGVSPTKLNDLCFTNVYADSFVIRGDEVRQIAPGQTG
NIADYNYKLPDDFTGCVIAWNSNKLDSKVSGNYNYLYRLFRKSNLKPFERDISTEIYQAGNKPCNGVAGFNCYFPLRSYS
FRPTYGVGHQPYRVVVLSFELLHAPATVCGPKKSTNLVKNKCVNFNFNGLKGTGVLTESNKKFLPFQQFGRDIADTTDAV
RDPQTLEILDITPCSFGGVSVITPGTNTSNQVAVLYQGVNCTEVPVAIHADQLTPTWRVYSTGSNVFQTRAGCLIGAEYV
NNSYECDIPIGAGICASYQTQTNSPRAAASVASQSIIAYTMSLGAENSVAYSNNSIAIPTNFTISVTTEILPVSMTKTSV
DCTMYICGDSTECSNLLLQYGSFCTQLKRALTGIAVEQDKNTQEVFAQVKQIYKTPPIKYFGGFNFSQILPDPSKPSKRS
PIEDLLFNKVTLADAGFIKQYGDCLGDIAARDLICAQKFKGLTVLPPLLTDEMIAQYTSALLAGTITSGWTFGAGPALQI
PFPMQMAYRFNGIGVTQNVLYENQKLIANQFNSAIGKIQDSLSSTPSALGKLQDVVNHNAQALNTLVKQLSSKFGAISSV
LNDIFSRLDPPEAEVQIDRLITGRLQSLQTYVTQQLIRAAEIRASANLAATKMSECVLGQSKRVDFCGKGYHLMSFPQSA
PHGVVFLHVTYVPAQEKNFTTAPAICHDGKAHFPREGVFVSNGTHWFVTQRNFYEPQIITTDNTFVSGNCDVVIGIVNNT
VYDPLQPELDSFKEELDKYFKNHTSPRRA
;
B,C,D
#
loop_
_chem_comp.id
_chem_comp.type
_chem_comp.name
_chem_comp.formula
BMA D-saccharide, beta linking beta-D-mannopyranose 'C6 H12 O6'
NAG D-saccharide, beta linking 2-acetamido-2-deoxy-beta-D-glucopyranose 'C8 H15 N O6'
#
# COMPACT_ATOMS: atom_id res chain seq x y z
N VAL A 1 26.67 -50.28 64.92
CA VAL A 1 26.17 -51.59 64.49
C VAL A 1 27.37 -52.50 64.16
N GLN A 2 27.26 -53.78 64.54
CA GLN A 2 28.32 -54.75 64.31
C GLN A 2 27.69 -56.11 64.06
N LEU A 3 28.23 -56.82 63.07
CA LEU A 3 27.77 -58.17 62.73
C LEU A 3 28.95 -59.13 62.87
N VAL A 4 28.80 -60.13 63.73
CA VAL A 4 29.90 -61.01 64.10
C VAL A 4 29.49 -62.46 63.84
N GLN A 5 30.25 -63.16 63.00
CA GLN A 5 29.98 -64.57 62.74
C GLN A 5 30.76 -65.44 63.73
N SER A 6 30.69 -66.75 63.54
CA SER A 6 31.38 -67.69 64.41
C SER A 6 32.78 -67.99 63.85
N GLY A 7 33.44 -68.98 64.43
CA GLY A 7 34.79 -69.35 64.06
C GLY A 7 34.83 -70.37 62.94
N ALA A 8 35.94 -71.12 62.91
CA ALA A 8 36.15 -72.13 61.89
C ALA A 8 35.28 -73.36 62.16
N GLU A 9 35.08 -74.15 61.10
CA GLU A 9 34.31 -75.38 61.17
C GLU A 9 35.11 -76.51 60.56
N VAL A 10 34.50 -77.70 60.53
CA VAL A 10 35.18 -78.88 60.01
C VAL A 10 35.19 -78.82 58.49
N LYS A 11 36.33 -79.21 57.90
CA LYS A 11 36.50 -79.25 56.45
C LYS A 11 36.26 -80.64 55.87
N LYS A 12 35.96 -81.63 56.68
CA LYS A 12 35.75 -82.98 56.20
C LYS A 12 34.37 -83.10 55.55
N PRO A 13 34.28 -83.62 54.33
CA PRO A 13 32.98 -83.76 53.66
C PRO A 13 32.09 -84.79 54.35
N GLY A 14 30.78 -84.61 54.22
CA GLY A 14 29.80 -85.46 54.84
C GLY A 14 29.15 -84.88 56.08
N SER A 15 29.65 -83.76 56.59
CA SER A 15 29.10 -83.12 57.77
C SER A 15 28.26 -81.90 57.36
N SER A 16 27.82 -81.14 58.35
CA SER A 16 27.05 -79.93 58.13
C SER A 16 27.57 -78.83 59.06
N VAL A 17 27.31 -77.58 58.68
CA VAL A 17 27.79 -76.42 59.42
C VAL A 17 26.60 -75.62 59.92
N LYS A 18 26.73 -75.13 61.15
CA LYS A 18 25.79 -74.21 61.79
C LYS A 18 26.55 -72.95 62.17
N VAL A 19 25.96 -71.79 61.90
CA VAL A 19 26.55 -70.53 62.34
C VAL A 19 25.44 -69.57 62.76
N SER A 20 25.63 -68.91 63.89
CA SER A 20 24.68 -67.94 64.42
C SER A 20 25.36 -66.58 64.39
N CYS A 21 24.94 -65.73 63.45
CA CYS A 21 25.52 -64.40 63.29
C CYS A 21 24.91 -63.47 64.33
N LYS A 22 25.76 -62.92 65.20
CA LYS A 22 25.34 -61.94 66.20
C LYS A 22 25.22 -60.55 65.58
N ALA A 23 24.23 -59.80 66.06
CA ALA A 23 23.95 -58.43 65.60
C ALA A 23 23.97 -57.52 66.82
N SER A 24 25.13 -56.93 67.10
CA SER A 24 25.28 -56.02 68.22
C SER A 24 25.00 -54.60 67.75
N GLY A 25 23.85 -54.05 68.14
CA GLY A 25 23.43 -52.75 67.67
C GLY A 25 22.66 -52.81 66.37
N GLY A 26 21.93 -51.74 66.09
CA GLY A 26 21.06 -51.67 64.93
C GLY A 26 19.91 -52.65 65.01
N THR A 27 19.25 -52.70 66.17
CA THR A 27 18.20 -53.69 66.43
C THR A 27 16.92 -53.32 65.68
N PHE A 28 16.82 -53.77 64.43
CA PHE A 28 15.65 -53.50 63.62
C PHE A 28 15.31 -54.76 62.82
N SER A 29 14.09 -54.81 62.31
CA SER A 29 13.59 -55.96 61.57
C SER A 29 13.20 -55.56 60.15
N ASN A 30 12.75 -56.55 59.40
CA ASN A 30 12.34 -56.55 57.99
C ASN A 30 13.54 -56.15 57.12
N TYR A 31 14.76 -56.42 57.57
CA TYR A 31 15.96 -56.38 56.74
C TYR A 31 16.51 -57.78 56.65
N ALA A 32 16.64 -58.29 55.43
CA ALA A 32 17.09 -59.66 55.23
C ALA A 32 18.59 -59.77 55.50
N LEU A 33 18.95 -60.57 56.49
CA LEU A 33 20.36 -60.73 56.88
C LEU A 33 21.00 -61.69 55.89
N SER A 34 21.51 -61.14 54.80
CA SER A 34 22.03 -61.95 53.71
C SER A 34 23.37 -62.60 54.06
N TRP A 35 23.61 -63.75 53.47
CA TRP A 35 24.83 -64.52 53.68
C TRP A 35 25.61 -64.55 52.37
N VAL A 36 26.91 -64.25 52.44
CA VAL A 36 27.74 -64.19 51.24
C VAL A 36 29.01 -65.00 51.47
N ARG A 37 29.37 -65.80 50.47
CA ARG A 37 30.57 -66.63 50.50
C ARG A 37 31.61 -66.07 49.54
N GLN A 38 32.88 -66.32 49.87
CA GLN A 38 34.01 -65.86 49.07
C GLN A 38 35.07 -66.93 49.11
N ALA A 39 35.73 -67.16 47.98
CA ALA A 39 36.74 -68.18 47.82
C ALA A 39 37.97 -67.55 47.16
N PRO A 40 39.13 -68.19 47.27
CA PRO A 40 40.26 -67.76 46.41
C PRO A 40 39.99 -67.93 44.93
N GLY A 41 39.18 -68.91 44.53
CA GLY A 41 38.89 -69.13 43.12
C GLY A 41 37.55 -68.61 42.66
N GLN A 42 36.70 -68.18 43.61
CA GLN A 42 35.38 -67.67 43.28
C GLN A 42 35.10 -66.43 44.13
N GLY A 43 34.59 -65.38 43.51
CA GLY A 43 34.33 -64.14 44.20
C GLY A 43 33.10 -64.21 45.10
N LEU A 44 32.68 -63.03 45.53
CA LEU A 44 31.53 -62.92 46.43
C LEU A 44 30.24 -63.28 45.71
N GLU A 45 29.35 -63.98 46.42
CA GLU A 45 28.08 -64.40 45.85
C GLU A 45 27.04 -64.47 46.96
N TRP A 46 25.92 -63.75 46.75
CA TRP A 46 24.82 -63.73 47.70
C TRP A 46 23.77 -64.76 47.31
N MET A 47 23.42 -65.63 48.26
CA MET A 47 22.33 -66.59 48.08
C MET A 47 20.99 -66.09 48.61
N GLY A 48 20.99 -65.35 49.70
CA GLY A 48 19.76 -64.84 50.26
C GLY A 48 19.94 -64.44 51.71
N GLY A 49 18.81 -64.02 52.30
CA GLY A 49 18.78 -63.60 53.69
C GLY A 49 17.43 -63.87 54.32
N ILE A 50 17.33 -63.51 55.61
CA ILE A 50 16.18 -63.83 56.43
C ILE A 50 15.58 -62.54 56.98
N ILE A 51 14.26 -62.56 57.13
CA ILE A 51 13.49 -61.50 57.78
C ILE A 51 12.96 -62.08 59.08
N PRO A 52 13.20 -61.43 60.24
CA PRO A 52 12.74 -61.98 61.52
C PRO A 52 11.22 -62.01 61.70
N ILE A 53 10.56 -60.89 61.42
CA ILE A 53 9.13 -60.77 61.72
C ILE A 53 8.30 -61.53 60.71
N PHE A 54 8.53 -61.28 59.42
CA PHE A 54 7.73 -61.94 58.38
C PHE A 54 8.09 -63.41 58.24
N GLY A 55 9.36 -63.74 58.34
CA GLY A 55 9.79 -65.13 58.33
C GLY A 55 9.77 -65.80 56.99
N THR A 56 9.71 -65.05 55.89
CA THR A 56 9.74 -65.66 54.57
C THR A 56 11.13 -66.21 54.26
N THR A 57 11.16 -67.25 53.43
CA THR A 57 12.39 -68.00 53.16
C THR A 57 12.52 -68.32 51.67
N ASN A 58 12.14 -67.36 50.82
CA ASN A 58 12.28 -67.52 49.37
C ASN A 58 13.76 -67.51 49.00
N TYR A 59 14.28 -68.68 48.67
CA TYR A 59 15.70 -68.92 48.51
C TYR A 59 16.05 -69.09 47.03
N ALA A 60 17.32 -68.86 46.71
CA ALA A 60 17.81 -68.97 45.35
C ALA A 60 18.08 -70.44 45.00
N GLN A 61 18.72 -70.67 43.86
CA GLN A 61 18.94 -72.00 43.35
C GLN A 61 20.35 -72.50 43.69
N LYS A 62 20.65 -73.72 43.23
CA LYS A 62 21.88 -74.51 43.40
C LYS A 62 22.13 -74.98 44.84
N PHE A 63 21.25 -74.66 45.79
CA PHE A 63 21.43 -75.13 47.17
C PHE A 63 20.10 -75.54 47.80
N GLN A 64 19.18 -76.04 46.99
CA GLN A 64 17.87 -76.41 47.51
C GLN A 64 17.93 -77.70 48.32
N GLY A 65 17.26 -77.69 49.47
CA GLY A 65 17.23 -78.84 50.35
C GLY A 65 18.43 -78.98 51.27
N ARG A 66 19.39 -78.06 51.20
CA ARG A 66 20.60 -78.13 52.02
C ARG A 66 20.81 -76.88 52.87
N VAL A 67 20.03 -75.83 52.66
CA VAL A 67 20.21 -74.55 53.35
C VAL A 67 18.91 -74.22 54.08
N THR A 68 18.99 -74.02 55.39
CA THR A 68 17.85 -73.49 56.14
C THR A 68 18.29 -72.26 56.92
N ILE A 69 17.42 -71.24 56.90
CA ILE A 69 17.69 -69.94 57.49
C ILE A 69 16.55 -69.60 58.46
N THR A 70 16.90 -69.09 59.64
CA THR A 70 15.87 -68.71 60.60
C THR A 70 16.42 -67.65 61.57
N ALA A 71 15.49 -67.04 62.30
CA ALA A 71 15.84 -66.16 63.43
C ALA A 71 14.69 -66.24 64.42
N ASP A 72 14.83 -67.07 65.45
CA ASP A 72 13.71 -67.35 66.35
C ASP A 72 13.47 -66.21 67.32
N GLU A 73 14.52 -65.59 67.85
CA GLU A 73 14.38 -64.56 68.86
C GLU A 73 14.23 -63.19 68.21
N SER A 74 14.35 -62.13 69.01
CA SER A 74 14.04 -60.76 68.60
C SER A 74 15.32 -59.93 68.48
N THR A 75 15.93 -59.99 67.29
CA THR A 75 17.03 -59.10 66.84
C THR A 75 18.25 -59.15 67.76
N SER A 76 18.78 -60.36 67.94
CA SER A 76 20.10 -60.51 68.54
C SER A 76 21.01 -61.40 67.71
N THR A 77 20.49 -62.43 67.07
CA THR A 77 21.30 -63.32 66.25
C THR A 77 20.40 -64.00 65.22
N ALA A 78 21.05 -64.60 64.22
CA ALA A 78 20.35 -65.36 63.19
C ALA A 78 21.04 -66.69 62.95
N TYR A 79 20.24 -67.74 62.75
CA TYR A 79 20.73 -69.10 62.63
C TYR A 79 20.76 -69.54 61.17
N MET A 80 21.88 -70.15 60.79
CA MET A 80 22.21 -70.59 59.44
C MET A 80 22.65 -72.05 59.48
N GLU A 81 21.95 -72.91 58.75
CA GLU A 81 22.32 -74.31 58.60
C GLU A 81 22.64 -74.59 57.14
N LEU A 82 23.84 -75.12 56.88
CA LEU A 82 24.19 -75.60 55.54
C LEU A 82 24.62 -77.05 55.64
N SER A 83 24.00 -77.91 54.85
CA SER A 83 24.22 -79.35 54.91
C SER A 83 24.95 -79.84 53.67
N SER A 84 25.37 -81.11 53.73
CA SER A 84 26.07 -81.83 52.67
C SER A 84 27.36 -81.11 52.25
N LEU A 85 28.30 -81.05 53.21
CA LEU A 85 29.58 -80.40 52.97
C LEU A 85 30.42 -81.26 52.02
N ARG A 86 31.25 -80.61 51.21
CA ARG A 86 32.05 -81.28 50.20
C ARG A 86 33.44 -80.64 50.18
N SER A 87 34.19 -80.94 49.13
CA SER A 87 35.55 -80.41 48.99
C SER A 87 35.58 -79.01 48.39
N GLU A 88 34.44 -78.45 48.00
CA GLU A 88 34.41 -77.16 47.31
C GLU A 88 33.35 -76.23 47.89
N ASP A 89 33.04 -76.35 49.17
CA ASP A 89 32.06 -75.49 49.80
C ASP A 89 32.51 -74.92 51.14
N THR A 90 33.80 -75.03 51.48
CA THR A 90 34.34 -74.47 52.72
C THR A 90 35.38 -73.40 52.37
N ALA A 91 35.04 -72.14 52.64
CA ALA A 91 35.86 -70.99 52.30
C ALA A 91 35.40 -69.83 53.19
N VAL A 92 35.86 -68.61 52.89
CA VAL A 92 35.65 -67.50 53.83
C VAL A 92 34.23 -66.95 53.65
N TYR A 93 33.65 -66.48 54.75
CA TYR A 93 32.21 -66.29 54.85
C TYR A 93 31.95 -64.93 55.51
N TYR A 94 30.94 -64.21 55.03
CA TYR A 94 30.48 -62.98 55.66
C TYR A 94 28.96 -63.01 55.75
N CYS A 95 28.42 -62.29 56.75
CA CYS A 95 26.98 -62.10 56.86
C CYS A 95 26.71 -60.61 57.05
N ALA A 96 25.79 -60.06 56.26
CA ALA A 96 25.45 -58.65 56.35
C ALA A 96 24.01 -58.43 55.95
N ARG A 97 23.34 -57.50 56.63
CA ARG A 97 21.95 -57.22 56.35
C ARG A 97 21.81 -56.26 55.17
N LEU A 98 20.69 -56.37 54.47
CA LEU A 98 20.42 -55.54 53.30
C LEU A 98 19.20 -54.66 53.56
N ASP A 99 19.25 -53.43 53.05
CA ASP A 99 18.18 -52.48 53.28
C ASP A 99 16.96 -52.82 52.43
N GLY A 100 15.84 -52.21 52.78
CA GLY A 100 14.61 -52.42 52.05
C GLY A 100 13.44 -51.78 52.78
N TYR A 101 12.25 -52.25 52.46
CA TYR A 101 11.06 -51.74 53.11
C TYR A 101 10.98 -52.23 54.56
N SER A 102 10.28 -51.45 55.38
CA SER A 102 9.99 -51.82 56.76
C SER A 102 8.51 -51.60 57.04
N PHE A 103 7.86 -52.62 57.60
CA PHE A 103 6.47 -52.50 58.05
C PHE A 103 6.34 -52.12 59.51
N GLY A 104 7.42 -52.19 60.30
CA GLY A 104 7.32 -51.98 61.72
C GLY A 104 7.12 -50.52 62.12
N HIS A 105 8.13 -49.69 61.88
CA HIS A 105 8.06 -48.28 62.25
C HIS A 105 8.05 -47.33 61.06
N ASP A 106 8.49 -47.78 59.88
CA ASP A 106 8.54 -47.01 58.64
C ASP A 106 9.37 -45.74 58.80
N ARG A 107 10.66 -45.95 59.07
CA ARG A 107 11.54 -44.88 59.51
C ARG A 107 12.69 -44.60 58.55
N TYR A 108 13.35 -45.62 58.00
CA TYR A 108 14.29 -45.43 56.90
C TYR A 108 13.94 -46.32 55.72
N TYR A 109 14.12 -45.77 54.52
CA TYR A 109 13.95 -46.52 53.29
C TYR A 109 15.21 -47.30 52.93
N GLN A 110 16.35 -46.63 52.93
CA GLN A 110 17.62 -47.29 52.61
C GLN A 110 18.72 -46.42 53.22
N ASP A 111 19.30 -46.88 54.32
CA ASP A 111 20.31 -46.06 55.01
C ASP A 111 21.72 -46.33 54.48
N GLY A 112 22.08 -47.58 54.30
CA GLY A 112 23.36 -47.89 53.68
C GLY A 112 23.97 -49.15 54.22
N MET A 113 25.11 -49.51 53.63
CA MET A 113 25.92 -50.67 54.02
C MET A 113 27.14 -50.19 54.80
N ASP A 114 27.08 -50.34 56.12
CA ASP A 114 28.22 -50.08 56.98
C ASP A 114 28.59 -51.25 57.88
N ASP A 115 27.71 -52.24 58.03
CA ASP A 115 27.95 -53.38 58.89
C ASP A 115 28.26 -54.62 58.05
N TRP A 116 29.32 -55.33 58.42
CA TRP A 116 29.73 -56.54 57.75
C TRP A 116 30.33 -57.49 58.78
N GLY A 117 30.61 -58.72 58.34
CA GLY A 117 31.18 -59.72 59.20
C GLY A 117 32.65 -59.45 59.49
N PRO A 118 33.20 -60.16 60.48
CA PRO A 118 34.62 -59.95 60.80
C PRO A 118 35.55 -60.58 59.77
N GLY A 119 35.25 -61.80 59.31
CA GLY A 119 36.08 -62.47 58.34
C GLY A 119 36.91 -63.60 58.91
N THR A 120 36.45 -64.83 58.72
CA THR A 120 37.16 -66.00 59.21
C THR A 120 37.49 -66.95 58.05
N ASP B 1 16.92 -68.45 37.99
CA ASP B 1 17.82 -67.30 37.90
C ASP B 1 18.32 -67.12 36.47
N ILE B 2 18.63 -65.88 36.10
CA ILE B 2 19.14 -65.54 34.78
C ILE B 2 20.58 -65.08 34.93
N GLN B 3 21.47 -65.66 34.14
CA GLN B 3 22.90 -65.34 34.22
C GLN B 3 23.21 -64.05 33.48
N MET B 4 24.07 -63.23 34.08
CA MET B 4 24.56 -62.02 33.46
C MET B 4 26.07 -61.96 33.61
N THR B 5 26.70 -61.14 32.76
CA THR B 5 28.15 -61.03 32.71
C THR B 5 28.58 -59.59 32.95
N GLN B 6 29.89 -59.39 33.01
CA GLN B 6 30.51 -58.08 33.13
C GLN B 6 31.68 -57.98 32.16
N SER B 7 32.40 -56.86 32.25
CA SER B 7 33.63 -56.71 31.49
C SER B 7 34.72 -57.60 32.06
N PRO B 8 35.67 -58.05 31.23
CA PRO B 8 36.81 -58.81 31.76
C PRO B 8 37.71 -57.94 32.63
N SER B 9 38.43 -58.59 33.53
CA SER B 9 39.26 -57.93 34.53
C SER B 9 40.65 -57.61 34.02
N SER B 10 40.94 -57.85 32.74
CA SER B 10 42.28 -57.67 32.21
C SER B 10 42.52 -56.23 31.74
N LEU B 11 42.27 -55.26 32.62
CA LEU B 11 42.52 -53.86 32.35
C LEU B 11 43.20 -53.24 33.57
N SER B 12 44.15 -52.35 33.31
CA SER B 12 44.91 -51.73 34.39
C SER B 12 45.43 -50.38 33.92
N ALA B 13 45.79 -49.54 34.89
CA ALA B 13 46.37 -48.24 34.61
C ALA B 13 47.20 -47.81 35.82
N SER B 14 48.04 -46.80 35.60
CA SER B 14 48.92 -46.31 36.64
C SER B 14 48.17 -45.36 37.57
N VAL B 15 48.91 -44.72 38.47
CA VAL B 15 48.32 -43.83 39.46
C VAL B 15 47.98 -42.51 38.80
N GLY B 16 46.72 -42.08 38.92
CA GLY B 16 46.28 -40.83 38.35
C GLY B 16 45.86 -40.93 36.90
N ASP B 17 44.99 -41.90 36.60
CA ASP B 17 44.54 -42.11 35.22
C ASP B 17 43.01 -42.11 35.14
N ARG B 18 42.47 -42.47 33.98
CA ARG B 18 41.03 -42.54 33.76
C ARG B 18 40.66 -43.96 33.35
N VAL B 19 39.64 -44.52 34.00
CA VAL B 19 39.15 -45.85 33.67
C VAL B 19 37.63 -45.74 33.50
N THR B 20 37.07 -46.63 32.69
CA THR B 20 35.68 -46.60 32.26
C THR B 20 35.02 -47.95 32.44
N ILE B 21 35.08 -48.50 33.65
CA ILE B 21 34.62 -49.88 33.89
C ILE B 21 33.10 -49.97 33.75
N THR B 22 32.64 -51.15 33.34
CA THR B 22 31.23 -51.36 33.02
C THR B 22 30.67 -52.50 33.87
N CYS B 23 29.35 -52.65 33.77
CA CYS B 23 28.62 -53.69 34.48
C CYS B 23 27.30 -53.91 33.74
N ARG B 24 27.08 -55.13 33.27
CA ARG B 24 25.87 -55.48 32.54
C ARG B 24 24.89 -56.21 33.45
N ALA B 25 23.72 -56.51 32.91
CA ALA B 25 22.68 -57.23 33.65
C ALA B 25 21.77 -57.91 32.63
N SER B 26 20.76 -58.60 33.16
CA SER B 26 19.76 -59.24 32.31
C SER B 26 18.51 -58.38 32.15
N GLN B 27 18.22 -57.51 33.11
CA GLN B 27 17.05 -56.64 33.05
C GLN B 27 17.46 -55.24 33.44
N ALA B 28 16.69 -54.27 32.95
CA ALA B 28 16.94 -52.85 33.21
C ALA B 28 16.30 -52.47 34.53
N ILE B 29 17.07 -52.54 35.61
CA ILE B 29 16.61 -52.23 36.95
C ILE B 29 17.57 -51.19 37.53
N ARG B 30 17.02 -50.18 38.20
CA ARG B 30 17.83 -49.11 38.80
C ARG B 30 17.94 -49.23 40.32
N ASN B 31 16.83 -49.50 41.01
CA ASN B 31 16.82 -49.37 42.47
C ASN B 31 17.55 -50.51 43.16
N ASP B 32 17.58 -51.70 42.54
CA ASP B 32 18.15 -52.86 43.21
C ASP B 32 19.68 -52.88 43.17
N LEU B 33 20.29 -52.16 42.24
CA LEU B 33 21.74 -52.22 42.05
C LEU B 33 22.49 -51.59 43.22
N GLY B 34 23.34 -52.39 43.85
CA GLY B 34 24.24 -51.91 44.88
C GLY B 34 25.68 -52.20 44.49
N TRP B 35 26.51 -51.17 44.54
CA TRP B 35 27.90 -51.28 44.10
C TRP B 35 28.79 -51.51 45.31
N TYR B 36 29.62 -52.55 45.26
CA TYR B 36 30.39 -53.01 46.40
C TYR B 36 31.86 -53.07 46.08
N GLN B 37 32.68 -52.59 47.01
CA GLN B 37 34.13 -52.67 46.93
C GLN B 37 34.63 -53.57 48.05
N GLN B 38 35.44 -54.57 47.69
CA GLN B 38 35.94 -55.56 48.64
C GLN B 38 37.45 -55.67 48.51
N LYS B 39 38.17 -55.20 49.53
CA LYS B 39 39.61 -55.45 49.59
C LYS B 39 39.84 -56.92 49.98
N PRO B 40 40.86 -57.57 49.42
CA PRO B 40 41.12 -58.98 49.78
C PRO B 40 41.57 -59.16 51.22
N GLY B 41 40.72 -59.80 52.02
CA GLY B 41 40.98 -60.02 53.43
C GLY B 41 40.40 -58.99 54.36
N LYS B 42 39.78 -57.94 53.85
CA LYS B 42 39.22 -56.87 54.65
C LYS B 42 37.69 -56.90 54.59
N ALA B 43 37.07 -55.88 55.17
CA ALA B 43 35.62 -55.74 55.15
C ALA B 43 35.17 -55.05 53.86
N PRO B 44 34.00 -55.40 53.35
CA PRO B 44 33.47 -54.70 52.17
C PRO B 44 32.86 -53.35 52.53
N LYS B 45 32.60 -52.56 51.50
CA LYS B 45 32.00 -51.25 51.66
C LYS B 45 31.21 -50.91 50.40
N CYS B 46 30.05 -50.28 50.61
CA CYS B 46 29.23 -49.86 49.48
C CYS B 46 29.85 -48.66 48.78
N LEU B 47 29.77 -48.64 47.45
CA LEU B 47 30.36 -47.57 46.67
C LEU B 47 29.35 -46.46 46.38
N ILE B 48 28.27 -46.78 45.67
CA ILE B 48 27.22 -45.85 45.32
C ILE B 48 25.87 -46.54 45.48
N TYR B 49 24.86 -45.77 45.92
CA TYR B 49 23.50 -46.28 45.93
C TYR B 49 22.97 -46.47 44.52
N ALA B 50 23.12 -45.43 43.70
CA ALA B 50 22.72 -45.44 42.31
C ALA B 50 23.63 -44.48 41.56
N ALA B 51 23.23 -44.10 40.35
CA ALA B 51 24.07 -43.25 39.51
C ALA B 51 24.19 -41.82 40.01
N SER B 52 23.30 -41.39 40.91
CA SER B 52 23.27 -40.00 41.36
C SER B 52 23.94 -39.81 42.72
N SER B 53 23.46 -40.51 43.75
CA SER B 53 23.85 -40.20 45.12
C SER B 53 25.20 -40.83 45.47
N LEU B 54 25.77 -40.36 46.57
CA LEU B 54 27.10 -40.77 47.01
C LEU B 54 27.04 -41.10 48.51
N GLN B 55 28.14 -41.54 49.10
CA GLN B 55 28.19 -41.99 50.49
C GLN B 55 28.74 -40.89 51.40
N SER B 56 28.84 -41.22 52.68
CA SER B 56 29.44 -40.37 53.69
C SER B 56 30.84 -40.88 54.02
N GLY B 57 31.77 -39.96 54.24
CA GLY B 57 33.16 -40.32 54.46
C GLY B 57 33.83 -40.93 53.25
N VAL B 58 33.48 -40.45 52.06
CA VAL B 58 34.04 -40.98 50.81
C VAL B 58 34.44 -39.76 49.98
N PRO B 59 35.48 -39.85 49.14
CA PRO B 59 35.72 -38.76 48.19
C PRO B 59 34.64 -38.70 47.12
N SER B 60 34.54 -37.53 46.49
CA SER B 60 33.66 -37.35 45.33
C SER B 60 34.34 -37.73 44.02
N ARG B 61 35.41 -38.53 44.10
CA ARG B 61 36.18 -38.92 42.92
C ARG B 61 35.44 -39.94 42.05
N PHE B 62 34.52 -40.71 42.64
CA PHE B 62 33.82 -41.76 41.93
C PHE B 62 32.73 -41.14 41.07
N SER B 63 32.41 -41.80 39.95
CA SER B 63 31.23 -41.39 39.20
C SER B 63 30.57 -42.61 38.60
N GLY B 64 29.24 -42.58 38.53
CA GLY B 64 28.48 -43.69 37.98
C GLY B 64 27.35 -43.20 37.11
N SER B 65 26.98 -44.03 36.14
CA SER B 65 25.93 -43.66 35.20
C SER B 65 25.23 -44.93 34.72
N GLY B 66 24.01 -44.74 34.20
CA GLY B 66 23.26 -45.85 33.64
C GLY B 66 21.83 -45.50 33.31
N SER B 67 21.34 -45.96 32.15
CA SER B 67 19.96 -45.73 31.74
C SER B 67 19.17 -47.04 31.68
N GLY B 68 19.67 -48.04 30.97
CA GLY B 68 18.99 -49.31 30.88
C GLY B 68 19.79 -50.46 31.46
N THR B 69 20.14 -51.42 30.61
CA THR B 69 20.90 -52.58 31.08
C THR B 69 22.37 -52.22 31.35
N GLU B 70 22.87 -51.17 30.69
CA GLU B 70 24.27 -50.80 30.86
C GLU B 70 24.46 -49.95 32.11
N PHE B 71 25.46 -50.30 32.92
CA PHE B 71 25.90 -49.48 34.05
C PHE B 71 27.39 -49.20 33.88
N THR B 72 27.81 -47.98 34.20
CA THR B 72 29.20 -47.59 34.03
C THR B 72 29.71 -46.87 35.28
N LEU B 73 30.98 -47.10 35.60
CA LEU B 73 31.68 -46.40 36.67
C LEU B 73 32.98 -45.85 36.12
N THR B 74 33.33 -44.63 36.56
CA THR B 74 34.52 -43.93 36.11
C THR B 74 35.27 -43.37 37.31
N ILE B 75 36.58 -43.64 37.33
CA ILE B 75 37.52 -43.05 38.29
C ILE B 75 38.20 -41.87 37.61
N SER B 76 38.13 -40.69 38.24
CA SER B 76 38.74 -39.50 37.63
C SER B 76 40.26 -39.55 37.75
N SER B 77 40.78 -40.10 38.84
CA SER B 77 42.22 -40.24 39.04
C SER B 77 42.47 -41.51 39.83
N LEU B 78 43.16 -42.46 39.20
CA LEU B 78 43.41 -43.75 39.85
C LEU B 78 44.41 -43.58 40.98
N GLN B 79 44.13 -44.26 42.09
CA GLN B 79 44.89 -44.14 43.33
C GLN B 79 45.30 -45.51 43.81
N PRO B 80 46.40 -45.61 44.58
CA PRO B 80 46.84 -46.93 45.07
C PRO B 80 45.99 -47.51 46.19
N GLU B 81 44.92 -46.84 46.63
CA GLU B 81 44.00 -47.39 47.61
C GLU B 81 42.86 -48.17 46.97
N ASP B 82 42.88 -48.34 45.65
CA ASP B 82 41.78 -48.97 44.92
C ASP B 82 42.15 -50.36 44.39
N PHE B 83 42.97 -51.10 45.14
CA PHE B 83 43.36 -52.46 44.75
C PHE B 83 42.39 -53.48 45.33
N ALA B 84 41.12 -53.34 44.94
CA ALA B 84 40.05 -54.18 45.47
C ALA B 84 39.28 -54.83 44.34
N THR B 85 38.20 -55.54 44.66
CA THR B 85 37.29 -56.06 43.64
C THR B 85 35.93 -55.37 43.76
N TYR B 86 35.26 -55.22 42.63
CA TYR B 86 34.03 -54.46 42.55
C TYR B 86 32.91 -55.35 42.05
N PHE B 87 31.74 -55.23 42.68
CA PHE B 87 30.61 -56.10 42.39
C PHE B 87 29.32 -55.29 42.28
N CYS B 88 28.39 -55.82 41.50
CA CYS B 88 27.07 -55.23 41.29
C CYS B 88 26.01 -56.17 41.88
N LEU B 89 25.11 -55.62 42.68
CA LEU B 89 23.96 -56.36 43.19
C LEU B 89 22.72 -55.94 42.43
N GLN B 90 22.04 -56.91 41.81
CA GLN B 90 20.97 -56.61 40.87
C GLN B 90 19.82 -57.59 41.06
N GLN B 91 18.64 -57.17 40.59
CA GLN B 91 17.40 -57.94 40.45
C GLN B 91 16.76 -58.35 41.77
N ASN B 92 15.46 -58.66 41.72
CA ASN B 92 14.73 -59.01 42.93
C ASN B 92 15.15 -60.38 43.47
N ILE B 93 15.49 -61.32 42.56
CA ILE B 93 15.91 -62.65 42.97
C ILE B 93 17.37 -62.72 43.38
N TYR B 94 18.12 -61.62 43.19
CA TYR B 94 19.53 -61.43 43.51
C TYR B 94 20.46 -62.50 42.92
N PRO B 95 20.72 -62.50 41.62
CA PRO B 95 21.76 -63.36 41.06
C PRO B 95 23.13 -62.72 41.24
N ARG B 96 24.15 -63.37 40.67
CA ARG B 96 25.51 -62.92 40.87
C ARG B 96 26.32 -63.05 39.58
N THR B 97 27.12 -62.01 39.29
CA THR B 97 28.14 -62.05 38.26
C THR B 97 29.51 -61.84 38.90
N PHE B 98 30.56 -61.69 38.09
CA PHE B 98 31.91 -61.52 38.59
C PHE B 98 32.47 -60.18 38.16
N GLY B 99 33.38 -59.63 38.96
CA GLY B 99 34.01 -58.36 38.65
C GLY B 99 35.22 -58.13 39.50
N GLN B 100 36.24 -57.50 38.91
CA GLN B 100 37.50 -57.25 39.60
C GLN B 100 38.24 -56.13 38.88
N GLY B 101 38.70 -55.14 39.63
CA GLY B 101 39.51 -54.08 39.06
C GLY B 101 40.88 -53.97 39.71
N THR B 102 41.92 -54.30 38.95
CA THR B 102 43.28 -54.33 39.46
C THR B 102 44.17 -53.45 38.59
N LYS B 103 45.02 -52.66 39.24
CA LYS B 103 45.96 -51.80 38.54
C LYS B 103 47.28 -52.53 38.30
N VAL B 104 48.19 -51.84 37.61
CA VAL B 104 49.52 -52.38 37.35
C VAL B 104 50.58 -51.36 37.75
N GLN C 1 56.56 8.08 29.87
CA GLN C 1 56.50 8.22 31.31
C GLN C 1 56.12 9.65 31.71
N CYS C 2 55.09 9.78 32.55
CA CYS C 2 54.64 11.07 33.01
C CYS C 2 54.67 11.09 34.54
N VAL C 3 54.73 12.31 35.09
CA VAL C 3 54.79 12.54 36.52
C VAL C 3 53.46 13.10 36.96
N ASN C 4 52.97 12.67 38.13
CA ASN C 4 51.74 13.20 38.71
C ASN C 4 51.92 14.67 39.06
N LEU C 5 51.30 15.54 38.27
CA LEU C 5 51.52 16.98 38.44
C LEU C 5 50.78 17.52 39.65
N THR C 6 49.45 17.28 39.70
CA THR C 6 48.49 17.86 40.66
C THR C 6 48.64 19.38 40.60
N THR C 7 48.70 20.09 41.74
CA THR C 7 48.93 21.53 41.95
C THR C 7 48.19 22.45 40.98
N ARG C 8 47.00 22.03 40.54
CA ARG C 8 46.24 22.74 39.52
C ARG C 8 45.36 23.79 40.20
N THR C 9 45.68 25.06 39.97
CA THR C 9 44.79 26.13 40.41
C THR C 9 43.56 26.17 39.51
N GLN C 10 42.47 26.71 40.04
CA GLN C 10 41.19 26.70 39.36
C GLN C 10 40.65 28.12 39.24
N LEU C 11 40.04 28.41 38.08
CA LEU C 11 39.41 29.68 37.79
C LEU C 11 38.03 29.40 37.20
N PRO C 12 37.06 30.29 37.43
CA PRO C 12 35.72 30.11 36.84
C PRO C 12 35.77 30.26 35.32
N PRO C 13 34.95 29.51 34.60
CA PRO C 13 34.90 29.66 33.14
C PRO C 13 34.28 30.99 32.73
N ALA C 14 34.73 31.51 31.61
CA ALA C 14 34.16 32.75 31.11
C ALA C 14 33.06 32.45 30.10
N TYR C 15 32.21 33.45 29.84
CA TYR C 15 31.10 33.31 28.93
C TYR C 15 31.13 34.42 27.90
N THR C 16 30.86 34.07 26.64
CA THR C 16 30.84 35.03 25.55
C THR C 16 29.63 34.70 24.69
N ASN C 17 29.16 35.66 23.88
CA ASN C 17 28.08 35.41 22.94
C ASN C 17 28.65 35.28 21.54
N SER C 18 28.29 34.18 20.87
CA SER C 18 28.71 33.95 19.49
C SER C 18 27.70 34.63 18.57
N PHE C 19 28.11 35.76 17.99
CA PHE C 19 27.22 36.61 17.21
C PHE C 19 26.72 35.94 15.93
N THR C 20 27.60 35.72 14.98
CA THR C 20 27.25 35.14 13.68
C THR C 20 28.31 34.15 13.23
N ARG C 21 28.74 33.29 14.15
CA ARG C 21 29.75 32.28 13.83
C ARG C 21 29.18 30.90 14.10
N GLY C 22 29.70 29.92 13.36
CA GLY C 22 29.28 28.55 13.54
C GLY C 22 28.49 28.00 12.38
N VAL C 23 28.45 28.72 11.27
CA VAL C 23 27.76 28.27 10.06
C VAL C 23 28.75 27.49 9.20
N TYR C 24 28.29 26.37 8.67
CA TYR C 24 29.15 25.43 7.95
C TYR C 24 28.29 24.73 6.91
N TYR C 25 28.78 23.60 6.38
CA TYR C 25 28.20 22.92 5.25
C TYR C 25 27.58 21.58 5.69
N PRO C 26 26.40 21.23 5.14
CA PRO C 26 25.49 20.27 5.82
C PRO C 26 26.04 18.88 6.08
N ASP C 27 26.80 18.31 5.15
CA ASP C 27 27.41 16.99 5.31
C ASP C 27 28.60 16.93 4.37
N LYS C 28 29.07 15.71 4.05
CA LYS C 28 30.15 15.58 3.07
C LYS C 28 29.62 15.51 1.64
N VAL C 29 28.62 16.35 1.33
CA VAL C 29 27.92 16.48 0.05
C VAL C 29 27.50 17.95 -0.02
N PHE C 30 28.04 18.72 -0.96
CA PHE C 30 27.78 20.15 -0.92
C PHE C 30 27.74 20.76 -2.31
N ARG C 31 26.84 21.72 -2.49
CA ARG C 31 26.48 22.22 -3.81
C ARG C 31 26.77 23.72 -3.92
N SER C 32 26.31 24.35 -5.00
CA SER C 32 26.61 25.76 -5.24
C SER C 32 25.39 26.52 -5.73
N SER C 33 25.34 27.82 -5.39
CA SER C 33 24.45 28.83 -5.93
C SER C 33 22.97 28.49 -5.69
N VAL C 34 22.64 28.42 -4.41
CA VAL C 34 21.28 28.10 -3.96
C VAL C 34 20.85 29.02 -2.82
N LEU C 35 19.70 28.70 -2.25
CA LEU C 35 19.19 29.37 -1.04
C LEU C 35 18.45 28.30 -0.23
N HIS C 36 19.16 27.69 0.73
CA HIS C 36 18.65 26.51 1.41
C HIS C 36 18.15 26.82 2.82
N SER C 37 17.37 25.87 3.34
CA SER C 37 16.97 25.81 4.74
C SER C 37 17.40 24.43 5.24
N THR C 38 18.57 24.36 5.85
CA THR C 38 19.16 23.09 6.26
C THR C 38 19.01 22.92 7.77
N GLN C 39 18.51 21.76 8.18
CA GLN C 39 18.30 21.44 9.58
C GLN C 39 19.36 20.41 10.00
N ASP C 40 20.40 20.88 10.69
CA ASP C 40 21.55 20.05 11.03
C ASP C 40 22.08 20.45 12.40
N LEU C 41 23.21 19.87 12.78
CA LEU C 41 23.87 20.12 14.06
C LEU C 41 24.57 21.47 13.98
N PHE C 42 23.81 22.53 14.22
CA PHE C 42 24.35 23.88 14.10
C PHE C 42 24.61 24.50 15.47
N LEU C 43 25.39 25.58 15.46
CA LEU C 43 25.60 26.41 16.63
C LEU C 43 24.62 27.56 16.59
N PRO C 44 23.75 27.72 17.59
CA PRO C 44 22.72 28.76 17.53
C PRO C 44 23.31 30.17 17.61
N PHE C 45 22.64 31.11 16.97
CA PHE C 45 23.06 32.50 17.03
C PHE C 45 22.74 33.08 18.39
N PHE C 46 23.65 33.92 18.89
CA PHE C 46 23.56 34.59 20.20
C PHE C 46 23.40 33.59 21.34
N SER C 47 24.40 32.74 21.49
CA SER C 47 24.42 31.70 22.52
C SER C 47 25.70 31.82 23.33
N ASN C 48 25.66 31.32 24.56
CA ASN C 48 26.84 31.34 25.43
C ASN C 48 27.85 30.31 24.96
N VAL C 49 28.91 30.80 24.34
CA VAL C 49 30.10 30.01 24.06
C VAL C 49 31.04 30.15 25.25
N THR C 50 31.65 29.04 25.67
CA THR C 50 32.47 29.05 26.88
C THR C 50 33.89 29.50 26.53
N TRP C 51 34.34 30.56 27.18
CA TRP C 51 35.63 31.16 26.93
C TRP C 51 36.61 30.69 28.00
N PHE C 52 37.72 30.12 27.55
CA PHE C 52 38.83 29.72 28.41
C PHE C 52 40.06 30.53 28.03
N HIS C 53 40.64 31.21 29.02
CA HIS C 53 41.86 31.98 28.84
C HIS C 53 42.99 31.26 29.55
N VAL C 54 44.01 30.87 28.79
CA VAL C 54 45.15 30.12 29.31
C VAL C 54 46.38 30.99 29.20
N ILE C 55 47.07 31.18 30.33
CA ILE C 55 48.28 31.99 30.36
C ILE C 55 49.49 31.11 30.59
N LYS C 62 53.06 29.28 37.38
CA LYS C 62 52.09 30.37 37.36
C LYS C 62 50.67 29.85 37.21
N ARG C 63 50.20 29.79 35.96
CA ARG C 63 48.87 29.28 35.65
C ARG C 63 48.97 27.76 35.42
N PHE C 64 48.34 26.99 36.29
CA PHE C 64 48.32 25.53 36.18
C PHE C 64 46.88 25.09 35.94
N ASP C 65 46.63 24.53 34.76
CA ASP C 65 45.30 24.05 34.43
C ASP C 65 45.42 22.90 33.44
N ASN C 66 44.48 21.96 33.55
CA ASN C 66 44.40 20.79 32.67
C ASN C 66 42.98 20.75 32.12
N PRO C 67 42.71 21.48 31.02
CA PRO C 67 41.32 21.73 30.62
C PRO C 67 40.67 20.51 29.99
N VAL C 68 39.57 20.07 30.61
CA VAL C 68 38.81 18.93 30.09
C VAL C 68 37.93 19.41 28.94
N LEU C 69 37.63 18.50 28.01
CA LEU C 69 36.76 18.81 26.89
C LEU C 69 35.46 18.02 27.01
N PRO C 70 34.37 18.63 27.46
CA PRO C 70 33.08 17.94 27.46
C PRO C 70 32.51 17.87 26.05
N PHE C 71 31.50 17.02 25.88
CA PHE C 71 31.03 16.69 24.55
C PHE C 71 29.59 16.20 24.59
N ASN C 72 28.75 16.74 23.69
CA ASN C 72 27.51 16.08 23.30
C ASN C 72 27.16 16.41 21.83
N ASP C 73 27.57 15.52 20.92
CA ASP C 73 27.21 15.54 19.50
C ASP C 73 27.66 16.82 18.79
N GLY C 74 28.96 16.99 18.69
CA GLY C 74 29.51 18.09 17.91
C GLY C 74 30.00 19.25 18.74
N VAL C 75 31.22 19.72 18.47
CA VAL C 75 31.85 20.80 19.23
C VAL C 75 32.49 21.78 18.26
N TYR C 76 32.14 23.06 18.39
CA TYR C 76 32.80 24.14 17.68
C TYR C 76 33.94 24.66 18.55
N PHE C 77 35.18 24.54 18.07
CA PHE C 77 36.34 24.88 18.89
C PHE C 77 37.16 25.94 18.18
N ALA C 78 36.97 27.21 18.54
CA ALA C 78 37.76 28.29 17.98
C ALA C 78 38.87 28.67 18.94
N SER C 79 39.99 29.12 18.38
CA SER C 79 41.14 29.45 19.21
C SER C 79 41.87 30.66 18.64
N ILE C 80 42.15 31.63 19.51
CA ILE C 80 42.87 32.85 19.19
C ILE C 80 44.22 32.77 19.89
N GLU C 81 45.29 32.68 19.10
CA GLU C 81 46.63 32.53 19.63
C GLU C 81 47.66 33.00 18.61
N LYS C 82 48.93 32.70 18.88
CA LYS C 82 50.03 32.86 17.94
C LYS C 82 50.96 31.66 17.91
N SER C 83 50.99 30.84 18.96
CA SER C 83 51.98 29.77 19.08
C SER C 83 51.43 28.36 18.94
N ASN C 84 50.11 28.18 19.01
CA ASN C 84 49.42 26.88 18.90
C ASN C 84 49.93 25.90 19.97
N ILE C 85 49.58 26.23 21.22
CA ILE C 85 50.10 25.50 22.37
C ILE C 85 49.54 24.09 22.49
N ILE C 86 48.49 23.75 21.75
CA ILE C 86 47.97 22.38 21.77
C ILE C 86 48.75 21.54 20.78
N ARG C 87 49.38 20.47 21.28
CA ARG C 87 50.20 19.59 20.46
C ARG C 87 49.46 18.32 20.07
N GLY C 88 49.04 17.52 21.04
CA GLY C 88 48.40 16.25 20.74
C GLY C 88 46.99 16.16 21.30
N TRP C 89 46.33 15.02 21.08
CA TRP C 89 44.96 14.82 21.54
C TRP C 89 44.81 13.38 21.99
N ILE C 90 44.60 13.18 23.28
CA ILE C 90 44.45 11.84 23.88
C ILE C 90 43.01 11.68 24.31
N PHE C 91 42.34 10.65 23.80
CA PHE C 91 40.94 10.38 24.11
C PHE C 91 40.85 8.96 24.67
N GLY C 92 40.87 8.85 26.00
CA GLY C 92 40.77 7.56 26.66
C GLY C 92 39.88 7.61 27.89
N THR C 93 38.88 6.75 27.95
CA THR C 93 37.85 6.87 28.97
C THR C 93 38.32 6.36 30.34
N THR C 94 39.16 5.32 30.36
CA THR C 94 39.61 4.71 31.60
C THR C 94 41.13 4.57 31.71
N LEU C 95 41.85 4.57 30.58
CA LEU C 95 43.32 4.48 30.51
C LEU C 95 43.86 3.23 31.21
N ASP C 96 43.11 2.14 31.14
CA ASP C 96 43.49 0.88 31.78
C ASP C 96 43.97 -0.17 30.78
N SER C 97 44.20 0.23 29.52
CA SER C 97 44.60 -0.63 28.41
C SER C 97 43.64 -1.80 28.17
N LYS C 98 42.35 -1.59 28.43
CA LYS C 98 41.32 -2.58 28.19
C LYS C 98 40.30 -2.16 27.15
N THR C 99 40.06 -0.86 27.01
CA THR C 99 39.14 -0.31 26.03
C THR C 99 39.92 0.37 24.91
N GLN C 100 39.21 0.66 23.82
CA GLN C 100 39.83 1.22 22.61
C GLN C 100 39.86 2.73 22.74
N SER C 101 41.04 3.26 23.05
CA SER C 101 41.27 4.70 23.13
C SER C 101 41.87 5.21 21.82
N LEU C 102 41.85 6.54 21.68
CA LEU C 102 42.29 7.22 20.47
C LEU C 102 43.46 8.14 20.78
N LEU C 103 44.47 8.09 19.92
CA LEU C 103 45.68 8.89 20.06
C LEU C 103 45.89 9.70 18.79
N ILE C 104 46.09 11.01 18.95
CA ILE C 104 46.38 11.93 17.85
C ILE C 104 47.71 12.56 18.23
N VAL C 105 48.79 12.25 17.50
CA VAL C 105 50.07 12.88 17.82
C VAL C 105 50.76 13.32 16.53
N ASN C 106 51.60 14.35 16.65
CA ASN C 106 52.21 15.04 15.51
C ASN C 106 53.67 15.43 15.80
N ASN C 107 54.60 14.53 15.42
CA ASN C 107 55.97 14.68 15.91
C ASN C 107 56.77 15.72 15.13
N ALA C 108 57.06 15.47 13.85
CA ALA C 108 57.80 16.42 13.03
C ALA C 108 57.09 16.80 11.74
N THR C 109 56.66 15.79 10.95
CA THR C 109 56.18 16.04 9.60
C THR C 109 54.86 15.33 9.28
N ASN C 110 54.28 14.62 10.24
CA ASN C 110 53.04 13.89 9.99
C ASN C 110 52.19 13.91 11.25
N VAL C 111 50.87 13.74 11.06
CA VAL C 111 49.93 13.56 12.16
C VAL C 111 49.37 12.15 12.06
N VAL C 112 49.51 11.38 13.13
CA VAL C 112 49.06 9.99 13.14
C VAL C 112 47.93 9.85 14.14
N ILE C 113 46.92 9.09 13.73
CA ILE C 113 45.64 8.90 14.42
C ILE C 113 45.47 7.40 14.58
N LYS C 114 45.40 6.93 15.83
CA LYS C 114 45.36 5.49 16.05
C LYS C 114 44.36 5.11 17.13
N VAL C 115 43.67 3.99 16.91
CA VAL C 115 42.75 3.39 17.88
C VAL C 115 43.40 2.13 18.41
N CYS C 116 43.60 2.08 19.73
CA CYS C 116 44.28 0.94 20.33
C CYS C 116 43.95 0.90 21.81
N GLU C 117 44.24 -0.25 22.43
CA GLU C 117 44.11 -0.37 23.88
C GLU C 117 45.39 0.19 24.50
N PHE C 118 45.30 1.41 25.03
CA PHE C 118 46.45 2.14 25.56
C PHE C 118 46.26 2.42 27.03
N GLN C 119 47.34 2.35 27.79
CA GLN C 119 47.37 2.76 29.19
C GLN C 119 48.14 4.08 29.26
N PHE C 120 47.43 5.18 29.46
CA PHE C 120 48.03 6.50 29.41
C PHE C 120 48.39 6.98 30.82
N CYS C 121 48.90 8.20 30.91
CA CYS C 121 49.27 8.80 32.17
C CYS C 121 48.05 9.42 32.86
N ASN C 122 48.24 9.82 34.11
CA ASN C 122 47.15 10.39 34.90
C ASN C 122 46.81 11.80 34.44
N ASP C 123 47.79 12.70 34.48
CA ASP C 123 47.65 14.07 33.98
C ASP C 123 48.78 14.33 32.99
N PRO C 124 48.61 13.93 31.73
CA PRO C 124 49.71 14.07 30.76
C PRO C 124 49.90 15.51 30.32
N PHE C 125 51.11 16.02 30.55
CA PHE C 125 51.50 17.35 30.09
C PHE C 125 52.69 17.19 29.15
N LEU C 126 52.77 18.07 28.15
CA LEU C 126 53.82 18.02 27.14
C LEU C 126 54.68 19.28 27.17
N ASP C 127 54.71 19.96 28.32
CA ASP C 127 55.33 21.28 28.40
C ASP C 127 56.44 21.38 29.44
N HIS C 128 56.26 20.77 30.62
CA HIS C 128 57.17 20.98 31.73
C HIS C 128 58.48 20.22 31.55
N LYS C 129 59.46 20.83 30.89
CA LYS C 129 60.75 20.17 30.62
C LYS C 129 61.79 21.23 30.30
N ASN C 130 62.86 21.28 31.11
CA ASN C 130 64.04 22.13 30.92
C ASN C 130 63.66 23.61 30.86
N ASN C 131 63.23 24.10 32.04
CA ASN C 131 62.76 25.48 32.36
C ASN C 131 61.77 25.93 31.27
N LYS C 132 61.99 27.06 30.61
CA LYS C 132 61.04 27.60 29.63
C LYS C 132 61.32 27.15 28.20
N SER C 133 62.28 26.26 27.98
CA SER C 133 62.63 25.84 26.64
C SER C 133 61.54 24.95 26.03
N TRP C 134 61.23 25.19 24.77
CA TRP C 134 60.17 24.48 24.07
C TRP C 134 60.73 23.21 23.42
N MET C 135 60.12 22.07 23.74
CA MET C 135 60.51 20.79 23.17
C MET C 135 59.32 19.84 23.25
N GLU C 136 59.37 18.77 22.47
CA GLU C 136 58.32 17.77 22.44
C GLU C 136 58.53 16.77 23.58
N SER C 137 58.26 17.24 24.79
CA SER C 137 58.37 16.41 25.98
C SER C 137 57.23 15.40 26.05
N GLU C 138 57.51 14.27 26.70
CA GLU C 138 56.59 13.12 26.85
C GLU C 138 56.11 12.62 25.48
N PHE C 139 57.05 12.10 24.71
CA PHE C 139 56.80 11.67 23.34
C PHE C 139 55.83 10.49 23.30
N ARG C 140 56.06 9.48 24.14
CA ARG C 140 55.21 8.30 24.19
C ARG C 140 54.43 8.34 25.50
N VAL C 141 53.19 8.80 25.43
CA VAL C 141 52.35 8.93 26.61
C VAL C 141 51.94 7.55 27.13
N TYR C 142 51.62 6.64 26.21
CA TYR C 142 51.21 5.30 26.58
C TYR C 142 52.40 4.46 27.05
N SER C 143 52.10 3.26 27.54
CA SER C 143 53.13 2.32 27.95
C SER C 143 52.93 0.94 27.35
N SER C 144 51.67 0.58 27.08
CA SER C 144 51.33 -0.76 26.61
C SER C 144 50.44 -0.67 25.38
N ALA C 145 50.61 -1.63 24.47
CA ALA C 145 49.83 -1.70 23.23
C ALA C 145 49.64 -3.18 22.89
N ASN C 146 48.50 -3.74 23.28
CA ASN C 146 48.28 -5.18 23.08
C ASN C 146 47.83 -5.48 21.66
N ASN C 147 46.66 -4.98 21.27
CA ASN C 147 46.07 -5.26 19.96
C ASN C 147 45.65 -3.93 19.32
N CYS C 148 46.58 -3.29 18.63
CA CYS C 148 46.27 -2.03 17.97
C CYS C 148 45.45 -2.29 16.70
N THR C 149 44.36 -1.55 16.55
CA THR C 149 43.41 -1.81 15.48
C THR C 149 43.72 -1.03 14.21
N PHE C 150 43.74 0.30 14.30
CA PHE C 150 43.85 1.15 13.12
C PHE C 150 44.81 2.30 13.36
N GLU C 151 45.64 2.58 12.35
CA GLU C 151 46.57 3.70 12.33
C GLU C 151 46.42 4.44 11.00
N TYR C 152 46.48 5.77 11.05
CA TYR C 152 46.35 6.59 9.85
C TYR C 152 47.32 7.76 9.95
N VAL C 153 47.99 8.05 8.83
CA VAL C 153 49.05 9.06 8.76
C VAL C 153 48.61 10.13 7.76
N SER C 154 48.69 11.40 8.17
CA SER C 154 48.28 12.51 7.31
C SER C 154 49.30 13.64 7.39
N GLN C 155 49.09 14.62 6.52
CA GLN C 155 49.91 15.82 6.47
C GLN C 155 49.63 16.70 7.69
N PRO C 156 50.60 17.51 8.12
CA PRO C 156 50.36 18.37 9.30
C PRO C 156 49.49 19.56 8.96
N PHE C 157 48.99 20.20 10.03
CA PHE C 157 48.23 21.43 9.91
C PHE C 157 49.19 22.62 9.80
N LEU C 158 48.67 23.83 9.93
CA LEU C 158 49.51 25.01 10.01
C LEU C 158 50.07 25.09 11.43
N MET C 159 51.33 24.71 11.59
CA MET C 159 51.95 24.59 12.89
C MET C 159 52.86 25.79 13.16
N ASP C 160 52.81 26.27 14.39
CA ASP C 160 53.62 27.41 14.83
C ASP C 160 54.77 26.90 15.68
N LEU C 161 56.00 27.23 15.28
CA LEU C 161 57.20 26.78 15.96
C LEU C 161 57.72 27.87 16.90
N GLU C 162 58.20 27.44 18.07
CA GLU C 162 58.81 28.23 19.14
C GLU C 162 57.81 29.15 19.84
N GLY C 163 58.05 29.42 21.13
CA GLY C 163 57.13 30.20 21.92
C GLY C 163 57.19 31.69 21.62
N LYS C 164 56.18 32.39 22.12
CA LYS C 164 56.03 33.83 21.92
C LYS C 164 55.21 34.37 23.09
N GLN C 165 54.74 35.61 22.95
CA GLN C 165 53.93 36.25 23.98
C GLN C 165 52.94 37.18 23.31
N GLY C 166 51.64 36.86 23.41
CA GLY C 166 50.63 37.72 22.82
C GLY C 166 50.57 37.59 21.31
N ASN C 167 50.31 38.73 20.66
CA ASN C 167 50.18 38.87 19.19
C ASN C 167 49.11 37.94 18.64
N PHE C 168 47.87 38.18 19.06
CA PHE C 168 46.74 37.33 18.72
C PHE C 168 46.37 37.54 17.26
N LYS C 169 46.83 36.63 16.39
CA LYS C 169 46.63 36.75 14.96
C LYS C 169 46.01 35.48 14.38
N ASN C 170 46.35 34.34 14.96
CA ASN C 170 45.91 33.04 14.45
C ASN C 170 44.55 32.67 15.03
N LEU C 171 43.63 32.28 14.14
CA LEU C 171 42.25 31.95 14.48
C LEU C 171 42.01 30.56 13.89
N ARG C 172 42.14 29.50 14.68
CA ARG C 172 41.92 28.18 14.09
C ARG C 172 40.74 27.48 14.75
N GLU C 173 40.04 26.66 13.96
CA GLU C 173 38.77 26.06 14.34
C GLU C 173 38.83 24.57 14.09
N PHE C 174 38.60 23.79 15.14
CA PHE C 174 38.46 22.34 15.08
C PHE C 174 37.04 21.92 15.43
N VAL C 175 36.48 21.01 14.64
CA VAL C 175 35.22 20.34 14.97
C VAL C 175 35.43 18.84 14.86
N PHE C 176 35.54 18.18 16.01
CA PHE C 176 35.52 16.73 16.11
C PHE C 176 34.09 16.29 16.43
N LYS C 177 33.60 15.28 15.72
CA LYS C 177 32.40 14.57 16.19
C LYS C 177 32.47 13.12 15.75
N ASN C 178 32.52 12.22 16.73
CA ASN C 178 32.62 10.78 16.49
C ASN C 178 31.20 10.21 16.50
N ILE C 179 30.45 10.50 15.44
CA ILE C 179 29.01 10.30 15.43
C ILE C 179 28.62 9.41 14.26
N ASP C 180 27.76 8.42 14.54
CA ASP C 180 27.08 7.57 13.56
C ASP C 180 28.08 6.77 12.71
N GLY C 181 29.14 6.31 13.34
CA GLY C 181 30.17 5.57 12.63
C GLY C 181 31.11 6.42 11.81
N TYR C 182 31.06 7.74 11.95
CA TYR C 182 31.89 8.64 11.16
C TYR C 182 32.60 9.63 12.09
N PHE C 183 33.91 9.79 11.86
CA PHE C 183 34.70 10.79 12.57
C PHE C 183 34.66 12.09 11.75
N LYS C 184 33.53 12.79 11.87
CA LYS C 184 33.31 13.98 11.07
C LYS C 184 34.13 15.14 11.63
N ILE C 185 35.03 15.67 10.80
CA ILE C 185 35.93 16.75 11.18
C ILE C 185 35.66 17.95 10.29
N TYR C 186 35.36 19.09 10.90
CA TYR C 186 35.22 20.36 10.20
C TYR C 186 36.28 21.33 10.71
N SER C 187 37.20 21.72 9.85
CA SER C 187 38.34 22.51 10.26
C SER C 187 38.47 23.77 9.42
N LYS C 188 38.97 24.84 10.04
CA LYS C 188 39.24 26.09 9.31
C LYS C 188 40.29 26.89 10.07
N HIS C 189 41.44 27.13 9.44
CA HIS C 189 42.52 27.91 10.02
C HIS C 189 42.67 29.21 9.23
N THR C 190 42.43 30.34 9.89
CA THR C 190 42.67 31.65 9.29
C THR C 190 43.78 32.36 10.06
N PRO C 191 44.95 32.55 9.48
CA PRO C 191 46.04 33.24 10.18
C PRO C 191 46.03 34.74 9.93
N ILE C 192 47.00 35.41 10.57
CA ILE C 192 47.32 36.85 10.58
C ILE C 192 46.11 37.78 10.46
N ILE C 193 45.21 37.70 11.44
CA ILE C 193 44.08 38.61 11.56
C ILE C 193 44.35 39.53 12.74
N VAL C 194 44.47 40.83 12.47
CA VAL C 194 44.82 41.82 13.49
C VAL C 194 43.55 42.32 14.15
N ARG C 195 43.39 42.00 15.44
CA ARG C 195 42.21 42.38 16.20
C ARG C 195 42.55 42.30 17.69
N GLU C 196 41.92 43.17 18.48
CA GLU C 196 41.97 43.03 19.92
C GLU C 196 41.21 41.77 20.34
N PRO C 197 41.65 41.06 21.41
CA PRO C 197 41.00 39.80 21.80
C PRO C 197 39.53 39.95 22.20
N GLU C 198 39.27 40.71 23.26
CA GLU C 198 37.95 41.10 23.79
C GLU C 198 36.91 39.99 23.78
N ASP C 199 35.95 40.09 22.86
CA ASP C 199 34.92 39.08 22.61
C ASP C 199 35.05 38.60 21.16
N LEU C 200 34.07 37.82 20.71
CA LEU C 200 34.06 37.38 19.32
C LEU C 200 33.77 38.57 18.40
N PRO C 201 34.39 38.62 17.22
CA PRO C 201 34.07 39.67 16.25
C PRO C 201 32.77 39.36 15.53
N GLN C 202 32.36 40.27 14.65
CA GLN C 202 31.16 40.10 13.84
C GLN C 202 31.58 39.81 12.41
N GLY C 203 31.20 38.63 11.92
CA GLY C 203 31.55 38.20 10.59
C GLY C 203 30.82 36.94 10.18
N PHE C 204 31.49 36.06 9.44
CA PHE C 204 30.88 34.82 9.00
C PHE C 204 31.93 33.72 8.99
N SER C 205 31.44 32.49 9.08
CA SER C 205 32.29 31.31 9.14
C SER C 205 32.04 30.40 7.95
N ALA C 206 33.04 29.58 7.62
CA ALA C 206 32.92 28.60 6.54
C ALA C 206 33.81 27.42 6.91
N LEU C 207 33.22 26.44 7.61
CA LEU C 207 34.00 25.32 8.13
C LEU C 207 33.96 24.19 7.10
N GLU C 208 34.89 24.26 6.15
CA GLU C 208 34.98 23.26 5.10
C GLU C 208 35.61 21.98 5.65
N PRO C 209 35.01 20.82 5.40
CA PRO C 209 35.54 19.57 5.98
C PRO C 209 36.84 19.13 5.32
N LEU C 210 37.58 18.30 6.04
CA LEU C 210 38.85 17.76 5.55
C LEU C 210 38.82 16.25 5.38
N VAL C 211 38.54 15.49 6.43
CA VAL C 211 38.73 14.04 6.39
C VAL C 211 37.78 13.38 7.40
N ASP C 212 37.53 12.09 7.19
CA ASP C 212 36.76 11.24 8.08
C ASP C 212 37.55 9.98 8.39
N LEU C 213 37.51 9.55 9.65
CA LEU C 213 38.23 8.35 10.09
C LEU C 213 37.22 7.25 10.41
N PRO C 214 37.13 6.20 9.60
CA PRO C 214 36.06 5.19 9.79
C PRO C 214 36.28 4.29 10.99
N ILE C 215 35.95 4.80 12.18
CA ILE C 215 36.06 4.04 13.43
C ILE C 215 34.73 3.95 14.15
N GLY C 216 34.14 5.09 14.48
CA GLY C 216 32.84 5.13 15.13
C GLY C 216 32.80 4.63 16.56
N ILE C 217 33.72 5.06 17.40
CA ILE C 217 33.74 4.68 18.81
C ILE C 217 33.25 5.86 19.65
N ASN C 218 32.73 5.56 20.83
CA ASN C 218 32.21 6.56 21.75
C ASN C 218 33.16 6.67 22.94
N ILE C 219 33.77 7.85 23.10
CA ILE C 219 34.69 8.10 24.20
C ILE C 219 34.02 9.14 25.10
N THR C 220 33.55 8.68 26.27
CA THR C 220 32.78 9.54 27.15
C THR C 220 33.66 10.41 28.05
N ARG C 221 34.90 9.99 28.30
CA ARG C 221 35.82 10.71 29.17
C ARG C 221 37.10 10.97 28.40
N PHE C 222 37.45 12.23 28.21
CA PHE C 222 38.68 12.58 27.50
C PHE C 222 39.07 14.01 27.86
N GLN C 223 40.22 14.42 27.34
CA GLN C 223 40.81 15.72 27.67
C GLN C 223 41.76 16.13 26.55
N THR C 224 41.63 17.38 26.11
CA THR C 224 42.55 17.95 25.13
C THR C 224 43.87 18.30 25.80
N LEU C 225 44.97 17.84 25.21
CA LEU C 225 46.29 17.97 25.81
C LEU C 225 46.78 19.42 25.78
N LEU C 226 47.86 19.67 26.52
CA LEU C 226 48.50 20.98 26.59
C LEU C 226 49.99 20.82 26.38
N ALA C 227 50.59 21.85 25.79
CA ALA C 227 52.03 21.90 25.54
C ALA C 227 52.49 23.34 25.42
N SER C 238 62.20 23.37 36.32
CA SER C 238 62.10 22.69 35.03
C SER C 238 60.94 21.70 35.02
N SER C 239 60.90 20.83 36.02
CA SER C 239 59.83 19.85 36.12
C SER C 239 58.51 20.51 36.55
N SER C 240 58.61 21.60 37.30
CA SER C 240 57.43 22.34 37.76
C SER C 240 57.53 23.78 37.26
N GLY C 241 56.46 24.25 36.62
CA GLY C 241 56.41 25.64 36.20
C GLY C 241 56.63 25.82 34.71
N TRP C 242 56.13 26.93 34.19
CA TRP C 242 56.25 27.30 32.79
C TRP C 242 56.12 28.81 32.65
N THR C 243 56.83 29.37 31.68
CA THR C 243 56.71 30.78 31.30
C THR C 243 56.07 30.86 29.93
N ALA C 244 54.95 31.58 29.83
CA ALA C 244 54.23 31.69 28.57
C ALA C 244 53.43 32.99 28.58
N GLY C 245 52.98 33.38 27.39
CA GLY C 245 52.14 34.54 27.21
C GLY C 245 50.67 34.20 27.36
N ALA C 246 49.83 35.04 26.76
CA ALA C 246 48.39 34.86 26.86
C ALA C 246 47.87 33.99 25.71
N ALA C 247 46.69 33.41 25.93
CA ALA C 247 46.08 32.50 24.97
C ALA C 247 44.58 32.49 25.21
N ALA C 248 43.78 32.48 24.15
CA ALA C 248 42.33 32.42 24.32
C ALA C 248 41.74 31.36 23.43
N TYR C 249 40.70 30.68 23.92
CA TYR C 249 39.92 29.84 23.03
C TYR C 249 38.49 29.75 23.53
N TYR C 250 37.61 29.32 22.63
CA TYR C 250 36.18 29.29 22.83
C TYR C 250 35.66 27.93 22.41
N VAL C 251 34.82 27.33 23.25
CA VAL C 251 34.24 26.02 22.99
C VAL C 251 32.71 26.16 23.01
N GLY C 252 32.07 25.65 21.97
CA GLY C 252 30.63 25.75 21.84
C GLY C 252 30.05 24.45 21.33
N TYR C 253 28.73 24.36 21.40
CA TYR C 253 28.05 23.11 21.09
C TYR C 253 27.20 23.25 19.84
N LEU C 254 26.85 22.10 19.27
CA LEU C 254 25.98 22.04 18.11
C LEU C 254 24.79 21.14 18.43
N GLN C 255 23.60 21.60 18.11
CA GLN C 255 22.37 20.84 18.31
C GLN C 255 21.57 20.89 17.02
N PRO C 256 20.64 19.90 16.80
CA PRO C 256 19.85 19.93 15.56
C PRO C 256 18.87 21.08 15.49
N ARG C 257 19.15 22.03 14.61
CA ARG C 257 18.24 23.14 14.34
C ARG C 257 18.44 23.60 12.90
N THR C 258 17.57 24.49 12.46
CA THR C 258 17.44 24.86 11.06
C THR C 258 18.01 26.25 10.81
N PHE C 259 18.86 26.36 9.79
CA PHE C 259 19.38 27.64 9.32
C PHE C 259 18.91 27.89 7.90
N LEU C 260 18.44 29.09 7.63
CA LEU C 260 18.14 29.55 6.27
C LEU C 260 19.35 30.31 5.78
N LEU C 261 20.12 29.71 4.87
CA LEU C 261 21.35 30.33 4.39
C LEU C 261 21.25 30.58 2.89
N LYS C 262 21.65 31.78 2.47
CA LYS C 262 21.58 32.16 1.07
C LYS C 262 22.98 32.10 0.46
N TYR C 263 23.03 31.96 -0.86
CA TYR C 263 24.29 31.77 -1.56
C TYR C 263 24.46 32.88 -2.59
N ASN C 264 25.69 33.38 -2.70
CA ASN C 264 25.97 34.47 -3.62
C ASN C 264 26.00 33.95 -5.06
N GLU C 265 26.01 34.91 -6.00
CA GLU C 265 26.11 34.55 -7.42
C GLU C 265 27.46 33.94 -7.77
N ASN C 266 28.50 34.18 -6.96
CA ASN C 266 29.78 33.53 -7.13
C ASN C 266 29.85 32.19 -6.42
N GLY C 267 28.79 31.79 -5.73
CA GLY C 267 28.72 30.49 -5.10
C GLY C 267 29.04 30.46 -3.62
N THR C 268 29.41 31.58 -3.02
CA THR C 268 29.77 31.62 -1.62
C THR C 268 28.57 32.01 -0.76
N ILE C 269 28.68 31.75 0.54
CA ILE C 269 27.59 32.02 1.46
C ILE C 269 27.86 33.34 2.17
N THR C 270 26.93 34.29 2.02
CA THR C 270 27.11 35.61 2.59
C THR C 270 26.22 35.90 3.78
N ASP C 271 25.12 35.16 3.98
CA ASP C 271 24.24 35.40 5.10
C ASP C 271 23.44 34.16 5.44
N ALA C 272 23.11 34.04 6.73
CA ALA C 272 22.32 32.94 7.26
C ALA C 272 21.42 33.46 8.38
N VAL C 273 20.34 32.72 8.61
CA VAL C 273 19.28 33.10 9.54
C VAL C 273 18.98 31.91 10.45
N ASP C 274 19.02 32.15 11.77
CA ASP C 274 18.60 31.17 12.76
C ASP C 274 17.09 31.12 12.78
N CYS C 275 16.51 29.96 12.43
CA CYS C 275 15.06 29.85 12.30
C CYS C 275 14.32 29.83 13.63
N ALA C 276 15.02 29.73 14.77
CA ALA C 276 14.36 29.66 16.07
C ALA C 276 14.89 30.69 17.06
N LEU C 277 15.57 31.74 16.59
CA LEU C 277 16.13 32.72 17.51
C LEU C 277 15.05 33.69 18.00
N ASP C 278 14.45 34.44 17.09
CA ASP C 278 13.36 35.36 17.38
C ASP C 278 12.31 35.18 16.30
N PRO C 279 11.04 35.51 16.59
CA PRO C 279 9.95 35.19 15.63
C PRO C 279 10.05 35.88 14.27
N LEU C 280 10.73 37.03 14.18
CA LEU C 280 10.95 37.66 12.89
C LEU C 280 11.80 36.79 11.99
N SER C 281 12.82 36.15 12.56
CA SER C 281 13.64 35.22 11.80
C SER C 281 12.85 33.97 11.41
N GLU C 282 11.87 33.58 12.24
CA GLU C 282 11.02 32.45 11.89
C GLU C 282 10.09 32.79 10.74
N THR C 283 9.61 34.04 10.69
CA THR C 283 8.86 34.49 9.51
C THR C 283 9.75 34.55 8.27
N LYS C 284 11.02 34.93 8.46
CA LYS C 284 11.96 34.92 7.34
C LYS C 284 12.20 33.50 6.85
N CYS C 285 12.19 32.53 7.75
CA CYS C 285 12.38 31.13 7.36
C CYS C 285 11.14 30.58 6.67
N THR C 286 9.94 30.93 7.15
CA THR C 286 8.73 30.39 6.55
C THR C 286 8.43 31.02 5.19
N LEU C 287 8.86 32.25 4.97
CA LEU C 287 8.71 32.88 3.66
C LEU C 287 9.87 32.57 2.72
N LYS C 288 10.95 31.96 3.23
CA LYS C 288 12.18 31.66 2.49
C LYS C 288 12.77 32.92 1.84
N SER C 289 12.74 34.02 2.58
CA SER C 289 13.26 35.29 2.09
C SER C 289 13.86 36.07 3.25
N PHE C 290 14.81 36.94 2.93
CA PHE C 290 15.50 37.73 3.92
C PHE C 290 14.82 39.06 4.22
N THR C 291 13.84 39.45 3.41
CA THR C 291 13.07 40.67 3.64
C THR C 291 11.59 40.31 3.60
N VAL C 292 10.86 40.72 4.63
CA VAL C 292 9.41 40.47 4.68
C VAL C 292 8.69 41.79 4.49
N GLU C 293 7.46 41.71 4.03
CA GLU C 293 6.63 42.90 3.88
C GLU C 293 5.74 43.06 5.11
N LYS C 294 5.03 44.18 5.15
CA LYS C 294 4.10 44.43 6.24
C LYS C 294 2.87 43.53 6.10
N GLY C 295 2.51 42.85 7.17
CA GLY C 295 1.33 42.00 7.14
C GLY C 295 1.35 40.97 8.25
N ILE C 296 0.36 40.10 8.20
CA ILE C 296 0.23 38.97 9.13
C ILE C 296 0.83 37.74 8.48
N TYR C 297 1.63 36.99 9.24
CA TYR C 297 2.18 35.73 8.76
C TYR C 297 1.90 34.67 9.81
N GLN C 298 0.98 33.76 9.51
CA GLN C 298 0.74 32.59 10.35
C GLN C 298 1.96 31.68 10.23
N THR C 299 2.81 31.70 11.26
CA THR C 299 4.16 31.18 11.13
C THR C 299 4.29 29.77 11.71
N SER C 300 4.01 29.60 13.00
CA SER C 300 4.20 28.31 13.64
C SER C 300 3.04 28.09 14.61
N ASN C 301 3.18 27.08 15.46
CA ASN C 301 2.11 26.67 16.35
C ASN C 301 2.70 26.38 17.72
N PHE C 302 1.90 26.56 18.77
CA PHE C 302 2.35 26.27 20.12
C PHE C 302 1.43 25.24 20.75
N ARG C 303 2.02 24.26 21.42
CA ARG C 303 1.27 23.24 22.12
C ARG C 303 1.76 23.19 23.57
N VAL C 304 0.82 23.22 24.52
CA VAL C 304 1.17 23.17 25.93
C VAL C 304 1.61 21.74 26.26
N GLN C 305 2.91 21.55 26.45
CA GLN C 305 3.44 20.21 26.66
C GLN C 305 3.05 19.70 28.05
N PRO C 306 2.81 18.40 28.20
CA PRO C 306 2.43 17.86 29.51
C PRO C 306 3.59 17.92 30.51
N THR C 307 3.23 18.04 31.78
CA THR C 307 4.19 18.13 32.86
C THR C 307 4.52 16.75 33.43
N GLU C 308 3.50 15.93 33.67
CA GLU C 308 3.68 14.61 34.26
C GLU C 308 2.60 13.69 33.72
N SER C 309 2.84 12.39 33.90
CA SER C 309 1.87 11.36 33.52
C SER C 309 1.36 10.69 34.80
N ILE C 310 0.05 10.65 34.96
CA ILE C 310 -0.57 10.01 36.11
C ILE C 310 -1.30 8.76 35.64
N VAL C 311 -1.23 7.67 36.43
CA VAL C 311 -1.96 6.40 36.13
C VAL C 311 -2.94 6.13 37.27
N ARG C 312 -4.25 6.24 37.03
CA ARG C 312 -5.26 6.04 38.08
C ARG C 312 -6.16 4.86 37.70
N PHE C 313 -6.29 3.86 38.58
CA PHE C 313 -7.03 2.61 38.28
C PHE C 313 -7.92 2.30 39.49
N PRO C 314 -8.85 1.34 39.42
CA PRO C 314 -9.71 1.01 40.54
C PRO C 314 -8.97 0.48 41.78
N ASN C 315 -9.54 0.65 42.97
CA ASN C 315 -8.84 0.25 44.22
C ASN C 315 -8.50 -1.23 44.22
N ILE C 316 -7.66 -1.63 45.17
CA ILE C 316 -7.30 -3.07 45.31
C ILE C 316 -8.54 -3.88 45.67
N THR C 317 -8.82 -4.94 44.92
CA THR C 317 -9.97 -5.79 45.13
C THR C 317 -9.61 -6.92 46.08
N ASN C 318 -10.44 -7.97 46.09
CA ASN C 318 -10.17 -9.16 46.89
C ASN C 318 -8.88 -9.83 46.41
N LEU C 319 -8.02 -10.18 47.37
CA LEU C 319 -6.74 -10.77 47.03
C LEU C 319 -6.89 -12.26 46.76
N CYS C 320 -5.98 -12.78 45.95
CA CYS C 320 -5.93 -14.22 45.73
C CYS C 320 -5.45 -14.92 47.00
N PRO C 321 -5.98 -16.11 47.31
CA PRO C 321 -5.59 -16.77 48.55
C PRO C 321 -4.19 -17.37 48.50
N PHE C 322 -3.17 -16.50 48.53
CA PHE C 322 -1.79 -16.95 48.72
C PHE C 322 -1.45 -17.11 50.19
N ASP C 323 -2.29 -16.61 51.10
CA ASP C 323 -2.06 -16.80 52.53
C ASP C 323 -2.31 -18.25 52.94
N GLU C 324 -3.29 -18.90 52.30
CA GLU C 324 -3.61 -20.27 52.67
C GLU C 324 -2.54 -21.25 52.19
N VAL C 325 -2.03 -21.03 50.98
CA VAL C 325 -1.10 -22.00 50.39
C VAL C 325 0.30 -21.85 50.99
N PHE C 326 0.63 -20.67 51.52
CA PHE C 326 1.99 -20.42 51.97
C PHE C 326 2.14 -20.37 53.49
N ASN C 327 1.08 -20.06 54.23
CA ASN C 327 1.17 -19.94 55.68
C ASN C 327 0.37 -21.04 56.39
N ALA C 328 0.07 -22.14 55.70
CA ALA C 328 -0.59 -23.26 56.35
C ALA C 328 0.39 -23.98 57.27
N THR C 329 -0.12 -24.47 58.41
CA THR C 329 0.73 -25.10 59.40
C THR C 329 1.20 -26.47 58.93
N ARG C 330 0.29 -27.28 58.36
CA ARG C 330 0.61 -28.63 57.91
C ARG C 330 0.29 -28.76 56.43
N PHE C 331 1.33 -28.96 55.62
CA PHE C 331 1.14 -29.24 54.21
C PHE C 331 0.80 -30.71 53.99
N ALA C 332 0.56 -31.05 52.73
CA ALA C 332 0.19 -32.41 52.34
C ALA C 332 1.44 -33.19 51.96
N SER C 333 1.25 -34.33 51.29
CA SER C 333 2.34 -35.24 50.95
C SER C 333 2.75 -35.05 49.49
N VAL C 334 3.61 -35.94 49.01
CA VAL C 334 4.16 -35.85 47.66
C VAL C 334 3.33 -36.67 46.68
N TYR C 335 2.98 -37.90 47.06
CA TYR C 335 2.10 -38.72 46.24
C TYR C 335 0.68 -38.16 46.24
N ALA C 336 0.28 -37.52 47.32
CA ALA C 336 -1.03 -36.88 47.45
C ALA C 336 -0.80 -35.39 47.62
N TRP C 337 -0.95 -34.64 46.53
CA TRP C 337 -0.74 -33.20 46.53
C TRP C 337 -2.07 -32.50 46.28
N ASN C 338 -2.37 -31.51 47.12
CA ASN C 338 -3.63 -30.78 47.01
C ASN C 338 -3.49 -29.73 45.92
N ARG C 339 -4.16 -29.95 44.79
CA ARG C 339 -4.16 -29.00 43.69
C ARG C 339 -5.24 -27.95 43.95
N LYS C 340 -4.83 -26.73 44.25
CA LYS C 340 -5.75 -25.64 44.52
C LYS C 340 -5.79 -24.72 43.31
N ARG C 341 -6.99 -24.54 42.74
CA ARG C 341 -7.19 -23.65 41.61
C ARG C 341 -7.67 -22.30 42.13
N ILE C 342 -6.99 -21.24 41.69
CA ILE C 342 -7.21 -19.89 42.20
C ILE C 342 -7.53 -18.99 41.01
N SER C 343 -8.67 -18.29 41.08
CA SER C 343 -9.10 -17.42 39.99
C SER C 343 -9.96 -16.30 40.56
N ASN C 344 -10.35 -15.39 39.66
CA ASN C 344 -11.24 -14.25 39.92
C ASN C 344 -10.71 -13.33 41.02
N CYS C 345 -9.39 -13.13 41.02
CA CYS C 345 -8.76 -12.23 41.98
C CYS C 345 -7.46 -11.72 41.37
N VAL C 346 -6.94 -10.65 41.96
CA VAL C 346 -5.61 -10.16 41.56
C VAL C 346 -4.56 -10.93 42.35
N ALA C 347 -3.50 -11.35 41.67
CA ALA C 347 -2.43 -12.12 42.29
C ALA C 347 -1.31 -11.17 42.66
N ASP C 348 -1.16 -10.91 43.95
CA ASP C 348 -0.13 -10.00 44.45
C ASP C 348 1.18 -10.77 44.54
N TYR C 349 2.07 -10.51 43.57
CA TYR C 349 3.40 -11.12 43.57
C TYR C 349 4.44 -10.27 44.30
N SER C 350 4.02 -9.15 44.89
CA SER C 350 4.96 -8.29 45.60
C SER C 350 5.37 -8.91 46.93
N VAL C 351 4.49 -9.73 47.53
CA VAL C 351 4.81 -10.38 48.80
C VAL C 351 5.83 -11.49 48.58
N LEU C 352 5.90 -12.05 47.37
CA LEU C 352 6.93 -13.04 47.07
C LEU C 352 8.30 -12.37 46.93
N TYR C 353 8.33 -11.13 46.44
CA TYR C 353 9.59 -10.44 46.22
C TYR C 353 10.24 -10.02 47.53
N ASN C 354 9.46 -9.45 48.45
CA ASN C 354 10.02 -8.93 49.70
C ASN C 354 10.35 -10.07 50.66
N LEU C 355 11.30 -9.79 51.55
CA LEU C 355 11.80 -10.68 52.61
C LEU C 355 12.44 -11.95 52.06
N ALA C 356 12.95 -12.80 52.95
CA ALA C 356 13.40 -14.14 52.57
C ALA C 356 12.84 -15.22 53.51
N PRO C 357 11.55 -15.57 53.39
CA PRO C 357 11.13 -16.88 53.91
C PRO C 357 11.10 -17.96 52.85
N PHE C 358 11.38 -17.61 51.59
CA PHE C 358 11.41 -18.55 50.48
C PHE C 358 12.81 -18.48 49.86
N PHE C 359 13.38 -19.65 49.54
CA PHE C 359 14.79 -19.74 49.22
C PHE C 359 15.08 -19.92 47.73
N THR C 360 14.52 -20.95 47.10
CA THR C 360 14.88 -21.28 45.72
C THR C 360 14.07 -20.39 44.77
N PHE C 361 14.67 -19.28 44.34
CA PHE C 361 13.99 -18.28 43.55
C PHE C 361 14.15 -18.46 42.05
N LYS C 362 14.83 -19.52 41.61
CA LYS C 362 15.07 -19.71 40.18
C LYS C 362 13.79 -20.13 39.46
N CYS C 363 13.66 -19.73 38.20
CA CYS C 363 12.50 -20.06 37.39
C CYS C 363 12.92 -20.42 35.98
N TYR C 364 12.05 -21.17 35.31
CA TYR C 364 12.34 -21.71 33.98
C TYR C 364 11.35 -21.27 32.92
N GLY C 365 10.07 -21.21 33.24
CA GLY C 365 9.06 -20.86 32.26
C GLY C 365 8.99 -19.38 31.95
N VAL C 366 8.64 -18.58 32.96
CA VAL C 366 8.44 -17.14 32.80
C VAL C 366 9.44 -16.41 33.68
N SER C 367 10.13 -15.42 33.11
CA SER C 367 11.02 -14.59 33.89
C SER C 367 10.22 -13.75 34.88
N PRO C 368 10.74 -13.50 36.09
CA PRO C 368 9.94 -12.80 37.10
C PRO C 368 9.75 -11.32 36.84
N THR C 369 10.50 -10.73 35.91
CA THR C 369 10.35 -9.31 35.63
C THR C 369 9.04 -9.01 34.92
N LYS C 370 8.59 -9.94 34.08
CA LYS C 370 7.34 -9.79 33.32
C LYS C 370 6.22 -10.63 33.93
N LEU C 371 6.15 -10.69 35.25
CA LEU C 371 5.21 -11.58 35.94
C LEU C 371 3.91 -10.87 36.30
N ASN C 372 3.97 -9.56 36.57
CA ASN C 372 2.77 -8.82 36.97
C ASN C 372 1.78 -8.69 35.83
N ASP C 373 2.27 -8.48 34.61
CA ASP C 373 1.43 -8.52 33.42
C ASP C 373 1.28 -9.97 32.93
N LEU C 374 0.81 -10.13 31.70
CA LEU C 374 0.51 -11.43 31.07
C LEU C 374 -0.50 -12.20 31.92
N CYS C 375 -1.72 -11.67 31.94
CA CYS C 375 -2.78 -12.18 32.80
C CYS C 375 -3.20 -13.59 32.38
N PHE C 376 -3.43 -14.44 33.38
CA PHE C 376 -3.88 -15.81 33.16
C PHE C 376 -5.30 -15.97 33.68
N THR C 377 -6.00 -16.98 33.15
CA THR C 377 -7.37 -17.25 33.58
C THR C 377 -7.40 -17.84 34.99
N ASN C 378 -6.55 -18.82 35.25
CA ASN C 378 -6.49 -19.45 36.57
C ASN C 378 -5.08 -19.98 36.78
N VAL C 379 -4.67 -20.01 38.04
CA VAL C 379 -3.35 -20.50 38.40
C VAL C 379 -3.53 -21.79 39.20
N TYR C 380 -2.48 -22.61 39.22
CA TYR C 380 -2.50 -23.89 39.93
C TYR C 380 -1.40 -23.89 40.98
N ALA C 381 -1.77 -24.17 42.22
CA ALA C 381 -0.84 -24.23 43.33
C ALA C 381 -0.96 -25.59 44.00
N ASP C 382 0.14 -26.33 44.04
CA ASP C 382 0.22 -27.62 44.72
C ASP C 382 1.06 -27.45 45.97
N SER C 383 1.34 -28.56 46.64
CA SER C 383 2.03 -28.51 47.93
C SER C 383 2.88 -29.77 48.09
N PHE C 384 4.20 -29.59 48.14
CA PHE C 384 5.14 -30.68 48.28
C PHE C 384 5.98 -30.49 49.54
N VAL C 385 6.36 -31.60 50.16
CA VAL C 385 7.37 -31.62 51.21
C VAL C 385 8.36 -32.70 50.80
N ILE C 386 9.50 -32.30 50.21
CA ILE C 386 10.49 -33.26 49.73
C ILE C 386 11.82 -33.01 50.45
N ARG C 387 12.78 -33.88 50.16
CA ARG C 387 14.10 -33.77 50.76
C ARG C 387 14.90 -32.67 50.09
N GLY C 388 16.04 -32.34 50.71
CA GLY C 388 16.89 -31.27 50.20
C GLY C 388 17.65 -31.64 48.95
N ASP C 389 17.83 -32.93 48.68
CA ASP C 389 18.54 -33.36 47.49
C ASP C 389 17.64 -33.57 46.29
N GLU C 390 16.32 -33.41 46.45
CA GLU C 390 15.38 -33.72 45.40
C GLU C 390 14.73 -32.48 44.77
N VAL C 391 15.16 -31.27 45.14
CA VAL C 391 14.59 -30.08 44.53
C VAL C 391 15.17 -29.84 43.14
N ARG C 392 16.31 -30.46 42.84
CA ARG C 392 16.92 -30.27 41.53
C ARG C 392 16.17 -31.03 40.44
N GLN C 393 15.48 -32.12 40.80
CA GLN C 393 14.72 -32.90 39.84
C GLN C 393 13.36 -32.32 39.53
N ILE C 394 12.96 -31.25 40.24
CA ILE C 394 11.68 -30.60 40.01
C ILE C 394 11.70 -29.73 38.75
N ALA C 395 12.89 -29.46 38.22
CA ALA C 395 13.02 -28.73 36.96
C ALA C 395 12.44 -29.56 35.80
N PRO C 396 11.85 -28.91 34.81
CA PRO C 396 11.23 -29.65 33.70
C PRO C 396 12.24 -30.36 32.83
N GLY C 397 11.81 -31.48 32.25
CA GLY C 397 12.66 -32.26 31.38
C GLY C 397 13.73 -33.06 32.07
N GLN C 398 13.54 -33.40 33.34
CA GLN C 398 14.51 -34.14 34.12
C GLN C 398 13.96 -35.51 34.52
N THR C 399 14.82 -36.51 34.49
CA THR C 399 14.46 -37.89 34.82
C THR C 399 15.09 -38.27 36.15
N GLY C 400 14.29 -38.89 37.02
CA GLY C 400 14.80 -39.29 38.33
C GLY C 400 13.75 -40.07 39.08
N ASN C 401 14.09 -40.40 40.33
CA ASN C 401 13.19 -41.20 41.14
C ASN C 401 11.98 -40.40 41.60
N ILE C 402 12.21 -39.17 42.07
CA ILE C 402 11.10 -38.34 42.53
C ILE C 402 10.45 -37.56 41.40
N ALA C 403 11.11 -37.47 40.25
CA ALA C 403 10.59 -36.73 39.10
C ALA C 403 9.78 -37.60 38.15
N ASP C 404 9.72 -38.91 38.38
CA ASP C 404 9.01 -39.81 37.49
C ASP C 404 8.11 -40.81 38.21
N TYR C 405 8.26 -41.01 39.52
CA TYR C 405 7.48 -42.01 40.23
C TYR C 405 6.52 -41.43 41.26
N ASN C 406 6.63 -40.14 41.59
CA ASN C 406 5.69 -39.48 42.48
C ASN C 406 5.00 -38.30 41.84
N TYR C 407 5.76 -37.40 41.21
CA TYR C 407 5.20 -36.24 40.54
C TYR C 407 5.96 -35.98 39.26
N LYS C 408 5.23 -35.70 38.19
CA LYS C 408 5.80 -35.45 36.89
C LYS C 408 5.38 -34.07 36.40
N LEU C 409 6.35 -33.29 35.94
CA LEU C 409 6.12 -31.98 35.36
C LEU C 409 6.22 -32.08 33.83
N PRO C 410 5.49 -31.23 33.09
CA PRO C 410 5.62 -31.23 31.63
C PRO C 410 6.98 -30.72 31.18
N ASP C 411 7.30 -31.02 29.92
CA ASP C 411 8.59 -30.63 29.36
C ASP C 411 8.72 -29.12 29.24
N ASP C 412 7.65 -28.43 28.84
CA ASP C 412 7.63 -26.98 28.83
C ASP C 412 6.26 -26.50 29.30
N PHE C 413 6.27 -25.52 30.18
CA PHE C 413 5.03 -24.90 30.66
C PHE C 413 5.36 -23.52 31.19
N THR C 414 4.34 -22.67 31.22
CA THR C 414 4.48 -21.34 31.79
C THR C 414 4.25 -21.40 33.30
N GLY C 415 5.21 -20.90 34.07
CA GLY C 415 5.17 -21.01 35.50
C GLY C 415 6.41 -21.67 36.06
N CYS C 416 6.67 -21.51 37.35
CA CYS C 416 7.90 -22.00 37.94
C CYS C 416 7.67 -22.36 39.40
N VAL C 417 8.65 -23.04 39.97
CA VAL C 417 8.54 -23.63 41.29
C VAL C 417 9.17 -22.71 42.32
N ILE C 418 8.80 -22.90 43.57
CA ILE C 418 9.36 -22.15 44.69
C ILE C 418 9.64 -23.14 45.80
N ALA C 419 10.71 -22.91 46.56
CA ALA C 419 11.13 -23.85 47.58
C ALA C 419 11.93 -23.14 48.66
N TRP C 420 11.93 -23.73 49.85
CA TRP C 420 12.68 -23.20 51.00
C TRP C 420 12.88 -24.33 52.00
N ASN C 421 13.58 -24.03 53.09
CA ASN C 421 13.81 -24.97 54.18
C ASN C 421 12.91 -24.60 55.35
N SER C 422 12.25 -25.60 55.92
CA SER C 422 11.28 -25.41 56.99
C SER C 422 11.60 -26.30 58.18
N ASN C 423 12.85 -26.24 58.65
CA ASN C 423 13.23 -26.97 59.86
C ASN C 423 12.54 -26.41 61.09
N LYS C 424 12.30 -25.10 61.11
CA LYS C 424 11.70 -24.45 62.27
C LYS C 424 10.18 -24.54 62.30
N LEU C 425 9.54 -24.97 61.22
CA LEU C 425 8.08 -25.01 61.15
C LEU C 425 7.50 -26.37 60.81
N ASP C 426 8.23 -27.21 60.07
CA ASP C 426 7.73 -28.52 59.66
C ASP C 426 8.40 -29.68 60.36
N SER C 427 9.68 -29.54 60.72
CA SER C 427 10.38 -30.64 61.38
C SER C 427 9.92 -30.81 62.81
N LYS C 428 9.82 -32.06 63.26
CA LYS C 428 9.42 -32.38 64.62
C LYS C 428 10.48 -33.26 65.27
N VAL C 429 10.81 -32.95 66.52
CA VAL C 429 11.77 -33.76 67.26
C VAL C 429 11.13 -35.03 67.80
N SER C 430 9.80 -35.08 67.85
CA SER C 430 9.08 -36.24 68.35
C SER C 430 8.89 -37.36 67.37
N GLY C 431 9.43 -37.23 66.16
CA GLY C 431 9.30 -38.27 65.16
C GLY C 431 8.46 -37.84 63.97
N ASN C 432 9.13 -37.49 62.88
CA ASN C 432 8.44 -37.01 61.67
C ASN C 432 8.30 -38.15 60.65
N TYR C 433 7.49 -39.14 61.00
CA TYR C 433 7.21 -40.28 60.14
C TYR C 433 5.82 -40.21 59.51
N ASN C 434 5.15 -39.06 59.59
CA ASN C 434 3.78 -38.96 59.09
C ASN C 434 3.74 -38.85 57.57
N TYR C 435 4.73 -38.20 56.98
CA TYR C 435 4.75 -37.99 55.54
C TYR C 435 5.15 -39.28 54.81
N LEU C 436 4.66 -39.42 53.58
CA LEU C 436 4.75 -40.66 52.82
C LEU C 436 5.01 -40.34 51.35
N TYR C 437 5.66 -41.27 50.65
CA TYR C 437 5.90 -41.10 49.22
C TYR C 437 5.67 -42.46 48.59
N ARG C 438 5.68 -42.50 47.26
CA ARG C 438 5.71 -43.77 46.53
C ARG C 438 6.99 -43.86 45.72
N LEU C 439 7.54 -45.08 45.60
CA LEU C 439 8.76 -45.27 44.82
C LEU C 439 8.68 -46.49 43.92
N PHE C 440 7.52 -47.11 43.80
CA PHE C 440 7.37 -48.30 42.96
C PHE C 440 6.17 -48.12 42.05
N ARG C 441 6.42 -48.10 40.75
CA ARG C 441 5.35 -48.17 39.76
C ARG C 441 5.90 -48.90 38.54
N LYS C 442 5.04 -49.72 37.93
CA LYS C 442 5.40 -50.45 36.72
C LYS C 442 5.54 -49.55 35.50
N SER C 443 5.04 -48.32 35.55
CA SER C 443 5.08 -47.41 34.42
C SER C 443 5.62 -46.07 34.90
N ASN C 444 5.57 -45.08 34.02
CA ASN C 444 6.01 -43.71 34.32
C ASN C 444 4.80 -42.80 34.37
N LEU C 445 4.81 -41.87 35.32
CA LEU C 445 3.70 -40.94 35.46
C LEU C 445 3.68 -39.90 34.34
N LYS C 446 2.49 -39.61 33.85
CA LYS C 446 2.23 -38.46 33.01
C LYS C 446 2.23 -37.20 33.87
N PRO C 447 2.33 -36.01 33.25
CA PRO C 447 2.15 -34.78 34.02
C PRO C 447 0.75 -34.66 34.60
N PHE C 448 0.68 -34.14 35.83
CA PHE C 448 -0.55 -33.67 36.49
C PHE C 448 -1.57 -34.79 36.71
N GLU C 449 -1.17 -35.79 37.49
CA GLU C 449 -2.14 -36.74 38.05
C GLU C 449 -1.60 -37.28 39.36
N ARG C 450 -2.49 -37.89 40.13
CA ARG C 450 -2.17 -38.49 41.41
C ARG C 450 -2.40 -39.99 41.36
N ASP C 451 -1.61 -40.72 42.15
CA ASP C 451 -1.75 -42.17 42.27
C ASP C 451 -1.84 -42.49 43.77
N ILE C 452 -3.04 -42.77 44.24
CA ILE C 452 -3.30 -42.96 45.66
C ILE C 452 -3.62 -44.43 45.84
N SER C 453 -2.97 -45.27 45.01
CA SER C 453 -3.15 -46.71 45.12
C SER C 453 -2.53 -47.22 46.42
N THR C 454 -3.28 -48.02 47.15
CA THR C 454 -2.86 -48.56 48.44
C THR C 454 -2.86 -50.09 48.33
N GLU C 455 -2.24 -50.58 47.27
CA GLU C 455 -2.12 -52.02 47.04
C GLU C 455 -0.68 -52.44 47.31
N ILE C 456 -0.37 -53.70 47.04
CA ILE C 456 0.95 -54.26 47.27
C ILE C 456 1.67 -54.33 45.93
N TYR C 457 3.01 -54.35 45.97
CA TYR C 457 3.83 -54.40 44.77
C TYR C 457 4.69 -55.65 44.80
N GLN C 458 4.61 -56.44 43.73
CA GLN C 458 5.39 -57.66 43.60
C GLN C 458 6.25 -57.56 42.34
N ALA C 459 7.55 -57.81 42.49
CA ALA C 459 8.49 -57.70 41.38
C ALA C 459 8.67 -59.01 40.61
N GLY C 460 8.23 -60.14 41.16
CA GLY C 460 8.40 -61.42 40.51
C GLY C 460 7.31 -61.72 39.51
N ASN C 461 7.29 -62.98 39.07
CA ASN C 461 6.30 -63.41 38.08
C ASN C 461 4.93 -63.57 38.72
N LYS C 462 4.80 -64.49 39.67
CA LYS C 462 3.52 -64.68 40.34
C LYS C 462 3.31 -63.59 41.38
N PRO C 463 2.11 -63.02 41.49
CA PRO C 463 1.86 -62.01 42.52
C PRO C 463 1.85 -62.65 43.91
N CYS C 464 2.43 -61.92 44.87
CA CYS C 464 2.45 -62.40 46.25
C CYS C 464 1.06 -62.40 46.88
N ASN C 465 0.36 -61.26 46.78
CA ASN C 465 -1.02 -61.01 47.20
C ASN C 465 -1.25 -61.11 48.71
N GLY C 466 -2.26 -60.38 49.20
CA GLY C 466 -2.60 -60.43 50.61
C GLY C 466 -1.53 -59.78 51.47
N VAL C 467 -0.98 -60.57 52.39
CA VAL C 467 0.13 -60.09 53.21
C VAL C 467 1.42 -60.12 52.42
N ALA C 468 2.43 -59.42 52.93
CA ALA C 468 3.67 -59.24 52.20
C ALA C 468 4.55 -60.49 52.29
N GLY C 469 5.53 -60.54 51.39
CA GLY C 469 6.50 -61.62 51.36
C GLY C 469 7.83 -61.14 50.80
N PHE C 470 8.68 -62.06 50.39
CA PHE C 470 9.95 -61.70 49.78
C PHE C 470 9.71 -61.14 48.38
N ASN C 471 10.42 -60.03 48.08
CA ASN C 471 10.24 -59.22 46.86
C ASN C 471 8.81 -58.74 46.69
N CYS C 472 8.12 -58.51 47.82
CA CYS C 472 6.70 -58.14 47.84
C CYS C 472 6.58 -57.04 48.88
N TYR C 473 6.63 -55.79 48.42
CA TYR C 473 6.70 -54.63 49.30
C TYR C 473 5.52 -53.69 49.05
N PHE C 474 5.17 -52.95 50.08
CA PHE C 474 4.24 -51.83 49.96
C PHE C 474 4.96 -50.75 49.17
N PRO C 475 4.41 -50.27 48.05
CA PRO C 475 5.07 -49.19 47.31
C PRO C 475 5.15 -47.86 48.06
N LEU C 476 4.36 -47.66 49.10
CA LEU C 476 4.32 -46.39 49.81
C LEU C 476 5.26 -46.42 51.01
N ARG C 477 6.31 -45.59 50.96
CA ARG C 477 7.35 -45.52 51.99
C ARG C 477 7.28 -44.15 52.65
N SER C 478 7.69 -44.07 53.92
CA SER C 478 7.59 -42.84 54.69
C SER C 478 8.91 -42.07 54.70
N TYR C 479 8.92 -40.97 55.45
CA TYR C 479 10.09 -40.11 55.69
C TYR C 479 10.58 -40.19 57.13
N SER C 480 11.82 -39.73 57.29
CA SER C 480 12.38 -39.33 58.58
C SER C 480 12.91 -37.91 58.42
N PHE C 481 12.37 -36.98 59.20
CA PHE C 481 12.72 -35.56 59.15
C PHE C 481 13.05 -35.05 60.54
N ARG C 482 13.97 -35.74 61.22
CA ARG C 482 14.51 -35.26 62.47
C ARG C 482 15.28 -33.96 62.23
N PRO C 483 15.07 -32.93 63.06
CA PRO C 483 15.64 -31.60 62.75
C PRO C 483 17.15 -31.52 62.84
N THR C 484 17.81 -32.48 63.50
CA THR C 484 19.26 -32.49 63.61
C THR C 484 19.93 -33.23 62.46
N TYR C 485 19.19 -33.50 61.38
CA TYR C 485 19.75 -34.19 60.23
C TYR C 485 20.67 -33.26 59.45
N GLY C 486 21.43 -33.86 58.53
CA GLY C 486 22.37 -33.12 57.72
C GLY C 486 21.71 -32.42 56.55
N VAL C 487 22.55 -31.81 55.71
CA VAL C 487 22.07 -31.10 54.54
C VAL C 487 21.61 -32.09 53.49
N GLY C 488 20.40 -31.87 52.96
CA GLY C 488 19.83 -32.78 51.99
C GLY C 488 18.73 -33.62 52.57
N HIS C 489 18.85 -33.94 53.86
CA HIS C 489 17.80 -34.66 54.58
C HIS C 489 16.76 -33.73 55.20
N GLN C 490 16.94 -32.42 55.07
CA GLN C 490 16.00 -31.48 55.67
C GLN C 490 14.73 -31.37 54.82
N PRO C 491 13.57 -31.04 55.45
CA PRO C 491 12.35 -30.85 54.66
C PRO C 491 12.40 -29.62 53.77
N TYR C 492 12.39 -29.81 52.45
CA TYR C 492 12.37 -28.70 51.52
C TYR C 492 10.96 -28.60 50.96
N ARG C 493 10.17 -27.68 51.51
CA ARG C 493 8.79 -27.52 51.09
C ARG C 493 8.72 -26.83 49.73
N VAL C 494 8.04 -27.46 48.78
CA VAL C 494 8.02 -27.03 47.39
C VAL C 494 6.57 -26.74 46.99
N VAL C 495 6.34 -25.57 46.39
CA VAL C 495 5.07 -25.25 45.77
C VAL C 495 5.32 -24.99 44.28
N VAL C 496 4.64 -25.74 43.43
CA VAL C 496 4.78 -25.62 41.98
C VAL C 496 3.64 -24.79 41.44
N LEU C 497 3.96 -23.84 40.56
CA LEU C 497 2.98 -22.99 39.91
C LEU C 497 3.00 -23.28 38.41
N SER C 498 1.83 -23.60 37.85
CA SER C 498 1.68 -23.85 36.43
C SER C 498 0.56 -22.96 35.91
N PHE C 499 0.81 -22.26 34.81
CA PHE C 499 -0.13 -21.27 34.28
C PHE C 499 -0.65 -21.73 32.92
N GLU C 500 -1.92 -21.41 32.66
CA GLU C 500 -2.58 -21.79 31.43
C GLU C 500 -2.13 -20.91 30.27
N LEU C 501 -2.46 -21.34 29.05
CA LEU C 501 -2.21 -20.54 27.86
C LEU C 501 -3.35 -20.62 26.84
N LEU C 502 -4.46 -21.30 27.16
CA LEU C 502 -5.52 -21.50 26.19
C LEU C 502 -6.39 -20.24 26.07
N HIS C 503 -7.28 -20.27 25.09
CA HIS C 503 -8.16 -19.13 24.83
C HIS C 503 -9.28 -19.10 25.87
N ALA C 504 -9.22 -18.12 26.76
CA ALA C 504 -10.20 -17.95 27.82
C ALA C 504 -10.14 -16.51 28.30
N PRO C 505 -11.22 -16.00 28.91
CA PRO C 505 -11.13 -14.66 29.53
C PRO C 505 -10.21 -14.64 30.74
N ALA C 506 -9.07 -13.96 30.62
CA ALA C 506 -8.09 -13.89 31.69
C ALA C 506 -8.58 -12.94 32.77
N THR C 507 -8.66 -13.44 34.00
CA THR C 507 -9.20 -12.67 35.11
C THR C 507 -8.22 -12.47 36.27
N VAL C 508 -7.01 -13.04 36.19
CA VAL C 508 -6.04 -12.95 37.27
C VAL C 508 -4.86 -12.12 36.78
N CYS C 509 -4.63 -10.99 37.43
CA CYS C 509 -3.57 -10.07 37.04
C CYS C 509 -2.85 -9.63 38.31
N GLY C 510 -1.98 -8.63 38.19
CA GLY C 510 -1.24 -8.11 39.30
C GLY C 510 -1.78 -6.79 39.80
N PRO C 511 -1.10 -6.18 40.78
CA PRO C 511 -1.55 -4.89 41.29
C PRO C 511 -1.23 -3.74 40.34
N LYS C 512 -1.82 -2.59 40.60
CA LYS C 512 -1.58 -1.42 39.73
C LYS C 512 -0.73 -0.42 40.49
N LYS C 513 -0.51 0.76 39.90
CA LYS C 513 0.23 1.81 40.59
C LYS C 513 -0.72 2.77 41.32
N SER C 514 -1.75 3.22 40.58
CA SER C 514 -2.74 4.19 41.12
C SER C 514 -2.05 5.42 41.70
N THR C 515 -1.50 6.24 40.82
CA THR C 515 -0.86 7.49 41.21
C THR C 515 -1.92 8.56 41.51
N ASN C 516 -1.51 9.55 42.29
CA ASN C 516 -2.44 10.56 42.80
C ASN C 516 -2.91 11.51 41.71
N LEU C 517 -4.10 12.07 41.91
CA LEU C 517 -4.64 13.06 40.97
C LEU C 517 -3.88 14.38 41.09
N VAL C 518 -3.89 15.12 39.99
CA VAL C 518 -3.49 16.53 39.98
C VAL C 518 -4.53 17.28 39.15
N LYS C 519 -4.90 18.48 39.61
CA LYS C 519 -5.96 19.24 38.98
C LYS C 519 -5.41 20.54 38.43
N ASN C 520 -6.07 21.04 37.38
CA ASN C 520 -5.75 22.30 36.69
C ASN C 520 -4.31 22.31 36.17
N LYS C 521 -3.83 21.15 35.72
CA LYS C 521 -2.56 21.03 35.03
C LYS C 521 -2.74 20.08 33.86
N CYS C 522 -2.20 20.45 32.70
CA CYS C 522 -2.33 19.64 31.49
C CYS C 522 -1.40 18.44 31.60
N VAL C 523 -1.96 17.29 31.96
CA VAL C 523 -1.19 16.08 32.26
C VAL C 523 -1.77 14.90 31.47
N ASN C 524 -0.92 13.91 31.22
CA ASN C 524 -1.39 12.66 30.62
C ASN C 524 -2.01 11.76 31.68
N PHE C 525 -3.13 11.13 31.33
CA PHE C 525 -3.87 10.32 32.28
C PHE C 525 -4.07 8.92 31.72
N ASN C 526 -4.39 7.93 32.56
CA ASN C 526 -4.72 6.56 32.07
C ASN C 526 -5.90 6.06 32.89
N PHE C 527 -6.98 6.84 32.98
CA PHE C 527 -8.21 6.43 33.66
C PHE C 527 -8.80 5.20 32.99
N ASN C 528 -8.75 4.10 33.75
CA ASN C 528 -9.27 2.79 33.28
C ASN C 528 -8.71 2.47 31.92
N GLY C 529 -7.46 2.03 31.89
CA GLY C 529 -6.87 1.55 30.62
C GLY C 529 -7.09 2.37 29.37
N LEU C 530 -7.42 3.67 29.46
CA LEU C 530 -7.45 4.39 28.19
C LEU C 530 -6.43 5.53 28.25
N LYS C 531 -5.64 5.66 27.20
CA LYS C 531 -4.66 6.73 27.11
C LYS C 531 -5.36 8.04 26.76
N GLY C 532 -4.84 9.13 27.31
CA GLY C 532 -5.36 10.44 26.99
C GLY C 532 -4.56 11.52 27.68
N THR C 533 -4.67 12.73 27.14
CA THR C 533 -4.01 13.89 27.70
C THR C 533 -5.00 15.05 27.75
N GLY C 534 -4.73 15.99 28.64
CA GLY C 534 -5.62 17.13 28.81
C GLY C 534 -5.48 17.68 30.22
N VAL C 535 -6.36 18.62 30.55
CA VAL C 535 -6.37 19.26 31.85
C VAL C 535 -7.70 18.94 32.53
N LEU C 536 -7.63 18.57 33.82
CA LEU C 536 -8.76 18.01 34.54
C LEU C 536 -9.37 19.04 35.46
N THR C 537 -10.70 19.15 35.41
CA THR C 537 -11.45 20.10 36.22
C THR C 537 -12.68 19.37 36.77
N GLU C 538 -13.18 19.83 37.91
CA GLU C 538 -14.42 19.28 38.45
C GLU C 538 -15.60 19.63 37.56
N SER C 539 -16.55 18.70 37.48
CA SER C 539 -17.69 18.84 36.60
C SER C 539 -18.99 18.65 37.38
N ASN C 540 -20.03 19.33 36.92
CA ASN C 540 -21.36 19.23 37.52
C ASN C 540 -22.25 18.23 36.81
N LYS C 541 -21.72 17.49 35.83
CA LYS C 541 -22.52 16.51 35.11
C LYS C 541 -22.84 15.32 36.00
N LYS C 542 -24.09 14.87 35.93
CA LYS C 542 -24.59 13.77 36.75
C LYS C 542 -24.49 12.49 35.92
N PHE C 543 -23.43 11.73 36.14
CA PHE C 543 -23.29 10.44 35.49
C PHE C 543 -24.28 9.44 36.06
N LEU C 544 -24.65 8.46 35.25
CA LEU C 544 -25.36 7.31 35.76
C LEU C 544 -24.38 6.47 36.61
N PRO C 545 -24.90 5.74 37.61
CA PRO C 545 -24.00 5.05 38.58
C PRO C 545 -23.10 3.98 37.96
N PHE C 546 -23.46 3.42 36.81
CA PHE C 546 -22.61 2.43 36.19
C PHE C 546 -21.60 3.05 35.23
N GLN C 547 -21.94 4.20 34.66
CA GLN C 547 -21.15 4.78 33.56
C GLN C 547 -19.79 5.26 34.05
N GLN C 548 -18.78 5.06 33.20
CA GLN C 548 -17.41 5.44 33.50
C GLN C 548 -16.86 6.51 32.56
N PHE C 549 -17.25 6.47 31.29
CA PHE C 549 -16.71 7.39 30.30
C PHE C 549 -17.76 8.46 29.96
N GLY C 550 -17.38 9.41 29.13
CA GLY C 550 -18.29 10.43 28.66
C GLY C 550 -17.92 10.93 27.28
N ARG C 551 -18.90 11.08 26.41
CA ARG C 551 -18.64 11.48 25.03
C ARG C 551 -19.61 12.57 24.61
N ASP C 552 -19.39 13.08 23.40
CA ASP C 552 -20.14 14.20 22.87
C ASP C 552 -20.65 13.91 21.45
N ILE C 553 -21.12 14.96 20.76
CA ILE C 553 -21.60 14.82 19.40
C ILE C 553 -20.46 14.41 18.46
N ALA C 554 -19.28 14.97 18.68
CA ALA C 554 -18.11 14.68 17.85
C ALA C 554 -17.52 13.30 18.10
N ASP C 555 -18.02 12.57 19.11
CA ASP C 555 -17.59 11.21 19.48
C ASP C 555 -16.11 11.23 19.86
N THR C 556 -15.84 11.86 21.00
CA THR C 556 -14.52 11.86 21.62
C THR C 556 -14.70 11.93 23.12
N THR C 557 -13.69 11.48 23.85
CA THR C 557 -13.76 11.42 25.30
C THR C 557 -13.57 12.82 25.89
N ASP C 558 -14.50 13.24 26.75
CA ASP C 558 -14.42 14.54 27.38
C ASP C 558 -14.72 14.53 28.89
N ALA C 559 -15.16 13.42 29.45
CA ALA C 559 -15.41 13.32 30.88
C ALA C 559 -15.22 11.88 31.32
N VAL C 560 -14.42 11.68 32.37
CA VAL C 560 -14.14 10.34 32.88
C VAL C 560 -14.50 10.31 34.36
N ARG C 561 -14.74 9.09 34.83
CA ARG C 561 -15.09 8.84 36.23
C ARG C 561 -13.85 8.40 36.98
N ASP C 562 -13.54 9.09 38.06
CA ASP C 562 -12.41 8.73 38.91
C ASP C 562 -12.74 7.43 39.65
N PRO C 563 -11.97 6.34 39.38
CA PRO C 563 -12.31 5.02 39.89
C PRO C 563 -12.18 4.77 41.39
N GLN C 564 -11.38 5.58 42.08
CA GLN C 564 -11.24 5.44 43.54
C GLN C 564 -12.26 6.36 44.23
N THR C 565 -12.10 7.69 44.16
CA THR C 565 -13.13 8.56 44.72
C THR C 565 -14.17 8.80 43.64
N LEU C 566 -15.42 8.44 43.92
CA LEU C 566 -16.45 8.46 42.89
C LEU C 566 -16.89 9.89 42.57
N GLU C 567 -16.06 10.59 41.80
CA GLU C 567 -16.33 11.94 41.36
C GLU C 567 -16.24 12.00 39.85
N ILE C 568 -16.91 12.99 39.26
CA ILE C 568 -16.98 13.14 37.81
C ILE C 568 -16.17 14.36 37.42
N LEU C 569 -15.09 14.14 36.69
CA LEU C 569 -14.26 15.21 36.16
C LEU C 569 -14.53 15.36 34.67
N ASP C 570 -14.20 16.54 34.14
CA ASP C 570 -14.31 16.78 32.71
C ASP C 570 -12.94 17.10 32.12
N ILE C 571 -12.78 16.76 30.84
CA ILE C 571 -11.47 16.85 30.20
C ILE C 571 -11.53 17.92 29.13
N THR C 572 -11.17 19.15 29.48
CA THR C 572 -10.97 20.14 28.45
C THR C 572 -9.58 19.97 27.85
N PRO C 573 -9.43 20.19 26.53
CA PRO C 573 -8.21 19.76 25.83
C PRO C 573 -6.93 20.50 26.17
N CYS C 574 -5.88 20.16 25.40
CA CYS C 574 -4.50 20.54 25.62
C CYS C 574 -4.24 22.04 25.47
N SER C 575 -5.19 22.80 24.90
CA SER C 575 -5.13 24.26 24.72
C SER C 575 -3.94 24.67 23.86
N PHE C 576 -3.98 24.23 22.60
CA PHE C 576 -2.99 24.59 21.60
C PHE C 576 -3.40 25.90 20.92
N GLY C 577 -2.70 26.27 19.85
CA GLY C 577 -3.07 27.45 19.10
C GLY C 577 -2.03 27.75 18.04
N GLY C 578 -2.33 28.79 17.26
CA GLY C 578 -1.43 29.26 16.23
C GLY C 578 -0.69 30.51 16.64
N VAL C 579 0.41 30.78 15.93
CA VAL C 579 1.25 31.95 16.18
C VAL C 579 1.23 32.82 14.93
N SER C 580 0.76 34.05 15.08
CA SER C 580 0.74 35.03 14.01
C SER C 580 1.63 36.19 14.39
N VAL C 581 2.55 36.55 13.50
CA VAL C 581 3.52 37.58 13.79
C VAL C 581 3.16 38.85 13.03
N ILE C 582 3.04 39.94 13.78
CA ILE C 582 2.62 41.23 13.24
C ILE C 582 3.85 42.08 12.99
N THR C 583 4.14 42.37 11.74
CA THR C 583 5.38 43.10 11.46
C THR C 583 5.16 44.19 10.44
N PRO C 584 5.93 45.27 10.52
CA PRO C 584 6.14 46.15 9.37
C PRO C 584 7.27 45.56 8.52
N GLY C 585 7.65 46.32 7.49
CA GLY C 585 8.71 45.86 6.60
C GLY C 585 10.06 45.84 7.30
N THR C 586 10.97 45.03 6.77
CA THR C 586 12.31 44.94 7.34
C THR C 586 13.09 46.22 7.14
N ASN C 587 12.83 46.94 6.05
CA ASN C 587 13.47 48.24 5.87
C ASN C 587 12.84 49.29 6.76
N THR C 588 11.55 49.16 7.07
CA THR C 588 10.88 50.13 7.92
C THR C 588 11.31 49.99 9.37
N SER C 589 11.33 48.77 9.89
CA SER C 589 11.66 48.54 11.29
C SER C 589 12.21 47.13 11.43
N ASN C 590 12.45 46.72 12.68
CA ASN C 590 13.07 45.44 12.96
C ASN C 590 12.37 44.70 14.10
N GLN C 591 11.35 45.30 14.73
CA GLN C 591 10.64 44.68 15.83
C GLN C 591 9.29 44.16 15.37
N VAL C 592 8.81 43.11 16.04
CA VAL C 592 7.56 42.45 15.68
C VAL C 592 6.66 42.39 16.89
N ALA C 593 5.40 42.06 16.63
CA ALA C 593 4.42 41.73 17.66
C ALA C 593 3.86 40.34 17.36
N VAL C 594 3.67 39.54 18.39
CA VAL C 594 3.25 38.15 18.24
C VAL C 594 1.83 38.01 18.74
N LEU C 595 0.96 37.48 17.89
CA LEU C 595 -0.43 37.21 18.24
C LEU C 595 -0.63 35.71 18.36
N TYR C 596 -1.17 35.27 19.49
CA TYR C 596 -1.47 33.86 19.71
C TYR C 596 -2.96 33.63 19.43
N GLN C 597 -3.24 32.63 18.61
CA GLN C 597 -4.57 32.51 17.99
C GLN C 597 -5.56 31.91 18.99
N GLY C 598 -6.43 32.78 19.53
CA GLY C 598 -7.60 32.36 20.26
C GLY C 598 -7.38 31.61 21.55
N VAL C 599 -6.48 32.09 22.40
CA VAL C 599 -6.19 31.46 23.68
C VAL C 599 -6.28 32.49 24.79
N ASN C 600 -6.58 32.00 26.00
CA ASN C 600 -6.50 32.81 27.21
C ASN C 600 -5.04 32.87 27.62
N CYS C 601 -4.39 34.01 27.42
CA CYS C 601 -2.96 34.14 27.69
C CYS C 601 -2.66 34.62 29.09
N THR C 602 -3.52 34.30 30.05
CA THR C 602 -3.12 34.38 31.45
C THR C 602 -2.21 33.22 31.85
N GLU C 603 -2.11 32.19 31.00
CA GLU C 603 -1.24 31.04 31.23
C GLU C 603 0.10 31.12 30.53
N VAL C 604 0.25 32.01 29.54
CA VAL C 604 1.53 32.10 28.81
C VAL C 604 2.65 32.70 29.66
N PRO C 605 2.42 33.75 30.49
CA PRO C 605 3.45 34.06 31.50
C PRO C 605 3.67 32.95 32.53
N VAL C 606 2.65 32.14 32.81
CA VAL C 606 2.86 30.94 33.61
C VAL C 606 3.67 29.91 32.82
N ALA C 607 3.51 29.89 31.49
CA ALA C 607 4.19 28.94 30.62
C ALA C 607 5.61 29.37 30.23
N ILE C 608 6.28 30.19 31.03
CA ILE C 608 7.70 30.50 30.79
C ILE C 608 8.49 29.43 31.54
N HIS C 609 8.63 28.28 30.89
CA HIS C 609 9.35 27.15 31.47
C HIS C 609 9.87 26.27 30.34
N ALA C 610 10.87 25.46 30.67
CA ALA C 610 11.44 24.55 29.69
C ALA C 610 10.51 23.37 29.44
N ASP C 611 10.44 22.96 28.16
CA ASP C 611 9.64 21.82 27.68
C ASP C 611 8.16 21.99 28.02
N GLN C 612 7.62 23.19 27.79
CA GLN C 612 6.20 23.43 27.99
C GLN C 612 5.51 23.95 26.74
N LEU C 613 6.14 24.86 26.01
CA LEU C 613 5.59 25.36 24.76
C LEU C 613 6.50 24.95 23.60
N THR C 614 5.90 24.88 22.40
CA THR C 614 6.68 24.57 21.21
C THR C 614 7.72 25.63 20.85
N PRO C 615 7.43 26.95 20.79
CA PRO C 615 8.52 27.90 20.54
C PRO C 615 9.39 28.08 21.78
N THR C 616 10.63 28.52 21.53
CA THR C 616 11.62 28.68 22.59
C THR C 616 11.72 30.11 23.12
N TRP C 617 10.99 31.06 22.54
CA TRP C 617 11.00 32.44 23.05
C TRP C 617 9.87 32.68 24.04
N ARG C 618 9.77 31.82 25.05
CA ARG C 618 8.75 31.99 26.08
C ARG C 618 9.11 33.12 27.04
N VAL C 619 10.40 33.46 27.14
CA VAL C 619 10.84 34.53 28.03
C VAL C 619 10.44 35.90 27.51
N TYR C 620 10.10 36.01 26.23
CA TYR C 620 9.65 37.27 25.65
C TYR C 620 8.13 37.46 25.74
N SER C 621 7.45 36.60 26.51
CA SER C 621 6.02 36.77 26.73
C SER C 621 5.69 37.99 27.59
N THR C 622 6.65 38.46 28.39
CA THR C 622 6.49 39.68 29.17
C THR C 622 7.54 40.67 28.66
N GLY C 623 7.19 41.36 27.58
CA GLY C 623 8.00 42.45 27.05
C GLY C 623 7.28 43.76 27.21
N SER C 624 6.66 44.22 26.13
CA SER C 624 5.71 45.33 26.24
C SER C 624 4.39 44.84 26.83
N ASN C 625 3.47 45.78 27.05
CA ASN C 625 2.19 45.44 27.66
C ASN C 625 1.34 44.60 26.71
N VAL C 626 0.68 43.61 27.26
CA VAL C 626 -0.16 42.71 26.47
C VAL C 626 -1.55 43.31 26.36
N PHE C 627 -2.30 42.86 25.37
CA PHE C 627 -3.68 43.26 25.16
C PHE C 627 -4.50 42.04 24.81
N GLN C 628 -5.71 41.95 25.35
CA GLN C 628 -6.60 40.83 25.12
C GLN C 628 -7.68 41.23 24.14
N THR C 629 -7.74 40.56 23.00
CA THR C 629 -8.79 40.73 22.02
C THR C 629 -9.59 39.45 21.95
N ARG C 630 -10.78 39.53 21.34
CA ARG C 630 -11.58 38.32 21.14
C ARG C 630 -11.04 37.49 19.98
N ALA C 631 -10.14 38.05 19.16
CA ALA C 631 -9.46 37.34 18.10
C ALA C 631 -8.18 36.67 18.59
N GLY C 632 -8.05 36.43 19.88
CA GLY C 632 -6.77 36.04 20.44
C GLY C 632 -5.99 37.23 20.94
N CYS C 633 -5.20 37.01 21.98
CA CYS C 633 -4.50 38.10 22.65
C CYS C 633 -3.06 38.19 22.15
N LEU C 634 -2.66 39.39 21.78
CA LEU C 634 -1.36 39.64 21.18
C LEU C 634 -0.40 40.21 22.23
N ILE C 635 0.89 40.04 21.96
CA ILE C 635 1.96 40.45 22.86
C ILE C 635 2.88 41.39 22.09
N GLY C 636 3.10 42.59 22.64
CA GLY C 636 4.05 43.52 22.09
C GLY C 636 3.48 44.73 21.41
N ALA C 637 2.19 45.02 21.58
CA ALA C 637 1.58 46.19 20.98
C ALA C 637 0.80 46.95 22.03
N GLU C 638 0.96 48.27 22.05
CA GLU C 638 0.26 49.14 22.99
C GLU C 638 -1.11 49.48 22.41
N TYR C 639 -2.17 49.18 23.15
CA TYR C 639 -3.53 49.42 22.68
C TYR C 639 -3.89 50.87 22.96
N VAL C 640 -3.67 51.72 21.97
CA VAL C 640 -4.12 53.11 22.07
C VAL C 640 -5.62 53.14 21.76
N ASN C 641 -6.31 54.15 22.27
CA ASN C 641 -7.77 54.18 22.21
C ASN C 641 -8.29 55.33 21.34
N ASN C 642 -7.66 55.53 20.19
CA ASN C 642 -8.21 56.41 19.16
C ASN C 642 -8.19 55.68 17.83
N SER C 643 -9.16 55.98 16.98
CA SER C 643 -9.39 55.21 15.77
C SER C 643 -8.60 55.77 14.60
N TYR C 644 -7.93 54.88 13.87
CA TYR C 644 -7.24 55.21 12.63
C TYR C 644 -7.69 54.26 11.53
N GLU C 645 -7.24 54.54 10.31
CA GLU C 645 -7.49 53.66 9.19
C GLU C 645 -6.67 52.38 9.35
N CYS C 646 -7.28 51.25 9.00
CA CYS C 646 -6.65 49.95 9.19
C CYS C 646 -5.44 49.78 8.27
N ASP C 647 -4.34 49.30 8.82
CA ASP C 647 -3.13 49.01 8.07
C ASP C 647 -2.83 47.51 8.03
N ILE C 648 -2.69 46.90 9.19
CA ILE C 648 -2.46 45.46 9.31
C ILE C 648 -3.63 44.85 10.05
N PRO C 649 -4.51 44.12 9.36
CA PRO C 649 -5.70 43.59 10.02
C PRO C 649 -5.40 42.43 10.95
N ILE C 650 -5.90 42.53 12.18
CA ILE C 650 -5.70 41.51 13.21
C ILE C 650 -6.92 40.61 13.35
N GLY C 651 -8.09 41.21 13.50
CA GLY C 651 -9.31 40.45 13.67
C GLY C 651 -10.26 41.09 14.65
N ALA C 652 -11.55 41.10 14.31
CA ALA C 652 -12.64 41.64 15.12
C ALA C 652 -12.43 43.11 15.47
N GLY C 653 -12.20 43.92 14.44
CA GLY C 653 -12.09 45.35 14.59
C GLY C 653 -10.74 45.86 15.00
N ILE C 654 -9.78 44.99 15.27
CA ILE C 654 -8.44 45.38 15.69
C ILE C 654 -7.54 45.44 14.47
N CYS C 655 -6.80 46.53 14.33
CA CYS C 655 -5.84 46.68 13.25
C CYS C 655 -4.57 47.30 13.80
N ALA C 656 -3.47 46.56 13.71
CA ALA C 656 -2.19 47.06 14.20
C ALA C 656 -1.51 47.94 13.16
N SER C 657 -0.62 48.81 13.63
CA SER C 657 0.13 49.70 12.74
C SER C 657 1.41 50.13 13.44
N TYR C 658 2.30 50.71 12.66
CA TYR C 658 3.59 51.20 13.13
C TYR C 658 3.53 52.73 13.14
N GLN C 659 3.04 53.28 14.23
CA GLN C 659 2.85 54.71 14.38
C GLN C 659 3.73 55.25 15.51
N THR C 660 3.58 56.54 15.78
CA THR C 660 4.38 57.21 16.81
C THR C 660 3.89 56.83 18.20
N SER C 673 9.60 56.33 20.66
CA SER C 673 9.64 56.91 19.32
C SER C 673 8.56 56.29 18.43
N GLN C 674 8.96 55.27 17.66
CA GLN C 674 8.05 54.53 16.80
C GLN C 674 7.95 53.10 17.31
N SER C 675 6.72 52.64 17.56
CA SER C 675 6.48 51.30 18.06
C SER C 675 5.22 50.76 17.42
N ILE C 676 5.03 49.45 17.55
CA ILE C 676 3.84 48.79 17.03
C ILE C 676 2.69 49.06 17.99
N ILE C 677 1.63 49.69 17.48
CA ILE C 677 0.44 50.01 18.26
C ILE C 677 -0.74 49.25 17.65
N ALA C 678 -1.79 49.06 18.44
CA ALA C 678 -3.02 48.43 17.99
C ALA C 678 -4.20 49.29 18.42
N TYR C 679 -5.27 49.26 17.64
CA TYR C 679 -6.39 50.16 17.88
C TYR C 679 -7.67 49.54 17.32
N THR C 680 -8.71 50.34 17.24
CA THR C 680 -9.97 49.98 16.63
C THR C 680 -10.11 50.80 15.35
N MET C 681 -10.70 50.20 14.31
CA MET C 681 -10.72 50.81 13.00
C MET C 681 -11.58 52.07 12.95
N SER C 682 -11.14 53.04 12.16
CA SER C 682 -11.93 54.21 11.82
C SER C 682 -12.59 53.93 10.48
N LEU C 683 -13.92 53.93 10.46
CA LEU C 683 -14.64 53.59 9.23
C LEU C 683 -14.57 54.73 8.22
N GLY C 684 -14.56 55.97 8.70
CA GLY C 684 -14.46 57.12 7.81
C GLY C 684 -14.72 58.38 8.58
N ALA C 685 -14.66 59.50 7.85
CA ALA C 685 -14.96 60.78 8.45
C ALA C 685 -16.45 60.88 8.76
N GLU C 686 -16.78 61.25 9.99
CA GLU C 686 -18.17 61.33 10.41
C GLU C 686 -18.82 62.55 9.77
N ASN C 687 -19.46 62.34 8.62
CA ASN C 687 -20.07 63.42 7.86
C ASN C 687 -21.55 63.51 8.21
N SER C 688 -22.05 64.73 8.22
CA SER C 688 -23.47 64.99 8.44
C SER C 688 -24.03 65.73 7.25
N VAL C 689 -25.22 65.34 6.81
CA VAL C 689 -25.91 65.97 5.71
C VAL C 689 -27.03 66.83 6.29
N ALA C 690 -26.98 68.14 6.03
CA ALA C 690 -27.93 69.08 6.58
C ALA C 690 -29.26 68.97 5.83
N TYR C 691 -30.01 67.93 6.16
CA TYR C 691 -31.29 67.64 5.48
C TYR C 691 -32.38 68.60 5.90
N SER C 692 -32.98 69.25 4.92
CA SER C 692 -34.12 70.12 5.15
C SER C 692 -35.15 69.87 4.06
N ASN C 693 -36.41 70.08 4.39
CA ASN C 693 -37.50 69.82 3.46
C ASN C 693 -37.72 70.94 2.45
N ASN C 694 -36.95 72.02 2.53
CA ASN C 694 -37.04 73.07 1.52
C ASN C 694 -35.67 73.57 1.07
N SER C 695 -34.62 72.79 1.28
CA SER C 695 -33.27 73.18 0.93
C SER C 695 -32.63 72.11 0.06
N ILE C 696 -32.02 72.53 -1.05
CA ILE C 696 -31.37 71.63 -1.99
C ILE C 696 -29.97 72.16 -2.25
N ALA C 697 -29.06 71.26 -2.65
CA ALA C 697 -27.71 71.63 -3.02
C ALA C 697 -27.47 71.23 -4.47
N ILE C 698 -26.99 72.19 -5.26
CA ILE C 698 -26.77 72.00 -6.69
C ILE C 698 -25.33 72.41 -6.99
N PRO C 699 -24.54 71.56 -7.63
CA PRO C 699 -23.14 71.91 -7.88
C PRO C 699 -23.00 72.99 -8.95
N THR C 700 -21.97 73.81 -8.79
CA THR C 700 -21.66 74.86 -9.75
C THR C 700 -20.49 74.51 -10.66
N ASN C 701 -19.59 73.66 -10.20
CA ASN C 701 -18.40 73.27 -10.95
C ASN C 701 -18.24 71.76 -10.87
N PHE C 702 -17.50 71.22 -11.83
CA PHE C 702 -17.29 69.78 -11.93
C PHE C 702 -15.82 69.50 -12.14
N THR C 703 -15.42 68.29 -11.79
CA THR C 703 -14.09 67.80 -12.10
C THR C 703 -14.18 66.51 -12.89
N ILE C 704 -13.25 66.31 -13.81
CA ILE C 704 -13.19 65.10 -14.63
C ILE C 704 -11.98 64.29 -14.16
N SER C 705 -12.24 63.05 -13.76
CA SER C 705 -11.21 62.18 -13.22
C SER C 705 -11.11 60.93 -14.06
N VAL C 706 -9.89 60.43 -14.20
CA VAL C 706 -9.62 59.19 -14.93
C VAL C 706 -9.24 58.14 -13.89
N THR C 707 -10.01 57.06 -13.84
CA THR C 707 -9.85 56.01 -12.85
C THR C 707 -9.40 54.73 -13.54
N THR C 708 -8.30 54.15 -13.06
CA THR C 708 -7.80 52.92 -13.62
C THR C 708 -8.52 51.72 -13.02
N GLU C 709 -8.53 50.62 -13.77
CA GLU C 709 -9.13 49.37 -13.30
C GLU C 709 -8.46 48.21 -14.00
N ILE C 710 -7.92 47.28 -13.23
CA ILE C 710 -7.12 46.18 -13.75
C ILE C 710 -7.87 44.87 -13.51
N LEU C 711 -8.03 44.08 -14.57
CA LEU C 711 -8.74 42.80 -14.49
C LEU C 711 -7.89 41.72 -15.14
N PRO C 712 -7.66 40.59 -14.47
CA PRO C 712 -7.03 39.45 -15.16
C PRO C 712 -7.94 38.90 -16.24
N VAL C 713 -7.32 38.39 -17.30
CA VAL C 713 -8.04 37.89 -18.47
C VAL C 713 -7.68 36.43 -18.76
N SER C 714 -6.40 36.11 -18.77
CA SER C 714 -5.94 34.77 -19.06
C SER C 714 -4.81 34.39 -18.12
N MET C 715 -4.59 33.09 -17.99
CA MET C 715 -3.49 32.56 -17.20
C MET C 715 -2.55 31.76 -18.10
N THR C 716 -1.57 31.11 -17.48
CA THR C 716 -0.53 30.41 -18.23
C THR C 716 -1.03 29.03 -18.64
N LYS C 717 -0.93 28.73 -19.93
CA LYS C 717 -1.28 27.40 -20.42
C LYS C 717 -0.20 26.40 -20.02
N THR C 718 -0.63 25.20 -19.64
CA THR C 718 0.29 24.17 -19.17
C THR C 718 -0.21 22.81 -19.62
N SER C 719 0.71 21.99 -20.13
CA SER C 719 0.41 20.60 -20.44
C SER C 719 1.43 19.71 -19.74
N VAL C 720 0.94 18.67 -19.08
CA VAL C 720 1.78 17.81 -18.25
C VAL C 720 1.60 16.36 -18.71
N ASP C 721 2.71 15.64 -18.84
CA ASP C 721 2.70 14.21 -19.13
C ASP C 721 3.15 13.45 -17.88
N CYS C 722 2.40 12.42 -17.51
CA CYS C 722 2.74 11.64 -16.32
C CYS C 722 3.99 10.80 -16.53
N THR C 723 4.14 10.22 -17.72
CA THR C 723 5.16 9.20 -17.95
C THR C 723 6.56 9.77 -17.92
N MET C 724 6.69 11.08 -18.07
CA MET C 724 7.95 11.78 -17.79
C MET C 724 8.00 12.32 -16.36
N TYR C 725 6.86 12.82 -15.85
CA TYR C 725 6.85 13.45 -14.54
C TYR C 725 6.98 12.43 -13.43
N ILE C 726 6.20 11.34 -13.49
CA ILE C 726 6.15 10.40 -12.37
C ILE C 726 7.40 9.54 -12.33
N CYS C 727 7.63 8.76 -13.39
CA CYS C 727 8.79 7.88 -13.46
C CYS C 727 9.43 7.96 -14.84
N GLY C 728 9.77 9.18 -15.26
CA GLY C 728 10.52 9.36 -16.50
C GLY C 728 11.89 8.72 -16.43
N ASP C 729 12.34 8.24 -17.60
CA ASP C 729 13.54 7.41 -17.76
C ASP C 729 13.48 6.17 -16.87
N SER C 730 12.33 5.49 -16.89
CA SER C 730 12.15 4.25 -16.15
C SER C 730 11.22 3.37 -16.98
N THR C 731 11.79 2.35 -17.62
CA THR C 731 11.01 1.45 -18.47
C THR C 731 10.11 0.56 -17.63
N GLU C 732 10.60 0.10 -16.48
CA GLU C 732 9.86 -0.85 -15.66
C GLU C 732 8.67 -0.21 -14.97
N CYS C 733 8.79 1.08 -14.61
CA CYS C 733 7.64 1.77 -14.01
C CYS C 733 6.57 2.08 -15.03
N SER C 734 6.98 2.43 -16.25
CA SER C 734 6.02 2.75 -17.31
C SER C 734 5.23 1.52 -17.74
N ASN C 735 5.80 0.32 -17.57
CA ASN C 735 5.04 -0.89 -17.85
C ASN C 735 4.03 -1.19 -16.75
N LEU C 736 4.29 -0.74 -15.52
CA LEU C 736 3.35 -0.96 -14.43
C LEU C 736 2.44 0.24 -14.18
N LEU C 737 2.57 1.32 -14.96
CA LEU C 737 1.67 2.46 -14.84
C LEU C 737 0.31 2.18 -15.46
N LEU C 738 0.25 1.25 -16.41
CA LEU C 738 -1.00 0.98 -17.13
C LEU C 738 -2.04 0.28 -16.27
N GLN C 739 -1.64 -0.32 -15.15
CA GLN C 739 -2.58 -0.95 -14.25
C GLN C 739 -3.40 0.05 -13.44
N TYR C 740 -3.02 1.34 -13.44
CA TYR C 740 -3.71 2.35 -12.66
C TYR C 740 -4.84 3.04 -13.41
N GLY C 741 -5.38 2.40 -14.45
CA GLY C 741 -6.55 2.93 -15.13
C GLY C 741 -6.25 4.13 -16.00
N SER C 742 -7.30 4.93 -16.21
CA SER C 742 -7.27 6.08 -17.11
C SER C 742 -7.16 7.40 -16.35
N PHE C 743 -6.37 7.43 -15.26
CA PHE C 743 -6.07 8.71 -14.61
C PHE C 743 -5.31 9.66 -15.53
N CYS C 744 -4.30 9.16 -16.24
CA CYS C 744 -3.45 10.10 -17.03
C CYS C 744 -4.11 10.73 -18.25
N THR C 745 -4.88 9.96 -19.01
CA THR C 745 -5.60 10.58 -20.12
C THR C 745 -6.56 11.62 -19.54
N GLN C 746 -7.16 11.35 -18.40
CA GLN C 746 -8.11 12.29 -17.81
C GLN C 746 -7.39 13.60 -17.52
N LEU C 747 -6.20 13.57 -16.95
CA LEU C 747 -5.42 14.79 -16.60
C LEU C 747 -5.04 15.52 -17.88
N LYS C 748 -4.60 14.80 -18.89
CA LYS C 748 -4.17 15.54 -20.09
C LYS C 748 -5.41 16.20 -20.63
N ARG C 749 -6.54 15.52 -20.64
CA ARG C 749 -7.76 16.07 -21.24
C ARG C 749 -8.15 17.30 -20.47
N ALA C 750 -8.08 17.25 -19.15
CA ALA C 750 -8.41 18.44 -18.32
C ALA C 750 -7.48 19.60 -18.59
N LEU C 751 -6.18 19.40 -18.67
CA LEU C 751 -5.22 20.50 -18.85
C LEU C 751 -5.38 21.05 -20.25
N THR C 752 -5.74 20.24 -21.23
CA THR C 752 -6.02 20.74 -22.59
C THR C 752 -7.31 21.55 -22.61
N GLY C 753 -8.30 21.15 -21.85
CA GLY C 753 -9.53 21.94 -21.79
C GLY C 753 -9.25 23.30 -21.22
N ILE C 754 -8.36 23.33 -20.26
CA ILE C 754 -7.98 24.61 -19.66
C ILE C 754 -7.20 25.46 -20.65
N ALA C 755 -6.28 24.83 -21.39
CA ALA C 755 -5.38 25.57 -22.27
C ALA C 755 -6.10 26.14 -23.49
N VAL C 756 -7.10 25.42 -24.00
CA VAL C 756 -7.90 25.96 -25.10
C VAL C 756 -8.81 27.08 -24.60
N GLU C 757 -9.13 27.09 -23.31
CA GLU C 757 -10.05 28.08 -22.76
C GLU C 757 -9.36 29.43 -22.59
N GLN C 758 -8.05 29.44 -22.34
CA GLN C 758 -7.34 30.71 -22.20
C GLN C 758 -7.21 31.45 -23.52
N ASP C 759 -7.21 30.72 -24.64
CA ASP C 759 -7.28 31.38 -25.94
C ASP C 759 -8.69 31.89 -26.23
N LYS C 760 -9.70 31.24 -25.65
CA LYS C 760 -11.07 31.72 -25.81
C LYS C 760 -11.32 32.97 -24.97
N ASN C 761 -10.75 33.02 -23.75
CA ASN C 761 -10.94 34.16 -22.87
C ASN C 761 -10.29 35.42 -23.44
N THR C 762 -9.11 35.26 -24.05
CA THR C 762 -8.43 36.40 -24.64
C THR C 762 -9.16 36.88 -25.89
N GLN C 763 -9.77 35.95 -26.62
CA GLN C 763 -10.46 36.31 -27.86
C GLN C 763 -11.75 37.07 -27.60
N GLU C 764 -12.52 36.67 -26.58
CA GLU C 764 -13.82 37.30 -26.36
C GLU C 764 -13.69 38.68 -25.74
N VAL C 765 -12.55 39.00 -25.11
CA VAL C 765 -12.38 40.32 -24.54
C VAL C 765 -11.93 41.31 -25.59
N PHE C 766 -10.82 41.02 -26.26
CA PHE C 766 -10.21 41.99 -27.17
C PHE C 766 -10.83 41.95 -28.57
N ALA C 767 -10.97 40.76 -29.16
CA ALA C 767 -11.48 40.63 -30.52
C ALA C 767 -13.00 40.78 -30.52
N GLN C 768 -13.44 42.03 -30.37
CA GLN C 768 -14.85 42.37 -30.40
C GLN C 768 -15.22 43.25 -31.58
N VAL C 769 -14.27 43.52 -32.47
CA VAL C 769 -14.52 44.32 -33.67
C VAL C 769 -14.10 43.51 -34.88
N LYS C 770 -14.88 43.60 -35.96
CA LYS C 770 -14.53 42.89 -37.18
C LYS C 770 -13.39 43.58 -37.91
N GLN C 771 -13.38 44.90 -37.91
CA GLN C 771 -12.38 45.67 -38.62
C GLN C 771 -11.23 46.06 -37.69
N ILE C 772 -10.17 46.56 -38.28
CA ILE C 772 -9.06 47.16 -37.55
C ILE C 772 -9.02 48.63 -37.94
N TYR C 773 -9.26 49.50 -36.98
CA TYR C 773 -9.40 50.93 -37.27
C TYR C 773 -8.06 51.64 -37.09
N LYS C 774 -7.77 52.56 -37.99
CA LYS C 774 -6.55 53.36 -37.94
C LYS C 774 -6.88 54.77 -37.48
N THR C 775 -6.06 55.31 -36.59
CA THR C 775 -6.19 56.70 -36.22
C THR C 775 -5.72 57.59 -37.38
N PRO C 776 -6.30 58.77 -37.55
CA PRO C 776 -5.78 59.69 -38.57
C PRO C 776 -4.42 60.22 -38.19
N PRO C 777 -3.59 60.61 -39.16
CA PRO C 777 -2.27 61.18 -38.84
C PRO C 777 -2.34 62.50 -38.09
N ILE C 778 -3.37 63.30 -38.30
CA ILE C 778 -3.53 64.54 -37.56
C ILE C 778 -4.23 64.24 -36.25
N LYS C 779 -3.54 64.49 -35.13
CA LYS C 779 -4.01 64.12 -33.80
C LYS C 779 -4.58 65.31 -33.04
N TYR C 780 -5.30 66.20 -33.72
CA TYR C 780 -5.96 67.33 -33.07
C TYR C 780 -7.42 66.95 -32.85
N PHE C 781 -7.69 66.33 -31.72
CA PHE C 781 -9.05 65.90 -31.36
C PHE C 781 -9.73 66.95 -30.49
N GLY C 782 -9.78 68.17 -30.99
CA GLY C 782 -10.46 69.24 -30.29
C GLY C 782 -9.80 69.75 -29.04
N GLY C 783 -8.50 69.51 -28.89
CA GLY C 783 -7.77 69.93 -27.70
C GLY C 783 -7.54 68.84 -26.68
N PHE C 784 -8.03 67.63 -26.93
CA PHE C 784 -7.82 66.51 -26.03
C PHE C 784 -6.56 65.77 -26.43
N ASN C 785 -5.54 65.79 -25.57
CA ASN C 785 -4.25 65.20 -25.87
C ASN C 785 -4.34 63.71 -25.58
N PHE C 786 -4.43 62.91 -26.64
CA PHE C 786 -4.55 61.47 -26.54
C PHE C 786 -3.24 60.74 -26.78
N SER C 787 -2.11 61.45 -26.74
CA SER C 787 -0.83 60.82 -27.05
C SER C 787 -0.38 59.84 -25.98
N GLN C 788 -0.95 59.92 -24.77
CA GLN C 788 -0.61 58.97 -23.72
C GLN C 788 -1.16 57.58 -24.00
N ILE C 789 -2.28 57.47 -24.70
CA ILE C 789 -2.92 56.18 -24.94
C ILE C 789 -2.82 55.70 -26.38
N LEU C 790 -2.60 56.59 -27.34
CA LEU C 790 -2.37 56.15 -28.72
C LEU C 790 -1.00 55.49 -28.83
N PRO C 791 -0.84 54.53 -29.75
CA PRO C 791 0.45 53.83 -29.88
C PRO C 791 1.56 54.74 -30.37
N ASP C 792 2.78 54.44 -29.92
CA ASP C 792 3.95 55.21 -30.29
C ASP C 792 4.63 54.56 -31.49
N PRO C 793 4.77 55.27 -32.62
CA PRO C 793 5.46 54.67 -33.77
C PRO C 793 6.96 54.62 -33.62
N SER C 794 7.53 55.30 -32.62
CA SER C 794 8.99 55.30 -32.43
C SER C 794 9.47 53.95 -31.92
N LYS C 795 8.73 53.32 -31.02
CA LYS C 795 9.11 52.03 -30.50
C LYS C 795 8.88 50.95 -31.56
N PRO C 796 9.79 49.97 -31.69
CA PRO C 796 9.54 48.84 -32.60
C PRO C 796 8.30 48.03 -32.24
N SER C 797 7.99 47.90 -30.96
CA SER C 797 6.72 47.31 -30.55
C SER C 797 5.65 48.39 -30.60
N LYS C 798 4.57 48.12 -31.35
CA LYS C 798 3.51 49.10 -31.50
C LYS C 798 2.65 49.18 -30.24
N ARG C 799 3.20 49.86 -29.21
CA ARG C 799 2.52 50.00 -27.88
C ARG C 799 2.54 51.44 -27.38
N SER C 800 1.60 51.85 -26.54
CA SER C 800 1.43 53.23 -26.05
C SER C 800 2.36 53.55 -24.90
N PRO C 801 2.51 54.83 -24.53
CA PRO C 801 3.31 55.11 -23.39
C PRO C 801 2.85 54.42 -22.10
N ILE C 802 1.57 54.34 -21.79
CA ILE C 802 1.03 53.61 -20.60
C ILE C 802 1.23 52.10 -20.72
N GLU C 803 1.09 51.50 -21.90
CA GLU C 803 1.21 50.03 -22.06
C GLU C 803 2.67 49.66 -21.95
N ASP C 804 3.60 50.50 -22.42
CA ASP C 804 5.02 50.24 -22.18
C ASP C 804 5.34 50.28 -20.70
N LEU C 805 4.62 51.10 -19.94
CA LEU C 805 4.79 51.11 -18.49
C LEU C 805 4.23 49.84 -17.86
N LEU C 806 3.10 49.36 -18.36
CA LEU C 806 2.44 48.19 -17.78
C LEU C 806 3.19 46.90 -18.06
N PHE C 807 4.03 46.86 -19.09
CA PHE C 807 4.80 45.66 -19.39
C PHE C 807 6.08 45.55 -18.59
N ASN C 808 6.43 46.58 -17.82
CA ASN C 808 7.65 46.57 -17.02
C ASN C 808 7.38 46.33 -15.54
N LYS C 809 6.17 46.62 -15.06
CA LYS C 809 5.84 46.43 -13.65
C LYS C 809 5.40 45.00 -13.34
N VAL C 810 5.24 44.15 -14.36
CA VAL C 810 4.84 42.77 -14.18
C VAL C 810 6.01 41.88 -14.56
N THR C 811 6.57 41.19 -13.58
CA THR C 811 7.71 40.30 -13.79
C THR C 811 7.26 38.85 -13.65
N LEU C 812 7.54 38.05 -14.68
CA LEU C 812 7.13 36.65 -14.68
C LEU C 812 8.13 35.79 -13.91
N LEU C 833 14.45 32.96 -15.32
CA LEU C 833 15.30 31.93 -14.73
C LEU C 833 14.46 31.03 -13.81
N ILE C 834 13.49 31.64 -13.13
CA ILE C 834 12.61 30.88 -12.25
C ILE C 834 11.66 30.01 -13.07
N CYS C 835 11.24 30.48 -14.25
CA CYS C 835 10.30 29.76 -15.10
C CYS C 835 10.99 28.89 -16.15
N ALA C 836 12.32 28.80 -16.13
CA ALA C 836 13.06 27.99 -17.09
C ALA C 836 13.60 26.70 -16.47
N GLN C 837 13.05 26.30 -15.32
CA GLN C 837 13.52 25.12 -14.61
C GLN C 837 12.38 24.13 -14.37
N LYS C 838 11.46 24.02 -15.31
CA LYS C 838 10.31 23.13 -15.22
C LYS C 838 10.50 21.89 -16.09
N PHE C 839 11.69 21.31 -16.06
CA PHE C 839 12.12 20.33 -17.05
C PHE C 839 11.74 18.89 -16.69
N LYS C 840 10.74 18.67 -15.84
CA LYS C 840 10.27 17.33 -15.52
C LYS C 840 9.03 16.94 -16.33
N GLY C 841 8.97 17.34 -17.59
CA GLY C 841 7.78 17.15 -18.39
C GLY C 841 6.77 18.26 -18.27
N LEU C 842 7.13 19.37 -17.65
CA LEU C 842 6.19 20.45 -17.32
C LEU C 842 6.30 21.57 -18.36
N THR C 843 5.94 21.24 -19.60
CA THR C 843 6.05 22.24 -20.66
C THR C 843 4.96 23.29 -20.56
N VAL C 844 5.29 24.50 -20.99
CA VAL C 844 4.40 25.65 -20.92
C VAL C 844 4.07 26.07 -22.34
N LEU C 845 2.80 26.03 -22.68
CA LEU C 845 2.37 26.38 -24.03
C LEU C 845 2.36 27.90 -24.20
N PRO C 846 2.68 28.40 -25.39
CA PRO C 846 2.57 29.83 -25.64
C PRO C 846 1.15 30.21 -26.01
N PRO C 847 0.74 31.44 -25.71
CA PRO C 847 -0.61 31.88 -26.10
C PRO C 847 -0.73 32.03 -27.60
N LEU C 848 -1.95 31.84 -28.11
CA LEU C 848 -2.20 31.95 -29.54
C LEU C 848 -2.08 33.39 -30.02
N LEU C 849 -2.65 34.33 -29.28
CA LEU C 849 -2.57 35.75 -29.61
C LEU C 849 -1.41 36.34 -28.83
N THR C 850 -0.36 36.76 -29.54
CA THR C 850 0.84 37.22 -28.88
C THR C 850 0.69 38.69 -28.47
N ASP C 851 1.77 39.24 -27.90
CA ASP C 851 1.69 40.54 -27.24
C ASP C 851 1.55 41.68 -28.24
N GLU C 852 2.20 41.58 -29.40
CA GLU C 852 2.09 42.65 -30.39
C GLU C 852 0.81 42.53 -31.22
N MET C 853 0.03 41.48 -31.05
CA MET C 853 -1.26 41.35 -31.74
C MET C 853 -2.42 41.71 -30.84
N ILE C 854 -2.25 41.63 -29.51
CA ILE C 854 -3.24 42.17 -28.59
C ILE C 854 -3.25 43.68 -28.64
N ALA C 855 -2.06 44.28 -28.77
CA ALA C 855 -1.97 45.74 -28.84
C ALA C 855 -2.54 46.29 -30.14
N GLN C 856 -2.64 45.46 -31.18
CA GLN C 856 -3.30 45.92 -32.41
C GLN C 856 -4.81 45.92 -32.25
N TYR C 857 -5.35 44.98 -31.47
CA TYR C 857 -6.75 45.05 -31.05
C TYR C 857 -7.02 46.27 -30.19
N THR C 858 -6.13 46.53 -29.22
CA THR C 858 -6.33 47.65 -28.31
C THR C 858 -6.19 48.98 -29.03
N SER C 859 -5.32 49.03 -30.05
CA SER C 859 -5.26 50.21 -30.92
C SER C 859 -6.49 50.33 -31.78
N ALA C 860 -7.11 49.19 -32.14
CA ALA C 860 -8.32 49.23 -32.96
C ALA C 860 -9.52 49.70 -32.16
N LEU C 861 -9.57 49.33 -30.88
CA LEU C 861 -10.66 49.81 -30.03
C LEU C 861 -10.52 51.29 -29.73
N LEU C 862 -9.29 51.79 -29.58
CA LEU C 862 -9.08 53.19 -29.30
C LEU C 862 -9.37 54.06 -30.51
N ALA C 863 -9.01 53.60 -31.71
CA ALA C 863 -9.25 54.36 -32.92
C ALA C 863 -10.72 54.41 -33.29
N GLY C 864 -11.52 53.46 -32.81
CA GLY C 864 -12.95 53.48 -33.07
C GLY C 864 -13.69 54.39 -32.12
N THR C 865 -13.37 54.32 -30.83
CA THR C 865 -14.10 55.12 -29.84
C THR C 865 -13.69 56.58 -29.86
N ILE C 866 -12.63 56.94 -30.58
CA ILE C 866 -12.25 58.33 -30.72
C ILE C 866 -12.84 58.94 -31.98
N THR C 867 -12.67 58.26 -33.11
CA THR C 867 -13.10 58.78 -34.40
C THR C 867 -14.55 58.47 -34.74
N SER C 868 -15.23 57.61 -33.96
CA SER C 868 -16.59 57.24 -34.30
C SER C 868 -17.55 57.13 -33.13
N GLY C 869 -17.11 57.39 -31.90
CA GLY C 869 -18.02 57.32 -30.77
C GLY C 869 -18.37 55.89 -30.41
N TRP C 870 -19.65 55.65 -30.12
CA TRP C 870 -20.14 54.31 -29.83
C TRP C 870 -20.70 53.61 -31.04
N THR C 871 -20.77 54.29 -32.16
CA THR C 871 -21.41 53.75 -33.34
C THR C 871 -20.74 52.49 -33.80
N PHE C 872 -19.43 52.39 -33.79
CA PHE C 872 -18.72 51.26 -34.37
C PHE C 872 -18.98 49.96 -33.62
N GLY C 873 -19.46 50.03 -32.39
CA GLY C 873 -19.82 48.85 -31.63
C GLY C 873 -21.25 48.39 -31.83
N ALA C 874 -21.95 48.90 -32.81
CA ALA C 874 -23.37 48.57 -32.97
C ALA C 874 -23.75 48.64 -34.43
N GLY C 875 -22.79 48.57 -35.33
CA GLY C 875 -23.11 48.78 -36.74
C GLY C 875 -21.92 49.33 -37.47
N PRO C 876 -22.10 49.96 -38.63
CA PRO C 876 -21.00 50.57 -39.31
C PRO C 876 -20.43 51.71 -38.48
N ALA C 877 -19.12 51.92 -38.50
CA ALA C 877 -18.55 53.05 -37.75
C ALA C 877 -18.89 54.31 -38.49
N LEU C 878 -19.49 55.26 -37.80
CA LEU C 878 -19.92 56.49 -38.45
C LEU C 878 -19.08 57.54 -37.81
N GLN C 879 -18.39 58.37 -38.57
CA GLN C 879 -17.45 59.34 -38.01
C GLN C 879 -18.21 60.51 -37.37
N ILE C 880 -17.56 61.11 -36.37
CA ILE C 880 -18.08 62.27 -35.66
C ILE C 880 -16.87 62.96 -35.03
N PRO C 881 -16.94 64.33 -34.96
CA PRO C 881 -15.95 65.10 -34.26
C PRO C 881 -15.91 64.89 -32.75
N PHE C 882 -14.74 64.70 -32.15
CA PHE C 882 -14.64 64.35 -30.72
C PHE C 882 -15.22 65.43 -29.86
N PRO C 883 -15.02 66.73 -30.07
CA PRO C 883 -15.63 67.66 -29.17
C PRO C 883 -17.14 67.40 -29.10
N MET C 884 -17.80 66.89 -30.14
CA MET C 884 -19.25 66.64 -30.21
C MET C 884 -19.65 65.25 -29.74
N GLN C 885 -18.78 64.26 -29.75
CA GLN C 885 -19.06 62.93 -29.16
C GLN C 885 -19.07 63.14 -27.67
N MET C 886 -18.18 63.97 -27.14
CA MET C 886 -18.15 64.28 -25.69
C MET C 886 -19.45 64.94 -25.24
N ALA C 887 -20.12 65.76 -26.02
CA ALA C 887 -21.46 66.26 -25.69
C ALA C 887 -22.52 65.15 -25.83
N TYR C 888 -22.49 64.28 -26.83
CA TYR C 888 -23.38 63.12 -26.75
C TYR C 888 -23.28 62.47 -25.38
N ARG C 889 -22.05 62.39 -24.84
CA ARG C 889 -21.85 61.77 -23.54
C ARG C 889 -22.38 62.64 -22.42
N PHE C 890 -22.29 63.96 -22.57
CA PHE C 890 -22.79 64.86 -21.53
C PHE C 890 -24.31 64.85 -21.46
N ASN C 891 -24.98 64.68 -22.60
CA ASN C 891 -26.43 64.55 -22.58
C ASN C 891 -26.87 63.23 -21.98
N GLY C 892 -26.01 62.22 -22.01
CA GLY C 892 -26.35 60.95 -21.38
C GLY C 892 -26.35 61.04 -19.86
N ILE C 893 -25.50 61.89 -19.30
CA ILE C 893 -25.45 62.06 -17.84
C ILE C 893 -26.71 62.77 -17.35
N GLY C 894 -27.10 63.83 -18.02
CA GLY C 894 -28.26 64.60 -17.60
C GLY C 894 -28.09 66.09 -17.79
N VAL C 895 -26.84 66.56 -17.79
CA VAL C 895 -26.60 67.97 -18.10
C VAL C 895 -26.81 68.20 -19.58
N THR C 896 -27.17 69.42 -19.94
CA THR C 896 -27.34 69.76 -21.34
C THR C 896 -25.99 69.88 -22.01
N GLN C 897 -26.01 69.90 -23.34
CA GLN C 897 -24.77 69.93 -24.11
C GLN C 897 -24.16 71.32 -24.21
N ASN C 898 -24.85 72.35 -23.72
CA ASN C 898 -24.29 73.70 -23.80
C ASN C 898 -23.14 73.91 -22.82
N VAL C 899 -23.13 73.16 -21.72
CA VAL C 899 -22.08 73.34 -20.72
C VAL C 899 -20.76 72.70 -21.14
N LEU C 900 -20.69 71.86 -22.16
CA LEU C 900 -19.38 71.31 -22.62
C LEU C 900 -18.73 72.27 -23.59
N TYR C 901 -19.49 73.02 -24.33
CA TYR C 901 -18.91 73.86 -25.38
C TYR C 901 -18.34 75.12 -24.74
N GLU C 902 -19.02 75.80 -23.83
CA GLU C 902 -18.56 76.97 -23.11
C GLU C 902 -17.57 76.63 -22.00
N ASN C 903 -17.26 75.34 -21.82
CA ASN C 903 -16.19 74.93 -20.93
C ASN C 903 -15.23 73.97 -21.63
N GLN C 904 -15.14 73.97 -22.94
CA GLN C 904 -14.31 72.96 -23.63
C GLN C 904 -12.85 73.25 -23.44
N LYS C 905 -12.42 74.52 -23.35
CA LYS C 905 -11.02 74.78 -23.07
C LYS C 905 -10.67 74.34 -21.65
N LEU C 906 -11.61 74.45 -20.72
CA LEU C 906 -11.36 73.98 -19.36
C LEU C 906 -11.36 72.47 -19.29
N ILE C 907 -12.30 71.82 -19.98
CA ILE C 907 -12.49 70.37 -19.90
C ILE C 907 -11.31 69.64 -20.52
N ALA C 908 -10.86 70.10 -21.69
CA ALA C 908 -9.75 69.45 -22.39
C ALA C 908 -8.44 69.59 -21.61
N ASN C 909 -8.20 70.75 -21.00
CA ASN C 909 -7.01 70.93 -20.19
C ASN C 909 -7.08 70.12 -18.91
N GLN C 910 -8.29 69.96 -18.36
CA GLN C 910 -8.44 69.22 -17.11
C GLN C 910 -8.38 67.72 -17.37
N PHE C 911 -8.84 67.28 -18.53
CA PHE C 911 -8.71 65.87 -18.90
C PHE C 911 -7.27 65.50 -19.16
N ASN C 912 -6.50 66.40 -19.79
CA ASN C 912 -5.10 66.14 -20.08
C ASN C 912 -4.27 66.09 -18.81
N SER C 913 -4.67 66.86 -17.80
CA SER C 913 -4.00 66.79 -16.50
C SER C 913 -4.31 65.48 -15.79
N ALA C 914 -5.53 64.96 -15.98
CA ALA C 914 -5.94 63.75 -15.28
C ALA C 914 -5.30 62.51 -15.89
N ILE C 915 -5.12 62.49 -17.20
CA ILE C 915 -4.57 61.31 -17.85
C ILE C 915 -3.05 61.26 -17.67
N GLY C 916 -2.44 62.42 -17.39
CA GLY C 916 -1.01 62.44 -17.15
C GLY C 916 -0.62 61.80 -15.82
N LYS C 917 -1.51 61.90 -14.83
CA LYS C 917 -1.23 61.31 -13.52
C LYS C 917 -1.44 59.80 -13.48
N ILE C 918 -2.01 59.21 -14.53
CA ILE C 918 -2.20 57.77 -14.57
C ILE C 918 -0.85 57.06 -14.72
N GLN C 919 0.05 57.64 -15.50
CA GLN C 919 1.40 57.09 -15.63
C GLN C 919 2.17 57.22 -14.32
N ASP C 920 1.91 58.28 -13.56
CA ASP C 920 2.54 58.43 -12.25
C ASP C 920 1.95 57.43 -11.26
N SER C 921 0.63 57.22 -11.29
CA SER C 921 -0.04 56.40 -10.28
C SER C 921 0.29 54.93 -10.45
N LEU C 922 0.45 54.47 -11.69
CA LEU C 922 0.78 53.07 -11.93
C LEU C 922 2.24 52.77 -11.64
N SER C 923 3.09 53.80 -11.58
CA SER C 923 4.53 53.61 -11.43
C SER C 923 5.07 53.98 -10.06
N SER C 924 4.51 55.03 -9.49
CA SER C 924 4.96 55.43 -8.14
C SER C 924 4.18 54.53 -7.22
N THR C 925 3.40 53.64 -7.80
CA THR C 925 2.77 52.61 -6.94
C THR C 925 3.17 51.27 -7.59
N PRO C 926 4.13 50.52 -7.02
CA PRO C 926 4.62 49.27 -7.63
C PRO C 926 3.65 48.08 -7.51
N SER C 927 2.63 48.20 -6.66
CA SER C 927 1.64 47.12 -6.46
C SER C 927 0.29 47.58 -6.98
N ALA C 928 0.24 48.64 -7.78
CA ALA C 928 -1.10 48.97 -8.31
C ALA C 928 -1.43 47.79 -9.19
N LEU C 929 -0.38 47.25 -9.79
CA LEU C 929 -0.60 46.04 -10.57
C LEU C 929 -0.65 44.79 -9.71
N GLY C 930 -1.21 44.90 -8.50
CA GLY C 930 -1.20 43.78 -7.59
C GLY C 930 -2.18 42.68 -7.96
N LYS C 931 -3.17 43.00 -8.79
CA LYS C 931 -4.12 41.98 -9.21
C LYS C 931 -3.54 41.06 -10.29
N LEU C 932 -2.51 41.51 -10.98
CA LEU C 932 -1.93 40.74 -12.07
C LEU C 932 -0.67 39.99 -11.65
N GLN C 933 0.09 40.50 -10.71
CA GLN C 933 1.26 39.71 -10.38
C GLN C 933 0.80 38.45 -9.66
N ASP C 934 -0.08 38.53 -8.66
CA ASP C 934 -0.36 37.30 -7.92
C ASP C 934 -1.04 36.24 -8.77
N VAL C 935 -1.48 36.57 -9.99
CA VAL C 935 -1.96 35.54 -10.90
C VAL C 935 -0.81 34.68 -11.38
N VAL C 936 0.30 35.30 -11.79
CA VAL C 936 1.44 34.51 -12.25
C VAL C 936 2.22 33.97 -11.06
N ASN C 937 2.09 34.59 -9.88
CA ASN C 937 2.76 34.06 -8.69
C ASN C 937 2.07 32.81 -8.17
N HIS C 938 0.75 32.72 -8.33
CA HIS C 938 0.02 31.53 -7.91
C HIS C 938 0.33 30.35 -8.82
N ASN C 939 0.53 30.62 -10.12
CA ASN C 939 0.89 29.55 -11.04
C ASN C 939 2.34 29.12 -10.85
N ALA C 940 3.21 30.05 -10.46
CA ALA C 940 4.60 29.69 -10.20
C ALA C 940 4.74 28.87 -8.93
N GLN C 941 3.91 29.16 -7.91
CA GLN C 941 3.93 28.38 -6.68
C GLN C 941 3.35 26.99 -6.91
N ALA C 942 2.39 26.87 -7.83
CA ALA C 942 1.83 25.56 -8.15
C ALA C 942 2.85 24.71 -8.89
N LEU C 943 3.65 25.33 -9.76
CA LEU C 943 4.66 24.59 -10.50
C LEU C 943 5.85 24.24 -9.61
N ASN C 944 6.19 25.11 -8.65
CA ASN C 944 7.33 24.86 -7.79
C ASN C 944 7.07 23.72 -6.82
N THR C 945 5.85 23.66 -6.27
CA THR C 945 5.52 22.56 -5.36
C THR C 945 5.27 21.26 -6.10
N LEU C 946 4.99 21.32 -7.40
CA LEU C 946 4.78 20.10 -8.16
C LEU C 946 6.09 19.39 -8.46
N VAL C 947 7.15 20.15 -8.74
CA VAL C 947 8.44 19.54 -9.07
C VAL C 947 9.27 19.24 -7.81
N LYS C 948 8.90 19.82 -6.67
CA LYS C 948 9.59 19.51 -5.42
C LYS C 948 9.02 18.30 -4.73
N GLN C 949 7.76 17.95 -5.00
CA GLN C 949 7.10 16.89 -4.26
C GLN C 949 7.50 15.51 -4.81
N LEU C 950 8.07 15.47 -6.01
CA LEU C 950 8.62 14.22 -6.53
C LEU C 950 9.91 13.81 -5.82
N SER C 951 10.54 14.72 -5.07
CA SER C 951 11.70 14.39 -4.24
C SER C 951 11.29 13.96 -2.84
N SER C 952 10.08 13.46 -2.67
CA SER C 952 9.60 12.97 -1.39
C SER C 952 9.40 11.46 -1.45
N LYS C 953 9.66 10.80 -0.33
CA LYS C 953 9.66 9.34 -0.30
C LYS C 953 8.24 8.77 -0.34
N PHE C 954 7.31 9.40 0.39
CA PHE C 954 5.98 8.86 0.69
C PHE C 954 6.07 7.46 1.29
N GLY C 955 7.05 7.27 2.18
CA GLY C 955 7.28 5.99 2.82
C GLY C 955 8.25 5.08 2.11
N ALA C 956 8.66 5.41 0.89
CA ALA C 956 9.59 4.56 0.16
C ALA C 956 11.01 4.73 0.70
N ILE C 957 11.87 3.76 0.36
CA ILE C 957 13.23 3.77 0.89
C ILE C 957 14.08 4.82 0.18
N SER C 958 13.70 5.22 -1.04
CA SER C 958 14.42 6.26 -1.77
C SER C 958 13.48 6.87 -2.80
N SER C 959 13.68 8.16 -3.08
CA SER C 959 12.87 8.83 -4.08
C SER C 959 13.28 8.43 -5.49
N VAL C 960 14.57 8.12 -5.69
CA VAL C 960 15.05 7.79 -7.02
C VAL C 960 14.64 6.37 -7.40
N LEU C 961 14.79 6.06 -8.69
CA LEU C 961 14.32 4.81 -9.27
C LEU C 961 15.44 3.85 -9.64
N ASN C 962 16.60 4.37 -10.03
CA ASN C 962 17.72 3.48 -10.38
C ASN C 962 18.33 2.86 -9.14
N ASP C 963 18.22 3.53 -7.99
CA ASP C 963 18.74 3.00 -6.73
C ASP C 963 17.68 2.26 -5.93
N ILE C 964 16.46 2.13 -6.46
CA ILE C 964 15.42 1.31 -5.85
C ILE C 964 15.16 0.04 -6.64
N PHE C 965 15.66 -0.05 -7.88
CA PHE C 965 15.56 -1.27 -8.66
C PHE C 965 16.80 -2.14 -8.54
N SER C 966 17.99 -1.54 -8.57
CA SER C 966 19.23 -2.30 -8.43
C SER C 966 19.55 -2.68 -6.99
N ARG C 967 18.86 -2.09 -6.02
CA ARG C 967 19.07 -2.40 -4.62
C ARG C 967 17.93 -3.23 -4.03
N LEU C 968 17.05 -3.81 -4.85
CA LEU C 968 15.93 -4.54 -4.19
C LEU C 968 15.49 -5.72 -5.05
N ASP C 969 14.44 -6.43 -4.62
CA ASP C 969 14.03 -7.68 -5.33
C ASP C 969 12.73 -7.44 -6.06
N PRO C 970 12.51 -8.06 -7.23
CA PRO C 970 11.34 -7.74 -8.02
C PRO C 970 9.99 -7.85 -7.31
N PRO C 971 9.67 -8.86 -6.48
CA PRO C 971 8.40 -8.85 -5.78
C PRO C 971 8.29 -7.68 -4.81
N GLU C 972 9.35 -7.45 -4.03
CA GLU C 972 9.32 -6.36 -3.01
C GLU C 972 9.25 -4.98 -3.67
N ALA C 973 9.96 -4.76 -4.76
CA ALA C 973 10.01 -3.40 -5.35
C ALA C 973 8.60 -3.02 -5.73
N GLU C 974 7.83 -3.93 -6.31
CA GLU C 974 6.48 -3.56 -6.78
C GLU C 974 5.64 -2.99 -5.64
N VAL C 975 5.73 -3.54 -4.43
CA VAL C 975 4.94 -2.93 -3.35
C VAL C 975 5.74 -1.79 -2.71
N GLN C 976 7.07 -1.81 -2.85
CA GLN C 976 7.88 -0.67 -2.40
C GLN C 976 7.67 0.53 -3.30
N ILE C 977 7.57 0.32 -4.61
CA ILE C 977 7.32 1.40 -5.55
C ILE C 977 5.84 1.72 -5.68
N ASP C 978 4.97 0.91 -5.06
CA ASP C 978 3.53 1.13 -5.15
C ASP C 978 3.11 2.41 -4.47
N ARG C 979 3.78 2.77 -3.37
CA ARG C 979 3.49 4.05 -2.72
C ARG C 979 4.10 5.23 -3.44
N LEU C 980 5.01 4.99 -4.39
CA LEU C 980 5.65 6.06 -5.16
C LEU C 980 4.94 6.32 -6.47
N ILE C 981 4.36 5.29 -7.09
CA ILE C 981 3.60 5.50 -8.33
C ILE C 981 2.31 6.23 -8.03
N THR C 982 1.70 5.98 -6.86
CA THR C 982 0.50 6.72 -6.47
C THR C 982 0.81 7.92 -5.60
N GLY C 983 2.05 8.06 -5.11
CA GLY C 983 2.42 9.26 -4.39
C GLY C 983 2.49 10.47 -5.30
N ARG C 984 3.06 10.29 -6.50
CA ARG C 984 3.07 11.35 -7.49
C ARG C 984 1.79 11.41 -8.30
N LEU C 985 0.97 10.35 -8.28
CA LEU C 985 -0.30 10.38 -8.98
C LEU C 985 -1.31 11.24 -8.23
N GLN C 986 -1.27 11.21 -6.90
CA GLN C 986 -2.05 12.15 -6.10
C GLN C 986 -1.39 13.53 -6.04
N SER C 987 -0.15 13.65 -6.48
CA SER C 987 0.46 14.97 -6.61
C SER C 987 -0.05 15.69 -7.84
N LEU C 988 -0.30 14.94 -8.91
CA LEU C 988 -0.84 15.54 -10.13
C LEU C 988 -2.33 15.79 -10.03
N GLN C 989 -3.05 14.95 -9.29
CA GLN C 989 -4.50 15.11 -9.16
C GLN C 989 -4.84 16.37 -8.36
N THR C 990 -3.98 16.74 -7.41
CA THR C 990 -4.17 17.99 -6.69
C THR C 990 -3.90 19.19 -7.58
N TYR C 991 -2.90 19.09 -8.46
CA TYR C 991 -2.51 20.21 -9.30
C TYR C 991 -3.57 20.52 -10.35
N VAL C 992 -4.13 19.47 -10.96
CA VAL C 992 -5.15 19.67 -11.99
C VAL C 992 -6.43 20.21 -11.37
N THR C 993 -6.80 19.71 -10.19
CA THR C 993 -7.98 20.21 -9.49
C THR C 993 -7.80 21.66 -9.05
N GLN C 994 -6.61 22.00 -8.56
CA GLN C 994 -6.35 23.39 -8.17
C GLN C 994 -6.24 24.31 -9.37
N GLN C 995 -5.81 23.79 -10.53
CA GLN C 995 -5.81 24.60 -11.73
C GLN C 995 -7.22 24.78 -12.29
N LEU C 996 -8.11 23.81 -12.05
CA LEU C 996 -9.48 23.93 -12.52
C LEU C 996 -10.27 24.92 -11.67
N ILE C 997 -9.93 25.05 -10.39
CA ILE C 997 -10.49 26.11 -9.56
C ILE C 997 -10.04 27.47 -10.08
N ARG C 998 -8.75 27.59 -10.40
CA ARG C 998 -8.20 28.86 -10.85
C ARG C 998 -8.72 29.24 -12.22
N ALA C 999 -8.95 28.26 -13.09
CA ALA C 999 -9.47 28.55 -14.42
C ALA C 999 -10.91 29.02 -14.37
N ALA C 1000 -11.65 28.62 -13.33
CA ALA C 1000 -13.01 29.10 -13.15
C ALA C 1000 -13.03 30.55 -12.70
N GLU C 1001 -12.06 30.96 -11.87
CA GLU C 1001 -12.04 32.33 -11.37
C GLU C 1001 -11.34 33.30 -12.30
N ILE C 1002 -10.60 32.81 -13.30
CA ILE C 1002 -10.08 33.68 -14.35
C ILE C 1002 -11.13 33.89 -15.44
N ARG C 1003 -11.87 32.84 -15.78
CA ARG C 1003 -12.98 32.97 -16.72
C ARG C 1003 -14.07 33.88 -16.18
N ALA C 1004 -14.34 33.81 -14.87
CA ALA C 1004 -15.31 34.70 -14.25
C ALA C 1004 -14.83 36.14 -14.24
N SER C 1005 -13.52 36.36 -14.30
CA SER C 1005 -12.98 37.70 -14.48
C SER C 1005 -12.80 38.06 -15.95
N ALA C 1006 -12.57 37.06 -16.81
CA ALA C 1006 -12.50 37.34 -18.25
C ALA C 1006 -13.87 37.64 -18.81
N ASN C 1007 -14.92 37.03 -18.26
CA ASN C 1007 -16.28 37.39 -18.66
C ASN C 1007 -16.68 38.76 -18.10
N LEU C 1008 -16.09 39.17 -16.98
CA LEU C 1008 -16.32 40.51 -16.48
C LEU C 1008 -15.65 41.55 -17.36
N ALA C 1009 -14.42 41.28 -17.80
CA ALA C 1009 -13.69 42.23 -18.63
C ALA C 1009 -14.29 42.32 -20.04
N ALA C 1010 -14.91 41.24 -20.50
CA ALA C 1010 -15.64 41.29 -21.76
C ALA C 1010 -16.89 42.14 -21.63
N THR C 1011 -17.51 42.14 -20.44
CA THR C 1011 -18.66 42.98 -20.21
C THR C 1011 -18.27 44.45 -20.02
N LYS C 1012 -17.09 44.69 -19.46
CA LYS C 1012 -16.58 46.06 -19.36
C LYS C 1012 -16.30 46.65 -20.73
N MET C 1013 -15.69 45.87 -21.62
CA MET C 1013 -15.33 46.39 -22.93
C MET C 1013 -16.55 46.55 -23.82
N SER C 1014 -17.55 45.70 -23.63
CA SER C 1014 -18.76 45.81 -24.44
C SER C 1014 -19.63 46.99 -24.01
N GLU C 1015 -19.54 47.42 -22.76
CA GLU C 1015 -20.45 48.43 -22.24
C GLU C 1015 -19.77 49.75 -21.91
N CYS C 1016 -18.63 49.73 -21.21
CA CYS C 1016 -17.96 50.98 -20.89
C CYS C 1016 -17.22 51.54 -22.10
N VAL C 1017 -16.69 50.68 -22.97
CA VAL C 1017 -15.86 51.13 -24.07
C VAL C 1017 -16.71 51.35 -25.32
N LEU C 1018 -17.53 50.36 -25.69
CA LEU C 1018 -18.38 50.46 -26.87
C LEU C 1018 -19.64 51.29 -26.65
N GLY C 1019 -19.76 51.96 -25.51
CA GLY C 1019 -20.93 52.77 -25.26
C GLY C 1019 -20.79 53.50 -23.94
N GLN C 1020 -21.87 54.13 -23.53
CA GLN C 1020 -21.92 54.83 -22.25
C GLN C 1020 -22.84 54.06 -21.31
N SER C 1021 -22.33 53.76 -20.13
CA SER C 1021 -23.03 52.87 -19.20
C SER C 1021 -23.84 53.69 -18.20
N LYS C 1022 -25.12 53.36 -18.07
CA LYS C 1022 -25.98 53.96 -17.07
C LYS C 1022 -25.85 53.29 -15.70
N ARG C 1023 -25.20 52.13 -15.64
CA ARG C 1023 -25.02 51.40 -14.40
C ARG C 1023 -24.03 52.15 -13.53
N VAL C 1024 -24.52 52.75 -12.44
CA VAL C 1024 -23.68 53.59 -11.61
C VAL C 1024 -22.75 52.71 -10.77
N ASP C 1025 -21.51 53.19 -10.57
CA ASP C 1025 -20.41 52.49 -9.90
C ASP C 1025 -20.08 51.16 -10.59
N PHE C 1026 -20.14 51.14 -11.92
CA PHE C 1026 -19.71 49.99 -12.71
C PHE C 1026 -18.46 50.30 -13.51
N CYS C 1027 -18.44 51.44 -14.20
CA CYS C 1027 -17.30 51.91 -14.97
C CYS C 1027 -16.70 53.17 -14.36
N GLY C 1028 -16.52 53.17 -13.03
CA GLY C 1028 -15.86 54.27 -12.37
C GLY C 1028 -16.70 54.96 -11.32
N LYS C 1029 -16.05 55.65 -10.39
CA LYS C 1029 -16.76 56.39 -9.35
C LYS C 1029 -17.14 57.76 -9.89
N GLY C 1030 -18.43 57.95 -10.16
CA GLY C 1030 -18.95 59.16 -10.75
C GLY C 1030 -19.86 58.79 -11.91
N TYR C 1031 -20.19 59.78 -12.73
CA TYR C 1031 -21.00 59.56 -13.91
C TYR C 1031 -20.08 59.20 -15.07
N HIS C 1032 -20.31 58.05 -15.68
CA HIS C 1032 -19.40 57.53 -16.69
C HIS C 1032 -19.53 58.32 -17.99
N LEU C 1033 -18.40 58.69 -18.57
CA LEU C 1033 -18.35 59.40 -19.83
C LEU C 1033 -17.81 58.52 -20.96
N MET C 1034 -16.61 57.99 -20.80
CA MET C 1034 -16.04 57.04 -21.74
C MET C 1034 -14.96 56.25 -21.03
N SER C 1035 -14.52 55.18 -21.68
CA SER C 1035 -13.44 54.35 -21.15
C SER C 1035 -12.46 54.03 -22.27
N PHE C 1036 -11.21 53.83 -21.90
CA PHE C 1036 -10.13 53.55 -22.85
C PHE C 1036 -9.44 52.25 -22.46
N PRO C 1037 -9.46 51.23 -23.30
CA PRO C 1037 -8.75 49.99 -22.96
C PRO C 1037 -7.25 50.15 -23.12
N GLN C 1038 -6.51 49.46 -22.27
CA GLN C 1038 -5.06 49.36 -22.38
C GLN C 1038 -4.67 47.93 -22.06
N SER C 1039 -3.85 47.33 -22.91
CA SER C 1039 -3.47 45.95 -22.69
C SER C 1039 -2.44 45.84 -21.57
N ALA C 1040 -2.27 44.63 -21.07
CA ALA C 1040 -1.35 44.34 -19.97
C ALA C 1040 -0.95 42.88 -20.08
N PRO C 1041 0.15 42.47 -19.47
CA PRO C 1041 0.50 41.04 -19.44
C PRO C 1041 -0.53 40.22 -18.67
N HIS C 1042 -1.20 39.32 -19.41
CA HIS C 1042 -2.23 38.41 -18.90
C HIS C 1042 -3.40 39.15 -18.26
N GLY C 1043 -3.79 40.27 -18.86
CA GLY C 1043 -4.89 41.05 -18.31
C GLY C 1043 -5.22 42.22 -19.21
N VAL C 1044 -6.10 43.08 -18.70
CA VAL C 1044 -6.52 44.29 -19.39
C VAL C 1044 -6.66 45.40 -18.37
N VAL C 1045 -6.36 46.63 -18.78
CA VAL C 1045 -6.41 47.80 -17.92
C VAL C 1045 -7.32 48.82 -18.58
N PHE C 1046 -8.31 49.30 -17.85
CA PHE C 1046 -9.21 50.33 -18.35
C PHE C 1046 -8.86 51.68 -17.75
N LEU C 1047 -9.26 52.74 -18.46
CA LEU C 1047 -9.15 54.11 -17.97
C LEU C 1047 -10.54 54.72 -18.00
N HIS C 1048 -11.22 54.65 -16.87
CA HIS C 1048 -12.60 55.12 -16.77
C HIS C 1048 -12.61 56.64 -16.62
N VAL C 1049 -13.03 57.34 -17.65
CA VAL C 1049 -13.18 58.79 -17.60
C VAL C 1049 -14.55 59.09 -17.03
N THR C 1050 -14.58 59.58 -15.80
CA THR C 1050 -15.83 59.82 -15.09
C THR C 1050 -16.15 61.31 -15.08
N TYR C 1051 -17.20 61.67 -14.35
CA TYR C 1051 -17.65 63.07 -14.25
C TYR C 1051 -18.10 63.28 -12.81
N VAL C 1052 -17.32 64.02 -12.05
CA VAL C 1052 -17.57 64.22 -10.62
C VAL C 1052 -17.93 65.69 -10.41
N PRO C 1053 -19.12 66.00 -9.90
CA PRO C 1053 -19.41 67.39 -9.51
C PRO C 1053 -18.60 67.79 -8.29
N ALA C 1054 -17.98 68.97 -8.37
CA ALA C 1054 -16.92 69.32 -7.41
C ALA C 1054 -17.43 70.14 -6.23
N GLN C 1055 -17.94 71.34 -6.49
CA GLN C 1055 -18.30 72.28 -5.44
C GLN C 1055 -19.73 72.75 -5.62
N GLU C 1056 -20.44 72.88 -4.51
CA GLU C 1056 -21.88 73.10 -4.54
C GLU C 1056 -22.27 74.24 -3.61
N LYS C 1057 -23.44 74.81 -3.88
CA LYS C 1057 -24.03 75.85 -3.06
C LYS C 1057 -25.45 75.42 -2.68
N ASN C 1058 -25.86 75.76 -1.46
CA ASN C 1058 -27.23 75.44 -1.06
C ASN C 1058 -28.21 76.38 -1.73
N PHE C 1059 -29.42 75.87 -1.97
CA PHE C 1059 -30.49 76.69 -2.52
C PHE C 1059 -31.79 76.29 -1.85
N THR C 1060 -32.72 77.24 -1.82
CA THR C 1060 -34.07 76.98 -1.33
C THR C 1060 -34.92 76.49 -2.50
N THR C 1061 -35.58 75.36 -2.33
CA THR C 1061 -36.29 74.70 -3.42
C THR C 1061 -37.77 74.57 -3.10
N ALA C 1062 -38.55 74.39 -4.16
CA ALA C 1062 -39.98 74.14 -4.07
C ALA C 1062 -40.35 73.04 -5.05
N PRO C 1063 -41.39 72.25 -4.74
CA PRO C 1063 -41.85 71.25 -5.72
C PRO C 1063 -42.46 71.88 -6.96
N ALA C 1064 -43.40 72.81 -6.79
CA ALA C 1064 -44.01 73.49 -7.92
C ALA C 1064 -44.47 74.86 -7.47
N ILE C 1065 -44.69 75.73 -8.45
CA ILE C 1065 -45.19 77.08 -8.20
C ILE C 1065 -46.57 77.19 -8.85
N CYS C 1066 -47.38 78.13 -8.36
CA CYS C 1066 -48.71 78.37 -8.87
C CYS C 1066 -48.85 79.86 -9.20
N HIS C 1067 -49.19 80.16 -10.46
CA HIS C 1067 -49.30 81.53 -10.90
C HIS C 1067 -50.73 81.90 -11.29
N ASP C 1068 -51.30 81.23 -12.28
CA ASP C 1068 -52.67 81.51 -12.71
C ASP C 1068 -53.67 80.56 -12.08
N GLY C 1069 -53.61 80.40 -10.76
CA GLY C 1069 -54.48 79.47 -10.06
C GLY C 1069 -54.28 78.02 -10.43
N LYS C 1070 -53.05 77.65 -10.81
CA LYS C 1070 -52.76 76.29 -11.25
C LYS C 1070 -51.27 76.03 -11.05
N ALA C 1071 -50.95 74.81 -10.61
CA ALA C 1071 -49.57 74.46 -10.30
C ALA C 1071 -48.75 74.26 -11.55
N HIS C 1072 -47.47 74.63 -11.48
CA HIS C 1072 -46.54 74.51 -12.59
C HIS C 1072 -45.35 73.69 -12.15
N PHE C 1073 -45.29 72.44 -12.59
CA PHE C 1073 -44.19 71.52 -12.38
C PHE C 1073 -43.15 71.69 -13.47
N PRO C 1074 -41.85 71.54 -13.17
CA PRO C 1074 -40.83 71.71 -14.20
C PRO C 1074 -40.83 70.56 -15.20
N ARG C 1075 -40.44 70.89 -16.43
CA ARG C 1075 -40.42 69.87 -17.48
C ARG C 1075 -39.27 68.90 -17.27
N GLU C 1076 -38.04 69.39 -17.39
CA GLU C 1076 -36.82 68.65 -17.05
C GLU C 1076 -35.94 69.63 -16.29
N GLY C 1077 -36.07 69.64 -14.96
CA GLY C 1077 -35.31 70.60 -14.18
C GLY C 1077 -35.71 70.57 -12.72
N VAL C 1078 -35.45 71.70 -12.06
CA VAL C 1078 -35.58 71.83 -10.61
C VAL C 1078 -35.72 73.31 -10.27
N PHE C 1079 -36.61 73.63 -9.34
CA PHE C 1079 -36.86 75.00 -8.93
C PHE C 1079 -35.92 75.37 -7.79
N VAL C 1080 -35.16 76.45 -7.95
CA VAL C 1080 -34.26 76.96 -6.93
C VAL C 1080 -34.43 78.47 -6.81
N SER C 1081 -34.05 78.99 -5.64
CA SER C 1081 -34.09 80.43 -5.39
C SER C 1081 -32.83 80.85 -4.68
N ASN C 1082 -32.32 82.02 -5.04
CA ASN C 1082 -31.11 82.57 -4.42
C ASN C 1082 -31.43 83.53 -3.28
N GLY C 1083 -32.64 83.46 -2.72
CA GLY C 1083 -33.02 84.32 -1.61
C GLY C 1083 -34.06 85.33 -1.99
N THR C 1084 -33.96 85.90 -3.20
CA THR C 1084 -34.88 86.92 -3.65
C THR C 1084 -36.05 86.34 -4.43
N HIS C 1085 -35.76 85.65 -5.54
CA HIS C 1085 -36.80 85.07 -6.37
C HIS C 1085 -36.28 83.75 -6.94
N TRP C 1086 -37.17 83.06 -7.68
CA TRP C 1086 -36.96 81.67 -8.02
C TRP C 1086 -36.39 81.52 -9.44
N PHE C 1087 -35.83 80.33 -9.70
CA PHE C 1087 -35.20 80.02 -10.96
C PHE C 1087 -35.34 78.53 -11.23
N VAL C 1088 -35.20 78.16 -12.51
CA VAL C 1088 -35.20 76.77 -12.93
C VAL C 1088 -33.85 76.46 -13.56
N THR C 1089 -33.31 75.28 -13.25
CA THR C 1089 -31.99 74.90 -13.72
C THR C 1089 -31.91 73.40 -13.87
N GLN C 1090 -30.76 72.92 -14.32
CA GLN C 1090 -30.53 71.49 -14.40
C GLN C 1090 -30.22 70.93 -13.02
N ARG C 1091 -30.32 69.60 -12.91
CA ARG C 1091 -30.10 68.97 -11.61
C ARG C 1091 -28.62 68.92 -11.25
N ASN C 1092 -27.76 68.63 -12.22
CA ASN C 1092 -26.35 68.37 -11.95
C ASN C 1092 -25.45 69.57 -12.26
N PHE C 1093 -26.02 70.72 -12.60
CA PHE C 1093 -25.22 71.89 -12.91
C PHE C 1093 -26.07 73.13 -12.64
N TYR C 1094 -25.42 74.22 -12.23
CA TYR C 1094 -26.12 75.45 -11.91
C TYR C 1094 -26.17 76.33 -13.15
N GLU C 1095 -27.27 76.23 -13.89
CA GLU C 1095 -27.54 77.08 -15.05
C GLU C 1095 -28.96 77.61 -14.90
N PRO C 1096 -29.14 78.69 -14.13
CA PRO C 1096 -30.49 79.18 -13.85
C PRO C 1096 -31.14 79.80 -15.07
N GLN C 1097 -32.47 79.70 -15.11
CA GLN C 1097 -33.25 80.24 -16.22
C GLN C 1097 -34.53 80.85 -15.65
N ILE C 1098 -35.12 81.76 -16.43
CA ILE C 1098 -36.38 82.38 -16.06
C ILE C 1098 -37.49 81.33 -16.17
N ILE C 1099 -38.48 81.41 -15.28
CA ILE C 1099 -39.57 80.45 -15.27
C ILE C 1099 -40.53 80.79 -16.41
N THR C 1100 -40.34 80.17 -17.56
CA THR C 1100 -41.16 80.48 -18.73
C THR C 1100 -42.25 79.42 -18.88
N THR C 1101 -42.97 79.48 -19.99
CA THR C 1101 -44.00 78.48 -20.27
C THR C 1101 -43.37 77.17 -20.71
N ASP C 1102 -42.32 77.23 -21.53
CA ASP C 1102 -41.71 76.00 -22.03
C ASP C 1102 -40.83 75.32 -20.99
N ASN C 1103 -40.38 76.05 -19.97
CA ASN C 1103 -39.58 75.45 -18.92
C ASN C 1103 -40.42 74.54 -18.02
N THR C 1104 -41.69 74.86 -17.84
CA THR C 1104 -42.57 74.11 -16.96
C THR C 1104 -43.69 73.45 -17.77
N PHE C 1105 -44.60 72.79 -17.05
CA PHE C 1105 -45.83 72.29 -17.63
C PHE C 1105 -46.89 72.26 -16.54
N VAL C 1106 -48.12 72.57 -16.90
CA VAL C 1106 -49.19 72.74 -15.94
C VAL C 1106 -49.92 71.40 -15.75
N SER C 1107 -50.30 71.11 -14.51
CA SER C 1107 -51.04 69.89 -14.20
C SER C 1107 -51.94 70.17 -12.99
N GLY C 1108 -53.19 70.52 -13.25
CA GLY C 1108 -54.15 70.71 -12.20
C GLY C 1108 -53.99 72.01 -11.45
N ASN C 1109 -54.82 72.19 -10.44
CA ASN C 1109 -54.80 73.39 -9.61
C ASN C 1109 -53.68 73.30 -8.57
N CYS C 1110 -53.58 74.33 -7.73
CA CYS C 1110 -52.42 74.46 -6.86
C CYS C 1110 -52.80 74.44 -5.38
N ASP C 1111 -53.63 73.50 -4.96
CA ASP C 1111 -53.97 73.35 -3.55
C ASP C 1111 -53.76 71.94 -3.01
N VAL C 1112 -53.65 70.92 -3.86
CA VAL C 1112 -53.47 69.55 -3.41
C VAL C 1112 -52.01 69.18 -3.22
N VAL C 1113 -51.09 70.09 -3.50
CA VAL C 1113 -49.65 69.81 -3.45
C VAL C 1113 -49.07 70.51 -2.22
N ILE C 1114 -48.32 69.77 -1.42
CA ILE C 1114 -47.75 70.26 -0.18
C ILE C 1114 -46.41 70.90 -0.51
N GLY C 1115 -46.36 72.24 -0.51
CA GLY C 1115 -45.10 72.93 -0.72
C GLY C 1115 -45.13 73.95 -1.84
N ILE C 1116 -46.32 74.36 -2.28
CA ILE C 1116 -46.45 75.31 -3.37
C ILE C 1116 -46.05 76.71 -2.89
N VAL C 1117 -45.14 77.34 -3.61
CA VAL C 1117 -44.79 78.73 -3.37
C VAL C 1117 -45.39 79.58 -4.49
N ASN C 1118 -45.34 80.88 -4.30
CA ASN C 1118 -45.96 81.83 -5.22
C ASN C 1118 -44.90 82.53 -6.06
N ASN C 1119 -45.06 82.46 -7.38
CA ASN C 1119 -44.21 83.18 -8.30
C ASN C 1119 -44.96 83.35 -9.61
N THR C 1120 -44.52 84.32 -10.40
CA THR C 1120 -45.12 84.62 -11.69
C THR C 1120 -44.43 83.80 -12.77
N VAL C 1121 -45.22 83.10 -13.58
CA VAL C 1121 -44.71 82.33 -14.69
C VAL C 1121 -44.61 83.26 -15.90
N TYR C 1122 -43.40 83.40 -16.42
CA TYR C 1122 -43.17 84.24 -17.59
C TYR C 1122 -43.81 83.60 -18.82
N ASP C 1123 -44.27 84.44 -19.73
CA ASP C 1123 -44.87 84.01 -20.98
C ASP C 1123 -44.10 84.59 -22.16
N PRO C 1124 -43.85 83.82 -23.21
CA PRO C 1124 -43.12 84.36 -24.36
C PRO C 1124 -43.97 85.07 -25.40
N LEU C 1125 -45.28 84.83 -25.42
CA LEU C 1125 -46.15 85.55 -26.35
C LEU C 1125 -46.40 86.99 -25.90
N GLN C 1126 -46.32 87.24 -24.59
CA GLN C 1126 -46.61 88.57 -24.05
C GLN C 1126 -45.64 89.68 -24.49
N PRO C 1127 -44.30 89.51 -24.46
CA PRO C 1127 -43.45 90.63 -24.92
C PRO C 1127 -43.54 90.90 -26.42
N GLU C 1128 -43.84 89.86 -27.21
CA GLU C 1128 -44.18 90.09 -28.61
C GLU C 1128 -45.48 90.89 -28.72
N LEU C 1129 -46.45 90.57 -27.87
CA LEU C 1129 -47.68 91.35 -27.83
C LEU C 1129 -47.46 92.71 -27.18
N ASP C 1130 -46.47 92.84 -26.28
CA ASP C 1130 -46.20 94.11 -25.64
C ASP C 1130 -45.64 95.13 -26.64
N SER C 1131 -44.86 94.65 -27.62
CA SER C 1131 -44.37 95.52 -28.68
C SER C 1131 -45.35 95.67 -29.82
N PHE C 1132 -46.49 94.98 -29.77
CA PHE C 1132 -47.47 95.03 -30.86
C PHE C 1132 -48.81 95.59 -30.43
N LYS C 1133 -49.36 95.14 -29.30
CA LYS C 1133 -50.67 95.64 -28.86
C LYS C 1133 -50.58 97.08 -28.39
N GLU C 1134 -49.42 97.48 -27.86
CA GLU C 1134 -49.24 98.87 -27.44
C GLU C 1134 -49.13 99.81 -28.64
N GLU C 1135 -48.43 99.37 -29.69
CA GLU C 1135 -48.26 100.21 -30.87
C GLU C 1135 -49.47 100.19 -31.79
N LEU C 1136 -50.37 99.22 -31.62
CA LEU C 1136 -51.58 99.19 -32.44
C LEU C 1136 -52.58 100.25 -31.99
N ASP C 1137 -52.69 100.47 -30.67
CA ASP C 1137 -53.64 101.44 -30.14
C ASP C 1137 -53.21 102.87 -30.46
N LYS C 1138 -51.88 103.10 -30.53
CA LYS C 1138 -51.38 104.40 -30.98
C LYS C 1138 -51.74 104.66 -32.44
N TYR C 1139 -51.65 103.61 -33.27
CA TYR C 1139 -52.08 103.75 -34.66
C TYR C 1139 -53.59 103.85 -34.77
N PHE C 1140 -54.33 103.30 -33.81
CA PHE C 1140 -55.78 103.45 -33.79
C PHE C 1140 -56.18 104.89 -33.46
N LYS C 1141 -55.40 105.55 -32.60
CA LYS C 1141 -55.68 106.94 -32.25
C LYS C 1141 -55.13 107.92 -33.28
N ASN C 1142 -54.41 107.44 -34.29
CA ASN C 1142 -53.83 108.33 -35.30
C ASN C 1142 -54.90 108.92 -36.22
N HIS C 1143 -56.00 108.19 -36.45
CA HIS C 1143 -57.03 108.63 -37.37
C HIS C 1143 -58.38 108.90 -36.72
N THR C 1144 -58.62 108.39 -35.50
CA THR C 1144 -59.89 108.62 -34.84
C THR C 1144 -59.98 110.05 -34.30
N SER C 1145 -58.88 110.59 -33.79
CA SER C 1145 -58.90 111.94 -33.26
C SER C 1145 -58.96 113.05 -34.32
N PRO C 1146 -58.33 112.95 -35.52
CA PRO C 1146 -58.73 114.02 -36.45
C PRO C 1146 -59.98 113.67 -37.25
N GLN D 1 14.86 -42.37 -43.25
CA GLN D 1 15.92 -42.31 -44.24
C GLN D 1 15.54 -41.34 -45.36
N CYS D 2 16.48 -40.48 -45.73
CA CYS D 2 16.26 -39.48 -46.76
C CYS D 2 17.38 -39.53 -47.79
N VAL D 3 17.09 -39.01 -48.97
CA VAL D 3 18.01 -39.02 -50.11
C VAL D 3 18.50 -37.60 -50.33
N ASN D 4 19.80 -37.34 -50.46
CA ASN D 4 20.24 -35.92 -50.62
C ASN D 4 19.85 -35.44 -52.03
N LEU D 5 18.71 -34.73 -52.18
CA LEU D 5 18.24 -34.29 -53.52
C LEU D 5 19.27 -33.32 -54.10
N THR D 6 19.79 -32.40 -53.30
CA THR D 6 20.82 -31.41 -53.73
C THR D 6 20.45 -30.65 -55.00
N THR D 7 21.37 -30.57 -55.99
CA THR D 7 21.17 -29.75 -57.21
C THR D 7 20.28 -28.52 -56.98
N ARG D 8 20.58 -27.80 -55.90
CA ARG D 8 19.80 -26.64 -55.49
C ARG D 8 20.58 -25.37 -55.83
N THR D 9 20.04 -24.55 -56.72
CA THR D 9 20.65 -23.29 -57.06
C THR D 9 20.38 -22.25 -55.97
N GLN D 10 21.18 -21.19 -55.98
CA GLN D 10 21.14 -20.16 -54.94
C GLN D 10 20.44 -18.92 -55.49
N LEU D 11 19.11 -18.92 -55.43
CA LEU D 11 18.31 -17.74 -55.78
C LEU D 11 17.80 -17.11 -54.50
N PRO D 12 18.17 -15.87 -54.20
CA PRO D 12 17.66 -15.19 -52.99
C PRO D 12 16.18 -14.90 -53.12
N PRO D 13 15.44 -14.95 -52.01
CA PRO D 13 13.99 -14.70 -52.08
C PRO D 13 13.68 -13.23 -52.29
N ALA D 14 12.45 -12.98 -52.75
CA ALA D 14 12.05 -11.62 -53.08
C ALA D 14 11.46 -10.94 -51.85
N TYR D 15 11.11 -9.66 -52.00
CA TYR D 15 10.45 -8.89 -50.95
C TYR D 15 9.15 -8.32 -51.48
N THR D 16 8.12 -8.36 -50.66
CA THR D 16 6.78 -7.92 -51.05
C THR D 16 6.22 -7.01 -49.97
N ASN D 17 5.50 -5.97 -50.38
CA ASN D 17 4.85 -5.04 -49.47
C ASN D 17 3.49 -5.61 -49.08
N SER D 18 3.37 -6.04 -47.83
CA SER D 18 2.08 -6.46 -47.28
C SER D 18 1.30 -5.22 -46.88
N PHE D 19 0.24 -4.91 -47.62
CA PHE D 19 -0.44 -3.64 -47.46
C PHE D 19 -1.40 -3.66 -46.28
N THR D 20 -2.43 -4.51 -46.34
CA THR D 20 -3.44 -4.55 -45.31
C THR D 20 -3.80 -5.97 -44.89
N ARG D 21 -3.04 -6.96 -45.35
CA ARG D 21 -3.27 -8.34 -44.94
C ARG D 21 -2.62 -8.60 -43.57
N GLY D 22 -3.08 -9.67 -42.92
CA GLY D 22 -2.48 -10.09 -41.68
C GLY D 22 -3.18 -9.60 -40.44
N VAL D 23 -4.51 -9.71 -40.42
CA VAL D 23 -5.32 -9.32 -39.27
C VAL D 23 -6.18 -10.51 -38.86
N TYR D 24 -6.32 -10.71 -37.55
CA TYR D 24 -7.03 -11.86 -37.02
C TYR D 24 -7.84 -11.45 -35.80
N TYR D 25 -8.78 -12.28 -35.42
CA TYR D 25 -9.54 -12.05 -34.21
C TYR D 25 -8.68 -12.40 -33.00
N PRO D 26 -8.38 -11.46 -32.11
CA PRO D 26 -7.49 -11.76 -30.99
C PRO D 26 -8.16 -12.49 -29.84
N ASP D 27 -9.48 -12.53 -29.80
CA ASP D 27 -10.19 -13.19 -28.71
C ASP D 27 -11.57 -13.64 -29.21
N LYS D 28 -12.20 -14.50 -28.42
CA LYS D 28 -13.51 -15.04 -28.77
C LYS D 28 -14.61 -14.21 -28.09
N VAL D 29 -14.69 -12.95 -28.51
CA VAL D 29 -15.66 -11.99 -28.00
C VAL D 29 -16.41 -11.37 -29.17
N PHE D 30 -17.74 -11.41 -29.13
CA PHE D 30 -18.58 -10.80 -30.14
C PHE D 30 -18.81 -9.34 -29.79
N ARG D 31 -18.76 -8.48 -30.80
CA ARG D 31 -18.93 -7.05 -30.61
C ARG D 31 -19.73 -6.47 -31.77
N SER D 32 -20.68 -5.58 -31.45
CA SER D 32 -21.59 -5.01 -32.43
C SER D 32 -21.33 -3.51 -32.57
N SER D 33 -20.73 -3.13 -33.70
CA SER D 33 -20.55 -1.73 -34.13
C SER D 33 -19.77 -0.89 -33.12
N VAL D 34 -18.76 -1.50 -32.50
CA VAL D 34 -17.88 -0.78 -31.58
C VAL D 34 -16.48 -0.74 -32.17
N LEU D 35 -15.59 0.01 -31.53
CA LEU D 35 -14.19 0.08 -31.90
C LEU D 35 -13.36 -0.41 -30.72
N HIS D 36 -12.44 -1.33 -30.97
CA HIS D 36 -11.64 -1.92 -29.89
C HIS D 36 -10.16 -1.68 -30.16
N SER D 37 -9.47 -1.10 -29.19
CA SER D 37 -8.04 -0.87 -29.26
C SER D 37 -7.35 -1.98 -28.46
N THR D 38 -6.76 -2.94 -29.16
CA THR D 38 -6.07 -4.05 -28.54
C THR D 38 -4.56 -3.88 -28.67
N GLN D 39 -3.85 -4.54 -27.76
CA GLN D 39 -2.39 -4.55 -27.75
C GLN D 39 -1.95 -6.01 -27.82
N ASP D 40 -1.57 -6.46 -29.02
CA ASP D 40 -1.36 -7.89 -29.24
C ASP D 40 -0.29 -8.07 -30.30
N LEU D 41 0.20 -9.30 -30.41
CA LEU D 41 1.23 -9.64 -31.39
C LEU D 41 0.60 -9.73 -32.77
N PHE D 42 0.80 -8.70 -33.58
CA PHE D 42 0.16 -8.57 -34.89
C PHE D 42 1.21 -8.45 -35.98
N LEU D 43 0.73 -8.44 -37.22
CA LEU D 43 1.54 -8.14 -38.38
C LEU D 43 1.33 -6.68 -38.76
N PRO D 44 2.40 -5.89 -38.89
CA PRO D 44 2.22 -4.46 -39.18
C PRO D 44 1.69 -4.22 -40.59
N PHE D 45 0.91 -3.16 -40.73
CA PHE D 45 0.41 -2.75 -42.04
C PHE D 45 1.56 -2.21 -42.87
N PHE D 46 1.55 -2.57 -44.16
CA PHE D 46 2.56 -2.17 -45.15
C PHE D 46 3.97 -2.58 -44.71
N SER D 47 4.14 -3.89 -44.52
CA SER D 47 5.40 -4.44 -44.03
C SER D 47 6.15 -5.12 -45.17
N ASN D 48 7.35 -5.60 -44.86
CA ASN D 48 8.19 -6.29 -45.83
C ASN D 48 8.14 -7.78 -45.55
N VAL D 49 7.34 -8.50 -46.33
CA VAL D 49 7.26 -9.95 -46.20
C VAL D 49 8.19 -10.57 -47.23
N THR D 50 8.67 -11.77 -46.91
CA THR D 50 9.63 -12.47 -47.75
C THR D 50 8.88 -13.41 -48.69
N TRP D 51 9.22 -13.34 -49.97
CA TRP D 51 8.48 -13.97 -51.05
C TRP D 51 9.27 -15.16 -51.58
N PHE D 52 8.64 -16.33 -51.59
CA PHE D 52 9.18 -17.54 -52.18
C PHE D 52 8.26 -17.97 -53.32
N HIS D 53 8.85 -18.51 -54.38
CA HIS D 53 8.09 -19.02 -55.52
C HIS D 53 8.70 -20.34 -55.97
N VAL D 54 7.83 -21.29 -56.31
CA VAL D 54 8.25 -22.60 -56.78
C VAL D 54 7.59 -22.86 -58.12
N ILE D 55 8.40 -23.15 -59.14
CA ILE D 55 7.89 -23.47 -60.46
C ILE D 55 8.21 -24.92 -60.79
N LYS D 62 11.13 -26.12 -61.64
CA LYS D 62 12.45 -25.62 -62.00
C LYS D 62 13.19 -25.08 -60.78
N ARG D 63 12.47 -24.32 -59.95
CA ARG D 63 13.04 -23.72 -58.75
C ARG D 63 12.54 -24.48 -57.53
N PHE D 64 13.47 -24.89 -56.67
CA PHE D 64 13.18 -25.62 -55.44
C PHE D 64 13.41 -24.65 -54.28
N ASP D 65 12.32 -24.09 -53.76
CA ASP D 65 12.39 -23.16 -52.63
C ASP D 65 11.74 -23.79 -51.41
N ASN D 66 12.57 -24.29 -50.50
CA ASN D 66 12.12 -24.78 -49.19
C ASN D 66 13.23 -24.58 -48.16
N PRO D 67 13.57 -23.33 -47.79
CA PRO D 67 14.71 -23.13 -46.89
C PRO D 67 14.34 -23.11 -45.41
N VAL D 68 15.34 -22.95 -44.56
CA VAL D 68 15.13 -22.89 -43.12
C VAL D 68 14.88 -21.44 -42.73
N LEU D 69 13.76 -21.18 -42.04
CA LEU D 69 13.40 -19.84 -41.63
C LEU D 69 13.29 -19.79 -40.12
N PRO D 70 13.80 -18.73 -39.48
CA PRO D 70 13.69 -18.64 -38.02
C PRO D 70 12.26 -18.33 -37.59
N PHE D 71 11.92 -18.80 -36.39
CA PHE D 71 10.62 -18.57 -35.78
C PHE D 71 10.76 -17.54 -34.67
N ASN D 72 9.83 -16.59 -34.64
CA ASN D 72 9.74 -15.64 -33.53
C ASN D 72 8.28 -15.26 -33.28
N ASP D 73 7.66 -16.03 -32.38
CA ASP D 73 6.31 -15.93 -31.79
C ASP D 73 5.22 -15.42 -32.73
N GLY D 74 5.13 -16.02 -33.91
CA GLY D 74 4.11 -15.66 -34.88
C GLY D 74 4.61 -15.60 -36.30
N VAL D 75 3.94 -16.33 -37.18
CA VAL D 75 4.27 -16.39 -38.61
C VAL D 75 2.98 -16.19 -39.40
N TYR D 76 3.02 -15.27 -40.38
CA TYR D 76 1.94 -15.08 -41.33
C TYR D 76 2.36 -15.76 -42.64
N PHE D 77 1.69 -16.85 -42.97
CA PHE D 77 1.94 -17.64 -44.18
C PHE D 77 0.80 -17.42 -45.16
N ALA D 78 1.11 -16.83 -46.31
CA ALA D 78 0.10 -16.54 -47.32
C ALA D 78 0.48 -17.25 -48.61
N SER D 79 -0.34 -18.21 -49.03
CA SER D 79 -0.07 -18.99 -50.23
C SER D 79 -1.10 -18.67 -51.30
N ILE D 80 -0.62 -18.28 -52.48
CA ILE D 80 -1.46 -18.17 -53.67
C ILE D 80 -0.95 -19.20 -54.68
N GLU D 81 -1.84 -20.11 -55.06
CA GLU D 81 -1.50 -21.29 -55.83
C GLU D 81 -2.79 -21.94 -56.31
N LYS D 82 -2.64 -22.85 -57.26
CA LYS D 82 -3.71 -23.77 -57.66
C LYS D 82 -3.26 -25.22 -57.75
N SER D 83 -1.97 -25.48 -57.92
CA SER D 83 -1.47 -26.85 -57.86
C SER D 83 -1.54 -27.42 -56.45
N ASN D 84 -1.55 -26.56 -55.43
CA ASN D 84 -1.69 -26.92 -54.01
C ASN D 84 -0.56 -27.87 -53.60
N ILE D 85 0.67 -27.48 -53.95
CA ILE D 85 1.85 -28.25 -53.58
C ILE D 85 2.22 -28.05 -52.12
N ILE D 86 1.69 -27.00 -51.47
CA ILE D 86 1.92 -26.79 -50.05
C ILE D 86 0.96 -27.67 -49.27
N ARG D 87 1.49 -28.47 -48.36
CA ARG D 87 0.68 -29.43 -47.63
C ARG D 87 0.76 -29.28 -46.13
N GLY D 88 1.90 -28.88 -45.59
CA GLY D 88 2.02 -28.83 -44.14
C GLY D 88 3.26 -28.08 -43.69
N TRP D 89 3.50 -28.17 -42.38
CA TRP D 89 4.59 -27.49 -41.70
C TRP D 89 5.25 -28.44 -40.71
N ILE D 90 6.56 -28.61 -40.85
CA ILE D 90 7.36 -29.44 -39.95
C ILE D 90 8.38 -28.54 -39.28
N PHE D 91 8.37 -28.52 -37.95
CA PHE D 91 9.16 -27.52 -37.24
C PHE D 91 9.48 -28.00 -35.83
N GLY D 92 10.26 -27.19 -35.12
CA GLY D 92 10.85 -27.57 -33.85
C GLY D 92 12.04 -26.70 -33.50
N THR D 93 13.03 -27.25 -32.81
CA THR D 93 14.24 -26.50 -32.51
C THR D 93 15.48 -27.07 -33.18
N THR D 94 15.81 -28.35 -32.92
CA THR D 94 17.03 -28.92 -33.48
C THR D 94 16.72 -30.12 -34.37
N LEU D 95 15.62 -30.83 -34.06
CA LEU D 95 15.10 -31.95 -34.86
C LEU D 95 16.10 -33.09 -35.01
N ASP D 96 16.77 -33.45 -33.91
CA ASP D 96 17.78 -34.50 -33.93
C ASP D 96 17.50 -35.59 -32.89
N SER D 97 16.22 -35.81 -32.58
CA SER D 97 15.75 -36.72 -31.53
C SER D 97 16.33 -36.38 -30.16
N LYS D 98 16.62 -35.10 -29.93
CA LYS D 98 17.02 -34.59 -28.63
C LYS D 98 16.07 -33.51 -28.14
N THR D 99 14.96 -33.30 -28.85
CA THR D 99 14.05 -32.21 -28.57
C THR D 99 12.67 -32.60 -29.07
N GLN D 100 11.67 -31.80 -28.65
CA GLN D 100 10.30 -32.02 -29.10
C GLN D 100 10.12 -31.44 -30.50
N SER D 101 9.49 -32.21 -31.38
CA SER D 101 9.29 -31.83 -32.77
C SER D 101 7.81 -31.85 -33.10
N LEU D 102 7.37 -30.86 -33.88
CA LEU D 102 5.97 -30.63 -34.19
C LEU D 102 5.75 -30.80 -35.69
N LEU D 103 4.65 -31.47 -36.02
CA LEU D 103 4.37 -31.88 -37.40
C LEU D 103 2.90 -31.64 -37.71
N ILE D 104 2.63 -30.82 -38.74
CA ILE D 104 1.28 -30.47 -39.16
C ILE D 104 1.17 -30.89 -40.62
N VAL D 105 0.57 -32.05 -40.89
CA VAL D 105 0.48 -32.56 -42.26
C VAL D 105 -0.97 -32.85 -42.61
N ASN D 106 -1.43 -32.28 -43.73
CA ASN D 106 -2.77 -32.56 -44.25
C ASN D 106 -2.62 -32.89 -45.74
N ASN D 107 -2.50 -34.18 -46.06
CA ASN D 107 -2.28 -34.61 -47.44
C ASN D 107 -3.56 -34.99 -48.18
N ALA D 108 -4.30 -36.00 -47.71
CA ALA D 108 -5.51 -36.42 -48.40
C ALA D 108 -6.75 -36.39 -47.53
N THR D 109 -6.75 -37.10 -46.40
CA THR D 109 -7.94 -37.27 -45.58
C THR D 109 -7.69 -37.06 -44.10
N ASN D 110 -6.45 -36.88 -43.67
CA ASN D 110 -6.12 -36.72 -42.26
C ASN D 110 -5.41 -35.40 -42.05
N VAL D 111 -5.66 -34.77 -40.92
CA VAL D 111 -4.83 -33.68 -40.43
C VAL D 111 -4.06 -34.25 -39.25
N VAL D 112 -2.79 -34.54 -39.47
CA VAL D 112 -1.93 -35.14 -38.46
C VAL D 112 -1.18 -34.03 -37.74
N ILE D 113 -1.42 -33.93 -36.44
CA ILE D 113 -0.67 -33.08 -35.54
C ILE D 113 0.16 -34.01 -34.66
N LYS D 114 1.47 -33.95 -34.82
CA LYS D 114 2.38 -34.83 -34.10
C LYS D 114 3.29 -34.00 -33.21
N VAL D 115 3.32 -34.34 -31.93
CA VAL D 115 4.21 -33.75 -30.94
C VAL D 115 5.05 -34.91 -30.43
N CYS D 116 6.24 -35.08 -30.99
CA CYS D 116 6.98 -36.32 -30.78
C CYS D 116 8.47 -36.05 -30.76
N GLU D 117 9.26 -37.12 -30.91
CA GLU D 117 10.72 -37.06 -30.92
C GLU D 117 11.20 -37.60 -32.26
N PHE D 118 11.74 -36.73 -33.10
CA PHE D 118 12.12 -37.10 -34.46
C PHE D 118 13.54 -36.68 -34.77
N GLN D 119 14.25 -37.56 -35.47
CA GLN D 119 15.53 -37.25 -36.10
C GLN D 119 15.20 -36.86 -37.53
N PHE D 120 15.11 -35.56 -37.79
CA PHE D 120 14.71 -35.10 -39.09
C PHE D 120 15.92 -34.89 -39.98
N CYS D 121 15.71 -34.98 -41.29
CA CYS D 121 16.80 -34.91 -42.26
C CYS D 121 17.14 -33.47 -42.59
N ASN D 122 18.34 -33.29 -43.15
CA ASN D 122 18.83 -31.96 -43.49
C ASN D 122 18.13 -31.38 -44.71
N ASP D 123 17.54 -32.22 -45.55
CA ASP D 123 16.79 -31.77 -46.73
C ASP D 123 15.40 -32.39 -46.71
N PRO D 124 14.40 -31.86 -45.96
CA PRO D 124 13.08 -32.53 -45.82
C PRO D 124 11.83 -32.04 -46.58
N PHE D 125 11.20 -32.92 -47.37
CA PHE D 125 10.02 -32.53 -48.18
C PHE D 125 9.12 -33.74 -48.38
N LEU D 126 7.94 -33.52 -48.96
CA LEU D 126 7.04 -34.65 -49.29
C LEU D 126 7.10 -34.84 -50.81
N ASP D 127 8.06 -34.19 -51.48
CA ASP D 127 8.23 -34.31 -52.95
C ASP D 127 9.63 -34.87 -53.23
N HIS D 128 9.75 -35.91 -54.07
CA HIS D 128 9.54 -35.95 -55.56
C HIS D 128 9.57 -37.41 -56.02
N LYS D 129 8.55 -37.86 -56.75
CA LYS D 129 8.46 -39.30 -57.12
C LYS D 129 7.95 -39.47 -58.56
N ASN D 130 8.40 -40.54 -59.26
CA ASN D 130 7.93 -40.87 -60.64
C ASN D 130 7.77 -39.59 -61.46
N ASN D 131 8.88 -39.09 -62.03
CA ASN D 131 8.83 -37.78 -62.72
C ASN D 131 7.94 -36.83 -61.89
N LYS D 132 6.86 -36.31 -62.44
CA LYS D 132 6.01 -35.45 -61.57
C LYS D 132 4.69 -36.12 -61.18
N SER D 133 4.67 -37.42 -60.88
CA SER D 133 3.35 -38.00 -60.49
C SER D 133 3.12 -37.84 -58.99
N TRP D 134 2.17 -36.98 -58.60
CA TRP D 134 1.85 -36.82 -57.16
C TRP D 134 1.38 -38.19 -56.65
N MET D 135 1.85 -38.60 -55.49
CA MET D 135 1.44 -39.92 -54.91
C MET D 135 1.72 -39.91 -53.41
N GLU D 136 1.80 -41.09 -52.79
CA GLU D 136 2.14 -41.20 -51.37
C GLU D 136 3.34 -42.12 -51.20
N SER D 137 4.52 -41.58 -51.54
CA SER D 137 5.78 -42.34 -51.42
C SER D 137 6.86 -41.33 -51.00
N GLU D 138 7.94 -41.80 -50.38
CA GLU D 138 8.99 -40.88 -49.87
C GLU D 138 8.34 -39.81 -48.98
N PHE D 139 7.48 -40.23 -48.06
CA PHE D 139 6.82 -39.28 -47.13
C PHE D 139 7.49 -39.35 -45.77
N ARG D 140 7.95 -40.55 -45.38
CA ARG D 140 8.56 -40.77 -44.06
C ARG D 140 9.91 -40.07 -43.98
N VAL D 141 9.83 -38.73 -44.02
CA VAL D 141 11.03 -37.90 -43.90
C VAL D 141 11.61 -37.99 -42.49
N TYR D 142 10.77 -38.21 -41.48
CA TYR D 142 11.27 -38.54 -40.16
C TYR D 142 11.82 -39.95 -40.15
N SER D 143 12.92 -40.15 -39.42
CA SER D 143 13.56 -41.47 -39.37
C SER D 143 12.71 -42.44 -38.57
N SER D 144 12.51 -42.18 -37.29
CA SER D 144 11.73 -43.04 -36.42
C SER D 144 11.19 -42.22 -35.27
N ALA D 145 10.21 -42.79 -34.57
CA ALA D 145 9.58 -42.15 -33.43
C ALA D 145 10.00 -42.89 -32.15
N ASN D 146 10.53 -42.14 -31.19
CA ASN D 146 10.94 -42.71 -29.91
C ASN D 146 10.11 -42.18 -28.76
N ASN D 147 10.02 -40.87 -28.58
CA ASN D 147 9.30 -40.26 -27.46
C ASN D 147 8.18 -39.41 -28.05
N CYS D 148 7.05 -40.05 -28.33
CA CYS D 148 5.85 -39.35 -28.81
C CYS D 148 5.00 -38.95 -27.62
N THR D 149 4.70 -37.66 -27.51
CA THR D 149 3.92 -37.14 -26.40
C THR D 149 2.49 -36.77 -26.77
N PHE D 150 2.20 -36.47 -28.03
CA PHE D 150 0.84 -36.11 -28.40
C PHE D 150 0.58 -36.41 -29.87
N GLU D 151 -0.61 -36.94 -30.15
CA GLU D 151 -1.08 -37.18 -31.50
C GLU D 151 -2.48 -36.62 -31.65
N TYR D 152 -2.78 -36.06 -32.81
CA TYR D 152 -4.11 -35.52 -33.09
C TYR D 152 -4.44 -35.72 -34.55
N VAL D 153 -5.68 -36.13 -34.82
CA VAL D 153 -6.18 -36.31 -36.18
C VAL D 153 -7.42 -35.44 -36.34
N SER D 154 -7.39 -34.55 -37.32
CA SER D 154 -8.47 -33.59 -37.52
C SER D 154 -8.95 -33.62 -38.97
N GLN D 155 -10.07 -32.95 -39.20
CA GLN D 155 -10.75 -32.98 -40.50
C GLN D 155 -9.96 -32.17 -41.53
N PRO D 156 -9.76 -32.70 -42.74
CA PRO D 156 -9.01 -31.95 -43.77
C PRO D 156 -9.76 -30.73 -44.27
N PHE D 157 -8.98 -29.75 -44.72
CA PHE D 157 -9.53 -28.50 -45.22
C PHE D 157 -10.01 -28.69 -46.67
N LEU D 158 -10.49 -27.60 -47.27
CA LEU D 158 -10.90 -27.64 -48.67
C LEU D 158 -9.66 -27.54 -49.54
N MET D 159 -9.33 -28.63 -50.24
CA MET D 159 -8.10 -28.71 -51.02
C MET D 159 -8.37 -29.05 -52.47
N ASP D 160 -7.32 -29.27 -53.24
CA ASP D 160 -7.40 -29.64 -54.65
C ASP D 160 -6.82 -31.05 -54.83
N LEU D 161 -6.91 -31.55 -56.05
CA LEU D 161 -6.41 -32.87 -56.41
C LEU D 161 -5.36 -32.73 -57.50
N GLU D 162 -4.21 -33.39 -57.30
CA GLU D 162 -3.01 -33.36 -58.15
C GLU D 162 -2.54 -31.90 -58.27
N GLY D 163 -2.02 -31.52 -59.44
CA GLY D 163 -1.52 -30.17 -59.61
C GLY D 163 -1.77 -29.64 -61.02
N LYS D 164 -1.83 -28.32 -61.11
CA LYS D 164 -2.02 -27.63 -62.38
C LYS D 164 -1.27 -26.31 -62.35
N GLN D 165 -0.91 -25.82 -63.53
CA GLN D 165 -0.12 -24.60 -63.67
C GLN D 165 -1.03 -23.45 -64.04
N GLY D 166 -0.99 -22.37 -63.25
CA GLY D 166 -1.80 -21.20 -63.51
C GLY D 166 -3.16 -21.24 -62.82
N ASN D 167 -3.95 -20.22 -63.15
CA ASN D 167 -5.33 -20.03 -62.68
C ASN D 167 -5.38 -19.96 -61.14
N PHE D 168 -4.74 -18.92 -60.61
CA PHE D 168 -4.46 -18.80 -59.17
C PHE D 168 -5.68 -18.31 -58.40
N LYS D 169 -6.74 -19.12 -58.40
CA LYS D 169 -7.99 -18.70 -57.76
C LYS D 169 -7.89 -18.80 -56.24
N ASN D 170 -7.30 -19.88 -55.72
CA ASN D 170 -7.30 -20.11 -54.28
C ASN D 170 -6.26 -19.23 -53.61
N LEU D 171 -6.67 -18.54 -52.54
CA LEU D 171 -5.77 -17.75 -51.72
C LEU D 171 -5.94 -18.18 -50.27
N ARG D 172 -4.88 -18.71 -49.68
CA ARG D 172 -4.90 -19.17 -48.29
C ARG D 172 -4.06 -18.24 -47.43
N GLU D 173 -4.63 -17.81 -46.30
CA GLU D 173 -3.91 -17.01 -45.32
C GLU D 173 -3.95 -17.73 -43.99
N PHE D 174 -2.80 -17.89 -43.37
CA PHE D 174 -2.68 -18.54 -42.08
C PHE D 174 -1.77 -17.71 -41.20
N VAL D 175 -2.04 -17.69 -39.90
CA VAL D 175 -1.09 -17.20 -38.92
C VAL D 175 -0.95 -18.23 -37.81
N PHE D 176 0.29 -18.40 -37.34
CA PHE D 176 0.61 -19.36 -36.29
C PHE D 176 1.32 -18.64 -35.15
N LYS D 177 1.00 -19.02 -33.91
CA LYS D 177 1.69 -18.45 -32.77
C LYS D 177 1.71 -19.46 -31.64
N ASN D 178 2.66 -19.28 -30.73
CA ASN D 178 2.87 -20.14 -29.57
C ASN D 178 2.78 -19.25 -28.33
N ILE D 179 1.59 -19.17 -27.74
CA ILE D 179 1.33 -18.28 -26.62
C ILE D 179 1.09 -19.13 -25.39
N ASP D 180 1.93 -18.94 -24.35
CA ASP D 180 1.98 -19.63 -23.06
C ASP D 180 1.75 -21.13 -23.12
N GLY D 181 2.25 -21.79 -24.16
CA GLY D 181 2.08 -23.21 -24.35
C GLY D 181 1.11 -23.61 -25.44
N TYR D 182 0.03 -22.84 -25.61
CA TYR D 182 -0.95 -23.15 -26.64
C TYR D 182 -0.42 -22.74 -28.01
N PHE D 183 -0.55 -23.65 -28.97
CA PHE D 183 -0.30 -23.35 -30.38
C PHE D 183 -1.61 -22.91 -31.00
N LYS D 184 -1.70 -21.63 -31.35
CA LYS D 184 -2.90 -21.05 -31.92
C LYS D 184 -2.69 -20.78 -33.40
N ILE D 185 -3.61 -21.27 -34.22
CA ILE D 185 -3.61 -20.99 -35.65
C ILE D 185 -4.88 -20.22 -35.99
N TYR D 186 -4.79 -19.38 -37.01
CA TYR D 186 -5.97 -18.72 -37.57
C TYR D 186 -5.86 -18.76 -39.08
N SER D 187 -7.00 -18.89 -39.75
CA SER D 187 -7.00 -19.17 -41.17
C SER D 187 -8.11 -18.42 -41.88
N LYS D 188 -7.88 -18.19 -43.18
CA LYS D 188 -8.92 -17.72 -44.10
C LYS D 188 -8.57 -18.22 -45.48
N HIS D 189 -9.45 -19.03 -46.06
CA HIS D 189 -9.27 -19.61 -47.38
C HIS D 189 -10.31 -18.95 -48.29
N THR D 190 -9.87 -17.98 -49.10
CA THR D 190 -10.79 -17.29 -49.99
C THR D 190 -10.62 -17.78 -51.42
N PRO D 191 -11.71 -18.10 -52.12
CA PRO D 191 -11.62 -18.46 -53.53
C PRO D 191 -11.81 -17.26 -54.45
N ILE D 192 -11.84 -17.53 -55.76
CA ILE D 192 -12.20 -16.64 -56.88
C ILE D 192 -11.41 -15.32 -56.88
N ILE D 193 -10.22 -15.34 -56.28
CA ILE D 193 -9.30 -14.20 -56.37
C ILE D 193 -8.54 -14.37 -57.67
N VAL D 194 -9.01 -13.69 -58.71
CA VAL D 194 -8.38 -13.80 -60.05
C VAL D 194 -7.19 -12.83 -60.05
N ARG D 195 -6.07 -13.34 -59.54
CA ARG D 195 -4.86 -12.55 -59.31
C ARG D 195 -3.63 -13.36 -59.71
N GLU D 196 -3.66 -13.90 -60.94
CA GLU D 196 -2.51 -14.67 -61.44
C GLU D 196 -1.21 -13.89 -61.55
N PRO D 197 -1.14 -12.64 -62.13
CA PRO D 197 0.22 -12.07 -62.23
C PRO D 197 0.67 -11.36 -60.96
N GLU D 198 1.02 -12.16 -59.95
CA GLU D 198 1.63 -11.75 -58.66
C GLU D 198 0.68 -10.79 -57.96
N ASP D 199 1.15 -9.64 -57.47
CA ASP D 199 0.33 -8.51 -57.00
C ASP D 199 -0.59 -8.92 -55.84
N LEU D 200 0.06 -9.18 -54.69
CA LEU D 200 -0.57 -9.47 -53.39
C LEU D 200 -1.67 -8.47 -53.09
N PRO D 201 -2.93 -8.92 -53.04
CA PRO D 201 -4.06 -8.00 -53.21
C PRO D 201 -4.29 -7.07 -52.03
N GLN D 202 -4.86 -5.90 -52.34
CA GLN D 202 -5.16 -4.87 -51.35
C GLN D 202 -6.62 -5.05 -50.92
N GLY D 203 -6.84 -6.05 -50.07
CA GLY D 203 -8.16 -6.33 -49.56
C GLY D 203 -8.09 -6.64 -48.08
N PHE D 204 -9.18 -6.32 -47.39
CA PHE D 204 -9.27 -6.52 -45.95
C PHE D 204 -10.15 -7.73 -45.66
N SER D 205 -9.60 -8.69 -44.93
CA SER D 205 -10.35 -9.86 -44.50
C SER D 205 -9.66 -10.42 -43.27
N ALA D 206 -10.37 -10.46 -42.14
CA ALA D 206 -9.80 -10.97 -40.91
C ALA D 206 -9.66 -12.49 -40.97
N LEU D 207 -8.73 -13.00 -40.18
CA LEU D 207 -8.46 -14.44 -40.13
C LEU D 207 -9.13 -15.04 -38.90
N GLU D 208 -9.90 -16.07 -39.12
CA GLU D 208 -10.69 -16.74 -38.11
C GLU D 208 -9.96 -17.97 -37.57
N PRO D 209 -10.13 -18.28 -36.29
CA PRO D 209 -9.49 -19.48 -35.73
C PRO D 209 -10.11 -20.77 -36.26
N LEU D 210 -9.28 -21.81 -36.29
CA LEU D 210 -9.74 -23.15 -36.65
C LEU D 210 -9.64 -24.11 -35.47
N VAL D 211 -8.45 -24.29 -34.91
CA VAL D 211 -8.21 -25.18 -33.77
C VAL D 211 -7.22 -24.49 -32.82
N ASP D 212 -6.96 -25.16 -31.70
CA ASP D 212 -5.99 -24.70 -30.71
C ASP D 212 -5.34 -25.92 -30.08
N LEU D 213 -4.02 -26.01 -30.15
CA LEU D 213 -3.33 -27.24 -29.77
C LEU D 213 -2.65 -27.06 -28.42
N PRO D 214 -2.99 -27.85 -27.40
CA PRO D 214 -2.29 -27.78 -26.10
C PRO D 214 -0.98 -28.57 -26.11
N ILE D 215 0.07 -27.94 -26.64
CA ILE D 215 1.35 -28.62 -26.84
C ILE D 215 2.28 -28.31 -25.67
N GLY D 216 2.62 -27.04 -25.49
CA GLY D 216 3.36 -26.65 -24.31
C GLY D 216 4.88 -26.69 -24.39
N ILE D 217 5.45 -26.41 -25.56
CA ILE D 217 6.90 -26.37 -25.70
C ILE D 217 7.34 -25.00 -26.23
N ASN D 218 8.64 -24.82 -26.42
CA ASN D 218 9.20 -23.64 -27.05
C ASN D 218 9.75 -23.98 -28.44
N ILE D 219 9.69 -23.00 -29.33
CA ILE D 219 9.96 -23.22 -30.75
C ILE D 219 10.95 -22.15 -31.21
N THR D 220 12.01 -22.58 -31.90
CA THR D 220 13.07 -21.67 -32.34
C THR D 220 13.03 -21.35 -33.83
N ARG D 221 12.83 -22.35 -34.69
CA ARG D 221 12.83 -22.13 -36.14
C ARG D 221 11.75 -23.00 -36.77
N PHE D 222 11.32 -22.61 -37.96
CA PHE D 222 10.26 -23.36 -38.63
C PHE D 222 10.61 -23.62 -40.09
N GLN D 223 9.83 -24.51 -40.69
CA GLN D 223 10.11 -25.02 -42.03
C GLN D 223 8.81 -25.52 -42.66
N THR D 224 8.60 -25.19 -43.93
CA THR D 224 7.45 -25.69 -44.65
C THR D 224 7.82 -26.96 -45.42
N LEU D 225 6.85 -27.49 -46.17
CA LEU D 225 7.01 -28.75 -46.96
C LEU D 225 6.21 -28.62 -48.26
N LEU D 226 6.55 -29.41 -49.27
CA LEU D 226 5.91 -29.31 -50.60
C LEU D 226 5.66 -30.71 -51.11
N ALA D 227 4.60 -30.92 -51.89
CA ALA D 227 4.34 -32.25 -52.51
C ALA D 227 3.37 -32.07 -53.68
N SER D 238 12.57 -41.54 -57.14
CA SER D 238 13.67 -40.59 -57.47
C SER D 238 13.45 -39.28 -56.70
N SER D 239 14.00 -39.16 -55.49
CA SER D 239 13.71 -37.96 -54.66
C SER D 239 14.07 -36.68 -55.42
N SER D 240 15.16 -36.66 -56.18
CA SER D 240 15.41 -35.46 -57.03
C SER D 240 15.02 -35.79 -58.47
N GLY D 241 14.07 -35.05 -59.06
CA GLY D 241 13.60 -35.40 -60.41
C GLY D 241 12.09 -35.34 -60.50
N TRP D 242 11.54 -34.14 -60.65
CA TRP D 242 10.08 -33.95 -60.76
C TRP D 242 9.84 -32.59 -61.42
N THR D 243 8.68 -32.38 -62.04
CA THR D 243 8.36 -31.03 -62.59
C THR D 243 7.17 -30.47 -61.81
N ALA D 244 7.28 -29.26 -61.25
CA ALA D 244 6.21 -28.76 -60.40
C ALA D 244 5.49 -27.59 -61.06
N GLY D 245 4.26 -27.35 -60.60
CA GLY D 245 3.47 -26.25 -61.10
C GLY D 245 3.88 -24.92 -60.51
N ALA D 246 3.22 -23.87 -60.98
CA ALA D 246 3.52 -22.52 -60.53
C ALA D 246 2.77 -22.23 -59.24
N ALA D 247 3.50 -21.80 -58.21
CA ALA D 247 2.92 -21.51 -56.91
C ALA D 247 3.78 -20.47 -56.22
N ALA D 248 3.15 -19.63 -55.40
CA ALA D 248 3.87 -18.59 -54.69
C ALA D 248 3.36 -18.50 -53.25
N TYR D 249 4.26 -18.11 -52.34
CA TYR D 249 3.86 -17.88 -50.96
C TYR D 249 4.75 -16.83 -50.34
N TYR D 250 4.27 -16.30 -49.22
CA TYR D 250 4.85 -15.15 -48.54
C TYR D 250 4.88 -15.45 -47.06
N VAL D 251 5.96 -15.06 -46.39
CA VAL D 251 6.14 -15.24 -44.96
C VAL D 251 6.36 -13.88 -44.30
N GLY D 252 5.61 -13.62 -43.24
CA GLY D 252 5.70 -12.36 -42.53
C GLY D 252 5.85 -12.59 -41.04
N TYR D 253 6.46 -11.61 -40.39
CA TYR D 253 6.92 -11.73 -39.01
C TYR D 253 6.03 -10.89 -38.10
N LEU D 254 5.63 -11.47 -36.97
CA LEU D 254 4.66 -10.86 -36.07
C LEU D 254 5.36 -10.28 -34.85
N GLN D 255 5.00 -9.06 -34.47
CA GLN D 255 5.56 -8.41 -33.30
C GLN D 255 4.43 -7.71 -32.56
N PRO D 256 4.59 -7.45 -31.26
CA PRO D 256 3.52 -6.78 -30.50
C PRO D 256 3.31 -5.34 -30.95
N ARG D 257 2.04 -5.00 -31.17
CA ARG D 257 1.64 -3.68 -31.63
C ARG D 257 0.24 -3.40 -31.13
N THR D 258 -0.14 -2.11 -31.18
CA THR D 258 -1.47 -1.67 -30.80
C THR D 258 -2.29 -1.44 -32.06
N PHE D 259 -3.44 -2.12 -32.14
CA PHE D 259 -4.29 -2.08 -33.31
C PHE D 259 -5.70 -1.66 -32.90
N LEU D 260 -6.28 -0.72 -33.65
CA LEU D 260 -7.66 -0.35 -33.50
C LEU D 260 -8.47 -1.11 -34.55
N LEU D 261 -9.44 -1.90 -34.08
CA LEU D 261 -10.25 -2.76 -34.93
C LEU D 261 -11.70 -2.28 -34.90
N LYS D 262 -12.32 -2.22 -36.08
CA LYS D 262 -13.71 -1.82 -36.21
C LYS D 262 -14.56 -3.06 -36.44
N TYR D 263 -15.58 -3.24 -35.60
CA TYR D 263 -16.53 -4.32 -35.74
C TYR D 263 -17.79 -3.80 -36.40
N ASN D 264 -18.46 -4.66 -37.16
CA ASN D 264 -19.74 -4.32 -37.75
C ASN D 264 -20.86 -4.79 -36.82
N GLU D 265 -22.10 -4.78 -37.31
CA GLU D 265 -23.21 -5.32 -36.53
C GLU D 265 -23.08 -6.82 -36.34
N ASN D 266 -22.59 -7.53 -37.37
CA ASN D 266 -22.48 -8.97 -37.33
C ASN D 266 -21.22 -9.47 -36.66
N GLY D 267 -20.35 -8.57 -36.18
CA GLY D 267 -19.16 -8.98 -35.46
C GLY D 267 -17.94 -9.24 -36.31
N THR D 268 -18.04 -9.12 -37.62
CA THR D 268 -16.89 -9.29 -38.49
C THR D 268 -16.04 -8.03 -38.49
N ILE D 269 -14.72 -8.20 -38.39
CA ILE D 269 -13.81 -7.06 -38.43
C ILE D 269 -13.75 -6.56 -39.87
N THR D 270 -14.32 -5.38 -40.11
CA THR D 270 -14.37 -4.83 -41.46
C THR D 270 -13.25 -3.84 -41.75
N ASP D 271 -12.59 -3.31 -40.71
CA ASP D 271 -11.50 -2.38 -40.91
C ASP D 271 -10.59 -2.41 -39.69
N ALA D 272 -9.34 -2.00 -39.89
CA ALA D 272 -8.38 -1.92 -38.80
C ALA D 272 -7.32 -0.89 -39.16
N VAL D 273 -6.62 -0.43 -38.14
CA VAL D 273 -5.54 0.53 -38.31
C VAL D 273 -4.54 0.31 -37.18
N ASP D 274 -3.27 0.62 -37.44
CA ASP D 274 -2.21 0.43 -36.46
C ASP D 274 -1.75 1.78 -35.92
N CYS D 275 -1.43 1.82 -34.64
CA CYS D 275 -1.14 3.07 -33.96
C CYS D 275 0.33 3.47 -34.02
N ALA D 276 1.08 2.97 -35.00
CA ALA D 276 2.50 3.30 -35.10
C ALA D 276 2.98 3.53 -36.52
N LEU D 277 2.09 3.52 -37.52
CA LEU D 277 2.51 3.72 -38.91
C LEU D 277 2.52 5.18 -39.30
N ASP D 278 1.47 5.91 -38.94
CA ASP D 278 1.16 7.18 -39.54
C ASP D 278 0.73 8.08 -38.39
N PRO D 279 1.15 9.35 -38.38
CA PRO D 279 0.59 10.29 -37.39
C PRO D 279 -0.92 10.46 -37.48
N LEU D 280 -1.48 10.37 -38.69
CA LEU D 280 -2.93 10.35 -38.85
C LEU D 280 -3.53 9.10 -38.19
N SER D 281 -2.87 7.96 -38.36
CA SER D 281 -3.28 6.74 -37.68
C SER D 281 -3.10 6.85 -36.18
N GLU D 282 -2.07 7.58 -35.73
CA GLU D 282 -1.86 7.81 -34.31
C GLU D 282 -2.99 8.64 -33.71
N THR D 283 -3.44 9.67 -34.44
CA THR D 283 -4.57 10.46 -33.95
C THR D 283 -5.88 9.69 -34.01
N LYS D 284 -6.02 8.79 -35.00
CA LYS D 284 -7.19 7.92 -35.04
C LYS D 284 -7.21 6.96 -33.86
N CYS D 285 -6.04 6.49 -33.45
CA CYS D 285 -5.95 5.63 -32.27
C CYS D 285 -6.20 6.43 -30.99
N THR D 286 -5.76 7.69 -30.97
CA THR D 286 -5.97 8.53 -29.79
C THR D 286 -7.43 8.88 -29.59
N LEU D 287 -8.11 9.31 -30.66
CA LEU D 287 -9.52 9.67 -30.58
C LEU D 287 -10.45 8.47 -30.58
N LYS D 288 -9.93 7.27 -30.87
CA LYS D 288 -10.70 6.03 -31.02
C LYS D 288 -11.83 6.19 -32.05
N SER D 289 -11.48 6.74 -33.21
CA SER D 289 -12.45 6.89 -34.30
C SER D 289 -11.70 6.80 -35.62
N PHE D 290 -12.41 6.33 -36.65
CA PHE D 290 -11.83 6.20 -37.98
C PHE D 290 -11.89 7.49 -38.78
N THR D 291 -12.66 8.48 -38.33
CA THR D 291 -12.71 9.79 -38.96
C THR D 291 -12.35 10.84 -37.93
N VAL D 292 -11.50 11.78 -38.33
CA VAL D 292 -11.07 12.87 -37.46
C VAL D 292 -11.47 14.19 -38.11
N GLU D 293 -11.87 15.16 -37.30
CA GLU D 293 -12.27 16.45 -37.82
C GLU D 293 -11.05 17.36 -37.96
N LYS D 294 -11.28 18.54 -38.54
CA LYS D 294 -10.21 19.50 -38.74
C LYS D 294 -9.79 20.13 -37.42
N GLY D 295 -8.51 20.10 -37.13
CA GLY D 295 -8.01 20.70 -35.91
C GLY D 295 -6.65 20.14 -35.53
N ILE D 296 -6.19 20.58 -34.36
CA ILE D 296 -4.92 20.17 -33.79
C ILE D 296 -5.19 19.15 -32.69
N TYR D 297 -4.44 18.05 -32.70
CA TYR D 297 -4.62 16.97 -31.75
C TYR D 297 -3.29 16.58 -31.14
N GLN D 298 -3.28 16.43 -29.82
CA GLN D 298 -2.06 16.11 -29.09
C GLN D 298 -1.92 14.59 -28.99
N THR D 299 -0.74 14.09 -29.33
CA THR D 299 -0.51 12.65 -29.42
C THR D 299 0.70 12.40 -28.51
N SER D 300 1.33 11.22 -28.56
CA SER D 300 2.39 10.85 -27.63
C SER D 300 3.63 11.72 -27.83
N ASN D 301 4.45 11.78 -26.79
CA ASN D 301 5.53 12.75 -26.70
C ASN D 301 6.77 12.30 -27.46
N PHE D 302 7.55 13.29 -27.88
CA PHE D 302 8.87 13.08 -28.48
C PHE D 302 9.92 13.10 -27.40
N ARG D 303 10.80 12.09 -27.40
CA ARG D 303 11.88 12.00 -26.43
C ARG D 303 13.13 11.49 -27.12
N VAL D 304 14.26 12.11 -26.82
CA VAL D 304 15.55 11.69 -27.36
C VAL D 304 16.18 10.73 -26.37
N GLN D 305 16.42 9.51 -26.83
CA GLN D 305 17.02 8.47 -26.00
C GLN D 305 18.54 8.68 -25.91
N PRO D 306 19.17 8.24 -24.82
CA PRO D 306 20.63 8.34 -24.73
C PRO D 306 21.34 7.45 -25.74
N THR D 307 22.49 7.92 -26.21
CA THR D 307 23.25 7.21 -27.23
C THR D 307 24.29 6.27 -26.64
N GLU D 308 25.24 6.81 -25.87
CA GLU D 308 26.31 6.02 -25.29
C GLU D 308 26.48 6.40 -23.82
N SER D 309 27.03 5.46 -23.05
CA SER D 309 27.22 5.65 -21.61
C SER D 309 28.64 6.13 -21.33
N ILE D 310 28.75 7.23 -20.60
CA ILE D 310 30.04 7.84 -20.26
C ILE D 310 30.23 7.75 -18.76
N VAL D 311 31.44 7.36 -18.34
CA VAL D 311 31.76 7.21 -16.89
C VAL D 311 33.06 7.95 -16.64
N ARG D 312 33.06 8.95 -15.79
CA ARG D 312 34.31 9.67 -15.44
C ARG D 312 34.59 9.43 -13.95
N PHE D 313 35.84 9.19 -13.58
CA PHE D 313 36.25 9.06 -12.16
C PHE D 313 37.61 9.75 -12.09
N PRO D 314 38.19 10.09 -10.93
CA PRO D 314 39.54 10.64 -10.90
C PRO D 314 40.66 9.70 -10.47
N ASN D 315 41.93 10.12 -10.54
CA ASN D 315 43.05 9.35 -10.04
C ASN D 315 43.51 9.92 -8.69
N ILE D 316 43.96 9.04 -7.81
CA ILE D 316 44.36 9.43 -6.47
C ILE D 316 45.36 8.40 -5.95
N THR D 317 46.26 8.85 -5.06
CA THR D 317 47.27 8.10 -4.27
C THR D 317 47.92 6.93 -5.03
N ASN D 318 48.32 7.24 -6.27
CA ASN D 318 48.92 6.40 -7.33
C ASN D 318 48.71 4.89 -7.22
N LEU D 319 49.34 4.23 -6.26
CA LEU D 319 49.21 2.79 -6.08
C LEU D 319 49.60 2.43 -4.65
N CYS D 320 49.00 1.35 -4.14
CA CYS D 320 49.46 0.76 -2.89
C CYS D 320 50.87 0.23 -3.05
N PRO D 321 51.69 0.29 -2.00
CA PRO D 321 53.07 -0.24 -2.11
C PRO D 321 53.14 -1.76 -2.17
N PHE D 322 52.71 -2.34 -3.29
CA PHE D 322 52.95 -3.75 -3.55
C PHE D 322 54.35 -3.98 -4.09
N ASP D 323 55.03 -2.92 -4.53
CA ASP D 323 56.38 -3.05 -5.09
C ASP D 323 57.39 -3.35 -4.00
N GLU D 324 57.11 -2.92 -2.76
CA GLU D 324 58.04 -3.15 -1.67
C GLU D 324 57.99 -4.59 -1.18
N VAL D 325 56.82 -5.22 -1.27
CA VAL D 325 56.66 -6.58 -0.76
C VAL D 325 56.92 -7.63 -1.83
N PHE D 326 56.80 -7.28 -3.11
CA PHE D 326 56.97 -8.25 -4.19
C PHE D 326 58.30 -8.13 -4.91
N ASN D 327 58.93 -6.96 -4.89
CA ASN D 327 60.19 -6.75 -5.60
C ASN D 327 61.33 -6.41 -4.64
N ALA D 328 61.28 -6.96 -3.43
CA ALA D 328 62.36 -6.76 -2.48
C ALA D 328 63.55 -7.65 -2.84
N THR D 329 64.70 -7.34 -2.23
CA THR D 329 65.91 -8.12 -2.47
C THR D 329 65.80 -9.51 -1.85
N ARG D 330 65.66 -9.57 -0.52
CA ARG D 330 65.46 -10.81 0.19
C ARG D 330 64.26 -10.67 1.10
N PHE D 331 63.34 -11.62 1.02
CA PHE D 331 62.13 -11.58 1.82
C PHE D 331 62.42 -12.00 3.26
N ALA D 332 61.42 -11.81 4.12
CA ALA D 332 61.55 -12.18 5.52
C ALA D 332 61.53 -13.70 5.69
N SER D 333 61.98 -14.14 6.86
CA SER D 333 62.09 -15.57 7.14
C SER D 333 60.73 -16.16 7.48
N VAL D 334 60.72 -17.45 7.80
CA VAL D 334 59.49 -18.19 8.02
C VAL D 334 59.18 -18.20 9.51
N TYR D 335 60.23 -18.12 10.34
CA TYR D 335 60.05 -18.09 11.79
C TYR D 335 59.38 -16.79 12.24
N ALA D 336 59.71 -15.69 11.57
CA ALA D 336 59.09 -14.39 11.86
C ALA D 336 58.98 -13.64 10.53
N TRP D 337 57.82 -13.75 9.90
CA TRP D 337 57.56 -13.12 8.61
C TRP D 337 57.09 -11.69 8.85
N ASN D 338 56.58 -11.05 7.80
CA ASN D 338 56.05 -9.70 7.90
C ASN D 338 54.52 -9.70 7.76
N ARG D 339 53.86 -8.92 8.61
CA ARG D 339 52.42 -8.73 8.58
C ARG D 339 52.18 -7.29 8.15
N LYS D 340 52.11 -7.08 6.84
CA LYS D 340 52.05 -5.73 6.29
C LYS D 340 50.61 -5.26 6.19
N ARG D 341 50.32 -4.13 6.82
CA ARG D 341 49.01 -3.49 6.74
C ARG D 341 49.11 -2.35 5.73
N ILE D 342 48.35 -2.47 4.63
CA ILE D 342 48.36 -1.48 3.56
C ILE D 342 46.98 -0.83 3.51
N SER D 343 46.95 0.49 3.68
CA SER D 343 45.70 1.23 3.73
C SER D 343 45.88 2.55 2.98
N ASN D 344 44.77 3.28 2.84
CA ASN D 344 44.71 4.62 2.25
C ASN D 344 45.19 4.66 0.81
N CYS D 345 45.00 3.56 0.07
CA CYS D 345 45.36 3.52 -1.34
C CYS D 345 44.48 2.50 -2.04
N VAL D 346 44.39 2.63 -3.36
CA VAL D 346 43.72 1.65 -4.19
C VAL D 346 44.75 0.63 -4.65
N ALA D 347 44.27 -0.58 -4.95
CA ALA D 347 45.13 -1.67 -5.38
C ALA D 347 44.79 -2.05 -6.81
N ASP D 348 45.81 -2.05 -7.67
CA ASP D 348 45.66 -2.46 -9.06
C ASP D 348 46.27 -3.86 -9.21
N TYR D 349 45.50 -4.77 -9.78
CA TYR D 349 45.91 -6.16 -9.91
C TYR D 349 46.25 -6.54 -11.35
N SER D 350 46.41 -5.55 -12.23
CA SER D 350 46.82 -5.84 -13.60
C SER D 350 48.28 -6.24 -13.70
N VAL D 351 49.09 -5.89 -12.69
CA VAL D 351 50.50 -6.26 -12.65
C VAL D 351 50.61 -7.57 -11.85
N LEU D 352 49.69 -7.77 -10.92
CA LEU D 352 49.73 -8.95 -10.06
C LEU D 352 49.18 -10.20 -10.74
N TYR D 353 48.48 -10.06 -11.87
CA TYR D 353 47.85 -11.19 -12.53
C TYR D 353 48.63 -11.70 -13.73
N ASN D 354 49.33 -10.83 -14.44
CA ASN D 354 50.06 -11.20 -15.64
C ASN D 354 51.47 -11.70 -15.28
N LEU D 355 52.35 -11.74 -16.29
CA LEU D 355 53.77 -12.06 -16.22
C LEU D 355 54.04 -13.54 -15.96
N ALA D 356 55.26 -13.99 -16.31
CA ALA D 356 55.57 -15.42 -16.32
C ALA D 356 55.56 -16.11 -14.95
N PRO D 357 56.24 -15.63 -13.88
CA PRO D 357 56.35 -16.49 -12.68
C PRO D 357 55.07 -16.65 -11.88
N PHE D 358 54.17 -15.66 -11.94
CA PHE D 358 52.93 -15.72 -11.17
C PHE D 358 52.01 -16.78 -11.75
N PHE D 359 51.94 -17.93 -11.08
CA PHE D 359 51.23 -19.09 -11.58
C PHE D 359 50.06 -19.51 -10.68
N THR D 360 50.30 -19.67 -9.39
CA THR D 360 49.30 -20.24 -8.47
C THR D 360 48.27 -19.16 -8.13
N PHE D 361 47.07 -19.30 -8.69
CA PHE D 361 45.97 -18.37 -8.43
C PHE D 361 44.69 -19.14 -8.14
N LYS D 362 44.80 -20.25 -7.41
CA LYS D 362 43.63 -21.00 -6.97
C LYS D 362 43.06 -20.30 -5.74
N CYS D 363 41.86 -19.73 -5.87
CA CYS D 363 41.29 -18.90 -4.82
C CYS D 363 39.88 -19.35 -4.50
N TYR D 364 39.45 -19.06 -3.27
CA TYR D 364 38.16 -19.49 -2.75
C TYR D 364 37.23 -18.32 -2.46
N GLY D 365 37.66 -17.37 -1.64
CA GLY D 365 36.75 -16.34 -1.15
C GLY D 365 36.41 -15.30 -2.20
N VAL D 366 37.39 -14.86 -2.98
CA VAL D 366 37.22 -13.79 -3.95
C VAL D 366 37.45 -14.35 -5.34
N SER D 367 36.49 -14.11 -6.24
CA SER D 367 36.67 -14.46 -7.64
C SER D 367 37.75 -13.58 -8.26
N PRO D 368 38.51 -14.12 -9.23
CA PRO D 368 39.59 -13.33 -9.87
C PRO D 368 39.10 -12.09 -10.60
N THR D 369 37.85 -12.09 -11.07
CA THR D 369 37.25 -10.87 -11.61
C THR D 369 36.69 -9.96 -10.52
N LYS D 370 36.61 -10.44 -9.28
CA LYS D 370 36.00 -9.70 -8.19
C LYS D 370 37.01 -8.99 -7.29
N LEU D 371 38.30 -9.02 -7.65
CA LEU D 371 39.29 -8.28 -6.87
C LEU D 371 39.13 -6.78 -7.05
N ASN D 372 38.73 -6.34 -8.26
CA ASN D 372 38.59 -4.91 -8.53
C ASN D 372 37.41 -4.31 -7.76
N ASP D 373 36.31 -5.05 -7.67
CA ASP D 373 35.17 -4.63 -6.86
C ASP D 373 35.34 -5.15 -5.44
N LEU D 374 34.29 -5.01 -4.63
CA LEU D 374 34.21 -5.51 -3.24
C LEU D 374 35.33 -4.92 -2.38
N CYS D 375 35.20 -3.60 -2.16
CA CYS D 375 36.22 -2.82 -1.44
C CYS D 375 36.42 -3.32 -0.02
N PHE D 376 37.69 -3.49 0.37
CA PHE D 376 38.07 -3.99 1.68
C PHE D 376 38.72 -2.88 2.49
N THR D 377 38.82 -3.12 3.80
CA THR D 377 39.44 -2.15 4.69
C THR D 377 40.95 -2.09 4.47
N ASN D 378 41.64 -3.20 4.69
CA ASN D 378 43.07 -3.28 4.44
C ASN D 378 43.44 -4.72 4.11
N VAL D 379 44.61 -4.90 3.52
CA VAL D 379 45.07 -6.21 3.11
C VAL D 379 46.03 -6.74 4.17
N TYR D 380 46.17 -8.07 4.22
CA TYR D 380 47.10 -8.75 5.12
C TYR D 380 48.08 -9.53 4.27
N ALA D 381 49.26 -8.95 4.04
CA ALA D 381 50.28 -9.56 3.19
C ALA D 381 51.34 -10.24 4.06
N ASP D 382 51.48 -11.55 3.89
CA ASP D 382 52.51 -12.32 4.58
C ASP D 382 53.41 -12.99 3.54
N SER D 383 54.71 -12.87 3.73
CA SER D 383 55.69 -13.33 2.77
C SER D 383 56.52 -14.47 3.34
N PHE D 384 56.56 -15.59 2.62
CA PHE D 384 57.34 -16.76 2.99
C PHE D 384 58.33 -17.10 1.90
N VAL D 385 59.41 -17.79 2.29
CA VAL D 385 60.29 -18.49 1.36
C VAL D 385 60.46 -19.91 1.90
N ILE D 386 59.80 -20.89 1.28
CA ILE D 386 59.81 -22.27 1.74
C ILE D 386 60.14 -23.18 0.56
N ARG D 387 60.07 -24.48 0.83
CA ARG D 387 60.20 -25.48 -0.23
C ARG D 387 58.87 -25.67 -0.95
N GLY D 388 58.94 -26.27 -2.13
CA GLY D 388 57.76 -26.43 -2.98
C GLY D 388 56.84 -27.58 -2.60
N ASP D 389 57.30 -28.51 -1.76
CA ASP D 389 56.48 -29.66 -1.42
C ASP D 389 55.42 -29.35 -0.37
N GLU D 390 55.48 -28.18 0.26
CA GLU D 390 54.53 -27.79 1.30
C GLU D 390 53.58 -26.69 0.83
N VAL D 391 53.41 -26.54 -0.47
CA VAL D 391 52.46 -25.56 -1.00
C VAL D 391 51.03 -26.01 -0.74
N ARG D 392 50.74 -27.29 -0.96
CA ARG D 392 49.39 -27.82 -0.77
C ARG D 392 49.04 -27.93 0.71
N GLN D 393 50.05 -28.02 1.59
CA GLN D 393 49.78 -28.08 3.02
C GLN D 393 49.30 -26.73 3.54
N ILE D 394 49.72 -25.64 2.90
CA ILE D 394 49.26 -24.30 3.26
C ILE D 394 47.77 -24.15 2.96
N ALA D 395 47.33 -24.71 1.83
CA ALA D 395 45.94 -24.65 1.42
C ALA D 395 45.04 -25.41 2.39
N PRO D 396 43.80 -24.95 2.59
CA PRO D 396 42.91 -25.60 3.56
C PRO D 396 42.50 -27.00 3.11
N GLY D 397 42.22 -27.85 4.09
CA GLY D 397 41.90 -29.24 3.84
C GLY D 397 43.05 -30.20 4.01
N GLN D 398 44.20 -29.75 4.52
CA GLN D 398 45.36 -30.61 4.69
C GLN D 398 46.15 -30.15 5.91
N THR D 399 46.89 -31.08 6.51
CA THR D 399 47.73 -30.81 7.66
C THR D 399 49.18 -31.07 7.28
N GLY D 400 50.05 -30.12 7.61
CA GLY D 400 51.46 -30.25 7.28
C GLY D 400 52.33 -29.62 8.34
N ASN D 401 53.64 -29.69 8.10
CA ASN D 401 54.60 -29.11 9.03
C ASN D 401 54.66 -27.59 8.94
N ILE D 402 54.14 -27.00 7.86
CA ILE D 402 54.12 -25.55 7.73
C ILE D 402 52.76 -25.04 8.23
N ALA D 403 51.74 -25.88 8.16
CA ALA D 403 50.39 -25.51 8.55
C ALA D 403 50.09 -25.78 10.01
N ASP D 404 51.08 -26.22 10.79
CA ASP D 404 50.90 -26.45 12.21
C ASP D 404 52.01 -25.86 13.07
N TYR D 405 53.18 -25.57 12.50
CA TYR D 405 54.32 -25.09 13.27
C TYR D 405 54.70 -23.65 12.97
N ASN D 406 54.37 -23.14 11.78
CA ASN D 406 54.72 -21.77 11.40
C ASN D 406 53.50 -20.89 11.21
N TYR D 407 52.57 -21.27 10.33
CA TYR D 407 51.42 -20.45 10.02
C TYR D 407 50.36 -21.32 9.35
N LYS D 408 49.17 -21.39 9.95
CA LYS D 408 48.06 -22.10 9.34
C LYS D 408 47.22 -21.15 8.50
N LEU D 409 46.22 -21.71 7.83
CA LEU D 409 45.31 -20.93 7.00
C LEU D 409 43.88 -21.28 7.39
N PRO D 410 43.04 -20.30 7.71
CA PRO D 410 41.64 -20.61 8.06
C PRO D 410 40.86 -21.09 6.85
N ASP D 411 39.84 -21.90 7.11
CA ASP D 411 39.03 -22.46 6.03
C ASP D 411 38.17 -21.38 5.38
N ASP D 412 37.66 -20.44 6.18
CA ASP D 412 36.84 -19.34 5.69
C ASP D 412 37.66 -18.04 5.76
N PHE D 413 38.44 -17.80 4.72
CA PHE D 413 39.28 -16.62 4.63
C PHE D 413 39.16 -15.99 3.25
N THR D 414 39.32 -14.66 3.20
CA THR D 414 39.26 -13.95 1.94
C THR D 414 40.64 -13.87 1.31
N GLY D 415 40.66 -13.81 -0.02
CA GLY D 415 41.91 -13.83 -0.75
C GLY D 415 42.46 -15.23 -0.91
N CYS D 416 43.70 -15.29 -1.37
CA CYS D 416 44.34 -16.56 -1.69
C CYS D 416 45.86 -16.38 -1.65
N VAL D 417 46.56 -17.37 -2.20
CA VAL D 417 48.01 -17.47 -2.14
C VAL D 417 48.57 -17.39 -3.55
N ILE D 418 49.53 -16.51 -3.76
CA ILE D 418 50.27 -16.42 -5.02
C ILE D 418 51.69 -16.95 -4.77
N ALA D 419 52.17 -17.81 -5.66
CA ALA D 419 53.48 -18.43 -5.50
C ALA D 419 54.19 -18.48 -6.84
N TRP D 420 55.52 -18.58 -6.77
CA TRP D 420 56.36 -18.63 -7.96
C TRP D 420 57.63 -19.38 -7.62
N ASN D 421 58.60 -19.34 -8.54
CA ASN D 421 59.89 -20.01 -8.38
C ASN D 421 60.96 -18.97 -8.07
N SER D 422 61.80 -19.27 -7.07
CA SER D 422 62.87 -18.37 -6.66
C SER D 422 64.26 -18.99 -6.89
N ASN D 423 64.44 -19.68 -8.01
CA ASN D 423 65.74 -20.25 -8.32
C ASN D 423 66.74 -19.17 -8.71
N LYS D 424 66.27 -18.10 -9.35
CA LYS D 424 67.13 -17.00 -9.75
C LYS D 424 67.19 -15.89 -8.70
N LEU D 425 66.55 -16.07 -7.56
CA LEU D 425 66.52 -15.04 -6.51
C LEU D 425 67.06 -15.51 -5.17
N ASP D 426 67.04 -16.81 -4.89
CA ASP D 426 67.46 -17.34 -3.60
C ASP D 426 68.68 -18.24 -3.66
N SER D 427 68.92 -18.91 -4.78
CA SER D 427 70.01 -19.88 -4.87
C SER D 427 71.36 -19.18 -4.94
N LYS D 428 72.30 -19.66 -4.13
CA LYS D 428 73.66 -19.12 -4.10
C LYS D 428 74.65 -20.27 -4.09
N VAL D 429 75.86 -20.01 -4.56
CA VAL D 429 76.88 -21.05 -4.68
C VAL D 429 77.43 -21.44 -3.31
N SER D 430 77.39 -20.52 -2.34
CA SER D 430 77.87 -20.81 -1.01
C SER D 430 76.89 -21.53 -0.10
N GLY D 431 75.71 -21.85 -0.59
CA GLY D 431 74.69 -22.49 0.22
C GLY D 431 73.67 -21.50 0.74
N ASN D 432 72.50 -22.00 1.07
CA ASN D 432 71.41 -21.19 1.62
C ASN D 432 71.26 -21.54 3.10
N TYR D 433 72.00 -20.82 3.94
CA TYR D 433 71.97 -21.04 5.37
C TYR D 433 71.41 -19.86 6.16
N ASN D 434 71.07 -18.75 5.50
CA ASN D 434 70.57 -17.58 6.21
C ASN D 434 69.12 -17.75 6.65
N TYR D 435 68.32 -18.46 5.86
CA TYR D 435 66.90 -18.62 6.18
C TYR D 435 66.70 -19.63 7.30
N LEU D 436 65.75 -19.35 8.17
CA LEU D 436 65.41 -20.20 9.31
C LEU D 436 63.90 -20.34 9.41
N TYR D 437 63.45 -21.35 10.14
CA TYR D 437 62.03 -21.62 10.33
C TYR D 437 61.85 -22.34 11.66
N ARG D 438 60.65 -22.89 11.86
CA ARG D 438 60.35 -23.71 13.03
C ARG D 438 59.70 -25.01 12.57
N LEU D 439 60.03 -26.10 13.27
CA LEU D 439 59.45 -27.40 12.93
C LEU D 439 59.09 -28.22 14.16
N PHE D 440 59.14 -27.65 15.36
CA PHE D 440 58.82 -28.36 16.59
C PHE D 440 57.85 -27.54 17.43
N ARG D 441 56.71 -28.13 17.77
CA ARG D 441 55.73 -27.48 18.62
C ARG D 441 54.86 -28.55 19.27
N LYS D 442 54.52 -28.34 20.54
CA LYS D 442 53.70 -29.31 21.27
C LYS D 442 52.25 -29.32 20.81
N SER D 443 51.71 -28.17 20.39
CA SER D 443 50.30 -28.09 20.04
C SER D 443 50.10 -27.45 18.68
N ASN D 444 48.84 -27.15 18.34
CA ASN D 444 48.50 -26.53 17.08
C ASN D 444 48.66 -25.01 17.18
N LEU D 445 48.14 -24.28 16.20
CA LEU D 445 48.37 -22.85 16.11
C LEU D 445 47.05 -22.09 16.08
N LYS D 446 46.98 -21.04 16.91
CA LYS D 446 45.92 -20.05 16.84
C LYS D 446 46.16 -19.16 15.61
N PRO D 447 45.13 -18.46 15.11
CA PRO D 447 45.31 -17.71 13.85
C PRO D 447 46.17 -16.46 14.00
N PHE D 448 47.08 -16.26 13.04
CA PHE D 448 47.72 -14.98 12.71
C PHE D 448 48.53 -14.39 13.86
N GLU D 449 49.61 -15.10 14.19
CA GLU D 449 50.63 -14.60 15.11
C GLU D 449 51.96 -15.26 14.77
N ARG D 450 53.04 -14.72 15.36
CA ARG D 450 54.38 -15.21 15.11
C ARG D 450 55.05 -15.60 16.42
N ASP D 451 56.04 -16.48 16.32
CA ASP D 451 56.81 -16.95 17.46
C ASP D 451 58.19 -16.31 17.45
N ILE D 452 58.63 -15.85 18.62
CA ILE D 452 59.83 -15.02 18.71
C ILE D 452 60.95 -15.72 19.49
N SER D 453 60.65 -16.40 20.59
CA SER D 453 61.66 -16.89 21.51
C SER D 453 62.51 -18.00 20.91
N THR D 454 63.79 -18.01 21.29
CA THR D 454 64.78 -18.97 20.82
C THR D 454 65.15 -20.01 21.89
N GLU D 455 64.15 -20.41 22.69
CA GLU D 455 64.38 -21.34 23.79
C GLU D 455 64.68 -22.74 23.26
N ILE D 456 65.13 -23.61 24.16
CA ILE D 456 65.49 -24.98 23.83
C ILE D 456 64.37 -25.91 24.29
N TYR D 457 64.00 -26.84 23.43
CA TYR D 457 62.93 -27.80 23.70
C TYR D 457 63.51 -29.20 23.74
N GLN D 458 63.02 -30.02 24.68
CA GLN D 458 63.47 -31.39 24.81
C GLN D 458 62.32 -32.35 24.44
N ALA D 459 62.70 -33.53 23.96
CA ALA D 459 61.72 -34.53 23.56
C ALA D 459 61.54 -35.61 24.62
N GLY D 460 62.58 -35.89 25.41
CA GLY D 460 62.46 -36.84 26.48
C GLY D 460 61.80 -36.25 27.71
N ASN D 461 61.56 -37.12 28.70
CA ASN D 461 60.96 -36.66 29.95
C ASN D 461 61.95 -35.84 30.76
N LYS D 462 63.22 -36.21 30.73
CA LYS D 462 64.23 -35.46 31.46
C LYS D 462 64.58 -34.18 30.70
N PRO D 463 64.83 -33.06 31.39
CA PRO D 463 65.24 -31.84 30.70
C PRO D 463 66.68 -31.95 30.22
N CYS D 464 66.88 -31.70 28.92
CA CYS D 464 68.22 -31.80 28.35
C CYS D 464 69.11 -30.65 28.82
N ASN D 465 68.63 -29.41 28.64
CA ASN D 465 69.28 -28.14 29.01
C ASN D 465 70.62 -27.88 28.34
N GLY D 466 71.12 -26.65 28.47
CA GLY D 466 72.37 -26.28 27.84
C GLY D 466 72.27 -26.28 26.33
N VAL D 467 73.21 -26.96 25.68
CA VAL D 467 73.17 -27.16 24.23
C VAL D 467 72.26 -28.34 23.93
N ALA D 468 71.92 -28.52 22.66
CA ALA D 468 71.05 -29.60 22.24
C ALA D 468 71.79 -30.94 22.30
N GLY D 469 71.02 -32.02 22.22
CA GLY D 469 71.58 -33.36 22.25
C GLY D 469 70.55 -34.42 21.89
N PHE D 470 70.72 -35.63 22.41
CA PHE D 470 69.76 -36.69 22.17
C PHE D 470 68.48 -36.42 22.98
N ASN D 471 67.33 -36.62 22.32
CA ASN D 471 65.99 -36.29 22.85
C ASN D 471 65.91 -34.82 23.28
N CYS D 472 66.48 -33.94 22.46
CA CYS D 472 66.52 -32.50 22.78
C CYS D 472 66.63 -31.77 21.43
N TYR D 473 65.52 -31.20 20.98
CA TYR D 473 65.40 -30.67 19.63
C TYR D 473 65.41 -29.14 19.66
N PHE D 474 66.40 -28.55 19.00
CA PHE D 474 66.41 -27.11 18.80
C PHE D 474 65.34 -26.72 17.79
N PRO D 475 64.60 -25.63 18.02
CA PRO D 475 63.46 -25.31 17.14
C PRO D 475 63.85 -24.56 15.87
N LEU D 476 65.13 -24.34 15.59
CA LEU D 476 65.58 -23.63 14.41
C LEU D 476 66.30 -24.58 13.47
N ARG D 477 65.96 -24.50 12.18
CA ARG D 477 66.59 -25.31 11.15
C ARG D 477 66.77 -24.45 9.90
N SER D 478 67.71 -24.85 9.05
CA SER D 478 67.98 -24.13 7.82
C SER D 478 67.44 -24.91 6.62
N TYR D 479 67.71 -24.40 5.43
CA TYR D 479 67.14 -24.87 4.18
C TYR D 479 68.22 -25.48 3.29
N SER D 480 67.80 -25.93 2.11
CA SER D 480 68.70 -26.53 1.12
C SER D 480 68.22 -26.09 -0.26
N PHE D 481 68.82 -25.03 -0.79
CA PHE D 481 68.35 -24.39 -2.00
C PHE D 481 69.48 -24.19 -3.02
N ARG D 482 70.31 -25.22 -3.20
CA ARG D 482 71.30 -25.19 -4.27
C ARG D 482 70.61 -25.39 -5.63
N PRO D 483 71.19 -24.83 -6.70
CA PRO D 483 70.56 -24.99 -8.03
C PRO D 483 70.59 -26.41 -8.59
N THR D 484 71.41 -27.31 -8.02
CA THR D 484 71.48 -28.68 -8.51
C THR D 484 70.27 -29.52 -8.16
N TYR D 485 69.37 -29.02 -7.31
CA TYR D 485 68.20 -29.78 -6.91
C TYR D 485 67.17 -29.85 -8.03
N GLY D 486 66.31 -30.85 -7.97
CA GLY D 486 65.24 -31.02 -8.92
C GLY D 486 63.99 -30.25 -8.52
N VAL D 487 62.88 -30.58 -9.19
CA VAL D 487 61.62 -29.89 -8.94
C VAL D 487 61.04 -30.36 -7.61
N GLY D 488 60.68 -29.41 -6.75
CA GLY D 488 60.16 -29.72 -5.43
C GLY D 488 61.04 -29.19 -4.32
N HIS D 489 62.36 -29.30 -4.48
CA HIS D 489 63.32 -28.75 -3.53
C HIS D 489 63.76 -27.33 -3.89
N GLN D 490 63.26 -26.79 -5.00
CA GLN D 490 63.55 -25.43 -5.39
C GLN D 490 62.86 -24.44 -4.46
N PRO D 491 63.41 -23.23 -4.30
CA PRO D 491 62.75 -22.23 -3.44
C PRO D 491 61.45 -21.73 -4.07
N TYR D 492 60.34 -22.01 -3.41
CA TYR D 492 59.03 -21.50 -3.78
C TYR D 492 58.59 -20.49 -2.73
N ARG D 493 58.36 -19.25 -3.15
CA ARG D 493 57.99 -18.19 -2.23
C ARG D 493 56.47 -18.11 -2.12
N VAL D 494 55.98 -18.02 -0.89
CA VAL D 494 54.56 -18.03 -0.60
C VAL D 494 54.16 -16.63 -0.15
N VAL D 495 53.22 -16.02 -0.86
CA VAL D 495 52.63 -14.74 -0.49
C VAL D 495 51.12 -14.91 -0.42
N VAL D 496 50.54 -14.61 0.74
CA VAL D 496 49.11 -14.74 0.96
C VAL D 496 48.54 -13.36 1.25
N LEU D 497 47.40 -13.06 0.63
CA LEU D 497 46.67 -11.81 0.87
C LEU D 497 45.34 -12.15 1.54
N SER D 498 45.08 -11.51 2.67
CA SER D 498 43.84 -11.69 3.40
C SER D 498 43.20 -10.33 3.61
N PHE D 499 41.88 -10.26 3.45
CA PHE D 499 41.13 -9.03 3.54
C PHE D 499 40.06 -9.16 4.62
N GLU D 500 39.22 -8.13 4.74
CA GLU D 500 38.04 -8.17 5.59
C GLU D 500 37.02 -7.19 5.06
N LEU D 501 35.79 -7.32 5.55
CA LEU D 501 34.65 -6.50 5.17
C LEU D 501 34.03 -5.88 6.42
N LEU D 502 34.88 -5.20 7.19
CA LEU D 502 34.51 -4.64 8.49
C LEU D 502 33.48 -3.52 8.33
N HIS D 503 32.76 -3.24 9.43
CA HIS D 503 31.65 -2.29 9.44
C HIS D 503 32.19 -0.86 9.45
N ALA D 504 32.71 -0.45 8.29
CA ALA D 504 33.31 0.86 8.11
C ALA D 504 33.36 1.16 6.61
N PRO D 505 33.37 2.44 6.22
CA PRO D 505 33.67 2.77 4.82
C PRO D 505 35.09 2.37 4.47
N ALA D 506 35.23 1.56 3.41
CA ALA D 506 36.51 0.98 3.05
C ALA D 506 37.42 2.02 2.39
N THR D 507 38.72 1.81 2.54
CA THR D 507 39.72 2.70 1.95
C THR D 507 40.60 2.02 0.90
N VAL D 508 40.48 0.71 0.72
CA VAL D 508 41.20 -0.02 -0.32
C VAL D 508 40.18 -0.45 -1.37
N CYS D 509 40.39 -0.02 -2.60
CA CYS D 509 39.45 -0.28 -3.69
C CYS D 509 40.25 -0.56 -4.96
N GLY D 510 39.55 -0.58 -6.09
CA GLY D 510 40.18 -0.69 -7.37
C GLY D 510 39.95 0.55 -8.20
N PRO D 511 40.82 0.80 -9.19
CA PRO D 511 40.62 1.97 -10.06
C PRO D 511 39.41 1.78 -10.97
N LYS D 512 38.44 2.67 -10.80
CA LYS D 512 37.20 2.62 -11.62
C LYS D 512 37.52 3.14 -13.03
N LYS D 513 37.16 2.36 -14.04
CA LYS D 513 37.52 2.73 -15.44
C LYS D 513 36.82 4.03 -15.84
N SER D 514 37.46 4.83 -16.69
CA SER D 514 36.91 6.15 -17.08
C SER D 514 36.45 6.14 -18.54
N THR D 515 36.33 7.32 -19.18
CA THR D 515 35.91 7.48 -20.56
C THR D 515 36.36 8.88 -21.01
N ASN D 516 36.54 9.03 -22.32
CA ASN D 516 36.82 10.34 -22.90
C ASN D 516 35.56 11.19 -22.85
N LEU D 517 35.71 12.49 -23.06
CA LEU D 517 34.61 13.44 -22.91
C LEU D 517 33.90 13.61 -24.24
N VAL D 518 32.58 13.81 -24.18
CA VAL D 518 31.75 14.01 -25.35
C VAL D 518 30.94 15.30 -25.15
N LYS D 519 30.78 16.06 -26.22
CA LYS D 519 30.11 17.35 -26.20
C LYS D 519 28.84 17.29 -27.04
N ASN D 520 27.74 17.82 -26.49
CA ASN D 520 26.45 17.98 -27.16
C ASN D 520 25.90 16.63 -27.65
N LYS D 521 25.67 15.75 -26.68
CA LYS D 521 25.14 14.43 -26.98
C LYS D 521 24.38 13.90 -25.77
N CYS D 522 23.22 13.30 -26.02
CA CYS D 522 22.44 12.69 -24.95
C CYS D 522 23.15 11.43 -24.48
N VAL D 523 23.72 11.48 -23.29
CA VAL D 523 24.57 10.40 -22.78
C VAL D 523 24.16 10.07 -21.36
N ASN D 524 24.54 8.86 -20.93
CA ASN D 524 24.28 8.39 -19.57
C ASN D 524 25.52 8.68 -18.73
N PHE D 525 25.56 9.89 -18.18
CA PHE D 525 26.70 10.31 -17.39
C PHE D 525 26.73 9.63 -16.03
N ASN D 526 27.94 9.41 -15.50
CA ASN D 526 28.16 8.84 -14.14
C ASN D 526 29.34 9.57 -13.52
N PHE D 527 29.11 10.71 -12.88
CA PHE D 527 30.16 11.55 -12.31
C PHE D 527 30.18 11.32 -10.80
N ASN D 528 31.04 10.37 -10.43
CA ASN D 528 31.20 10.04 -9.00
C ASN D 528 29.84 9.92 -8.37
N GLY D 529 29.11 8.85 -8.69
CA GLY D 529 27.82 8.61 -8.02
C GLY D 529 26.71 9.50 -8.51
N LEU D 530 26.82 9.97 -9.75
CA LEU D 530 25.72 10.74 -10.32
C LEU D 530 25.17 10.04 -11.56
N LYS D 531 24.38 9.00 -11.31
CA LYS D 531 23.71 8.31 -12.40
C LYS D 531 22.57 9.15 -12.94
N GLY D 532 22.44 9.19 -14.26
CA GLY D 532 21.40 9.98 -14.88
C GLY D 532 21.63 10.10 -16.37
N THR D 533 20.82 10.96 -16.98
CA THR D 533 20.85 11.18 -18.42
C THR D 533 20.84 12.68 -18.70
N GLY D 534 21.72 13.13 -19.58
CA GLY D 534 21.76 14.52 -19.97
C GLY D 534 22.83 14.73 -21.02
N VAL D 535 22.98 15.98 -21.42
CA VAL D 535 24.02 16.37 -22.37
C VAL D 535 25.05 17.20 -21.64
N LEU D 536 26.24 17.29 -22.23
CA LEU D 536 27.39 17.93 -21.60
C LEU D 536 27.85 19.10 -22.46
N THR D 537 27.98 20.26 -21.83
CA THR D 537 28.47 21.46 -22.51
C THR D 537 29.35 22.25 -21.57
N GLU D 538 30.17 23.14 -22.14
CA GLU D 538 31.03 23.98 -21.33
C GLU D 538 30.21 25.07 -20.64
N SER D 539 30.75 25.59 -19.55
CA SER D 539 30.07 26.59 -18.75
C SER D 539 31.02 27.72 -18.39
N ASN D 540 30.49 28.93 -18.32
CA ASN D 540 31.24 30.09 -17.89
C ASN D 540 31.07 30.40 -16.40
N LYS D 541 30.26 29.61 -15.68
CA LYS D 541 30.02 29.87 -14.27
C LYS D 541 31.25 29.46 -13.47
N LYS D 542 31.69 30.33 -12.57
CA LYS D 542 32.88 30.05 -11.79
C LYS D 542 32.53 29.37 -10.48
N PHE D 543 33.27 28.32 -10.15
CA PHE D 543 33.08 27.59 -8.91
C PHE D 543 34.12 28.02 -7.87
N LEU D 544 34.05 27.41 -6.71
CA LEU D 544 35.09 27.47 -5.69
C LEU D 544 35.74 26.09 -5.63
N PRO D 545 37.03 26.00 -5.24
CA PRO D 545 37.78 24.73 -5.47
C PRO D 545 37.29 23.52 -4.68
N PHE D 546 36.47 23.71 -3.66
CA PHE D 546 35.93 22.58 -2.89
C PHE D 546 34.57 22.12 -3.37
N GLN D 547 34.04 22.70 -4.45
CA GLN D 547 32.80 22.22 -5.07
C GLN D 547 33.09 21.15 -6.10
N GLN D 548 32.14 20.24 -6.28
CA GLN D 548 32.23 19.25 -7.35
C GLN D 548 30.98 19.10 -8.20
N PHE D 549 29.77 19.26 -7.65
CA PHE D 549 28.56 19.29 -8.46
C PHE D 549 27.85 20.61 -8.22
N GLY D 550 26.64 20.75 -8.76
CA GLY D 550 25.91 21.99 -8.65
C GLY D 550 24.41 21.78 -8.75
N ARG D 551 23.65 22.78 -8.31
CA ARG D 551 22.20 22.69 -8.29
C ARG D 551 21.61 24.04 -8.73
N ASP D 552 20.30 24.16 -8.56
CA ASP D 552 19.56 25.39 -8.85
C ASP D 552 18.41 25.50 -7.85
N ILE D 553 17.44 26.36 -8.15
CA ILE D 553 16.32 26.54 -7.23
C ILE D 553 15.32 25.39 -7.35
N ALA D 554 15.35 24.65 -8.47
CA ALA D 554 14.43 23.53 -8.66
C ALA D 554 14.95 22.23 -8.05
N ASP D 555 16.08 22.27 -7.34
CA ASP D 555 16.70 21.12 -6.67
C ASP D 555 17.05 20.00 -7.65
N THR D 556 17.52 20.40 -8.83
CA THR D 556 18.00 19.47 -9.85
C THR D 556 19.47 19.72 -10.10
N THR D 557 20.19 18.66 -10.46
CA THR D 557 21.61 18.78 -10.75
C THR D 557 21.77 19.37 -12.16
N ASP D 558 22.33 20.58 -12.24
CA ASP D 558 22.50 21.26 -13.51
C ASP D 558 23.95 21.49 -13.91
N ALA D 559 24.89 21.44 -12.96
CA ALA D 559 26.30 21.66 -13.27
C ALA D 559 27.14 20.65 -12.51
N VAL D 560 28.19 20.15 -13.18
CA VAL D 560 29.12 19.19 -12.58
C VAL D 560 30.55 19.64 -12.89
N ARG D 561 31.48 19.14 -12.08
CA ARG D 561 32.91 19.29 -12.34
C ARG D 561 33.49 17.92 -12.67
N ASP D 562 34.30 17.87 -13.72
CA ASP D 562 34.88 16.61 -14.16
C ASP D 562 35.92 16.13 -13.15
N PRO D 563 36.04 14.81 -12.96
CA PRO D 563 37.10 14.32 -12.05
C PRO D 563 38.51 14.49 -12.61
N GLN D 564 38.69 14.35 -13.91
CA GLN D 564 40.09 14.33 -14.38
C GLN D 564 40.60 15.75 -14.58
N THR D 565 39.78 16.64 -15.07
CA THR D 565 40.17 18.02 -15.22
C THR D 565 39.17 18.92 -14.51
N LEU D 566 39.63 20.11 -14.12
CA LEU D 566 38.80 21.03 -13.34
C LEU D 566 37.86 21.89 -14.20
N GLU D 567 37.63 21.51 -15.45
CA GLU D 567 36.68 22.24 -16.29
C GLU D 567 35.26 22.00 -15.82
N ILE D 568 34.52 23.08 -15.68
CA ILE D 568 33.15 23.03 -15.14
C ILE D 568 32.20 22.76 -16.30
N LEU D 569 31.31 21.79 -16.13
CA LEU D 569 30.42 21.36 -17.19
C LEU D 569 28.96 21.50 -16.75
N ASP D 570 28.10 21.83 -17.69
CA ASP D 570 26.66 21.92 -17.45
C ASP D 570 25.97 20.66 -17.94
N ILE D 571 25.00 20.19 -17.16
CA ILE D 571 24.15 19.07 -17.55
C ILE D 571 22.71 19.57 -17.61
N THR D 572 22.05 19.31 -18.72
CA THR D 572 20.65 19.62 -18.91
C THR D 572 19.96 18.45 -19.61
N PRO D 573 18.66 18.25 -19.39
CA PRO D 573 17.92 17.27 -20.19
C PRO D 573 17.91 17.66 -21.66
N CYS D 574 17.98 16.64 -22.52
CA CYS D 574 18.19 16.83 -23.96
C CYS D 574 17.05 17.58 -24.63
N SER D 575 15.87 16.96 -24.70
CA SER D 575 14.67 17.53 -25.29
C SER D 575 13.51 16.60 -24.96
N PHE D 576 12.33 17.19 -24.82
CA PHE D 576 11.08 16.46 -24.65
C PHE D 576 9.98 17.41 -25.11
N GLY D 577 8.79 16.86 -25.28
CA GLY D 577 7.65 17.65 -25.67
C GLY D 577 6.67 16.80 -26.44
N GLY D 578 5.41 17.24 -26.43
CA GLY D 578 4.38 16.50 -27.11
C GLY D 578 4.46 16.68 -28.62
N VAL D 579 3.68 15.85 -29.30
CA VAL D 579 3.57 15.89 -30.75
C VAL D 579 2.14 16.28 -31.09
N SER D 580 1.98 17.39 -31.80
CA SER D 580 0.69 17.85 -32.27
C SER D 580 0.59 17.61 -33.77
N VAL D 581 -0.50 16.99 -34.19
CA VAL D 581 -0.67 16.58 -35.57
C VAL D 581 -1.73 17.49 -36.18
N ILE D 582 -1.29 18.46 -36.99
CA ILE D 582 -2.23 19.34 -37.66
C ILE D 582 -2.87 18.60 -38.82
N THR D 583 -4.20 18.55 -38.83
CA THR D 583 -4.86 17.86 -39.91
C THR D 583 -6.17 18.55 -40.28
N PRO D 584 -6.58 18.48 -41.54
CA PRO D 584 -7.97 18.73 -41.90
C PRO D 584 -8.75 17.43 -41.74
N GLY D 585 -10.03 17.49 -42.08
CA GLY D 585 -10.89 16.32 -41.92
C GLY D 585 -10.60 15.27 -42.96
N THR D 586 -10.99 14.03 -42.64
CA THR D 586 -10.97 12.96 -43.64
C THR D 586 -12.05 13.15 -44.70
N ASN D 587 -13.06 13.99 -44.41
CA ASN D 587 -13.93 14.54 -45.44
C ASN D 587 -13.13 15.26 -46.52
N THR D 588 -12.09 16.00 -46.13
CA THR D 588 -11.39 16.84 -47.10
C THR D 588 -10.18 16.13 -47.69
N SER D 589 -9.22 15.74 -46.86
CA SER D 589 -7.97 15.18 -47.37
C SER D 589 -7.41 14.20 -46.34
N ASN D 590 -6.16 13.79 -46.56
CA ASN D 590 -5.47 12.89 -45.65
C ASN D 590 -4.05 13.32 -45.33
N GLN D 591 -3.58 14.42 -45.89
CA GLN D 591 -2.27 14.95 -45.54
C GLN D 591 -2.30 15.55 -44.15
N VAL D 592 -1.25 15.32 -43.37
CA VAL D 592 -1.13 15.83 -42.01
C VAL D 592 0.18 16.58 -41.87
N ALA D 593 0.21 17.52 -40.93
CA ALA D 593 1.43 18.22 -40.56
C ALA D 593 1.72 17.94 -39.09
N VAL D 594 2.94 17.53 -38.80
CA VAL D 594 3.35 17.15 -37.46
C VAL D 594 4.09 18.32 -36.83
N LEU D 595 3.61 18.78 -35.69
CA LEU D 595 4.23 19.85 -34.93
C LEU D 595 4.89 19.28 -33.68
N TYR D 596 6.11 19.71 -33.41
CA TYR D 596 6.82 19.37 -32.20
C TYR D 596 6.80 20.57 -31.27
N GLN D 597 6.37 20.37 -30.03
CA GLN D 597 6.09 21.47 -29.12
C GLN D 597 7.33 21.85 -28.33
N GLY D 598 7.80 23.08 -28.52
CA GLY D 598 8.76 23.69 -27.64
C GLY D 598 10.21 23.30 -27.83
N VAL D 599 10.54 22.51 -28.85
CA VAL D 599 11.90 22.09 -29.08
C VAL D 599 12.45 22.78 -30.32
N ASN D 600 13.68 23.26 -30.23
CA ASN D 600 14.45 23.65 -31.39
C ASN D 600 14.71 22.39 -32.20
N CYS D 601 14.17 22.32 -33.41
CA CYS D 601 14.09 21.05 -34.13
C CYS D 601 15.30 20.80 -35.03
N THR D 602 16.47 21.30 -34.64
CA THR D 602 17.72 20.74 -35.14
C THR D 602 18.08 19.45 -34.41
N GLU D 603 17.35 19.11 -33.34
CA GLU D 603 17.58 17.89 -32.58
C GLU D 603 16.88 16.68 -33.19
N VAL D 604 15.68 16.88 -33.76
CA VAL D 604 14.95 15.76 -34.36
C VAL D 604 15.60 15.09 -35.57
N PRO D 605 16.15 15.80 -36.59
CA PRO D 605 16.62 15.05 -37.76
C PRO D 605 17.98 14.39 -37.59
N VAL D 606 18.74 14.75 -36.54
CA VAL D 606 20.04 14.13 -36.30
C VAL D 606 19.87 12.71 -35.81
N ALA D 607 18.92 12.47 -34.90
CA ALA D 607 18.74 11.18 -34.25
C ALA D 607 17.82 10.25 -35.03
N ILE D 608 17.68 10.43 -36.34
CA ILE D 608 16.85 9.55 -37.15
C ILE D 608 17.66 8.28 -37.44
N HIS D 609 17.30 7.20 -36.76
CA HIS D 609 17.94 5.90 -36.94
C HIS D 609 16.97 4.84 -36.45
N ALA D 610 17.37 3.57 -36.62
CA ALA D 610 16.55 2.48 -36.15
C ALA D 610 16.54 2.43 -34.63
N ASP D 611 15.32 2.41 -34.06
CA ASP D 611 15.06 2.42 -32.61
C ASP D 611 15.73 3.61 -31.92
N GLN D 612 15.61 4.79 -32.54
CA GLN D 612 16.22 6.00 -32.01
C GLN D 612 15.28 7.18 -31.88
N LEU D 613 14.04 7.07 -32.36
CA LEU D 613 13.04 8.13 -32.21
C LEU D 613 11.82 7.57 -31.51
N THR D 614 11.26 8.35 -30.59
CA THR D 614 10.07 7.92 -29.85
C THR D 614 8.83 7.71 -30.73
N PRO D 615 8.50 8.55 -31.73
CA PRO D 615 7.55 8.08 -32.74
C PRO D 615 8.17 6.99 -33.61
N THR D 616 7.34 6.00 -33.98
CA THR D 616 7.84 4.89 -34.76
C THR D 616 8.08 5.29 -36.21
N TRP D 617 7.21 6.15 -36.75
CA TRP D 617 7.42 6.70 -38.09
C TRP D 617 8.64 7.62 -38.10
N ARG D 618 9.36 7.60 -39.22
CA ARG D 618 10.58 8.38 -39.35
C ARG D 618 10.69 9.08 -40.70
N VAL D 619 9.98 8.57 -41.71
CA VAL D 619 10.11 9.13 -43.05
C VAL D 619 9.38 10.46 -43.16
N TYR D 620 8.46 10.74 -42.23
CA TYR D 620 7.78 12.03 -42.20
C TYR D 620 8.49 13.05 -41.34
N SER D 621 9.57 12.66 -40.65
CA SER D 621 10.35 13.63 -39.88
C SER D 621 11.13 14.56 -40.80
N THR D 622 11.80 14.01 -41.81
CA THR D 622 12.40 14.81 -42.88
C THR D 622 11.50 14.69 -44.11
N GLY D 623 10.43 15.49 -44.10
CA GLY D 623 9.49 15.48 -45.19
C GLY D 623 9.49 16.77 -45.98
N SER D 624 8.50 17.62 -45.72
CA SER D 624 8.43 18.92 -46.40
C SER D 624 9.35 19.92 -45.71
N ASN D 625 9.22 21.18 -46.11
CA ASN D 625 10.06 22.23 -45.55
C ASN D 625 9.65 22.54 -44.11
N VAL D 626 10.64 22.68 -43.25
CA VAL D 626 10.39 23.04 -41.86
C VAL D 626 10.18 24.54 -41.75
N PHE D 627 9.61 24.96 -40.62
CA PHE D 627 9.42 26.39 -40.35
C PHE D 627 9.45 26.56 -38.83
N GLN D 628 10.52 27.17 -38.34
CA GLN D 628 10.70 27.34 -36.91
C GLN D 628 9.76 28.40 -36.36
N THR D 629 8.95 28.02 -35.37
CA THR D 629 8.01 28.91 -34.72
C THR D 629 8.43 29.11 -33.28
N ARG D 630 7.69 29.97 -32.57
CA ARG D 630 7.92 30.14 -31.15
C ARG D 630 7.38 28.98 -30.33
N ALA D 631 6.48 28.17 -30.90
CA ALA D 631 5.96 26.98 -30.26
C ALA D 631 6.72 25.72 -30.66
N GLY D 632 7.81 25.86 -31.40
CA GLY D 632 8.50 24.73 -32.00
C GLY D 632 8.08 24.54 -33.43
N CYS D 633 8.98 23.98 -34.24
CA CYS D 633 8.74 23.92 -35.67
C CYS D 633 7.79 22.78 -36.01
N LEU D 634 7.19 22.87 -37.17
CA LEU D 634 6.31 21.83 -37.68
C LEU D 634 6.81 21.36 -39.05
N ILE D 635 6.72 20.06 -39.27
CA ILE D 635 7.18 19.44 -40.51
C ILE D 635 5.96 19.04 -41.32
N GLY D 636 5.83 19.61 -42.52
CA GLY D 636 4.73 19.29 -43.41
C GLY D 636 3.92 20.49 -43.86
N ALA D 637 4.19 21.68 -43.36
CA ALA D 637 3.46 22.88 -43.74
C ALA D 637 4.44 23.94 -44.24
N GLU D 638 4.16 24.51 -45.40
CA GLU D 638 4.99 25.56 -45.97
C GLU D 638 4.53 26.92 -45.47
N TYR D 639 5.49 27.79 -45.18
CA TYR D 639 5.19 29.10 -44.64
C TYR D 639 4.98 30.10 -45.77
N VAL D 640 3.91 30.88 -45.68
CA VAL D 640 3.63 31.97 -46.60
C VAL D 640 3.68 33.28 -45.81
N ASN D 641 3.55 34.40 -46.52
CA ASN D 641 3.59 35.69 -45.85
C ASN D 641 2.33 36.52 -46.08
N ASN D 642 1.28 35.93 -46.64
CA ASN D 642 -0.02 36.59 -46.74
C ASN D 642 -0.96 35.97 -45.71
N SER D 643 -1.72 36.81 -45.02
CA SER D 643 -2.46 36.42 -43.83
C SER D 643 -3.94 36.23 -44.16
N TYR D 644 -4.52 35.16 -43.60
CA TYR D 644 -5.95 34.92 -43.70
C TYR D 644 -6.56 34.75 -42.31
N GLU D 645 -7.82 34.34 -42.25
CA GLU D 645 -8.45 34.06 -40.97
C GLU D 645 -7.96 32.72 -40.43
N CYS D 646 -7.91 32.60 -39.10
CA CYS D 646 -7.33 31.43 -38.47
C CYS D 646 -8.29 30.25 -38.53
N ASP D 647 -7.78 29.10 -38.98
CA ASP D 647 -8.54 27.86 -39.00
C ASP D 647 -8.09 26.89 -37.91
N ILE D 648 -6.81 26.52 -37.91
CA ILE D 648 -6.26 25.63 -36.90
C ILE D 648 -5.19 26.38 -36.11
N PRO D 649 -5.42 26.68 -34.83
CA PRO D 649 -4.47 27.51 -34.08
C PRO D 649 -3.16 26.80 -33.76
N ILE D 650 -2.10 27.20 -34.47
CA ILE D 650 -0.76 26.66 -34.21
C ILE D 650 -0.24 27.18 -32.87
N GLY D 651 -0.30 28.49 -32.67
CA GLY D 651 0.23 29.12 -31.48
C GLY D 651 1.20 30.22 -31.84
N ALA D 652 1.30 31.22 -30.95
CA ALA D 652 2.16 32.40 -31.08
C ALA D 652 1.89 33.18 -32.38
N GLY D 653 0.61 33.30 -32.73
CA GLY D 653 0.21 34.06 -33.90
C GLY D 653 0.12 33.27 -35.18
N ILE D 654 0.59 32.04 -35.20
CA ILE D 654 0.56 31.21 -36.39
C ILE D 654 -0.74 30.42 -36.40
N CYS D 655 -1.34 30.27 -37.59
CA CYS D 655 -2.50 29.40 -37.76
C CYS D 655 -2.38 28.68 -39.08
N ALA D 656 -2.49 27.36 -39.04
CA ALA D 656 -2.38 26.55 -40.25
C ALA D 656 -3.76 26.35 -40.89
N SER D 657 -3.74 26.02 -42.18
CA SER D 657 -4.97 25.78 -42.93
C SER D 657 -4.64 24.89 -44.12
N TYR D 658 -5.67 24.58 -44.90
CA TYR D 658 -5.55 23.74 -46.09
C TYR D 658 -5.97 24.57 -47.30
N GLN D 659 -4.99 25.14 -48.01
CA GLN D 659 -5.29 26.01 -49.13
C GLN D 659 -4.52 25.59 -50.38
N THR D 660 -4.55 26.43 -51.41
CA THR D 660 -3.86 26.14 -52.66
C THR D 660 -2.36 26.34 -52.53
N SER D 673 -1.10 21.19 -55.97
CA SER D 673 -2.43 21.80 -55.98
C SER D 673 -2.78 22.33 -54.59
N GLN D 674 -3.31 21.45 -53.75
CA GLN D 674 -3.71 21.79 -52.39
C GLN D 674 -2.74 21.18 -51.40
N SER D 675 -2.30 21.98 -50.43
CA SER D 675 -1.36 21.52 -49.42
C SER D 675 -1.58 22.32 -48.15
N ILE D 676 -1.10 21.77 -47.04
CA ILE D 676 -1.22 22.45 -45.75
C ILE D 676 -0.20 23.58 -45.70
N ILE D 677 -0.68 24.79 -45.41
CA ILE D 677 0.18 25.96 -45.31
C ILE D 677 0.08 26.52 -43.90
N ALA D 678 1.08 27.31 -43.52
CA ALA D 678 1.10 27.99 -42.23
C ALA D 678 1.31 29.48 -42.46
N TYR D 679 0.65 30.30 -41.64
CA TYR D 679 0.67 31.74 -41.85
C TYR D 679 0.38 32.44 -40.53
N THR D 680 0.81 33.70 -40.44
CA THR D 680 0.41 34.54 -39.34
C THR D 680 -1.04 34.99 -39.52
N MET D 681 -1.71 35.30 -38.42
CA MET D 681 -3.12 35.64 -38.50
C MET D 681 -3.34 37.04 -39.05
N SER D 682 -4.50 37.22 -39.68
CA SER D 682 -5.03 38.52 -40.03
C SER D 682 -6.08 38.90 -39.01
N LEU D 683 -6.11 40.18 -38.64
CA LEU D 683 -6.98 40.65 -37.59
C LEU D 683 -8.25 41.30 -38.13
N GLY D 684 -8.51 41.17 -39.41
CA GLY D 684 -9.71 41.72 -40.03
C GLY D 684 -9.38 42.65 -41.18
N ALA D 685 -10.44 43.16 -41.79
CA ALA D 685 -10.31 44.09 -42.90
C ALA D 685 -9.76 45.41 -42.39
N GLU D 686 -8.65 45.87 -42.97
CA GLU D 686 -8.00 47.09 -42.52
C GLU D 686 -8.81 48.29 -43.01
N ASN D 687 -9.40 49.02 -42.08
CA ASN D 687 -10.31 50.11 -42.39
C ASN D 687 -9.83 51.40 -41.72
N SER D 688 -9.91 52.50 -42.48
CA SER D 688 -9.59 53.83 -41.97
C SER D 688 -10.83 54.70 -42.08
N VAL D 689 -11.18 55.39 -41.00
CA VAL D 689 -12.38 56.20 -40.94
C VAL D 689 -12.00 57.63 -41.30
N ALA D 690 -12.78 58.25 -42.20
CA ALA D 690 -12.53 59.61 -42.66
C ALA D 690 -12.91 60.58 -41.54
N TYR D 691 -11.96 60.79 -40.63
CA TYR D 691 -12.21 61.64 -39.47
C TYR D 691 -11.83 63.09 -39.80
N SER D 692 -12.70 64.02 -39.42
CA SER D 692 -12.42 65.43 -39.55
C SER D 692 -13.24 66.17 -38.50
N ASN D 693 -12.87 67.42 -38.24
CA ASN D 693 -13.52 68.20 -37.21
C ASN D 693 -14.76 68.95 -37.68
N ASN D 694 -15.27 68.65 -38.87
CA ASN D 694 -16.46 69.32 -39.36
C ASN D 694 -17.43 68.40 -40.10
N SER D 695 -17.20 67.09 -40.11
CA SER D 695 -18.04 66.16 -40.86
C SER D 695 -18.56 65.06 -39.94
N ILE D 696 -19.83 64.73 -40.10
CA ILE D 696 -20.46 63.62 -39.39
C ILE D 696 -21.12 62.73 -40.44
N ALA D 697 -21.22 61.44 -40.14
CA ALA D 697 -21.88 60.48 -41.02
C ALA D 697 -23.14 59.99 -40.33
N ILE D 698 -24.28 60.14 -41.01
CA ILE D 698 -25.59 59.81 -40.45
C ILE D 698 -26.26 58.82 -41.40
N PRO D 699 -26.73 57.68 -40.91
CA PRO D 699 -27.34 56.69 -41.80
C PRO D 699 -28.69 57.14 -42.33
N THR D 700 -28.95 56.81 -43.59
CA THR D 700 -30.19 57.12 -44.25
C THR D 700 -31.11 55.92 -44.37
N ASN D 701 -30.71 54.78 -43.84
CA ASN D 701 -31.47 53.54 -43.94
C ASN D 701 -31.09 52.65 -42.76
N PHE D 702 -31.68 51.47 -42.72
CA PHE D 702 -31.36 50.51 -41.67
C PHE D 702 -31.71 49.11 -42.14
N THR D 703 -31.19 48.13 -41.41
CA THR D 703 -31.59 46.75 -41.58
C THR D 703 -31.90 46.15 -40.22
N ILE D 704 -32.76 45.16 -40.19
CA ILE D 704 -33.14 44.47 -38.96
C ILE D 704 -32.55 43.07 -39.02
N SER D 705 -31.71 42.74 -38.05
CA SER D 705 -30.97 41.50 -38.04
C SER D 705 -31.38 40.69 -36.82
N VAL D 706 -31.67 39.41 -37.02
CA VAL D 706 -31.98 38.48 -35.95
C VAL D 706 -30.76 37.60 -35.76
N THR D 707 -30.20 37.62 -34.55
CA THR D 707 -29.01 36.85 -34.22
C THR D 707 -29.33 35.89 -33.09
N THR D 708 -29.03 34.61 -33.31
CA THR D 708 -29.31 33.61 -32.30
C THR D 708 -28.18 33.58 -31.26
N GLU D 709 -28.52 33.07 -30.08
CA GLU D 709 -27.54 32.96 -29.00
C GLU D 709 -27.93 31.81 -28.09
N ILE D 710 -27.01 30.86 -27.92
CA ILE D 710 -27.29 29.58 -27.27
C ILE D 710 -26.55 29.52 -25.95
N LEU D 711 -27.26 29.18 -24.88
CA LEU D 711 -26.71 29.12 -23.54
C LEU D 711 -27.16 27.84 -22.86
N PRO D 712 -26.25 27.09 -22.23
CA PRO D 712 -26.66 25.99 -21.38
C PRO D 712 -27.36 26.48 -20.13
N VAL D 713 -28.28 25.66 -19.61
CA VAL D 713 -29.06 25.98 -18.43
C VAL D 713 -28.87 24.92 -17.34
N SER D 714 -28.97 23.65 -17.71
CA SER D 714 -28.78 22.58 -16.75
C SER D 714 -28.08 21.42 -17.43
N MET D 715 -27.49 20.55 -16.63
CA MET D 715 -26.87 19.33 -17.13
C MET D 715 -27.60 18.12 -16.56
N THR D 716 -27.18 16.94 -16.99
CA THR D 716 -27.88 15.72 -16.62
C THR D 716 -27.61 15.36 -15.17
N LYS D 717 -28.69 15.14 -14.41
CA LYS D 717 -28.55 14.71 -13.03
C LYS D 717 -28.11 13.26 -12.97
N THR D 718 -27.50 12.88 -11.85
CA THR D 718 -26.98 11.54 -11.69
C THR D 718 -26.91 11.21 -10.21
N SER D 719 -26.75 9.93 -9.91
CA SER D 719 -26.65 9.48 -8.54
C SER D 719 -25.83 8.20 -8.47
N VAL D 720 -24.83 8.19 -7.61
CA VAL D 720 -23.97 7.04 -7.38
C VAL D 720 -24.19 6.57 -5.96
N ASP D 721 -24.39 5.27 -5.78
CA ASP D 721 -24.51 4.70 -4.45
C ASP D 721 -23.16 4.17 -3.97
N CYS D 722 -23.14 3.78 -2.70
CA CYS D 722 -21.86 3.54 -2.02
C CYS D 722 -21.26 2.21 -2.44
N THR D 723 -21.96 1.10 -2.17
CA THR D 723 -21.33 -0.21 -2.17
C THR D 723 -21.37 -0.91 -3.51
N MET D 724 -22.41 -0.68 -4.32
CA MET D 724 -22.58 -1.44 -5.54
C MET D 724 -21.58 -1.05 -6.61
N TYR D 725 -21.12 0.21 -6.63
CA TYR D 725 -20.07 0.57 -7.56
C TYR D 725 -18.73 -0.03 -7.15
N ILE D 726 -18.40 0.05 -5.86
CA ILE D 726 -17.07 -0.35 -5.42
C ILE D 726 -16.96 -1.87 -5.36
N CYS D 727 -17.79 -2.50 -4.54
CA CYS D 727 -17.72 -3.94 -4.33
C CYS D 727 -19.12 -4.56 -4.31
N GLY D 728 -19.90 -4.30 -5.35
CA GLY D 728 -21.23 -4.87 -5.44
C GLY D 728 -21.20 -6.38 -5.57
N ASP D 729 -22.27 -7.01 -5.06
CA ASP D 729 -22.40 -8.47 -4.93
C ASP D 729 -21.23 -9.08 -4.17
N SER D 730 -20.86 -8.44 -3.06
CA SER D 730 -19.75 -8.93 -2.23
C SER D 730 -20.06 -8.56 -0.78
N THR D 731 -20.56 -9.54 -0.02
CA THR D 731 -20.88 -9.32 1.38
C THR D 731 -19.64 -9.33 2.26
N GLU D 732 -18.51 -9.82 1.76
CA GLU D 732 -17.25 -9.80 2.49
C GLU D 732 -16.55 -8.46 2.42
N CYS D 733 -17.03 -7.53 1.58
CA CYS D 733 -16.47 -6.20 1.46
C CYS D 733 -17.23 -5.15 2.26
N SER D 734 -18.55 -5.30 2.37
CA SER D 734 -19.40 -4.26 2.96
C SER D 734 -19.11 -4.05 4.44
N ASN D 735 -18.71 -5.11 5.14
CA ASN D 735 -18.23 -4.95 6.51
C ASN D 735 -16.85 -4.28 6.53
N LEU D 736 -16.01 -4.62 5.56
CA LEU D 736 -14.69 -4.00 5.47
C LEU D 736 -14.77 -2.58 4.91
N LEU D 737 -15.81 -2.28 4.14
CA LEU D 737 -15.98 -0.95 3.59
C LEU D 737 -16.45 0.06 4.64
N LEU D 738 -16.95 -0.43 5.78
CA LEU D 738 -17.34 0.44 6.89
C LEU D 738 -16.15 1.05 7.62
N GLN D 739 -14.92 0.62 7.32
CA GLN D 739 -13.72 1.10 7.98
C GLN D 739 -13.23 2.45 7.45
N TYR D 740 -14.06 3.18 6.71
CA TYR D 740 -13.69 4.49 6.18
C TYR D 740 -14.55 5.63 6.70
N GLY D 741 -15.78 5.36 7.10
CA GLY D 741 -16.63 6.35 7.77
C GLY D 741 -17.49 7.13 6.77
N SER D 742 -17.11 8.39 6.51
CA SER D 742 -17.87 9.30 5.66
C SER D 742 -17.38 9.27 4.22
N PHE D 743 -16.94 8.09 3.76
CA PHE D 743 -16.37 7.92 2.42
C PHE D 743 -17.42 8.17 1.33
N CYS D 744 -18.64 7.73 1.60
CA CYS D 744 -19.65 7.75 0.53
C CYS D 744 -20.88 8.54 0.91
N THR D 745 -21.12 8.79 2.18
CA THR D 745 -22.25 9.69 2.44
C THR D 745 -21.86 11.00 1.81
N GLN D 746 -20.62 11.42 1.90
CA GLN D 746 -20.25 12.72 1.35
C GLN D 746 -20.49 12.68 -0.14
N LEU D 747 -20.13 11.58 -0.79
CA LEU D 747 -20.27 11.53 -2.26
C LEU D 747 -21.75 11.61 -2.63
N LYS D 748 -22.59 10.88 -1.92
CA LYS D 748 -24.04 10.93 -2.20
C LYS D 748 -24.55 12.32 -1.96
N ARG D 749 -24.16 12.95 -0.88
CA ARG D 749 -24.70 14.28 -0.56
C ARG D 749 -24.30 15.24 -1.67
N ALA D 750 -23.06 15.20 -2.12
CA ALA D 750 -22.62 16.14 -3.15
C ALA D 750 -23.39 15.89 -4.42
N LEU D 751 -23.54 14.65 -4.82
CA LEU D 751 -24.24 14.47 -6.09
C LEU D 751 -25.72 14.86 -5.96
N THR D 752 -26.36 14.64 -4.82
CA THR D 752 -27.75 15.06 -4.64
C THR D 752 -27.85 16.57 -4.71
N GLY D 753 -26.92 17.28 -4.14
CA GLY D 753 -26.91 18.73 -4.27
C GLY D 753 -26.67 19.20 -5.67
N ILE D 754 -25.80 18.55 -6.40
CA ILE D 754 -25.62 18.92 -7.83
C ILE D 754 -26.96 18.72 -8.51
N ALA D 755 -27.71 17.68 -8.19
CA ALA D 755 -29.04 17.43 -8.79
C ALA D 755 -30.12 18.39 -8.32
N VAL D 756 -30.30 18.62 -7.02
CA VAL D 756 -31.34 19.56 -6.58
C VAL D 756 -31.19 20.87 -7.33
N GLU D 757 -29.95 21.37 -7.46
CA GLU D 757 -29.74 22.68 -8.07
C GLU D 757 -29.87 22.64 -9.59
N GLN D 758 -29.87 21.45 -10.21
CA GLN D 758 -30.15 21.38 -11.63
C GLN D 758 -31.61 21.66 -11.93
N ASP D 759 -32.51 21.45 -10.97
CA ASP D 759 -33.90 21.83 -11.12
C ASP D 759 -34.13 23.30 -10.77
N LYS D 760 -33.27 23.87 -9.93
CA LYS D 760 -33.37 25.29 -9.62
C LYS D 760 -32.91 26.15 -10.81
N ASN D 761 -31.97 25.63 -11.60
CA ASN D 761 -31.50 26.35 -12.78
C ASN D 761 -32.59 26.46 -13.83
N THR D 762 -33.34 25.38 -14.05
CA THR D 762 -34.43 25.41 -15.02
C THR D 762 -35.61 26.21 -14.49
N GLN D 763 -35.83 26.18 -13.18
CA GLN D 763 -36.94 26.91 -12.58
C GLN D 763 -36.72 28.42 -12.64
N GLU D 764 -35.49 28.86 -12.41
CA GLU D 764 -35.23 30.29 -12.35
C GLU D 764 -35.02 30.93 -13.72
N VAL D 765 -34.89 30.14 -14.78
CA VAL D 765 -34.73 30.69 -16.12
C VAL D 765 -36.06 30.80 -16.84
N PHE D 766 -36.81 29.70 -16.90
CA PHE D 766 -38.06 29.66 -17.64
C PHE D 766 -39.25 30.13 -16.81
N ALA D 767 -39.41 29.56 -15.62
CA ALA D 767 -40.57 29.88 -14.80
C ALA D 767 -40.40 31.23 -14.10
N GLN D 768 -40.51 32.30 -14.87
CA GLN D 768 -40.44 33.65 -14.33
C GLN D 768 -41.79 34.34 -14.29
N VAL D 769 -42.82 33.76 -14.90
CA VAL D 769 -44.16 34.33 -14.91
C VAL D 769 -45.08 33.38 -14.14
N LYS D 770 -45.98 33.96 -13.34
CA LYS D 770 -46.92 33.16 -12.58
C LYS D 770 -48.17 32.81 -13.39
N GLN D 771 -48.36 33.44 -14.54
CA GLN D 771 -49.55 33.24 -15.36
C GLN D 771 -49.14 32.73 -16.73
N ILE D 772 -49.73 31.62 -17.15
CA ILE D 772 -49.43 31.01 -18.45
C ILE D 772 -50.35 31.67 -19.47
N TYR D 773 -49.81 32.63 -20.21
CA TYR D 773 -50.57 33.29 -21.26
C TYR D 773 -50.64 32.40 -22.50
N LYS D 774 -51.61 32.70 -23.36
CA LYS D 774 -51.77 32.00 -24.61
C LYS D 774 -52.01 33.00 -25.74
N THR D 775 -51.61 32.62 -26.94
CA THR D 775 -51.74 33.51 -28.08
C THR D 775 -53.21 33.58 -28.53
N PRO D 776 -53.64 34.74 -29.04
CA PRO D 776 -54.99 34.84 -29.59
C PRO D 776 -55.13 34.06 -30.88
N PRO D 777 -56.34 33.63 -31.25
CA PRO D 777 -56.54 32.95 -32.53
C PRO D 777 -56.23 33.81 -33.75
N ILE D 778 -56.44 35.12 -33.66
CA ILE D 778 -56.12 36.01 -34.77
C ILE D 778 -54.61 36.20 -34.82
N LYS D 779 -53.99 35.72 -35.89
CA LYS D 779 -52.54 35.68 -36.02
C LYS D 779 -52.01 36.78 -36.95
N TYR D 780 -52.64 37.94 -36.94
CA TYR D 780 -52.17 39.09 -37.69
C TYR D 780 -51.59 40.08 -36.70
N PHE D 781 -50.28 40.03 -36.49
CA PHE D 781 -49.60 40.95 -35.60
C PHE D 781 -48.95 42.08 -36.39
N GLY D 782 -49.71 42.85 -37.12
CA GLY D 782 -49.12 44.03 -37.76
C GLY D 782 -48.38 43.70 -39.01
N GLY D 783 -48.64 42.55 -39.59
CA GLY D 783 -47.85 42.15 -40.74
C GLY D 783 -46.60 41.37 -40.41
N PHE D 784 -46.21 41.31 -39.14
CA PHE D 784 -45.07 40.52 -38.73
C PHE D 784 -45.47 39.05 -38.64
N ASN D 785 -44.65 38.18 -39.21
CA ASN D 785 -44.94 36.75 -39.23
C ASN D 785 -44.19 36.08 -38.09
N PHE D 786 -44.95 35.45 -37.18
CA PHE D 786 -44.40 34.78 -36.03
C PHE D 786 -44.66 33.27 -36.06
N SER D 787 -44.73 32.69 -37.26
CA SER D 787 -45.07 31.29 -37.38
C SER D 787 -43.93 30.38 -36.94
N GLN D 788 -42.70 30.88 -36.97
CA GLN D 788 -41.54 30.05 -36.64
C GLN D 788 -41.33 29.89 -35.14
N ILE D 789 -41.91 30.76 -34.32
CA ILE D 789 -41.65 30.72 -32.89
C ILE D 789 -42.88 30.36 -32.06
N LEU D 790 -44.08 30.66 -32.53
CA LEU D 790 -45.28 30.17 -31.85
C LEU D 790 -45.42 28.66 -32.07
N PRO D 791 -46.00 27.94 -31.10
CA PRO D 791 -46.06 26.48 -31.20
C PRO D 791 -46.98 26.01 -32.32
N ASP D 792 -46.67 24.82 -32.83
CA ASP D 792 -47.43 24.18 -33.89
C ASP D 792 -48.37 23.17 -33.27
N PRO D 793 -49.69 23.42 -33.27
CA PRO D 793 -50.61 22.48 -32.61
C PRO D 793 -50.84 21.19 -33.37
N SER D 794 -50.46 21.14 -34.66
CA SER D 794 -50.65 19.92 -35.43
C SER D 794 -49.70 18.82 -34.99
N LYS D 795 -48.51 19.19 -34.52
CA LYS D 795 -47.55 18.22 -34.03
C LYS D 795 -47.98 17.70 -32.66
N PRO D 796 -47.68 16.43 -32.35
CA PRO D 796 -47.99 15.91 -31.00
C PRO D 796 -47.23 16.61 -29.89
N SER D 797 -45.99 17.03 -30.15
CA SER D 797 -45.22 17.84 -29.23
C SER D 797 -45.46 19.31 -29.59
N LYS D 798 -45.94 20.09 -28.62
CA LYS D 798 -46.34 21.48 -28.89
C LYS D 798 -45.11 22.39 -28.90
N ARG D 799 -44.31 22.21 -29.96
CA ARG D 799 -43.04 22.94 -30.10
C ARG D 799 -43.07 23.72 -31.41
N SER D 800 -42.32 24.80 -31.49
CA SER D 800 -42.27 25.69 -32.66
C SER D 800 -41.56 25.01 -33.79
N PRO D 801 -41.63 25.51 -35.02
CA PRO D 801 -40.83 24.93 -36.02
C PRO D 801 -39.34 25.03 -35.70
N ILE D 802 -38.83 26.11 -35.12
CA ILE D 802 -37.39 26.27 -34.72
C ILE D 802 -37.02 25.34 -33.56
N GLU D 803 -37.85 25.14 -32.57
CA GLU D 803 -37.54 24.21 -31.47
C GLU D 803 -37.50 22.80 -32.03
N ASP D 804 -38.30 22.47 -33.03
CA ASP D 804 -38.20 21.11 -33.60
C ASP D 804 -36.81 20.88 -34.18
N LEU D 805 -36.17 21.83 -34.85
CA LEU D 805 -34.77 21.63 -35.29
C LEU D 805 -33.85 21.46 -34.09
N LEU D 806 -33.98 22.26 -33.05
CA LEU D 806 -33.04 22.22 -31.93
C LEU D 806 -33.15 20.92 -31.16
N PHE D 807 -34.33 20.32 -31.13
CA PHE D 807 -34.50 19.04 -30.44
C PHE D 807 -34.12 17.85 -31.32
N ASN D 808 -33.76 18.09 -32.58
CA ASN D 808 -33.28 17.04 -33.46
C ASN D 808 -31.78 17.07 -33.67
N LYS D 809 -31.13 18.20 -33.43
CA LYS D 809 -29.69 18.36 -33.69
C LYS D 809 -28.85 18.14 -32.44
N VAL D 810 -29.45 17.74 -31.32
CA VAL D 810 -28.72 17.41 -30.11
C VAL D 810 -29.01 15.95 -29.77
N THR D 811 -27.95 15.17 -29.62
CA THR D 811 -28.05 13.75 -29.30
C THR D 811 -27.51 13.49 -27.90
N LEU D 812 -28.12 12.54 -27.21
CA LEU D 812 -27.71 12.17 -25.86
C LEU D 812 -26.40 11.39 -25.89
N LEU D 833 -29.47 3.57 -25.37
CA LEU D 833 -28.58 2.55 -24.86
C LEU D 833 -27.36 3.20 -24.22
N ILE D 834 -27.09 4.45 -24.59
CA ILE D 834 -25.93 5.17 -24.07
C ILE D 834 -26.08 5.44 -22.57
N CYS D 835 -27.27 5.89 -22.15
CA CYS D 835 -27.51 6.11 -20.73
C CYS D 835 -27.72 4.80 -19.98
N ALA D 836 -28.12 3.74 -20.67
CA ALA D 836 -28.46 2.48 -20.04
C ALA D 836 -27.31 1.47 -19.99
N GLN D 837 -26.21 1.73 -20.68
CA GLN D 837 -25.05 0.86 -20.63
C GLN D 837 -24.13 1.17 -19.45
N LYS D 838 -24.44 2.20 -18.67
CA LYS D 838 -23.65 2.58 -17.52
C LYS D 838 -24.20 2.00 -16.22
N PHE D 839 -25.11 1.02 -16.32
CA PHE D 839 -25.77 0.44 -15.15
C PHE D 839 -24.79 -0.45 -14.38
N LYS D 840 -23.98 0.21 -13.55
CA LYS D 840 -23.07 -0.47 -12.63
C LYS D 840 -23.11 0.22 -11.27
N GLY D 841 -24.31 0.57 -10.82
CA GLY D 841 -24.47 1.44 -9.67
C GLY D 841 -24.73 2.88 -10.02
N LEU D 842 -24.87 3.20 -11.30
CA LEU D 842 -25.05 4.57 -11.78
C LEU D 842 -26.50 4.75 -12.21
N THR D 843 -27.14 5.81 -11.70
CA THR D 843 -28.54 6.07 -12.01
C THR D 843 -28.69 7.51 -12.45
N VAL D 844 -29.28 7.70 -13.63
CA VAL D 844 -29.51 9.02 -14.19
C VAL D 844 -30.95 9.41 -13.87
N LEU D 845 -31.12 10.35 -12.96
CA LEU D 845 -32.45 10.80 -12.56
C LEU D 845 -33.06 11.67 -13.66
N PRO D 846 -34.38 11.63 -13.82
CA PRO D 846 -35.01 12.52 -14.79
C PRO D 846 -35.20 13.91 -14.19
N PRO D 847 -35.24 14.94 -15.04
CA PRO D 847 -35.48 16.30 -14.52
C PRO D 847 -36.91 16.46 -14.03
N LEU D 848 -37.08 17.43 -13.12
CA LEU D 848 -38.40 17.67 -12.54
C LEU D 848 -39.35 18.27 -13.56
N LEU D 849 -38.92 19.30 -14.27
CA LEU D 849 -39.71 19.86 -15.37
C LEU D 849 -39.43 19.02 -16.60
N THR D 850 -40.46 18.34 -17.10
CA THR D 850 -40.28 17.52 -18.28
C THR D 850 -40.22 18.40 -19.54
N ASP D 851 -40.01 17.74 -20.68
CA ASP D 851 -39.69 18.46 -21.90
C ASP D 851 -40.89 19.23 -22.44
N GLU D 852 -42.10 18.70 -22.23
CA GLU D 852 -43.27 19.36 -22.78
C GLU D 852 -43.83 20.45 -21.88
N MET D 853 -43.26 20.67 -20.69
CA MET D 853 -43.64 21.83 -19.89
C MET D 853 -42.61 22.93 -19.90
N ILE D 854 -41.36 22.64 -20.25
CA ILE D 854 -40.38 23.68 -20.50
C ILE D 854 -40.78 24.49 -21.73
N ALA D 855 -41.21 23.81 -22.78
CA ALA D 855 -41.73 24.49 -23.97
C ALA D 855 -43.07 25.16 -23.71
N GLN D 856 -43.81 24.72 -22.69
CA GLN D 856 -45.03 25.43 -22.31
C GLN D 856 -44.70 26.76 -21.64
N TYR D 857 -43.60 26.79 -20.88
CA TYR D 857 -43.15 28.05 -20.29
C TYR D 857 -42.67 29.02 -21.36
N THR D 858 -41.97 28.50 -22.37
CA THR D 858 -41.48 29.34 -23.46
C THR D 858 -42.63 29.91 -24.27
N SER D 859 -43.69 29.13 -24.47
CA SER D 859 -44.88 29.62 -25.15
C SER D 859 -45.61 30.67 -24.31
N ALA D 860 -45.52 30.56 -22.99
CA ALA D 860 -46.11 31.58 -22.12
C ALA D 860 -45.32 32.87 -22.18
N LEU D 861 -44.00 32.77 -22.37
CA LEU D 861 -43.18 33.96 -22.54
C LEU D 861 -43.46 34.64 -23.87
N LEU D 862 -43.65 33.84 -24.93
CA LEU D 862 -43.87 34.42 -26.25
C LEU D 862 -45.27 35.01 -26.38
N ALA D 863 -46.25 34.44 -25.69
CA ALA D 863 -47.59 34.98 -25.74
C ALA D 863 -47.75 36.27 -24.94
N GLY D 864 -46.78 36.59 -24.09
CA GLY D 864 -46.84 37.83 -23.34
C GLY D 864 -46.07 38.94 -24.01
N THR D 865 -44.92 38.64 -24.58
CA THR D 865 -44.08 39.68 -25.16
C THR D 865 -44.61 40.21 -26.47
N ILE D 866 -45.57 39.52 -27.09
CA ILE D 866 -46.16 39.99 -28.34
C ILE D 866 -47.42 40.80 -28.08
N THR D 867 -48.33 40.27 -27.26
CA THR D 867 -49.59 40.96 -27.00
C THR D 867 -49.40 42.11 -26.01
N SER D 868 -48.52 41.93 -25.02
CA SER D 868 -48.41 42.92 -23.95
C SER D 868 -47.10 43.70 -23.95
N GLY D 869 -46.05 43.18 -24.58
CA GLY D 869 -44.77 43.89 -24.61
C GLY D 869 -43.94 43.58 -23.38
N TRP D 870 -43.48 44.61 -22.70
CA TRP D 870 -42.73 44.44 -21.46
C TRP D 870 -43.60 44.57 -20.22
N THR D 871 -44.88 44.76 -20.39
CA THR D 871 -45.75 45.08 -19.26
C THR D 871 -46.11 43.87 -18.45
N PHE D 872 -45.76 42.68 -18.86
CA PHE D 872 -46.18 41.44 -18.16
C PHE D 872 -45.07 41.09 -17.22
N GLY D 873 -43.92 41.68 -17.47
CA GLY D 873 -42.80 41.43 -16.59
C GLY D 873 -42.69 42.38 -15.44
N ALA D 874 -43.68 43.22 -15.20
CA ALA D 874 -43.53 44.28 -14.20
C ALA D 874 -44.88 44.60 -13.63
N GLY D 875 -45.78 43.64 -13.57
CA GLY D 875 -47.14 43.98 -13.15
C GLY D 875 -48.16 43.22 -13.95
N PRO D 876 -49.41 43.68 -14.05
CA PRO D 876 -50.39 43.02 -14.88
C PRO D 876 -50.05 43.07 -16.37
N ALA D 877 -50.40 42.07 -17.18
CA ALA D 877 -50.16 42.17 -18.62
C ALA D 877 -51.15 43.15 -19.15
N LEU D 878 -50.67 44.16 -19.87
CA LEU D 878 -51.53 45.24 -20.36
C LEU D 878 -51.42 45.14 -21.86
N GLN D 879 -52.45 44.74 -22.58
CA GLN D 879 -52.42 44.50 -24.01
C GLN D 879 -52.12 45.79 -24.78
N ILE D 880 -51.58 45.61 -25.98
CA ILE D 880 -51.13 46.70 -26.85
C ILE D 880 -51.00 46.10 -28.25
N PRO D 881 -51.32 46.92 -29.29
CA PRO D 881 -51.08 46.49 -30.62
C PRO D 881 -49.60 46.38 -31.00
N PHE D 882 -49.14 45.32 -31.66
CA PHE D 882 -47.70 45.09 -31.94
C PHE D 882 -47.09 46.15 -32.83
N PRO D 883 -47.71 46.65 -33.90
CA PRO D 883 -47.10 47.70 -34.62
C PRO D 883 -46.79 48.89 -33.73
N MET D 884 -47.44 49.08 -32.57
CA MET D 884 -47.27 50.20 -31.63
C MET D 884 -46.27 49.82 -30.56
N GLN D 885 -46.20 48.58 -30.13
CA GLN D 885 -45.14 48.16 -29.22
C GLN D 885 -43.85 48.37 -29.95
N MET D 886 -43.80 48.22 -31.27
CA MET D 886 -42.49 48.42 -31.84
C MET D 886 -42.10 49.89 -31.93
N ALA D 887 -43.05 50.82 -31.84
CA ALA D 887 -42.72 52.22 -31.81
C ALA D 887 -42.03 52.60 -30.49
N TYR D 888 -42.43 51.97 -29.39
CA TYR D 888 -41.78 52.24 -28.12
C TYR D 888 -40.43 51.56 -28.05
N ARG D 889 -40.25 50.44 -28.75
CA ARG D 889 -38.94 49.84 -28.89
C ARG D 889 -38.03 50.71 -29.74
N PHE D 890 -38.60 51.41 -30.72
CA PHE D 890 -37.81 52.34 -31.52
C PHE D 890 -37.48 53.61 -30.75
N ASN D 891 -38.33 54.01 -29.81
CA ASN D 891 -38.07 55.21 -29.03
C ASN D 891 -36.93 55.01 -28.05
N GLY D 892 -36.72 53.76 -27.62
CA GLY D 892 -35.59 53.48 -26.76
C GLY D 892 -34.26 53.48 -27.49
N ILE D 893 -34.29 53.30 -28.82
CA ILE D 893 -33.06 53.28 -29.60
C ILE D 893 -32.48 54.68 -29.73
N GLY D 894 -33.32 55.64 -30.11
CA GLY D 894 -32.86 56.99 -30.35
C GLY D 894 -33.52 57.60 -31.56
N VAL D 895 -34.25 56.79 -32.31
CA VAL D 895 -35.07 57.26 -33.43
C VAL D 895 -36.47 57.52 -32.92
N THR D 896 -37.18 58.45 -33.56
CA THR D 896 -38.55 58.70 -33.18
C THR D 896 -39.45 57.62 -33.76
N GLN D 897 -40.72 57.64 -33.33
CA GLN D 897 -41.65 56.59 -33.73
C GLN D 897 -42.21 56.80 -35.13
N ASN D 898 -41.95 57.93 -35.77
CA ASN D 898 -42.48 58.17 -37.10
C ASN D 898 -41.75 57.37 -38.17
N VAL D 899 -40.54 56.88 -37.88
CA VAL D 899 -39.81 56.07 -38.87
C VAL D 899 -40.37 54.65 -38.92
N LEU D 900 -41.00 54.16 -37.86
CA LEU D 900 -41.55 52.78 -37.85
C LEU D 900 -42.81 52.76 -38.68
N TYR D 901 -43.70 53.71 -38.50
CA TYR D 901 -44.99 53.71 -39.21
C TYR D 901 -44.81 54.02 -40.69
N GLU D 902 -44.04 55.03 -41.08
CA GLU D 902 -43.81 55.37 -42.48
C GLU D 902 -43.06 54.26 -43.22
N ASN D 903 -42.48 53.29 -42.52
CA ASN D 903 -41.79 52.16 -43.13
C ASN D 903 -42.26 50.84 -42.53
N GLN D 904 -43.47 50.68 -42.04
CA GLN D 904 -43.82 49.36 -41.45
C GLN D 904 -43.91 48.27 -42.52
N LYS D 905 -44.38 48.54 -43.75
CA LYS D 905 -44.39 47.43 -44.69
C LYS D 905 -42.98 46.92 -44.95
N LEU D 906 -42.00 47.82 -44.99
CA LEU D 906 -40.61 47.41 -45.20
C LEU D 906 -40.06 46.71 -43.97
N ILE D 907 -40.40 47.19 -42.78
CA ILE D 907 -39.86 46.63 -41.55
C ILE D 907 -40.43 45.24 -41.28
N ALA D 908 -41.73 45.07 -41.52
CA ALA D 908 -42.36 43.76 -41.34
C ALA D 908 -41.84 42.75 -42.37
N ASN D 909 -41.56 43.21 -43.58
CA ASN D 909 -41.01 42.32 -44.59
C ASN D 909 -39.56 41.96 -44.29
N GLN D 910 -38.81 42.90 -43.71
CA GLN D 910 -37.39 42.64 -43.43
C GLN D 910 -37.23 41.74 -42.21
N PHE D 911 -38.17 41.81 -41.26
CA PHE D 911 -38.07 40.98 -40.07
C PHE D 911 -38.37 39.51 -40.39
N ASN D 912 -39.36 39.26 -41.24
CA ASN D 912 -39.70 37.88 -41.58
C ASN D 912 -38.64 37.25 -42.47
N SER D 913 -37.96 38.05 -43.28
CA SER D 913 -36.85 37.54 -44.07
C SER D 913 -35.67 37.18 -43.19
N ALA D 914 -35.42 37.96 -42.15
CA ALA D 914 -34.31 37.68 -41.25
C ALA D 914 -34.60 36.49 -40.36
N ILE D 915 -35.87 36.30 -39.97
CA ILE D 915 -36.22 35.17 -39.14
C ILE D 915 -36.31 33.88 -39.95
N GLY D 916 -36.38 33.98 -41.28
CA GLY D 916 -36.37 32.78 -42.10
C GLY D 916 -34.98 32.19 -42.24
N LYS D 917 -33.95 33.04 -42.13
CA LYS D 917 -32.57 32.56 -42.24
C LYS D 917 -32.11 31.86 -40.98
N ILE D 918 -32.79 32.08 -39.85
CA ILE D 918 -32.46 31.36 -38.62
C ILE D 918 -32.81 29.89 -38.76
N GLN D 919 -33.90 29.59 -39.46
CA GLN D 919 -34.31 28.20 -39.68
C GLN D 919 -33.34 27.46 -40.58
N ASP D 920 -32.64 28.18 -41.46
CA ASP D 920 -31.68 27.56 -42.38
C ASP D 920 -30.28 27.50 -41.78
N SER D 921 -29.84 28.58 -41.12
CA SER D 921 -28.47 28.64 -40.62
C SER D 921 -28.27 27.75 -39.39
N LEU D 922 -29.34 27.45 -38.66
CA LEU D 922 -29.22 26.53 -37.53
C LEU D 922 -28.99 25.10 -38.00
N SER D 923 -29.58 24.73 -39.13
CA SER D 923 -29.38 23.42 -39.73
C SER D 923 -28.30 23.42 -40.80
N SER D 924 -27.50 24.48 -40.83
CA SER D 924 -26.34 24.53 -41.75
C SER D 924 -25.11 24.33 -40.90
N THR D 925 -24.70 25.36 -40.16
CA THR D 925 -23.46 25.13 -39.39
C THR D 925 -23.73 23.95 -38.48
N PRO D 926 -22.85 22.92 -38.45
CA PRO D 926 -23.00 21.80 -37.51
C PRO D 926 -22.71 22.15 -36.04
N SER D 927 -21.75 23.03 -35.79
CA SER D 927 -21.32 23.32 -34.40
C SER D 927 -22.04 24.55 -33.85
N ALA D 928 -23.18 24.90 -34.44
CA ALA D 928 -23.95 26.04 -33.89
C ALA D 928 -24.37 25.67 -32.48
N LEU D 929 -24.83 24.43 -32.28
CA LEU D 929 -25.28 23.95 -30.96
C LEU D 929 -24.09 23.32 -30.26
N GLY D 930 -22.87 23.69 -30.61
CA GLY D 930 -21.77 23.12 -29.85
C GLY D 930 -21.74 23.53 -28.39
N LYS D 931 -22.47 24.59 -28.03
CA LYS D 931 -22.55 24.98 -26.63
C LYS D 931 -23.36 23.97 -25.82
N LEU D 932 -24.40 23.40 -26.43
CA LEU D 932 -25.17 22.32 -25.79
C LEU D 932 -24.66 20.94 -26.17
N GLN D 933 -23.81 20.84 -27.17
CA GLN D 933 -23.32 19.52 -27.56
C GLN D 933 -22.26 19.01 -26.60
N ASP D 934 -21.42 19.91 -26.07
CA ASP D 934 -20.35 19.48 -25.17
C ASP D 934 -20.77 19.40 -23.71
N VAL D 935 -21.94 19.92 -23.34
CA VAL D 935 -22.42 19.73 -21.97
C VAL D 935 -22.94 18.32 -21.79
N VAL D 936 -23.42 17.68 -22.87
CA VAL D 936 -23.82 16.29 -22.79
C VAL D 936 -22.66 15.37 -23.20
N ASN D 937 -21.67 15.90 -23.92
CA ASN D 937 -20.50 15.09 -24.26
C ASN D 937 -19.59 14.92 -23.06
N HIS D 938 -19.42 15.98 -22.26
CA HIS D 938 -18.53 15.90 -21.11
C HIS D 938 -19.12 15.03 -20.00
N ASN D 939 -20.45 15.06 -19.85
CA ASN D 939 -21.08 14.28 -18.79
C ASN D 939 -21.12 12.80 -19.14
N ALA D 940 -21.35 12.48 -20.41
CA ALA D 940 -21.41 11.08 -20.82
C ALA D 940 -20.02 10.45 -20.85
N GLN D 941 -19.01 11.22 -21.26
CA GLN D 941 -17.66 10.66 -21.36
C GLN D 941 -17.01 10.50 -19.99
N ALA D 942 -17.31 11.42 -19.06
CA ALA D 942 -16.85 11.24 -17.69
C ALA D 942 -17.58 10.09 -17.02
N LEU D 943 -18.83 9.85 -17.41
CA LEU D 943 -19.52 8.64 -16.99
C LEU D 943 -18.88 7.40 -17.61
N ASN D 944 -18.37 7.55 -18.83
CA ASN D 944 -17.75 6.42 -19.52
C ASN D 944 -16.43 6.03 -18.88
N THR D 945 -15.62 7.02 -18.50
CA THR D 945 -14.36 6.71 -17.84
C THR D 945 -14.55 6.37 -16.36
N LEU D 946 -15.73 6.62 -15.80
CA LEU D 946 -15.99 6.17 -14.44
C LEU D 946 -16.17 4.66 -14.39
N VAL D 947 -16.92 4.09 -15.33
CA VAL D 947 -17.09 2.64 -15.36
C VAL D 947 -15.94 1.94 -16.06
N LYS D 948 -15.07 2.68 -16.74
CA LYS D 948 -13.90 2.09 -17.37
C LYS D 948 -12.81 1.76 -16.37
N GLN D 949 -12.89 2.29 -15.15
CA GLN D 949 -11.92 2.00 -14.10
C GLN D 949 -12.32 0.83 -13.23
N LEU D 950 -13.47 0.22 -13.49
CA LEU D 950 -13.81 -1.03 -12.81
C LEU D 950 -12.99 -2.19 -13.36
N SER D 951 -12.52 -2.07 -14.60
CA SER D 951 -11.58 -3.03 -15.16
C SER D 951 -10.13 -2.70 -14.85
N SER D 952 -9.87 -1.60 -14.15
CA SER D 952 -8.51 -1.24 -13.78
C SER D 952 -7.98 -2.18 -12.70
N LYS D 953 -6.74 -2.63 -12.88
CA LYS D 953 -6.18 -3.63 -11.97
C LYS D 953 -5.74 -2.99 -10.65
N PHE D 954 -5.22 -1.76 -10.70
CA PHE D 954 -4.66 -1.03 -9.55
C PHE D 954 -3.56 -1.82 -8.83
N GLY D 955 -2.74 -2.53 -9.59
CA GLY D 955 -1.63 -3.28 -9.03
C GLY D 955 -2.00 -4.59 -8.38
N ALA D 956 -3.26 -5.01 -8.46
CA ALA D 956 -3.68 -6.25 -7.83
C ALA D 956 -3.44 -7.43 -8.77
N ILE D 957 -4.01 -8.59 -8.42
CA ILE D 957 -3.87 -9.77 -9.27
C ILE D 957 -4.97 -9.80 -10.32
N SER D 958 -6.21 -9.66 -9.91
CA SER D 958 -7.34 -9.62 -10.84
C SER D 958 -8.22 -8.43 -10.48
N SER D 959 -8.79 -7.80 -11.51
CA SER D 959 -9.70 -6.68 -11.28
C SER D 959 -11.03 -7.14 -10.71
N VAL D 960 -11.42 -8.38 -10.99
CA VAL D 960 -12.63 -8.93 -10.39
C VAL D 960 -12.36 -9.27 -8.93
N LEU D 961 -13.31 -8.92 -8.06
CA LEU D 961 -13.08 -9.02 -6.63
C LEU D 961 -13.20 -10.46 -6.12
N ASN D 962 -14.11 -11.25 -6.70
CA ASN D 962 -14.40 -12.58 -6.17
C ASN D 962 -13.25 -13.55 -6.44
N ASP D 963 -12.49 -13.34 -7.51
CA ASP D 963 -11.38 -14.23 -7.80
C ASP D 963 -10.19 -13.96 -6.87
N ILE D 964 -10.15 -12.79 -6.24
CA ILE D 964 -9.09 -12.51 -5.27
C ILE D 964 -9.29 -13.34 -4.01
N PHE D 965 -10.54 -13.43 -3.54
CA PHE D 965 -10.81 -14.15 -2.30
C PHE D 965 -10.64 -15.66 -2.47
N SER D 966 -11.07 -16.20 -3.62
CA SER D 966 -11.03 -17.65 -3.79
C SER D 966 -9.62 -18.15 -4.07
N ARG D 967 -8.83 -17.39 -4.85
CA ARG D 967 -7.53 -17.85 -5.31
C ARG D 967 -6.37 -17.35 -4.45
N LEU D 968 -6.73 -16.64 -3.39
CA LEU D 968 -5.71 -16.09 -2.46
C LEU D 968 -6.22 -16.28 -1.04
N ASP D 969 -5.33 -16.23 -0.05
CA ASP D 969 -5.67 -16.54 1.36
C ASP D 969 -6.48 -15.43 2.00
N PRO D 970 -7.22 -15.71 3.09
CA PRO D 970 -7.92 -14.65 3.81
C PRO D 970 -7.06 -13.52 4.38
N PRO D 971 -5.88 -13.73 5.02
CA PRO D 971 -5.14 -12.59 5.55
C PRO D 971 -4.60 -11.64 4.46
N GLU D 972 -4.01 -12.18 3.40
CA GLU D 972 -3.40 -11.35 2.35
C GLU D 972 -4.47 -10.60 1.58
N ALA D 973 -5.61 -11.22 1.31
CA ALA D 973 -6.63 -10.55 0.47
C ALA D 973 -7.09 -9.24 1.11
N GLU D 974 -7.39 -9.26 2.41
CA GLU D 974 -7.95 -8.03 3.01
C GLU D 974 -6.99 -6.87 2.77
N VAL D 975 -5.70 -7.09 2.95
CA VAL D 975 -4.79 -6.01 2.61
C VAL D 975 -4.61 -5.91 1.09
N GLN D 976 -4.74 -7.01 0.36
CA GLN D 976 -4.58 -7.00 -1.09
C GLN D 976 -5.69 -6.21 -1.77
N ILE D 977 -6.93 -6.34 -1.28
CA ILE D 977 -8.03 -5.54 -1.82
C ILE D 977 -8.16 -4.19 -1.15
N ASP D 978 -7.31 -3.89 -0.16
CA ASP D 978 -7.37 -2.58 0.48
C ASP D 978 -6.88 -1.49 -0.46
N ARG D 979 -6.00 -1.83 -1.39
CA ARG D 979 -5.64 -0.88 -2.45
C ARG D 979 -6.60 -0.94 -3.63
N LEU D 980 -7.45 -1.96 -3.71
CA LEU D 980 -8.54 -1.99 -4.67
C LEU D 980 -9.80 -1.33 -4.13
N ILE D 981 -9.85 -1.03 -2.83
CA ILE D 981 -11.01 -0.38 -2.24
C ILE D 981 -10.77 1.12 -2.07
N THR D 982 -9.53 1.59 -2.15
CA THR D 982 -9.25 3.01 -2.16
C THR D 982 -8.79 3.52 -3.52
N GLY D 983 -8.26 2.65 -4.38
CA GLY D 983 -8.00 3.06 -5.75
C GLY D 983 -9.29 3.27 -6.52
N ARG D 984 -10.28 2.42 -6.27
CA ARG D 984 -11.59 2.58 -6.89
C ARG D 984 -12.42 3.65 -6.21
N LEU D 985 -12.13 3.95 -4.94
CA LEU D 985 -12.78 5.05 -4.24
C LEU D 985 -12.24 6.41 -4.68
N GLN D 986 -10.93 6.50 -4.95
CA GLN D 986 -10.36 7.73 -5.46
C GLN D 986 -10.79 7.99 -6.90
N SER D 987 -11.18 6.95 -7.64
CA SER D 987 -11.80 7.16 -8.94
C SER D 987 -13.19 7.73 -8.81
N LEU D 988 -13.91 7.40 -7.73
CA LEU D 988 -15.22 7.98 -7.49
C LEU D 988 -15.09 9.41 -6.96
N GLN D 989 -14.06 9.67 -6.17
CA GLN D 989 -13.85 11.02 -5.64
C GLN D 989 -13.44 11.98 -6.75
N THR D 990 -12.71 11.47 -7.75
CA THR D 990 -12.33 12.31 -8.89
C THR D 990 -13.54 12.67 -9.73
N TYR D 991 -14.50 11.75 -9.84
CA TYR D 991 -15.71 12.03 -10.62
C TYR D 991 -16.60 13.06 -9.93
N VAL D 992 -16.72 12.96 -8.60
CA VAL D 992 -17.56 13.89 -7.85
C VAL D 992 -16.96 15.29 -7.88
N THR D 993 -15.64 15.39 -7.69
CA THR D 993 -14.96 16.68 -7.69
C THR D 993 -15.04 17.35 -9.05
N GLN D 994 -14.95 16.56 -10.13
CA GLN D 994 -15.09 17.11 -11.47
C GLN D 994 -16.52 17.57 -11.74
N GLN D 995 -17.50 16.97 -11.07
CA GLN D 995 -18.89 17.39 -11.26
C GLN D 995 -19.14 18.73 -10.57
N LEU D 996 -18.47 18.99 -9.44
CA LEU D 996 -18.63 20.27 -8.77
C LEU D 996 -18.01 21.41 -9.58
N ILE D 997 -16.96 21.11 -10.36
CA ILE D 997 -16.42 22.10 -11.29
C ILE D 997 -17.41 22.37 -12.40
N ARG D 998 -18.00 21.31 -12.95
CA ARG D 998 -18.90 21.46 -14.09
C ARG D 998 -20.24 22.04 -13.68
N ALA D 999 -20.69 21.77 -12.45
CA ALA D 999 -21.95 22.35 -11.99
C ALA D 999 -21.81 23.84 -11.74
N ALA D 1000 -20.61 24.28 -11.33
CA ALA D 1000 -20.40 25.70 -11.09
C ALA D 1000 -20.34 26.48 -12.40
N GLU D 1001 -19.84 25.86 -13.46
CA GLU D 1001 -19.83 26.51 -14.77
C GLU D 1001 -21.24 26.64 -15.32
N ILE D 1002 -22.07 25.62 -15.12
CA ILE D 1002 -23.44 25.67 -15.59
C ILE D 1002 -24.27 26.65 -14.76
N ARG D 1003 -24.05 26.66 -13.44
CA ARG D 1003 -24.75 27.60 -12.56
C ARG D 1003 -24.34 29.03 -12.85
N ALA D 1004 -23.09 29.25 -13.25
CA ALA D 1004 -22.68 30.57 -13.72
C ALA D 1004 -23.29 30.92 -15.07
N SER D 1005 -23.68 29.92 -15.86
CA SER D 1005 -24.32 30.14 -17.14
C SER D 1005 -25.84 30.14 -17.05
N ALA D 1006 -26.40 29.46 -16.05
CA ALA D 1006 -27.85 29.51 -15.85
C ALA D 1006 -28.27 30.85 -15.30
N ASN D 1007 -27.45 31.44 -14.43
CA ASN D 1007 -27.73 32.79 -13.94
C ASN D 1007 -27.53 33.84 -15.03
N LEU D 1008 -26.65 33.57 -15.99
CA LEU D 1008 -26.53 34.44 -17.14
C LEU D 1008 -27.76 34.34 -18.04
N ALA D 1009 -28.28 33.13 -18.24
CA ALA D 1009 -29.47 32.95 -19.08
C ALA D 1009 -30.71 33.49 -18.39
N ALA D 1010 -30.74 33.47 -17.06
CA ALA D 1010 -31.84 34.10 -16.34
C ALA D 1010 -31.77 35.62 -16.45
N THR D 1011 -30.55 36.17 -16.53
CA THR D 1011 -30.39 37.59 -16.74
C THR D 1011 -30.81 37.99 -18.15
N LYS D 1012 -30.50 37.15 -19.14
CA LYS D 1012 -30.95 37.40 -20.52
C LYS D 1012 -32.47 37.36 -20.62
N MET D 1013 -33.10 36.39 -19.95
CA MET D 1013 -34.55 36.25 -20.04
C MET D 1013 -35.25 37.37 -19.30
N SER D 1014 -34.71 37.79 -18.16
CA SER D 1014 -35.34 38.84 -17.39
C SER D 1014 -35.10 40.24 -17.95
N GLU D 1015 -34.17 40.41 -18.88
CA GLU D 1015 -33.85 41.74 -19.40
C GLU D 1015 -34.09 41.88 -20.89
N CYS D 1016 -33.62 40.92 -21.70
CA CYS D 1016 -33.81 41.04 -23.14
C CYS D 1016 -35.23 40.68 -23.54
N VAL D 1017 -35.84 39.71 -22.86
CA VAL D 1017 -37.19 39.26 -23.20
C VAL D 1017 -38.25 40.07 -22.46
N LEU D 1018 -38.07 40.27 -21.16
CA LEU D 1018 -39.02 41.01 -20.33
C LEU D 1018 -38.81 42.52 -20.39
N GLY D 1019 -38.09 43.03 -21.38
CA GLY D 1019 -37.87 44.46 -21.47
C GLY D 1019 -36.93 44.76 -22.61
N GLN D 1020 -36.55 46.02 -22.71
CA GLN D 1020 -35.60 46.49 -23.71
C GLN D 1020 -34.34 46.93 -23.00
N SER D 1021 -33.21 46.35 -23.41
CA SER D 1021 -31.94 46.55 -22.72
C SER D 1021 -31.14 47.65 -23.40
N LYS D 1022 -30.64 48.60 -22.61
CA LYS D 1022 -29.75 49.63 -23.10
C LYS D 1022 -28.29 49.23 -23.00
N ARG D 1023 -28.00 48.04 -22.50
CA ARG D 1023 -26.62 47.59 -22.39
C ARG D 1023 -26.07 47.24 -23.76
N VAL D 1024 -24.90 47.79 -24.09
CA VAL D 1024 -24.36 47.66 -25.43
C VAL D 1024 -23.72 46.28 -25.58
N ASP D 1025 -24.17 45.55 -26.62
CA ASP D 1025 -23.69 44.22 -26.99
C ASP D 1025 -23.89 43.26 -25.81
N PHE D 1026 -25.13 43.23 -25.32
CA PHE D 1026 -25.56 42.28 -24.31
C PHE D 1026 -26.62 41.34 -24.85
N CYS D 1027 -27.68 41.91 -25.43
CA CYS D 1027 -28.74 41.16 -26.11
C CYS D 1027 -28.59 41.26 -27.62
N GLY D 1028 -27.37 41.16 -28.14
CA GLY D 1028 -27.16 41.14 -29.58
C GLY D 1028 -26.32 42.29 -30.09
N LYS D 1029 -25.57 42.03 -31.15
CA LYS D 1029 -24.73 43.08 -31.75
C LYS D 1029 -25.61 44.04 -32.54
N GLY D 1030 -25.74 45.26 -32.05
CA GLY D 1030 -26.58 46.26 -32.65
C GLY D 1030 -27.39 46.96 -31.58
N TYR D 1031 -28.43 47.65 -32.03
CA TYR D 1031 -29.36 48.32 -31.11
C TYR D 1031 -30.51 47.36 -30.83
N HIS D 1032 -30.60 46.89 -29.59
CA HIS D 1032 -31.53 45.82 -29.24
C HIS D 1032 -32.96 46.33 -29.22
N LEU D 1033 -33.85 45.60 -29.91
CA LEU D 1033 -35.27 45.95 -29.94
C LEU D 1033 -36.09 45.10 -28.98
N MET D 1034 -36.11 43.79 -29.19
CA MET D 1034 -36.87 42.82 -28.39
C MET D 1034 -36.48 41.42 -28.83
N SER D 1035 -36.42 40.50 -27.87
CA SER D 1035 -35.90 39.15 -28.12
C SER D 1035 -36.94 38.10 -27.78
N PHE D 1036 -36.74 36.91 -28.37
CA PHE D 1036 -37.60 35.76 -28.13
C PHE D 1036 -36.80 34.60 -27.56
N PRO D 1037 -37.31 33.93 -26.53
CA PRO D 1037 -36.69 32.69 -26.07
C PRO D 1037 -37.20 31.50 -26.85
N GLN D 1038 -36.34 30.49 -26.95
CA GLN D 1038 -36.71 29.21 -27.53
C GLN D 1038 -36.14 28.11 -26.65
N SER D 1039 -36.93 27.08 -26.41
CA SER D 1039 -36.44 25.95 -25.63
C SER D 1039 -35.43 25.15 -26.45
N ALA D 1040 -34.61 24.40 -25.73
CA ALA D 1040 -33.51 23.65 -26.33
C ALA D 1040 -33.17 22.51 -25.39
N PRO D 1041 -32.55 21.42 -25.90
CA PRO D 1041 -32.13 20.34 -24.99
C PRO D 1041 -31.05 20.79 -24.02
N HIS D 1042 -31.40 20.81 -22.73
CA HIS D 1042 -30.52 21.21 -21.63
C HIS D 1042 -30.00 22.64 -21.81
N GLY D 1043 -30.85 23.54 -22.26
CA GLY D 1043 -30.43 24.90 -22.50
C GLY D 1043 -31.55 25.73 -23.08
N VAL D 1044 -31.20 26.97 -23.42
CA VAL D 1044 -32.15 27.91 -23.98
C VAL D 1044 -31.48 28.65 -25.13
N VAL D 1045 -32.27 29.03 -26.13
CA VAL D 1045 -31.79 29.73 -27.32
C VAL D 1045 -32.57 31.01 -27.46
N PHE D 1046 -31.86 32.14 -27.51
CA PHE D 1046 -32.48 33.45 -27.63
C PHE D 1046 -32.40 33.94 -29.06
N LEU D 1047 -33.43 34.65 -29.50
CA LEU D 1047 -33.51 35.19 -30.86
C LEU D 1047 -33.52 36.71 -30.74
N HIS D 1048 -32.33 37.30 -30.74
CA HIS D 1048 -32.20 38.73 -30.52
C HIS D 1048 -32.48 39.51 -31.80
N VAL D 1049 -33.52 40.32 -31.79
CA VAL D 1049 -33.83 41.20 -32.92
C VAL D 1049 -33.17 42.55 -32.64
N THR D 1050 -32.24 42.94 -33.51
CA THR D 1050 -31.44 44.15 -33.31
C THR D 1050 -31.63 45.10 -34.47
N TYR D 1051 -31.55 46.39 -34.16
CA TYR D 1051 -31.63 47.45 -35.16
C TYR D 1051 -30.22 47.82 -35.58
N VAL D 1052 -29.89 47.58 -36.85
CA VAL D 1052 -28.57 47.86 -37.39
C VAL D 1052 -28.70 48.97 -38.43
N PRO D 1053 -28.08 50.15 -38.17
CA PRO D 1053 -28.06 51.19 -39.15
C PRO D 1053 -27.31 50.83 -40.43
N ALA D 1054 -27.55 51.56 -41.51
CA ALA D 1054 -26.98 51.17 -42.80
C ALA D 1054 -26.96 52.32 -43.78
N GLN D 1055 -26.21 52.21 -44.85
CA GLN D 1055 -26.24 53.15 -45.98
C GLN D 1055 -26.12 54.60 -45.51
N GLU D 1056 -24.92 54.92 -44.99
CA GLU D 1056 -24.61 56.23 -44.39
C GLU D 1056 -24.05 57.22 -45.39
N LYS D 1057 -24.45 58.47 -45.31
CA LYS D 1057 -24.04 59.53 -46.23
C LYS D 1057 -23.54 60.69 -45.39
N ASN D 1058 -22.22 60.93 -45.44
CA ASN D 1058 -21.62 61.94 -44.58
C ASN D 1058 -21.96 63.36 -45.03
N PHE D 1059 -22.15 64.24 -44.06
CA PHE D 1059 -22.52 65.64 -44.28
C PHE D 1059 -21.46 66.53 -43.65
N THR D 1060 -21.73 67.84 -43.67
CA THR D 1060 -20.91 68.84 -42.99
C THR D 1060 -21.71 69.39 -41.82
N THR D 1061 -21.10 69.36 -40.64
CA THR D 1061 -21.81 69.60 -39.40
C THR D 1061 -21.17 70.71 -38.58
N ALA D 1062 -21.98 71.31 -37.72
CA ALA D 1062 -21.54 72.38 -36.84
C ALA D 1062 -22.07 72.13 -35.43
N PRO D 1063 -21.35 72.56 -34.39
CA PRO D 1063 -21.86 72.39 -33.02
C PRO D 1063 -23.06 73.25 -32.71
N ALA D 1064 -23.12 74.47 -33.25
CA ALA D 1064 -24.19 75.40 -32.94
C ALA D 1064 -24.31 76.40 -34.08
N ILE D 1065 -25.44 77.12 -34.09
CA ILE D 1065 -25.64 78.24 -35.01
C ILE D 1065 -26.02 79.47 -34.20
N CYS D 1066 -25.77 80.64 -34.78
CA CYS D 1066 -26.08 81.92 -34.16
C CYS D 1066 -26.90 82.75 -35.14
N HIS D 1067 -28.09 83.18 -34.71
CA HIS D 1067 -28.97 83.94 -35.58
C HIS D 1067 -29.20 85.37 -35.10
N ASP D 1068 -29.76 85.56 -33.92
CA ASP D 1068 -29.95 86.90 -33.36
C ASP D 1068 -28.89 87.26 -32.32
N GLY D 1069 -27.62 87.12 -32.70
CA GLY D 1069 -26.54 87.35 -31.75
C GLY D 1069 -26.53 86.40 -30.57
N LYS D 1070 -26.96 85.16 -30.79
CA LYS D 1070 -27.19 84.22 -29.69
C LYS D 1070 -27.07 82.80 -30.23
N ALA D 1071 -26.31 81.97 -29.52
CA ALA D 1071 -26.07 80.60 -29.94
C ALA D 1071 -27.32 79.76 -29.80
N HIS D 1072 -27.49 78.81 -30.72
CA HIS D 1072 -28.63 77.90 -30.72
C HIS D 1072 -28.11 76.47 -30.75
N PHE D 1073 -28.56 75.66 -29.81
CA PHE D 1073 -28.17 74.26 -29.72
C PHE D 1073 -29.38 73.37 -29.92
N PRO D 1074 -29.22 72.23 -30.61
CA PRO D 1074 -30.38 71.33 -30.79
C PRO D 1074 -30.78 70.67 -29.48
N ARG D 1075 -32.10 70.57 -29.28
CA ARG D 1075 -32.60 69.85 -28.11
C ARG D 1075 -32.32 68.35 -28.24
N GLU D 1076 -32.50 67.80 -29.42
CA GLU D 1076 -32.05 66.45 -29.73
C GLU D 1076 -31.51 66.44 -31.15
N GLY D 1077 -30.54 65.57 -31.40
CA GLY D 1077 -29.94 65.49 -32.71
C GLY D 1077 -28.88 66.56 -32.95
N VAL D 1078 -28.43 66.62 -34.20
CA VAL D 1078 -27.31 67.47 -34.58
C VAL D 1078 -27.69 68.31 -35.80
N PHE D 1079 -26.90 69.36 -36.02
CA PHE D 1079 -27.03 70.22 -37.19
C PHE D 1079 -26.23 69.63 -38.34
N VAL D 1080 -26.88 69.40 -39.48
CA VAL D 1080 -26.20 68.91 -40.67
C VAL D 1080 -26.59 69.80 -41.84
N SER D 1081 -25.74 69.79 -42.88
CA SER D 1081 -25.98 70.56 -44.09
C SER D 1081 -25.60 69.73 -45.29
N ASN D 1082 -26.41 69.84 -46.35
CA ASN D 1082 -26.12 69.16 -47.60
C ASN D 1082 -25.29 70.01 -48.56
N GLY D 1083 -24.62 71.04 -48.05
CA GLY D 1083 -23.81 71.90 -48.88
C GLY D 1083 -24.35 73.30 -49.00
N THR D 1084 -25.68 73.42 -49.10
CA THR D 1084 -26.31 74.72 -49.32
C THR D 1084 -26.72 75.37 -48.00
N HIS D 1085 -27.62 74.73 -47.25
CA HIS D 1085 -28.08 75.27 -45.98
C HIS D 1085 -28.24 74.13 -44.99
N TRP D 1086 -28.55 74.50 -43.76
CA TRP D 1086 -28.45 73.59 -42.62
C TRP D 1086 -29.80 72.98 -42.24
N PHE D 1087 -29.74 71.81 -41.63
CA PHE D 1087 -30.91 71.08 -41.18
C PHE D 1087 -30.60 70.43 -39.84
N VAL D 1088 -31.66 70.16 -39.08
CA VAL D 1088 -31.57 69.41 -37.84
C VAL D 1088 -32.26 68.07 -38.05
N THR D 1089 -31.65 67.01 -37.54
CA THR D 1089 -32.12 65.66 -37.82
C THR D 1089 -31.81 64.75 -36.65
N GLN D 1090 -32.37 63.55 -36.71
CA GLN D 1090 -32.04 62.53 -35.71
C GLN D 1090 -30.62 62.05 -35.89
N ARG D 1091 -30.01 61.63 -34.78
CA ARG D 1091 -28.63 61.15 -34.81
C ARG D 1091 -28.50 59.72 -35.31
N ASN D 1092 -29.60 58.99 -35.46
CA ASN D 1092 -29.55 57.59 -35.87
C ASN D 1092 -30.30 57.32 -37.17
N PHE D 1093 -30.95 58.34 -37.74
CA PHE D 1093 -31.65 58.19 -39.01
C PHE D 1093 -31.74 59.57 -39.65
N TYR D 1094 -31.43 59.65 -40.95
CA TYR D 1094 -31.42 60.94 -41.63
C TYR D 1094 -32.85 61.34 -41.97
N GLU D 1095 -33.44 62.19 -41.12
CA GLU D 1095 -34.74 62.79 -41.38
C GLU D 1095 -34.59 64.29 -41.18
N PRO D 1096 -34.15 65.01 -42.21
CA PRO D 1096 -33.79 66.42 -42.03
C PRO D 1096 -35.01 67.30 -41.85
N GLN D 1097 -34.90 68.25 -40.93
CA GLN D 1097 -35.98 69.17 -40.59
C GLN D 1097 -35.47 70.61 -40.69
N ILE D 1098 -36.41 71.53 -40.86
CA ILE D 1098 -36.08 72.94 -40.89
C ILE D 1098 -35.70 73.40 -39.49
N ILE D 1099 -34.69 74.25 -39.39
CA ILE D 1099 -34.25 74.79 -38.11
C ILE D 1099 -35.34 75.73 -37.59
N THR D 1100 -36.05 75.31 -36.56
CA THR D 1100 -37.10 76.12 -35.97
C THR D 1100 -36.71 76.49 -34.54
N THR D 1101 -37.65 77.13 -33.84
CA THR D 1101 -37.47 77.45 -32.43
C THR D 1101 -37.84 76.28 -31.53
N ASP D 1102 -38.78 75.44 -31.95
CA ASP D 1102 -39.17 74.28 -31.18
C ASP D 1102 -38.12 73.16 -31.19
N ASN D 1103 -37.12 73.23 -32.08
CA ASN D 1103 -36.06 72.25 -32.12
C ASN D 1103 -34.78 72.71 -31.43
N THR D 1104 -34.66 73.99 -31.10
CA THR D 1104 -33.41 74.54 -30.58
C THR D 1104 -33.65 75.26 -29.27
N PHE D 1105 -32.63 75.28 -28.43
CA PHE D 1105 -32.62 76.05 -27.19
C PHE D 1105 -31.37 76.91 -27.16
N VAL D 1106 -31.48 78.09 -26.56
CA VAL D 1106 -30.41 79.06 -26.55
C VAL D 1106 -29.72 79.07 -25.20
N SER D 1107 -28.44 79.47 -25.20
CA SER D 1107 -27.70 79.68 -23.96
C SER D 1107 -26.57 80.66 -24.27
N GLY D 1108 -26.75 81.91 -23.89
CA GLY D 1108 -25.69 82.90 -23.99
C GLY D 1108 -25.47 83.36 -25.42
N ASN D 1109 -24.42 84.17 -25.59
CA ASN D 1109 -24.09 84.74 -26.89
C ASN D 1109 -23.36 83.71 -27.76
N CYS D 1110 -22.94 84.15 -28.94
CA CYS D 1110 -22.38 83.22 -29.91
C CYS D 1110 -20.93 83.55 -30.27
N ASP D 1111 -20.09 83.79 -29.25
CA ASP D 1111 -18.68 84.01 -29.47
C ASP D 1111 -17.78 83.04 -28.71
N VAL D 1112 -18.31 82.33 -27.70
CA VAL D 1112 -17.49 81.44 -26.90
C VAL D 1112 -17.44 80.03 -27.48
N VAL D 1113 -18.42 79.64 -28.30
CA VAL D 1113 -18.47 78.30 -28.86
C VAL D 1113 -17.51 78.21 -30.04
N ILE D 1114 -16.66 77.19 -30.04
CA ILE D 1114 -15.68 77.02 -31.10
C ILE D 1114 -16.33 76.26 -32.26
N GLY D 1115 -16.33 76.87 -33.43
CA GLY D 1115 -16.89 76.24 -34.61
C GLY D 1115 -18.31 76.59 -34.93
N ILE D 1116 -18.87 77.62 -34.30
CA ILE D 1116 -20.26 78.00 -34.54
C ILE D 1116 -20.37 78.70 -35.89
N VAL D 1117 -21.41 78.34 -36.65
CA VAL D 1117 -21.59 78.89 -37.99
C VAL D 1117 -22.77 79.87 -37.98
N ASN D 1118 -22.96 80.56 -39.11
CA ASN D 1118 -23.98 81.60 -39.23
C ASN D 1118 -25.16 81.05 -40.02
N ASN D 1119 -26.33 81.02 -39.39
CA ASN D 1119 -27.57 80.71 -40.09
C ASN D 1119 -28.72 81.31 -39.30
N THR D 1120 -29.86 81.45 -39.97
CA THR D 1120 -31.06 81.98 -39.36
C THR D 1120 -31.86 80.85 -38.72
N VAL D 1121 -32.74 81.23 -37.79
CA VAL D 1121 -33.64 80.31 -37.11
C VAL D 1121 -35.05 80.69 -37.50
N TYR D 1122 -35.77 79.77 -38.13
CA TYR D 1122 -37.11 80.05 -38.63
C TYR D 1122 -38.09 80.04 -37.46
N ASP D 1123 -38.46 81.23 -36.99
CA ASP D 1123 -39.40 81.34 -35.89
C ASP D 1123 -40.81 81.04 -36.40
N PRO D 1124 -41.49 80.01 -35.89
CA PRO D 1124 -42.82 79.67 -36.41
C PRO D 1124 -43.92 80.63 -35.99
N LEU D 1125 -43.66 81.53 -35.04
CA LEU D 1125 -44.65 82.53 -34.67
C LEU D 1125 -44.83 83.57 -35.78
N GLN D 1126 -43.75 83.85 -36.51
CA GLN D 1126 -43.77 84.88 -37.56
C GLN D 1126 -44.72 84.58 -38.73
N PRO D 1127 -44.79 83.36 -39.30
CA PRO D 1127 -45.85 83.14 -40.32
C PRO D 1127 -47.26 83.20 -39.78
N GLU D 1128 -47.43 82.91 -38.49
CA GLU D 1128 -48.73 83.12 -37.85
C GLU D 1128 -48.98 84.59 -37.55
N LEU D 1129 -47.95 85.44 -37.62
CA LEU D 1129 -48.10 86.87 -37.41
C LEU D 1129 -48.02 87.66 -38.70
N ASP D 1130 -47.04 87.37 -39.57
CA ASP D 1130 -46.89 88.13 -40.81
C ASP D 1130 -48.00 87.87 -41.82
N SER D 1131 -48.78 86.80 -41.63
CA SER D 1131 -50.00 86.61 -42.37
C SER D 1131 -51.21 87.24 -41.69
N PHE D 1132 -51.06 87.76 -40.47
CA PHE D 1132 -52.18 88.35 -39.77
C PHE D 1132 -51.92 89.75 -39.24
N LYS D 1133 -50.71 90.04 -38.75
CA LYS D 1133 -50.40 91.40 -38.31
C LYS D 1133 -50.22 92.32 -39.50
N GLU D 1134 -49.71 91.80 -40.62
CA GLU D 1134 -49.66 92.57 -41.85
C GLU D 1134 -51.04 92.73 -42.46
N GLU D 1135 -51.96 91.82 -42.14
CA GLU D 1135 -53.35 91.96 -42.59
C GLU D 1135 -54.04 93.13 -41.89
N LEU D 1136 -53.57 93.50 -40.69
CA LEU D 1136 -54.08 94.68 -40.01
C LEU D 1136 -53.68 95.96 -40.74
N ASP D 1137 -52.50 95.96 -41.37
CA ASP D 1137 -52.03 97.15 -42.07
C ASP D 1137 -52.87 97.45 -43.31
N LYS D 1138 -53.41 96.40 -43.94
CA LYS D 1138 -54.36 96.60 -45.03
C LYS D 1138 -55.68 97.16 -44.49
N TYR D 1139 -56.08 96.74 -43.29
CA TYR D 1139 -57.27 97.29 -42.66
C TYR D 1139 -57.03 98.69 -42.10
N PHE D 1140 -55.77 99.07 -41.88
CA PHE D 1140 -55.46 100.46 -41.53
C PHE D 1140 -55.72 101.39 -42.70
N LYS D 1141 -55.50 100.91 -43.92
CA LYS D 1141 -55.69 101.72 -45.12
C LYS D 1141 -57.14 101.76 -45.56
N ASN D 1142 -58.04 101.06 -44.86
CA ASN D 1142 -59.47 101.09 -45.18
C ASN D 1142 -60.11 102.44 -44.86
N HIS D 1143 -59.52 103.21 -43.95
CA HIS D 1143 -60.10 104.50 -43.58
C HIS D 1143 -59.07 105.62 -43.65
N THR D 1144 -57.79 105.31 -43.41
CA THR D 1144 -56.76 106.34 -43.42
C THR D 1144 -56.47 106.80 -44.85
N SER D 1145 -56.33 105.87 -45.78
CA SER D 1145 -56.04 106.23 -47.17
C SER D 1145 -57.15 106.98 -47.90
N PRO D 1146 -58.47 106.63 -47.79
CA PRO D 1146 -59.36 107.53 -48.53
C PRO D 1146 -59.71 108.81 -47.76
N GLN E 1 -32.06 -38.87 43.46
CA GLN E 1 -33.50 -39.07 43.56
C GLN E 1 -34.25 -38.30 42.47
N CYS E 2 -35.28 -38.93 41.92
CA CYS E 2 -36.11 -38.30 40.89
C CYS E 2 -37.48 -38.97 40.89
N VAL E 3 -38.52 -38.16 41.03
CA VAL E 3 -39.90 -38.64 41.07
C VAL E 3 -40.65 -38.04 39.89
N ASN E 4 -41.38 -38.87 39.16
CA ASN E 4 -42.17 -38.41 38.01
C ASN E 4 -43.32 -37.54 38.50
N LEU E 5 -43.27 -36.25 38.16
CA LEU E 5 -44.36 -35.34 38.52
C LEU E 5 -45.61 -35.63 37.70
N THR E 6 -45.44 -35.89 36.40
CA THR E 6 -46.49 -36.08 35.38
C THR E 6 -47.38 -34.83 35.39
N THR E 7 -48.71 -35.01 35.38
CA THR E 7 -49.78 -33.98 35.22
C THR E 7 -49.39 -32.88 34.23
N ARG E 8 -48.90 -33.31 33.06
CA ARG E 8 -48.41 -32.39 32.03
C ARG E 8 -49.60 -31.89 31.22
N THR E 9 -50.08 -30.69 31.56
CA THR E 9 -51.10 -30.02 30.78
C THR E 9 -50.43 -29.36 29.58
N GLN E 10 -50.29 -30.15 28.52
CA GLN E 10 -49.53 -29.75 27.33
C GLN E 10 -50.34 -28.74 26.53
N LEU E 11 -50.04 -27.45 26.73
CA LEU E 11 -50.70 -26.37 26.02
C LEU E 11 -49.64 -25.56 25.29
N PRO E 12 -49.92 -25.07 24.08
CA PRO E 12 -48.92 -24.28 23.36
C PRO E 12 -48.82 -22.89 23.94
N PRO E 13 -47.64 -22.28 23.90
CA PRO E 13 -47.51 -20.87 24.29
C PRO E 13 -48.10 -19.95 23.23
N ALA E 14 -48.33 -18.70 23.61
CA ALA E 14 -48.95 -17.77 22.69
C ALA E 14 -47.92 -16.75 22.21
N TYR E 15 -48.40 -15.81 21.40
CA TYR E 15 -47.57 -14.73 20.87
C TYR E 15 -48.15 -13.39 21.27
N THR E 16 -47.27 -12.42 21.47
CA THR E 16 -47.65 -11.09 21.92
C THR E 16 -46.81 -10.09 21.13
N ASN E 17 -47.38 -8.91 20.87
CA ASN E 17 -46.68 -7.85 20.15
C ASN E 17 -45.77 -7.11 21.13
N SER E 18 -44.48 -7.43 21.09
CA SER E 18 -43.47 -6.66 21.81
C SER E 18 -43.31 -5.30 21.14
N PHE E 19 -43.77 -4.24 21.82
CA PHE E 19 -43.86 -2.94 21.17
C PHE E 19 -42.51 -2.22 21.19
N THR E 20 -42.05 -1.82 22.37
CA THR E 20 -40.81 -1.07 22.50
C THR E 20 -39.86 -1.67 23.54
N ARG E 21 -40.21 -2.79 24.17
CA ARG E 21 -39.36 -3.37 25.19
C ARG E 21 -38.14 -4.03 24.57
N GLY E 22 -37.08 -4.11 25.36
CA GLY E 22 -35.86 -4.77 24.94
C GLY E 22 -34.72 -3.86 24.53
N VAL E 23 -34.70 -2.61 25.00
CA VAL E 23 -33.64 -1.67 24.66
C VAL E 23 -32.79 -1.44 25.89
N TYR E 24 -31.51 -1.73 25.78
CA TYR E 24 -30.56 -1.64 26.88
C TYR E 24 -29.46 -0.64 26.51
N TYR E 25 -28.43 -0.57 27.37
CA TYR E 25 -27.32 0.33 27.13
C TYR E 25 -26.25 -0.42 26.37
N PRO E 26 -25.93 -0.03 25.13
CA PRO E 26 -25.01 -0.83 24.31
C PRO E 26 -23.56 -0.75 24.77
N ASP E 27 -23.17 0.32 25.46
CA ASP E 27 -21.79 0.47 25.91
C ASP E 27 -21.81 1.23 27.24
N LYS E 28 -20.62 1.36 27.82
CA LYS E 28 -20.46 1.98 29.14
C LYS E 28 -19.92 3.39 28.92
N VAL E 29 -20.83 4.32 28.63
CA VAL E 29 -20.43 5.68 28.25
C VAL E 29 -21.61 6.61 28.54
N PHE E 30 -21.31 7.89 28.74
CA PHE E 30 -22.31 8.92 29.01
C PHE E 30 -22.42 9.84 27.80
N ARG E 31 -23.66 10.07 27.35
CA ARG E 31 -23.94 10.98 26.26
C ARG E 31 -25.08 11.90 26.68
N SER E 32 -24.90 13.21 26.45
CA SER E 32 -25.86 14.22 26.88
C SER E 32 -26.48 14.88 25.66
N SER E 33 -27.80 14.67 25.49
CA SER E 33 -28.60 15.23 24.39
C SER E 33 -28.03 14.87 23.02
N VAL E 34 -27.58 13.63 22.88
CA VAL E 34 -26.91 13.16 21.67
C VAL E 34 -27.73 12.01 21.09
N LEU E 35 -28.11 12.15 19.83
CA LEU E 35 -28.78 11.08 19.10
C LEU E 35 -27.69 10.19 18.49
N HIS E 36 -27.57 8.96 19.00
CA HIS E 36 -26.46 8.09 18.65
C HIS E 36 -26.97 6.87 17.90
N SER E 37 -26.32 6.53 16.80
CA SER E 37 -26.68 5.37 16.00
C SER E 37 -25.77 4.21 16.37
N THR E 38 -26.37 3.12 16.85
CA THR E 38 -25.63 1.94 17.26
C THR E 38 -26.03 0.75 16.41
N GLN E 39 -25.20 -0.29 16.43
CA GLN E 39 -25.52 -1.57 15.80
C GLN E 39 -25.05 -2.67 16.73
N ASP E 40 -25.99 -3.40 17.32
CA ASP E 40 -25.64 -4.35 18.37
C ASP E 40 -26.76 -5.39 18.42
N LEU E 41 -26.62 -6.37 19.30
CA LEU E 41 -27.63 -7.41 19.46
C LEU E 41 -28.87 -6.82 20.13
N PHE E 42 -29.95 -6.64 19.38
CA PHE E 42 -31.13 -5.97 19.89
C PHE E 42 -32.37 -6.80 19.60
N LEU E 43 -33.47 -6.39 20.25
CA LEU E 43 -34.80 -6.92 19.98
C LEU E 43 -35.57 -5.92 19.15
N PRO E 44 -36.01 -6.27 17.94
CA PRO E 44 -36.71 -5.29 17.10
C PRO E 44 -38.07 -4.94 17.65
N PHE E 45 -38.55 -3.75 17.28
CA PHE E 45 -39.84 -3.28 17.71
C PHE E 45 -40.95 -4.08 17.03
N PHE E 46 -42.09 -4.18 17.73
CA PHE E 46 -43.29 -4.91 17.27
C PHE E 46 -42.99 -6.37 16.96
N SER E 47 -42.17 -6.99 17.80
CA SER E 47 -41.76 -8.36 17.57
C SER E 47 -42.80 -9.34 18.11
N ASN E 48 -42.59 -10.62 17.84
CA ASN E 48 -43.47 -11.67 18.35
C ASN E 48 -42.82 -12.30 19.59
N VAL E 49 -43.06 -11.68 20.74
CA VAL E 49 -42.54 -12.21 21.99
C VAL E 49 -43.43 -13.37 22.43
N THR E 50 -42.82 -14.46 22.87
CA THR E 50 -43.58 -15.65 23.21
C THR E 50 -44.07 -15.53 24.65
N TRP E 51 -45.34 -15.87 24.85
CA TRP E 51 -46.08 -15.69 26.10
C TRP E 51 -46.25 -17.05 26.75
N PHE E 52 -45.76 -17.18 27.98
CA PHE E 52 -45.94 -18.37 28.79
C PHE E 52 -46.63 -17.98 30.09
N HIS E 53 -47.51 -18.85 30.58
CA HIS E 53 -48.21 -18.61 31.83
C HIS E 53 -48.25 -19.90 32.64
N VAL E 54 -47.80 -19.83 33.88
CA VAL E 54 -47.75 -20.96 34.80
C VAL E 54 -48.48 -20.58 36.08
N ILE E 55 -49.49 -21.37 36.45
CA ILE E 55 -50.13 -21.22 37.76
C ILE E 55 -49.45 -22.14 38.75
N LYS E 62 -52.21 -27.94 37.54
CA LYS E 62 -53.20 -27.14 36.82
C LYS E 62 -52.62 -26.64 35.50
N ARG E 63 -51.51 -25.92 35.58
CA ARG E 63 -50.83 -25.41 34.38
C ARG E 63 -49.34 -25.28 34.71
N PHE E 64 -48.56 -26.29 34.31
CA PHE E 64 -47.12 -26.33 34.52
C PHE E 64 -46.48 -26.40 33.14
N ASP E 65 -46.19 -25.23 32.56
CA ASP E 65 -45.63 -25.15 31.21
C ASP E 65 -44.37 -24.28 31.24
N ASN E 66 -43.24 -24.92 31.54
CA ASN E 66 -41.92 -24.28 31.48
C ASN E 66 -40.95 -25.19 30.72
N PRO E 67 -41.07 -25.25 29.39
CA PRO E 67 -40.21 -26.14 28.60
C PRO E 67 -38.84 -25.52 28.40
N VAL E 68 -37.97 -26.27 27.74
CA VAL E 68 -36.62 -25.78 27.48
C VAL E 68 -36.66 -24.89 26.25
N LEU E 69 -35.82 -23.85 26.25
CA LEU E 69 -35.94 -22.75 25.30
C LEU E 69 -34.58 -22.45 24.68
N PRO E 70 -34.49 -22.30 23.35
CA PRO E 70 -33.20 -22.08 22.71
C PRO E 70 -32.58 -20.73 23.07
N PHE E 71 -31.26 -20.73 23.15
CA PHE E 71 -30.47 -19.55 23.52
C PHE E 71 -29.48 -19.29 22.39
N ASN E 72 -29.83 -18.39 21.48
CA ASN E 72 -28.89 -17.95 20.45
C ASN E 72 -28.83 -16.43 20.38
N ASP E 73 -27.60 -15.91 20.34
CA ASP E 73 -27.29 -14.49 20.13
C ASP E 73 -27.93 -13.58 21.18
N GLY E 74 -28.01 -14.05 22.43
CA GLY E 74 -28.64 -13.27 23.46
C GLY E 74 -30.15 -13.41 23.48
N VAL E 75 -30.74 -13.50 24.67
CA VAL E 75 -32.17 -13.72 24.82
C VAL E 75 -32.73 -12.68 25.78
N TYR E 76 -33.88 -12.09 25.42
CA TYR E 76 -34.60 -11.16 26.26
C TYR E 76 -35.66 -11.91 27.06
N PHE E 77 -35.68 -11.67 28.37
CA PHE E 77 -36.62 -12.31 29.29
C PHE E 77 -37.40 -11.24 30.03
N ALA E 78 -38.68 -11.50 30.29
CA ALA E 78 -39.48 -10.60 31.08
C ALA E 78 -40.45 -11.42 31.93
N SER E 79 -40.87 -10.86 33.05
CA SER E 79 -41.79 -11.56 33.94
C SER E 79 -42.59 -10.53 34.73
N ILE E 80 -43.91 -10.63 34.68
CA ILE E 80 -44.77 -9.70 35.41
C ILE E 80 -45.29 -10.45 36.64
N GLU E 81 -44.69 -10.16 37.79
CA GLU E 81 -44.89 -11.00 38.97
C GLU E 81 -45.07 -10.16 40.22
N LYS E 82 -45.39 -10.85 41.32
CA LYS E 82 -45.34 -10.29 42.66
C LYS E 82 -44.66 -11.22 43.66
N SER E 83 -44.61 -12.52 43.39
CA SER E 83 -44.09 -13.49 44.34
C SER E 83 -42.64 -13.87 44.10
N ASN E 84 -42.10 -13.60 42.91
CA ASN E 84 -40.73 -13.92 42.50
C ASN E 84 -40.42 -15.41 42.67
N ILE E 85 -41.14 -16.21 41.89
CA ILE E 85 -41.12 -17.65 42.04
C ILE E 85 -40.22 -18.34 41.01
N ILE E 86 -39.24 -17.62 40.47
CA ILE E 86 -38.32 -18.18 39.48
C ILE E 86 -36.96 -18.35 40.14
N ARG E 87 -36.52 -19.61 40.30
CA ARG E 87 -35.38 -19.90 41.16
C ARG E 87 -34.30 -20.78 40.54
N GLY E 88 -34.60 -21.60 39.53
CA GLY E 88 -33.62 -22.52 38.99
C GLY E 88 -33.42 -22.34 37.51
N TRP E 89 -32.17 -22.56 37.06
CA TRP E 89 -31.86 -22.48 35.64
C TRP E 89 -30.96 -23.64 35.23
N ILE E 90 -31.34 -24.33 34.16
CA ILE E 90 -30.57 -25.43 33.59
C ILE E 90 -30.12 -25.04 32.20
N PHE E 91 -28.87 -25.39 31.86
CA PHE E 91 -28.31 -25.11 30.54
C PHE E 91 -27.67 -26.37 29.99
N GLY E 92 -27.89 -26.63 28.71
CA GLY E 92 -27.27 -27.78 28.05
C GLY E 92 -27.63 -27.77 26.58
N THR E 93 -26.95 -28.65 25.83
CA THR E 93 -27.19 -28.77 24.40
C THR E 93 -27.80 -30.10 23.99
N THR E 94 -27.60 -31.18 24.76
CA THR E 94 -28.30 -32.43 24.52
C THR E 94 -28.90 -32.96 25.82
N LEU E 95 -28.21 -32.67 26.93
CA LEU E 95 -28.62 -33.04 28.30
C LEU E 95 -28.84 -34.54 28.46
N ASP E 96 -27.92 -35.34 27.89
CA ASP E 96 -28.03 -36.79 27.96
C ASP E 96 -26.80 -37.42 28.60
N SER E 97 -26.19 -36.71 29.56
CA SER E 97 -25.00 -37.12 30.31
C SER E 97 -23.82 -37.42 29.40
N LYS E 98 -23.67 -36.65 28.32
CA LYS E 98 -22.50 -36.74 27.46
C LYS E 98 -21.92 -35.38 27.08
N THR E 99 -22.66 -34.30 27.27
CA THR E 99 -22.16 -32.95 27.07
C THR E 99 -22.21 -32.18 28.39
N GLN E 100 -21.51 -31.05 28.42
CA GLN E 100 -21.44 -30.25 29.62
C GLN E 100 -22.78 -29.57 29.91
N SER E 101 -23.14 -29.52 31.19
CA SER E 101 -24.38 -28.91 31.62
C SER E 101 -24.06 -27.81 32.63
N LEU E 102 -25.05 -26.96 32.89
CA LEU E 102 -24.91 -25.86 33.82
C LEU E 102 -26.15 -25.74 34.70
N LEU E 103 -25.95 -25.32 35.94
CA LEU E 103 -27.03 -25.07 36.88
C LEU E 103 -26.79 -23.73 37.56
N ILE E 104 -27.74 -22.81 37.43
CA ILE E 104 -27.77 -21.58 38.22
C ILE E 104 -28.80 -21.76 39.31
N VAL E 105 -28.38 -21.61 40.56
CA VAL E 105 -29.30 -21.62 41.69
C VAL E 105 -29.06 -20.38 42.55
N ASN E 106 -30.12 -19.97 43.26
CA ASN E 106 -30.01 -18.96 44.30
C ASN E 106 -30.79 -19.35 45.54
N ASN E 107 -31.14 -20.63 45.69
CA ASN E 107 -31.83 -21.09 46.89
C ASN E 107 -30.88 -21.15 48.08
N ALA E 108 -29.58 -21.23 47.82
CA ALA E 108 -28.56 -21.25 48.86
C ALA E 108 -28.29 -19.82 49.33
N THR E 109 -27.19 -19.63 50.07
CA THR E 109 -26.83 -18.32 50.58
C THR E 109 -26.45 -17.37 49.44
N ASN E 110 -25.57 -17.82 48.54
CA ASN E 110 -25.09 -17.01 47.43
C ASN E 110 -25.53 -17.63 46.10
N VAL E 111 -25.42 -16.84 45.03
CA VAL E 111 -25.84 -17.32 43.72
C VAL E 111 -24.76 -18.20 43.12
N VAL E 112 -25.10 -19.44 42.80
CA VAL E 112 -24.13 -20.47 42.44
C VAL E 112 -24.33 -20.87 40.98
N ILE E 113 -23.25 -20.77 40.21
CA ILE E 113 -23.07 -21.53 38.98
C ILE E 113 -22.30 -22.82 39.27
N LYS E 114 -22.90 -23.94 38.92
CA LYS E 114 -22.24 -25.24 38.99
C LYS E 114 -22.28 -25.85 37.59
N VAL E 115 -21.12 -26.03 36.98
CA VAL E 115 -21.01 -26.55 35.63
C VAL E 115 -20.56 -28.00 35.71
N CYS E 116 -21.43 -28.92 35.29
CA CYS E 116 -21.14 -30.34 35.40
C CYS E 116 -21.96 -31.11 34.37
N GLU E 117 -21.51 -32.32 34.09
CA GLU E 117 -22.18 -33.20 33.15
C GLU E 117 -23.40 -33.82 33.82
N PHE E 118 -24.59 -33.38 33.41
CA PHE E 118 -25.82 -33.74 34.10
C PHE E 118 -26.80 -34.41 33.14
N GLN E 119 -27.63 -35.28 33.71
CA GLN E 119 -28.75 -35.91 33.01
C GLN E 119 -30.03 -35.66 33.80
N PHE E 120 -31.15 -35.50 33.09
CA PHE E 120 -32.39 -35.10 33.72
C PHE E 120 -33.52 -36.03 33.30
N CYS E 121 -34.57 -36.07 34.12
CA CYS E 121 -35.70 -36.95 33.91
C CYS E 121 -36.71 -36.30 32.97
N ASN E 122 -37.91 -36.87 32.90
CA ASN E 122 -39.01 -36.28 32.13
C ASN E 122 -39.49 -34.98 32.75
N ASP E 123 -39.46 -34.88 34.08
CA ASP E 123 -40.02 -33.73 34.80
C ASP E 123 -38.96 -33.12 35.72
N PRO E 124 -38.05 -32.22 35.24
CA PRO E 124 -37.06 -31.52 36.11
C PRO E 124 -37.64 -30.21 36.65
N PHE E 125 -38.12 -30.19 37.90
CA PHE E 125 -38.84 -28.99 38.39
C PHE E 125 -38.47 -28.56 39.81
N LEU E 126 -38.50 -27.26 40.10
CA LEU E 126 -38.27 -26.78 41.49
C LEU E 126 -39.58 -26.27 42.13
N ASP E 127 -40.75 -26.43 41.49
CA ASP E 127 -42.04 -25.85 41.98
C ASP E 127 -42.60 -26.41 43.31
N HIS E 128 -42.66 -27.74 43.49
CA HIS E 128 -43.69 -28.44 44.31
C HIS E 128 -43.35 -28.47 45.80
N LYS E 129 -44.26 -28.96 46.66
CA LYS E 129 -43.97 -29.11 48.13
C LYS E 129 -45.12 -29.81 48.87
N ASN E 130 -45.06 -29.93 50.21
CA ASN E 130 -46.07 -30.68 51.03
C ASN E 130 -47.16 -29.76 51.61
N ASN E 131 -48.38 -30.29 51.93
CA ASN E 131 -49.28 -30.75 50.87
C ASN E 131 -49.29 -29.76 49.70
N LYS E 132 -49.21 -28.47 50.00
CA LYS E 132 -49.19 -27.43 48.99
C LYS E 132 -48.14 -26.35 49.24
N SER E 133 -47.63 -26.21 50.47
CA SER E 133 -46.78 -25.04 50.79
C SER E 133 -45.84 -24.64 49.64
N TRP E 134 -45.81 -23.37 49.22
CA TRP E 134 -44.84 -22.95 48.18
C TRP E 134 -43.42 -23.14 48.71
N MET E 135 -42.46 -23.54 47.86
CA MET E 135 -41.04 -23.67 48.26
C MET E 135 -40.34 -24.41 47.13
N GLU E 136 -39.03 -24.64 47.24
CA GLU E 136 -38.29 -25.41 46.22
C GLU E 136 -38.69 -26.89 46.29
N SER E 137 -38.87 -27.54 45.15
CA SER E 137 -39.12 -29.00 45.14
C SER E 137 -37.78 -29.75 44.99
N GLU E 138 -37.82 -31.09 44.84
CA GLU E 138 -36.58 -31.92 44.71
C GLU E 138 -35.39 -31.04 44.28
N PHE E 139 -34.47 -30.76 45.20
CA PHE E 139 -33.33 -29.90 44.88
C PHE E 139 -32.27 -30.64 44.10
N ARG E 140 -32.21 -31.96 44.21
CA ARG E 140 -31.31 -32.80 43.41
C ARG E 140 -31.95 -33.12 42.06
N VAL E 141 -32.10 -32.06 41.25
CA VAL E 141 -32.61 -32.23 39.89
C VAL E 141 -31.59 -32.94 39.02
N TYR E 142 -30.30 -32.76 39.33
CA TYR E 142 -29.25 -33.48 38.63
C TYR E 142 -29.21 -34.94 39.10
N SER E 143 -28.90 -35.83 38.16
CA SER E 143 -28.88 -37.26 38.45
C SER E 143 -27.49 -37.75 38.83
N SER E 144 -26.50 -37.55 37.95
CA SER E 144 -25.15 -38.02 38.17
C SER E 144 -24.17 -36.92 37.80
N ALA E 145 -23.00 -36.97 38.44
CA ALA E 145 -21.91 -36.02 38.20
C ALA E 145 -20.68 -36.81 37.79
N ASN E 146 -20.32 -36.74 36.50
CA ASN E 146 -19.22 -37.55 35.98
C ASN E 146 -17.87 -36.90 36.27
N ASN E 147 -17.61 -35.73 35.71
CA ASN E 147 -16.33 -35.07 35.85
C ASN E 147 -16.44 -33.55 35.71
N CYS E 148 -16.24 -32.85 36.82
CA CYS E 148 -16.41 -31.40 36.83
C CYS E 148 -15.67 -30.79 38.01
N THR E 149 -15.25 -29.53 37.83
CA THR E 149 -14.54 -28.79 38.87
C THR E 149 -14.99 -27.34 38.98
N PHE E 150 -16.20 -26.99 38.54
CA PHE E 150 -16.64 -25.60 38.47
C PHE E 150 -17.88 -25.42 39.35
N GLU E 151 -17.69 -24.78 40.50
CA GLU E 151 -18.73 -24.50 41.49
C GLU E 151 -18.65 -23.04 41.96
N TYR E 152 -18.63 -22.12 40.99
CA TYR E 152 -18.34 -20.72 41.29
C TYR E 152 -19.55 -20.04 41.90
N VAL E 153 -19.28 -18.98 42.69
CA VAL E 153 -20.28 -18.29 43.46
C VAL E 153 -20.25 -16.80 43.12
N SER E 154 -21.35 -16.12 43.44
CA SER E 154 -21.50 -14.70 43.18
C SER E 154 -22.55 -14.13 44.12
N GLN E 155 -22.74 -12.82 44.03
CA GLN E 155 -23.55 -12.05 44.98
C GLN E 155 -25.01 -12.47 44.92
N PRO E 156 -25.67 -12.60 46.08
CA PRO E 156 -27.09 -13.01 46.09
C PRO E 156 -28.00 -11.97 45.47
N PHE E 157 -29.06 -12.46 44.82
CA PHE E 157 -30.06 -11.62 44.19
C PHE E 157 -31.26 -11.46 45.12
N LEU E 158 -32.12 -10.50 44.80
CA LEU E 158 -33.29 -10.25 45.63
C LEU E 158 -34.33 -11.34 45.43
N MET E 159 -34.85 -11.85 46.55
CA MET E 159 -35.88 -12.89 46.54
C MET E 159 -37.08 -12.42 47.35
N ASP E 160 -38.26 -12.89 46.94
CA ASP E 160 -39.51 -12.59 47.64
C ASP E 160 -40.06 -13.87 48.25
N LEU E 161 -40.31 -13.83 49.56
CA LEU E 161 -40.74 -15.00 50.31
C LEU E 161 -42.25 -15.20 50.15
N GLU E 162 -42.70 -16.43 50.42
CA GLU E 162 -44.09 -16.89 50.36
C GLU E 162 -44.71 -16.70 48.98
N GLY E 163 -46.04 -16.71 48.92
CA GLY E 163 -46.72 -16.58 47.65
C GLY E 163 -47.87 -15.58 47.68
N LYS E 164 -47.78 -14.56 46.84
CA LYS E 164 -48.80 -13.51 46.76
C LYS E 164 -49.43 -13.54 45.37
N GLN E 165 -50.75 -13.63 45.33
CA GLN E 165 -51.50 -13.64 44.08
C GLN E 165 -52.29 -12.35 43.95
N GLY E 166 -52.32 -11.82 42.73
CA GLY E 166 -52.95 -10.53 42.49
C GLY E 166 -52.02 -9.38 42.84
N ASN E 167 -52.53 -8.16 42.59
CA ASN E 167 -51.82 -6.90 42.76
C ASN E 167 -50.50 -6.89 41.97
N PHE E 168 -50.64 -7.00 40.65
CA PHE E 168 -49.50 -7.08 39.74
C PHE E 168 -48.84 -5.70 39.66
N LYS E 169 -47.77 -5.51 40.42
CA LYS E 169 -47.08 -4.23 40.47
C LYS E 169 -45.60 -4.31 40.14
N ASN E 170 -45.02 -5.49 39.94
CA ASN E 170 -43.59 -5.62 39.68
C ASN E 170 -43.35 -6.28 38.33
N LEU E 171 -42.42 -5.71 37.57
CA LEU E 171 -41.96 -6.30 36.32
C LEU E 171 -40.45 -6.47 36.37
N ARG E 172 -39.99 -7.64 35.95
CA ARG E 172 -38.58 -7.95 35.86
C ARG E 172 -38.21 -8.09 34.39
N GLU E 173 -37.21 -7.33 33.94
CA GLU E 173 -36.75 -7.42 32.57
C GLU E 173 -35.26 -7.70 32.56
N PHE E 174 -34.83 -8.61 31.68
CA PHE E 174 -33.43 -8.96 31.56
C PHE E 174 -33.12 -9.19 30.08
N VAL E 175 -31.88 -8.93 29.71
CA VAL E 175 -31.32 -9.48 28.47
C VAL E 175 -30.00 -10.15 28.82
N PHE E 176 -29.78 -11.31 28.22
CA PHE E 176 -28.61 -12.15 28.48
C PHE E 176 -27.81 -12.25 27.19
N LYS E 177 -26.52 -11.94 27.26
CA LYS E 177 -25.67 -11.98 26.07
C LYS E 177 -24.37 -12.72 26.35
N ASN E 178 -23.86 -13.39 25.32
CA ASN E 178 -22.54 -14.03 25.32
C ASN E 178 -21.70 -13.35 24.25
N ILE E 179 -20.90 -12.36 24.66
CA ILE E 179 -20.04 -11.62 23.74
C ILE E 179 -18.59 -11.88 24.13
N ASP E 180 -17.86 -12.56 23.24
CA ASP E 180 -16.41 -12.84 23.33
C ASP E 180 -16.11 -13.53 24.65
N GLY E 181 -16.93 -14.54 24.97
CA GLY E 181 -16.76 -15.29 26.19
C GLY E 181 -17.30 -14.63 27.44
N TYR E 182 -17.91 -13.46 27.33
CA TYR E 182 -18.42 -12.74 28.48
C TYR E 182 -19.93 -12.90 28.52
N PHE E 183 -20.46 -13.40 29.64
CA PHE E 183 -21.88 -13.50 29.88
C PHE E 183 -22.33 -12.25 30.63
N LYS E 184 -23.19 -11.45 30.01
CA LYS E 184 -23.62 -10.19 30.58
C LYS E 184 -25.14 -10.14 30.70
N ILE E 185 -25.59 -9.67 31.87
CA ILE E 185 -27.00 -9.51 32.21
C ILE E 185 -27.26 -8.02 32.34
N TYR E 186 -28.16 -7.50 31.51
CA TYR E 186 -28.69 -6.16 31.68
C TYR E 186 -30.10 -6.29 32.23
N SER E 187 -30.38 -5.62 33.35
CA SER E 187 -31.59 -5.85 34.11
C SER E 187 -32.35 -4.56 34.36
N LYS E 188 -33.65 -4.70 34.55
CA LYS E 188 -34.54 -3.59 34.88
C LYS E 188 -35.61 -4.10 35.83
N HIS E 189 -35.61 -3.54 37.04
CA HIS E 189 -36.53 -3.90 38.11
C HIS E 189 -37.54 -2.76 38.26
N THR E 190 -38.68 -2.87 37.59
CA THR E 190 -39.65 -1.78 37.60
C THR E 190 -40.80 -2.11 38.53
N PRO E 191 -40.95 -1.41 39.65
CA PRO E 191 -42.17 -1.55 40.45
C PRO E 191 -43.28 -0.65 39.92
N ILE E 192 -44.38 -0.58 40.69
CA ILE E 192 -45.63 0.15 40.45
C ILE E 192 -46.08 0.23 38.99
N ILE E 193 -46.14 -0.91 38.32
CA ILE E 193 -46.67 -1.01 36.97
C ILE E 193 -48.19 -1.21 37.05
N VAL E 194 -48.92 -0.56 36.17
CA VAL E 194 -50.35 -0.81 36.00
C VAL E 194 -50.56 -1.29 34.57
N ARG E 195 -50.41 -2.60 34.35
CA ARG E 195 -50.87 -3.23 33.10
C ARG E 195 -51.22 -4.67 33.44
N GLU E 196 -52.49 -4.89 33.80
CA GLU E 196 -52.90 -6.19 34.33
C GLU E 196 -53.07 -7.31 33.28
N PRO E 197 -54.05 -7.24 32.32
CA PRO E 197 -54.60 -8.50 31.77
C PRO E 197 -53.70 -9.37 30.91
N GLU E 198 -53.16 -8.88 29.80
CA GLU E 198 -52.45 -9.79 28.91
C GLU E 198 -51.10 -9.28 28.43
N ASP E 199 -50.98 -7.99 28.13
CA ASP E 199 -49.91 -7.50 27.29
C ASP E 199 -48.85 -6.76 28.10
N LEU E 200 -47.72 -6.51 27.44
CA LEU E 200 -46.66 -5.71 28.01
C LEU E 200 -47.09 -4.23 28.09
N PRO E 201 -46.61 -3.50 29.11
CA PRO E 201 -47.00 -2.09 29.22
C PRO E 201 -46.36 -1.23 28.14
N GLN E 202 -46.97 -0.07 27.92
CA GLN E 202 -46.47 0.89 26.95
C GLN E 202 -45.37 1.73 27.59
N GLY E 203 -44.99 2.82 26.93
CA GLY E 203 -43.90 3.64 27.41
C GLY E 203 -42.56 3.06 27.04
N PHE E 204 -41.50 3.72 27.52
CA PHE E 204 -40.14 3.30 27.25
C PHE E 204 -39.38 3.11 28.55
N SER E 205 -38.71 1.96 28.68
CA SER E 205 -37.90 1.65 29.84
C SER E 205 -36.54 1.17 29.37
N ALA E 206 -35.48 1.74 29.95
CA ALA E 206 -34.12 1.38 29.59
C ALA E 206 -33.58 0.33 30.55
N LEU E 207 -32.80 -0.60 30.01
CA LEU E 207 -32.26 -1.73 30.76
C LEU E 207 -30.81 -1.44 31.09
N GLU E 208 -30.53 -1.09 32.34
CA GLU E 208 -29.18 -0.77 32.75
C GLU E 208 -28.33 -2.04 32.88
N PRO E 209 -27.02 -1.92 32.70
CA PRO E 209 -26.15 -3.10 32.94
C PRO E 209 -25.97 -3.35 34.42
N LEU E 210 -26.09 -4.62 34.81
CA LEU E 210 -25.86 -5.03 36.19
C LEU E 210 -24.77 -6.07 36.34
N VAL E 211 -24.76 -7.14 35.54
CA VAL E 211 -23.89 -8.28 35.81
C VAL E 211 -23.01 -8.56 34.61
N ASP E 212 -21.70 -8.68 34.86
CA ASP E 212 -20.76 -9.16 33.86
C ASP E 212 -19.96 -10.33 34.45
N LEU E 213 -19.84 -11.42 33.70
CA LEU E 213 -19.21 -12.63 34.19
C LEU E 213 -18.29 -13.22 33.12
N PRO E 214 -17.07 -13.63 33.49
CA PRO E 214 -16.17 -14.31 32.53
C PRO E 214 -16.34 -15.83 32.51
N ILE E 215 -17.36 -16.29 31.77
CA ILE E 215 -17.64 -17.72 31.71
C ILE E 215 -16.84 -18.36 30.57
N GLY E 216 -17.11 -17.93 29.34
CA GLY E 216 -16.36 -18.38 28.19
C GLY E 216 -16.56 -19.82 27.78
N ILE E 217 -17.79 -20.21 27.46
CA ILE E 217 -18.15 -21.56 27.06
C ILE E 217 -19.10 -21.50 25.87
N ASN E 218 -19.56 -22.67 25.44
CA ASN E 218 -20.58 -22.80 24.40
C ASN E 218 -21.94 -22.85 25.08
N ILE E 219 -22.77 -21.85 24.82
CA ILE E 219 -24.15 -21.82 25.33
C ILE E 219 -25.09 -21.81 24.13
N THR E 220 -25.95 -22.82 24.04
CA THR E 220 -26.88 -22.94 22.93
C THR E 220 -28.35 -23.03 23.34
N ARG E 221 -28.65 -23.37 24.59
CA ARG E 221 -30.04 -23.54 25.00
C ARG E 221 -30.13 -23.33 26.50
N PHE E 222 -31.18 -22.64 26.94
CA PHE E 222 -31.34 -22.30 28.35
C PHE E 222 -32.70 -22.82 28.84
N GLN E 223 -32.91 -22.71 30.14
CA GLN E 223 -34.16 -23.16 30.73
C GLN E 223 -34.38 -22.39 32.03
N THR E 224 -35.65 -22.22 32.38
CA THR E 224 -36.03 -21.56 33.61
C THR E 224 -36.88 -22.51 34.46
N LEU E 225 -36.63 -22.38 35.76
CA LEU E 225 -37.33 -23.23 36.72
C LEU E 225 -37.91 -22.37 37.83
N LEU E 226 -39.22 -22.55 38.07
CA LEU E 226 -39.93 -21.76 39.10
C LEU E 226 -39.96 -22.55 40.40
N ALA E 227 -40.39 -21.92 41.49
CA ALA E 227 -40.52 -22.63 42.79
C ALA E 227 -41.82 -22.19 43.45
N SER E 238 -48.64 -33.08 48.21
CA SER E 238 -47.47 -32.92 47.34
C SER E 238 -47.89 -32.56 45.92
N SER E 239 -47.60 -33.45 44.97
CA SER E 239 -47.87 -33.17 43.56
C SER E 239 -49.36 -33.25 43.23
N SER E 240 -50.17 -33.85 44.09
CA SER E 240 -51.60 -33.96 43.85
C SER E 240 -52.30 -32.67 44.28
N GLY E 241 -52.80 -31.90 43.31
CA GLY E 241 -53.51 -30.63 43.60
C GLY E 241 -52.61 -29.50 44.08
N TRP E 242 -52.05 -28.70 43.16
CA TRP E 242 -51.13 -27.59 43.52
C TRP E 242 -51.77 -26.24 43.16
N THR E 243 -51.74 -25.30 44.09
CA THR E 243 -52.44 -24.00 43.86
C THR E 243 -51.47 -22.83 43.99
N ALA E 244 -50.54 -22.68 43.04
CA ALA E 244 -49.55 -21.61 43.11
C ALA E 244 -50.17 -20.33 42.58
N GLY E 245 -49.37 -19.26 42.57
CA GLY E 245 -49.83 -17.97 42.09
C GLY E 245 -49.84 -17.88 40.58
N ALA E 246 -50.40 -16.78 40.10
CA ALA E 246 -50.50 -16.52 38.66
C ALA E 246 -49.17 -15.97 38.16
N ALA E 247 -48.48 -16.76 37.35
CA ALA E 247 -47.16 -16.40 36.83
C ALA E 247 -47.25 -16.19 35.32
N ALA E 248 -46.75 -15.05 34.86
CA ALA E 248 -46.74 -14.73 33.43
C ALA E 248 -45.36 -14.23 33.04
N TYR E 249 -44.75 -14.88 32.05
CA TYR E 249 -43.43 -14.49 31.58
C TYR E 249 -43.37 -14.51 30.07
N TYR E 250 -42.39 -13.77 29.55
CA TYR E 250 -42.25 -13.41 28.14
C TYR E 250 -40.83 -13.71 27.71
N VAL E 251 -40.65 -14.27 26.51
CA VAL E 251 -39.32 -14.57 26.01
C VAL E 251 -39.18 -14.10 24.55
N GLY E 252 -38.08 -13.41 24.26
CA GLY E 252 -37.83 -12.91 22.93
C GLY E 252 -36.39 -13.14 22.53
N TYR E 253 -36.14 -13.08 21.22
CA TYR E 253 -34.85 -13.40 20.64
C TYR E 253 -34.16 -12.14 20.14
N LEU E 254 -32.88 -11.99 20.47
CA LEU E 254 -32.10 -10.86 20.00
C LEU E 254 -31.35 -11.23 18.73
N GLN E 255 -31.26 -10.30 17.80
CA GLN E 255 -30.49 -10.46 16.59
C GLN E 255 -29.76 -9.15 16.29
N PRO E 256 -28.67 -9.19 15.47
CA PRO E 256 -27.93 -7.94 15.18
C PRO E 256 -28.76 -6.92 14.43
N ARG E 257 -29.07 -5.82 15.11
CA ARG E 257 -29.92 -4.77 14.56
C ARG E 257 -29.26 -3.44 14.87
N THR E 258 -29.48 -2.47 13.99
CA THR E 258 -29.01 -1.11 14.20
C THR E 258 -30.16 -0.22 14.62
N PHE E 259 -29.92 0.58 15.66
CA PHE E 259 -30.92 1.42 16.30
C PHE E 259 -30.40 2.85 16.34
N LEU E 260 -31.31 3.78 16.61
CA LEU E 260 -30.93 5.14 16.95
C LEU E 260 -31.49 5.45 18.33
N LEU E 261 -30.61 5.83 19.25
CA LEU E 261 -30.93 6.05 20.65
C LEU E 261 -30.92 7.55 20.93
N LYS E 262 -31.94 8.05 21.60
CA LYS E 262 -32.00 9.44 21.99
C LYS E 262 -31.64 9.56 23.47
N TYR E 263 -30.59 10.30 23.75
CA TYR E 263 -30.16 10.56 25.12
C TYR E 263 -30.71 11.90 25.57
N ASN E 264 -31.02 12.01 26.84
CA ASN E 264 -31.44 13.28 27.41
C ASN E 264 -30.22 14.01 27.95
N GLU E 265 -30.44 15.06 28.76
CA GLU E 265 -29.33 15.77 29.38
C GLU E 265 -28.67 14.95 30.49
N ASN E 266 -29.37 13.97 31.05
CA ASN E 266 -28.85 13.15 32.14
C ASN E 266 -28.36 11.79 31.66
N GLY E 267 -28.37 11.55 30.35
CA GLY E 267 -27.79 10.33 29.80
C GLY E 267 -28.70 9.12 29.76
N THR E 268 -29.97 9.26 30.13
CA THR E 268 -30.87 8.12 30.10
C THR E 268 -31.44 7.94 28.71
N ILE E 269 -31.75 6.69 28.37
CA ILE E 269 -32.34 6.37 27.07
C ILE E 269 -33.82 6.72 27.14
N THR E 270 -34.17 7.92 26.70
CA THR E 270 -35.57 8.34 26.78
C THR E 270 -36.39 7.84 25.59
N ASP E 271 -35.75 7.55 24.47
CA ASP E 271 -36.46 7.08 23.27
C ASP E 271 -35.48 6.37 22.36
N ALA E 272 -36.03 5.57 21.45
CA ALA E 272 -35.24 4.91 20.44
C ALA E 272 -36.10 4.67 19.22
N VAL E 273 -35.46 4.52 18.07
CA VAL E 273 -36.14 4.21 16.83
C VAL E 273 -35.35 3.14 16.08
N ASP E 274 -36.05 2.15 15.56
CA ASP E 274 -35.42 1.12 14.75
C ASP E 274 -34.99 1.70 13.41
N CYS E 275 -34.02 1.06 12.78
CA CYS E 275 -33.57 1.48 11.46
C CYS E 275 -34.03 0.54 10.35
N ALA E 276 -34.88 -0.45 10.69
CA ALA E 276 -35.32 -1.40 9.68
C ALA E 276 -36.79 -1.77 9.83
N LEU E 277 -37.57 -1.00 10.58
CA LEU E 277 -38.96 -1.38 10.82
C LEU E 277 -39.84 -1.00 9.63
N ASP E 278 -39.94 0.29 9.34
CA ASP E 278 -40.73 0.81 8.23
C ASP E 278 -39.94 1.95 7.60
N PRO E 279 -40.28 2.42 6.37
CA PRO E 279 -39.47 3.48 5.74
C PRO E 279 -39.36 4.79 6.51
N LEU E 280 -40.36 5.16 7.30
CA LEU E 280 -40.27 6.37 8.12
C LEU E 280 -39.17 6.23 9.18
N SER E 281 -39.06 5.05 9.80
CA SER E 281 -38.05 4.84 10.83
C SER E 281 -36.65 4.85 10.26
N GLU E 282 -36.44 4.24 9.09
CA GLU E 282 -35.11 4.27 8.50
C GLU E 282 -34.80 5.64 7.91
N THR E 283 -35.81 6.42 7.53
CA THR E 283 -35.58 7.81 7.16
C THR E 283 -35.12 8.64 8.35
N LYS E 284 -35.76 8.42 9.51
CA LYS E 284 -35.30 9.08 10.74
C LYS E 284 -33.90 8.62 11.13
N CYS E 285 -33.59 7.35 10.87
CA CYS E 285 -32.29 6.80 11.21
C CYS E 285 -31.19 7.33 10.31
N THR E 286 -31.47 7.50 9.01
CA THR E 286 -30.47 8.04 8.10
C THR E 286 -30.41 9.55 8.12
N LEU E 287 -31.41 10.22 8.70
CA LEU E 287 -31.37 11.67 8.83
C LEU E 287 -30.80 12.11 10.17
N LYS E 288 -30.60 11.16 11.10
CA LYS E 288 -30.11 11.41 12.46
C LYS E 288 -30.98 12.42 13.20
N SER E 289 -32.30 12.28 13.05
CA SER E 289 -33.24 13.17 13.72
C SER E 289 -34.55 12.44 13.92
N PHE E 290 -35.18 12.67 15.07
CA PHE E 290 -36.50 12.10 15.33
C PHE E 290 -37.62 12.88 14.68
N THR E 291 -37.35 14.09 14.21
CA THR E 291 -38.32 14.90 13.49
C THR E 291 -37.84 15.07 12.05
N VAL E 292 -38.70 14.76 11.10
CA VAL E 292 -38.37 14.77 9.68
C VAL E 292 -39.22 15.84 9.01
N GLU E 293 -38.57 16.78 8.32
CA GLU E 293 -39.28 17.82 7.62
C GLU E 293 -39.91 17.28 6.34
N LYS E 294 -40.84 18.06 5.79
CA LYS E 294 -41.56 17.64 4.60
C LYS E 294 -40.66 17.68 3.38
N GLY E 295 -40.64 16.58 2.63
CA GLY E 295 -39.88 16.55 1.40
C GLY E 295 -39.59 15.12 0.97
N ILE E 296 -38.64 14.99 0.07
CA ILE E 296 -38.17 13.72 -0.45
C ILE E 296 -36.79 13.44 0.14
N TYR E 297 -36.54 12.18 0.49
CA TYR E 297 -35.28 11.76 1.08
C TYR E 297 -34.86 10.43 0.49
N GLN E 298 -33.58 10.33 0.12
CA GLN E 298 -33.03 9.09 -0.41
C GLN E 298 -32.48 8.24 0.72
N THR E 299 -32.81 6.95 0.68
CA THR E 299 -32.44 5.98 1.71
C THR E 299 -31.66 4.85 1.05
N SER E 300 -31.51 3.75 1.79
CA SER E 300 -30.69 2.62 1.35
C SER E 300 -31.28 1.97 0.11
N ASN E 301 -30.40 1.37 -0.70
CA ASN E 301 -30.74 0.93 -2.04
C ASN E 301 -31.56 -0.36 -2.00
N PHE E 302 -32.23 -0.61 -3.12
CA PHE E 302 -33.03 -1.81 -3.34
C PHE E 302 -32.33 -2.65 -4.38
N ARG E 303 -31.98 -3.89 -4.02
CA ARG E 303 -31.30 -4.80 -4.90
C ARG E 303 -31.93 -6.19 -4.80
N VAL E 304 -32.05 -6.86 -5.93
CA VAL E 304 -32.66 -8.18 -6.00
C VAL E 304 -31.54 -9.22 -5.88
N GLN E 305 -31.56 -9.96 -4.78
CA GLN E 305 -30.59 -11.04 -4.59
C GLN E 305 -30.93 -12.21 -5.50
N PRO E 306 -29.93 -12.98 -5.94
CA PRO E 306 -30.20 -14.12 -6.83
C PRO E 306 -30.98 -15.23 -6.13
N THR E 307 -31.94 -15.80 -6.85
CA THR E 307 -32.79 -16.83 -6.28
C THR E 307 -32.06 -18.16 -6.15
N GLU E 308 -31.29 -18.54 -7.17
CA GLU E 308 -30.56 -19.80 -7.16
C GLU E 308 -29.28 -19.62 -7.98
N SER E 309 -28.52 -20.71 -8.07
CA SER E 309 -27.30 -20.73 -8.87
C SER E 309 -27.37 -21.89 -9.86
N ILE E 310 -26.97 -21.61 -11.14
CA ILE E 310 -27.00 -22.59 -12.28
C ILE E 310 -25.66 -22.64 -13.03
N VAL E 311 -25.25 -23.81 -13.55
CA VAL E 311 -23.94 -24.01 -14.28
C VAL E 311 -24.19 -24.75 -15.58
N ARG E 312 -23.71 -24.24 -16.71
CA ARG E 312 -23.86 -25.00 -17.97
C ARG E 312 -22.50 -25.10 -18.66
N PHE E 313 -21.90 -26.28 -18.71
CA PHE E 313 -20.54 -26.47 -19.28
C PHE E 313 -20.70 -27.17 -20.63
N PRO E 314 -19.65 -27.43 -21.46
CA PRO E 314 -19.82 -28.10 -22.77
C PRO E 314 -20.35 -29.52 -22.60
N ASN E 315 -20.08 -30.43 -23.53
CA ASN E 315 -20.65 -31.75 -23.24
C ASN E 315 -19.59 -32.67 -22.62
N ILE E 316 -19.98 -33.92 -22.42
CA ILE E 316 -19.09 -34.95 -21.92
C ILE E 316 -18.59 -35.85 -23.03
N THR E 317 -18.57 -35.35 -24.27
CA THR E 317 -18.12 -36.13 -25.41
C THR E 317 -16.60 -36.30 -25.37
N ASN E 318 -16.10 -37.14 -26.30
CA ASN E 318 -14.70 -37.60 -26.35
C ASN E 318 -14.28 -38.23 -25.02
N LEU E 319 -14.91 -39.36 -24.72
CA LEU E 319 -14.62 -40.06 -23.47
C LEU E 319 -13.29 -40.80 -23.57
N CYS E 320 -12.66 -41.02 -22.42
CA CYS E 320 -11.41 -41.75 -22.37
C CYS E 320 -11.64 -43.25 -22.54
N PRO E 321 -10.75 -43.96 -23.24
CA PRO E 321 -10.93 -45.41 -23.43
C PRO E 321 -10.57 -46.24 -22.19
N PHE E 322 -11.48 -46.23 -21.22
CA PHE E 322 -11.33 -47.03 -20.01
C PHE E 322 -12.18 -48.28 -20.04
N ASP E 323 -12.83 -48.58 -21.16
CA ASP E 323 -13.64 -49.79 -21.26
C ASP E 323 -12.79 -51.00 -21.66
N GLU E 324 -12.06 -50.89 -22.77
CA GLU E 324 -11.24 -52.01 -23.23
C GLU E 324 -9.95 -52.15 -22.43
N VAL E 325 -9.60 -51.17 -21.61
CA VAL E 325 -8.50 -51.33 -20.66
C VAL E 325 -8.88 -52.39 -19.62
N PHE E 326 -10.09 -52.29 -19.07
CA PHE E 326 -10.58 -53.26 -18.10
C PHE E 326 -11.18 -54.51 -18.73
N ASN E 327 -11.67 -54.42 -19.97
CA ASN E 327 -12.32 -55.52 -20.66
C ASN E 327 -11.53 -55.96 -21.90
N ALA E 328 -10.21 -56.06 -21.76
CA ALA E 328 -9.40 -56.57 -22.86
C ALA E 328 -9.57 -58.08 -22.98
N THR E 329 -9.44 -58.58 -24.22
CA THR E 329 -9.53 -60.02 -24.45
C THR E 329 -8.32 -60.75 -23.85
N ARG E 330 -7.13 -60.17 -23.98
CA ARG E 330 -5.92 -60.74 -23.40
C ARG E 330 -5.18 -59.65 -22.62
N PHE E 331 -4.70 -60.01 -21.44
CA PHE E 331 -3.97 -59.10 -20.57
C PHE E 331 -2.49 -59.43 -20.63
N ALA E 332 -1.66 -58.40 -20.47
CA ALA E 332 -0.22 -58.57 -20.56
C ALA E 332 0.34 -59.23 -19.30
N SER E 333 1.62 -59.60 -19.36
CA SER E 333 2.28 -60.29 -18.27
C SER E 333 2.85 -59.26 -17.29
N VAL E 334 3.68 -59.72 -16.36
CA VAL E 334 4.25 -58.85 -15.33
C VAL E 334 5.56 -58.24 -15.80
N TYR E 335 6.44 -59.06 -16.39
CA TYR E 335 7.72 -58.56 -16.87
C TYR E 335 7.59 -57.75 -18.15
N ALA E 336 6.50 -57.92 -18.89
CA ALA E 336 6.25 -57.20 -20.14
C ALA E 336 4.81 -56.71 -20.13
N TRP E 337 4.61 -55.45 -19.74
CA TRP E 337 3.28 -54.85 -19.69
C TRP E 337 3.18 -53.71 -20.70
N ASN E 338 2.03 -53.62 -21.35
CA ASN E 338 1.80 -52.58 -22.34
C ASN E 338 1.41 -51.26 -21.66
N ARG E 339 1.85 -50.16 -22.27
CA ARG E 339 1.57 -48.82 -21.78
C ARG E 339 0.68 -48.10 -22.79
N LYS E 340 -0.44 -47.56 -22.31
CA LYS E 340 -1.42 -46.90 -23.16
C LYS E 340 -1.29 -45.39 -22.99
N ARG E 341 -1.05 -44.69 -24.10
CA ARG E 341 -0.97 -43.23 -24.10
C ARG E 341 -2.38 -42.67 -24.22
N ILE E 342 -2.93 -42.18 -23.12
CA ILE E 342 -4.30 -41.69 -23.06
C ILE E 342 -4.24 -40.17 -22.89
N SER E 343 -4.80 -39.44 -23.84
CA SER E 343 -4.75 -37.99 -23.83
C SER E 343 -5.94 -37.45 -24.60
N ASN E 344 -6.24 -36.17 -24.35
CA ASN E 344 -7.30 -35.39 -25.02
C ASN E 344 -8.68 -36.04 -24.89
N CYS E 345 -9.02 -36.40 -23.64
CA CYS E 345 -10.33 -36.99 -23.39
C CYS E 345 -10.76 -36.69 -21.97
N VAL E 346 -12.07 -36.77 -21.74
CA VAL E 346 -12.62 -36.72 -20.40
C VAL E 346 -12.76 -38.15 -19.89
N ALA E 347 -12.47 -38.35 -18.61
CA ALA E 347 -12.45 -39.67 -18.01
C ALA E 347 -13.56 -39.80 -16.98
N ASP E 348 -14.41 -40.80 -17.14
CA ASP E 348 -15.53 -41.03 -16.23
C ASP E 348 -15.06 -41.97 -15.12
N TYR E 349 -14.86 -41.43 -13.92
CA TYR E 349 -14.40 -42.21 -12.78
C TYR E 349 -15.52 -42.94 -12.07
N SER E 350 -16.78 -42.76 -12.49
CA SER E 350 -17.88 -43.47 -11.88
C SER E 350 -17.85 -44.97 -12.19
N VAL E 351 -17.21 -45.34 -13.30
CA VAL E 351 -17.00 -46.76 -13.60
C VAL E 351 -16.01 -47.37 -12.60
N LEU E 352 -15.07 -46.56 -12.11
CA LEU E 352 -14.08 -47.06 -11.16
C LEU E 352 -14.69 -47.29 -9.78
N TYR E 353 -15.65 -46.46 -9.39
CA TYR E 353 -16.19 -46.54 -8.04
C TYR E 353 -17.13 -47.74 -7.87
N ASN E 354 -17.99 -47.98 -8.85
CA ASN E 354 -19.00 -49.03 -8.75
C ASN E 354 -18.37 -50.38 -9.14
N LEU E 355 -19.24 -51.38 -9.36
CA LEU E 355 -18.87 -52.76 -9.72
C LEU E 355 -17.98 -53.38 -8.64
N ALA E 356 -18.62 -53.61 -7.49
CA ALA E 356 -18.09 -54.17 -6.24
C ALA E 356 -17.21 -55.41 -6.36
N PRO E 357 -17.32 -56.27 -7.43
CA PRO E 357 -16.21 -57.18 -7.74
C PRO E 357 -14.82 -56.56 -7.88
N PHE E 358 -14.72 -55.25 -8.17
CA PHE E 358 -13.44 -54.56 -8.07
C PHE E 358 -13.07 -54.45 -6.59
N PHE E 359 -12.27 -55.40 -6.10
CA PHE E 359 -12.08 -55.54 -4.66
C PHE E 359 -11.17 -54.46 -4.09
N THR E 360 -10.09 -54.11 -4.79
CA THR E 360 -9.16 -53.13 -4.28
C THR E 360 -9.73 -51.72 -4.43
N PHE E 361 -9.75 -50.97 -3.32
CA PHE E 361 -10.29 -49.63 -3.32
C PHE E 361 -9.46 -48.60 -2.57
N LYS E 362 -8.51 -49.02 -1.73
CA LYS E 362 -7.67 -48.07 -1.03
C LYS E 362 -6.64 -47.46 -1.99
N CYS E 363 -6.39 -46.17 -1.82
CA CYS E 363 -5.45 -45.46 -2.67
C CYS E 363 -4.52 -44.60 -1.82
N TYR E 364 -3.32 -44.34 -2.36
CA TYR E 364 -2.26 -43.71 -1.60
C TYR E 364 -2.26 -42.19 -1.72
N GLY E 365 -2.12 -41.68 -2.94
CA GLY E 365 -1.96 -40.24 -3.14
C GLY E 365 -3.19 -39.40 -2.88
N VAL E 366 -4.21 -39.55 -3.74
CA VAL E 366 -5.43 -38.76 -3.66
C VAL E 366 -6.60 -39.73 -3.51
N SER E 367 -7.59 -39.32 -2.72
CA SER E 367 -8.82 -40.09 -2.58
C SER E 367 -9.55 -40.16 -3.93
N PRO E 368 -10.11 -41.32 -4.28
CA PRO E 368 -10.71 -41.47 -5.62
C PRO E 368 -11.96 -40.64 -5.86
N THR E 369 -12.73 -40.34 -4.80
CA THR E 369 -13.95 -39.56 -4.97
C THR E 369 -13.68 -38.08 -5.20
N LYS E 370 -12.45 -37.62 -5.03
CA LYS E 370 -12.07 -36.23 -5.25
C LYS E 370 -11.34 -36.04 -6.57
N LEU E 371 -11.37 -37.02 -7.46
CA LEU E 371 -10.64 -36.97 -8.72
C LEU E 371 -11.41 -36.26 -9.83
N ASN E 372 -12.62 -35.78 -9.57
CA ASN E 372 -13.42 -35.14 -10.62
C ASN E 372 -12.80 -33.82 -11.04
N ASP E 373 -12.33 -33.03 -10.08
CA ASP E 373 -11.61 -31.80 -10.38
C ASP E 373 -10.11 -32.11 -10.43
N LEU E 374 -9.29 -31.05 -10.45
CA LEU E 374 -7.82 -31.11 -10.47
C LEU E 374 -7.31 -31.91 -11.68
N CYS E 375 -7.57 -31.36 -12.87
CA CYS E 375 -7.19 -32.02 -14.12
C CYS E 375 -5.67 -32.09 -14.26
N PHE E 376 -5.21 -33.18 -14.88
CA PHE E 376 -3.79 -33.47 -15.04
C PHE E 376 -3.40 -33.40 -16.51
N THR E 377 -2.14 -33.70 -16.78
CA THR E 377 -1.65 -33.68 -18.16
C THR E 377 -2.17 -34.89 -18.93
N ASN E 378 -1.81 -36.10 -18.49
CA ASN E 378 -2.25 -37.31 -19.16
C ASN E 378 -2.29 -38.46 -18.15
N VAL E 379 -3.01 -39.52 -18.51
CA VAL E 379 -3.20 -40.67 -17.66
C VAL E 379 -2.70 -41.91 -18.39
N TYR E 380 -2.35 -42.93 -17.60
CA TYR E 380 -1.74 -44.14 -18.13
C TYR E 380 -2.46 -45.36 -17.59
N ALA E 381 -2.40 -46.45 -18.35
CA ALA E 381 -3.02 -47.72 -17.99
C ALA E 381 -2.04 -48.86 -18.25
N ASP E 382 -2.03 -49.83 -17.35
CA ASP E 382 -1.12 -50.96 -17.45
C ASP E 382 -1.88 -52.28 -17.41
N SER E 383 -1.15 -53.40 -17.31
CA SER E 383 -1.77 -54.71 -17.32
C SER E 383 -0.90 -55.66 -16.51
N PHE E 384 -1.32 -55.95 -15.27
CA PHE E 384 -0.59 -56.82 -14.36
C PHE E 384 -1.47 -58.00 -14.01
N VAL E 385 -0.99 -59.21 -14.26
CA VAL E 385 -1.68 -60.44 -13.91
C VAL E 385 -0.83 -61.18 -12.88
N ILE E 386 -1.25 -61.13 -11.62
CA ILE E 386 -0.44 -61.62 -10.50
C ILE E 386 -1.30 -62.52 -9.62
N ARG E 387 -0.64 -63.23 -8.71
CA ARG E 387 -1.32 -64.11 -7.78
C ARG E 387 -1.92 -63.29 -6.63
N GLY E 388 -2.54 -64.01 -5.69
CA GLY E 388 -3.18 -63.35 -4.56
C GLY E 388 -2.20 -62.70 -3.60
N ASP E 389 -1.06 -63.36 -3.36
CA ASP E 389 -0.06 -62.82 -2.44
C ASP E 389 0.71 -61.66 -3.05
N GLU E 390 0.71 -61.54 -4.38
CA GLU E 390 1.51 -60.51 -5.05
C GLU E 390 0.76 -59.19 -5.23
N VAL E 391 -0.51 -59.13 -4.82
CA VAL E 391 -1.26 -57.87 -4.92
C VAL E 391 -0.74 -56.86 -3.90
N ARG E 392 -0.52 -57.32 -2.67
CA ARG E 392 -0.05 -56.42 -1.61
C ARG E 392 1.40 -56.02 -1.83
N GLN E 393 2.19 -56.85 -2.51
CA GLN E 393 3.58 -56.51 -2.78
C GLN E 393 3.70 -55.43 -3.85
N ILE E 394 2.73 -55.36 -4.76
CA ILE E 394 2.70 -54.30 -5.76
C ILE E 394 2.42 -52.95 -5.10
N ALA E 395 1.56 -52.95 -4.08
CA ALA E 395 1.22 -51.74 -3.34
C ALA E 395 2.43 -51.18 -2.61
N PRO E 396 2.57 -49.86 -2.52
CA PRO E 396 3.76 -49.27 -1.91
C PRO E 396 3.85 -49.54 -0.41
N GLY E 397 5.09 -49.54 0.09
CA GLY E 397 5.36 -49.84 1.48
C GLY E 397 5.52 -51.31 1.80
N GLN E 398 5.42 -52.20 0.80
CA GLN E 398 5.55 -53.63 1.01
C GLN E 398 6.62 -54.18 0.08
N THR E 399 7.35 -55.19 0.57
CA THR E 399 8.40 -55.84 -0.18
C THR E 399 8.03 -57.31 -0.39
N GLY E 400 8.17 -57.78 -1.62
CA GLY E 400 7.84 -59.16 -1.94
C GLY E 400 8.66 -59.65 -3.12
N ASN E 401 8.31 -60.86 -3.58
CA ASN E 401 9.00 -61.46 -4.71
C ASN E 401 8.66 -60.78 -6.03
N ILE E 402 7.53 -60.08 -6.10
CA ILE E 402 7.17 -59.34 -7.31
C ILE E 402 7.56 -57.86 -7.20
N ALA E 403 7.90 -57.39 -6.00
CA ALA E 403 8.18 -55.97 -5.78
C ALA E 403 9.62 -55.58 -6.06
N ASP E 404 10.57 -56.51 -5.92
CA ASP E 404 11.98 -56.19 -6.11
C ASP E 404 12.60 -56.86 -7.33
N TYR E 405 11.89 -57.76 -8.00
CA TYR E 405 12.43 -58.45 -9.17
C TYR E 405 11.63 -58.21 -10.44
N ASN E 406 10.41 -57.69 -10.34
CA ASN E 406 9.60 -57.38 -11.51
C ASN E 406 9.32 -55.89 -11.65
N TYR E 407 8.80 -55.25 -10.61
CA TYR E 407 8.45 -53.84 -10.67
C TYR E 407 8.49 -53.25 -9.27
N LYS E 408 9.26 -52.18 -9.11
CA LYS E 408 9.38 -51.47 -7.83
C LYS E 408 8.58 -50.17 -7.94
N LEU E 409 7.36 -50.20 -7.41
CA LEU E 409 6.56 -48.98 -7.34
C LEU E 409 7.15 -48.03 -6.29
N PRO E 410 7.12 -46.72 -6.54
CA PRO E 410 7.58 -45.77 -5.52
C PRO E 410 6.68 -45.79 -4.29
N ASP E 411 7.28 -45.47 -3.14
CA ASP E 411 6.55 -45.49 -1.88
C ASP E 411 5.50 -44.39 -1.79
N ASP E 412 5.66 -43.31 -2.54
CA ASP E 412 4.65 -42.26 -2.61
C ASP E 412 4.55 -41.78 -4.06
N PHE E 413 3.38 -41.98 -4.67
CA PHE E 413 3.15 -41.51 -6.02
C PHE E 413 1.66 -41.22 -6.19
N THR E 414 1.35 -40.38 -7.17
CA THR E 414 -0.01 -39.94 -7.42
C THR E 414 -0.71 -40.98 -8.28
N GLY E 415 -1.46 -41.86 -7.65
CA GLY E 415 -2.13 -42.94 -8.34
C GLY E 415 -2.22 -44.15 -7.43
N CYS E 416 -2.97 -45.15 -7.89
CA CYS E 416 -3.22 -46.35 -7.11
C CYS E 416 -3.63 -47.48 -8.03
N VAL E 417 -3.93 -48.64 -7.44
CA VAL E 417 -4.26 -49.85 -8.16
C VAL E 417 -5.66 -50.31 -7.78
N ILE E 418 -6.32 -50.99 -8.71
CA ILE E 418 -7.62 -51.62 -8.49
C ILE E 418 -7.59 -53.01 -9.12
N ALA E 419 -7.90 -54.03 -8.33
CA ALA E 419 -7.87 -55.41 -8.78
C ALA E 419 -9.24 -56.06 -8.57
N TRP E 420 -9.52 -57.07 -9.39
CA TRP E 420 -10.77 -57.81 -9.30
C TRP E 420 -10.49 -59.29 -9.45
N ASN E 421 -11.40 -60.12 -8.92
CA ASN E 421 -11.28 -61.56 -9.07
C ASN E 421 -11.56 -61.96 -10.51
N SER E 422 -10.68 -62.77 -11.08
CA SER E 422 -10.79 -63.20 -12.46
C SER E 422 -10.72 -64.73 -12.56
N ASN E 423 -11.51 -65.40 -11.73
CA ASN E 423 -11.54 -66.87 -11.77
C ASN E 423 -12.38 -67.39 -12.95
N LYS E 424 -13.14 -66.52 -13.59
CA LYS E 424 -13.96 -66.92 -14.73
C LYS E 424 -13.49 -66.33 -16.05
N LEU E 425 -12.50 -65.44 -16.03
CA LEU E 425 -12.03 -64.78 -17.26
C LEU E 425 -10.61 -65.19 -17.61
N ASP E 426 -9.65 -64.99 -16.71
CA ASP E 426 -8.25 -65.30 -16.97
C ASP E 426 -7.86 -66.69 -16.49
N SER E 427 -8.81 -67.47 -15.99
CA SER E 427 -8.54 -68.82 -15.48
C SER E 427 -9.09 -69.84 -16.46
N LYS E 428 -8.22 -70.76 -16.89
CA LYS E 428 -8.58 -71.81 -17.83
C LYS E 428 -8.33 -73.17 -17.18
N VAL E 429 -9.19 -74.14 -17.52
CA VAL E 429 -9.09 -75.47 -16.92
C VAL E 429 -7.88 -76.23 -17.47
N SER E 430 -7.43 -75.88 -18.66
CA SER E 430 -6.28 -76.53 -19.27
C SER E 430 -4.94 -75.99 -18.86
N GLY E 431 -4.90 -75.00 -17.97
CA GLY E 431 -3.65 -74.40 -17.55
C GLY E 431 -3.31 -73.17 -18.36
N ASN E 432 -3.10 -72.04 -17.68
CA ASN E 432 -2.84 -70.78 -18.35
C ASN E 432 -1.34 -70.51 -18.25
N TYR E 433 -0.59 -70.99 -19.23
CA TYR E 433 0.87 -71.03 -19.16
C TYR E 433 1.56 -69.83 -19.83
N ASN E 434 0.81 -68.87 -20.38
CA ASN E 434 1.45 -67.84 -21.18
C ASN E 434 2.17 -66.80 -20.32
N TYR E 435 1.70 -66.61 -19.08
CA TYR E 435 2.20 -65.54 -18.24
C TYR E 435 3.58 -65.85 -17.70
N LEU E 436 4.46 -64.86 -17.74
CA LEU E 436 5.84 -65.02 -17.31
C LEU E 436 6.23 -63.86 -16.42
N TYR E 437 7.19 -64.11 -15.53
CA TYR E 437 7.67 -63.10 -14.60
C TYR E 437 9.13 -63.37 -14.28
N ARG E 438 9.83 -62.32 -13.86
CA ARG E 438 11.24 -62.40 -13.53
C ARG E 438 11.42 -62.48 -12.02
N LEU E 439 12.11 -63.52 -11.55
CA LEU E 439 12.40 -63.69 -10.13
C LEU E 439 13.89 -63.71 -9.85
N PHE E 440 14.73 -63.54 -10.87
CA PHE E 440 16.18 -63.62 -10.73
C PHE E 440 16.80 -62.31 -11.22
N ARG E 441 16.98 -61.37 -10.30
CA ARG E 441 17.60 -60.08 -10.61
C ARG E 441 18.76 -59.86 -9.66
N LYS E 442 19.90 -59.43 -10.23
CA LYS E 442 21.12 -59.29 -9.43
C LYS E 442 21.06 -58.07 -8.51
N SER E 443 20.56 -56.95 -9.01
CA SER E 443 20.54 -55.69 -8.28
C SER E 443 19.11 -55.31 -7.92
N ASN E 444 18.95 -54.12 -7.37
CA ASN E 444 17.62 -53.60 -7.03
C ASN E 444 16.97 -53.00 -8.27
N LEU E 445 15.77 -52.44 -8.09
CA LEU E 445 14.96 -51.94 -9.19
C LEU E 445 14.66 -50.46 -9.00
N LYS E 446 14.90 -49.68 -10.06
CA LYS E 446 14.40 -48.33 -10.15
C LYS E 446 12.95 -48.36 -10.66
N PRO E 447 12.15 -47.34 -10.35
CA PRO E 447 10.76 -47.33 -10.81
C PRO E 447 10.62 -46.93 -12.28
N PHE E 448 9.50 -47.37 -12.86
CA PHE E 448 8.97 -46.92 -14.16
C PHE E 448 9.92 -47.25 -15.32
N GLU E 449 10.19 -48.55 -15.48
CA GLU E 449 10.87 -49.05 -16.67
C GLU E 449 10.54 -50.53 -16.83
N ARG E 450 10.78 -51.05 -18.04
CA ARG E 450 10.58 -52.45 -18.34
C ARG E 450 11.88 -53.05 -18.85
N ASP E 451 12.13 -54.31 -18.49
CA ASP E 451 13.28 -55.06 -18.98
C ASP E 451 12.79 -56.30 -19.71
N ILE E 452 13.14 -56.41 -20.99
CA ILE E 452 12.65 -57.48 -21.84
C ILE E 452 13.88 -58.31 -22.21
N SER E 453 14.81 -58.42 -21.26
CA SER E 453 16.02 -59.22 -21.49
C SER E 453 15.69 -60.70 -21.51
N THR E 454 16.38 -61.43 -22.38
CA THR E 454 16.20 -62.87 -22.54
C THR E 454 17.57 -63.54 -22.37
N GLU E 455 18.21 -63.23 -21.24
CA GLU E 455 19.50 -63.79 -20.88
C GLU E 455 19.31 -64.89 -19.84
N ILE E 456 20.43 -65.39 -19.31
CA ILE E 456 20.41 -66.48 -18.36
C ILE E 456 20.92 -65.94 -17.02
N TYR E 457 20.47 -66.55 -15.93
CA TYR E 457 20.90 -66.19 -14.59
C TYR E 457 21.76 -67.31 -14.02
N GLN E 458 22.87 -66.93 -13.40
CA GLN E 458 23.82 -67.87 -12.82
C GLN E 458 23.80 -67.76 -11.31
N ALA E 459 24.04 -68.90 -10.64
CA ALA E 459 24.10 -68.93 -9.19
C ALA E 459 25.53 -68.97 -8.67
N GLY E 460 26.46 -69.55 -9.44
CA GLY E 460 27.85 -69.55 -9.06
C GLY E 460 28.55 -68.26 -9.41
N ASN E 461 29.81 -68.17 -9.01
CA ASN E 461 30.61 -66.98 -9.30
C ASN E 461 30.97 -66.91 -10.78
N LYS E 462 31.29 -68.06 -11.38
CA LYS E 462 31.57 -68.11 -12.81
C LYS E 462 30.28 -67.99 -13.61
N PRO E 463 30.33 -67.40 -14.80
CA PRO E 463 29.14 -67.37 -15.66
C PRO E 463 28.84 -68.76 -16.22
N CYS E 464 27.59 -69.20 -16.04
CA CYS E 464 27.21 -70.55 -16.44
C CYS E 464 26.94 -70.63 -17.94
N ASN E 465 25.96 -69.83 -18.40
CA ASN E 465 25.50 -69.74 -19.79
C ASN E 465 25.02 -71.07 -20.36
N GLY E 466 24.74 -71.09 -21.68
CA GLY E 466 24.25 -72.30 -22.32
C GLY E 466 22.83 -72.64 -21.90
N VAL E 467 22.56 -73.95 -21.84
CA VAL E 467 21.25 -74.45 -21.43
C VAL E 467 21.13 -74.37 -19.92
N ALA E 468 19.91 -74.55 -19.40
CA ALA E 468 19.67 -74.46 -17.98
C ALA E 468 20.01 -75.77 -17.29
N GLY E 469 19.80 -75.80 -15.98
CA GLY E 469 20.12 -76.95 -15.17
C GLY E 469 20.33 -76.51 -13.72
N PHE E 470 21.40 -77.03 -13.11
CA PHE E 470 21.78 -76.62 -11.76
C PHE E 470 22.77 -75.48 -11.82
N ASN E 471 22.56 -74.49 -10.94
CA ASN E 471 23.31 -73.23 -10.86
C ASN E 471 23.26 -72.43 -12.15
N CYS E 472 22.22 -72.62 -12.96
CA CYS E 472 22.03 -71.91 -14.22
C CYS E 472 20.54 -71.94 -14.51
N TYR E 473 19.85 -70.83 -14.22
CA TYR E 473 18.40 -70.78 -14.26
C TYR E 473 17.94 -69.64 -15.16
N PHE E 474 16.83 -69.87 -15.86
CA PHE E 474 16.19 -68.81 -16.64
C PHE E 474 15.43 -67.89 -15.69
N PRO E 475 15.62 -66.58 -15.79
CA PRO E 475 14.86 -65.66 -14.92
C PRO E 475 13.35 -65.66 -15.17
N LEU E 476 12.91 -66.01 -16.38
CA LEU E 476 11.50 -66.03 -16.70
C LEU E 476 10.89 -67.36 -16.29
N ARG E 477 9.89 -67.31 -15.41
CA ARG E 477 9.17 -68.49 -14.93
C ARG E 477 7.69 -68.37 -15.26
N SER E 478 7.10 -69.47 -15.68
CA SER E 478 5.75 -69.50 -16.22
C SER E 478 4.72 -69.73 -15.11
N TYR E 479 3.63 -68.97 -15.16
CA TYR E 479 2.48 -69.14 -14.29
C TYR E 479 1.58 -70.27 -14.76
N SER E 480 0.64 -70.65 -13.89
CA SER E 480 -0.42 -71.59 -14.22
C SER E 480 -1.62 -71.22 -13.34
N PHE E 481 -2.76 -70.94 -13.97
CA PHE E 481 -3.87 -70.32 -13.27
C PHE E 481 -5.17 -71.10 -13.45
N ARG E 482 -5.13 -72.40 -13.19
CA ARG E 482 -6.34 -73.22 -13.24
C ARG E 482 -7.32 -72.79 -12.14
N PRO E 483 -8.62 -72.86 -12.37
CA PRO E 483 -9.58 -72.38 -11.36
C PRO E 483 -9.72 -73.28 -10.15
N THR E 484 -9.12 -74.47 -10.17
CA THR E 484 -9.26 -75.40 -9.05
C THR E 484 -8.45 -74.98 -7.83
N TYR E 485 -7.50 -74.06 -7.99
CA TYR E 485 -6.67 -73.64 -6.87
C TYR E 485 -7.45 -72.70 -5.96
N GLY E 486 -6.92 -72.50 -4.75
CA GLY E 486 -7.57 -71.70 -3.73
C GLY E 486 -7.21 -70.24 -3.80
N VAL E 487 -7.56 -69.53 -2.72
CA VAL E 487 -7.28 -68.10 -2.64
C VAL E 487 -5.80 -67.88 -2.38
N GLY E 488 -5.17 -67.04 -3.19
CA GLY E 488 -3.74 -66.79 -3.15
C GLY E 488 -3.04 -67.11 -4.44
N HIS E 489 -3.68 -67.86 -5.34
CA HIS E 489 -3.14 -68.13 -6.67
C HIS E 489 -4.07 -67.69 -7.79
N GLN E 490 -5.24 -67.17 -7.49
CA GLN E 490 -6.17 -66.74 -8.53
C GLN E 490 -5.68 -65.45 -9.18
N PRO E 491 -5.91 -65.25 -10.47
CA PRO E 491 -5.43 -64.04 -11.14
C PRO E 491 -6.26 -62.83 -10.77
N TYR E 492 -5.60 -61.78 -10.32
CA TYR E 492 -6.22 -60.49 -10.03
C TYR E 492 -5.59 -59.46 -10.95
N ARG E 493 -6.36 -59.01 -11.95
CA ARG E 493 -5.84 -58.08 -12.94
C ARG E 493 -5.70 -56.68 -12.33
N VAL E 494 -4.51 -56.13 -12.43
CA VAL E 494 -4.16 -54.86 -11.80
C VAL E 494 -3.84 -53.84 -12.89
N VAL E 495 -4.57 -52.73 -12.90
CA VAL E 495 -4.30 -51.61 -13.79
C VAL E 495 -4.00 -50.41 -12.91
N VAL E 496 -2.77 -49.91 -12.97
CA VAL E 496 -2.36 -48.76 -12.19
C VAL E 496 -2.47 -47.51 -13.07
N LEU E 497 -2.92 -46.42 -12.46
CA LEU E 497 -3.10 -45.16 -13.15
C LEU E 497 -2.04 -44.16 -12.70
N SER E 498 -1.61 -43.31 -13.64
CA SER E 498 -0.55 -42.35 -13.41
C SER E 498 -1.10 -40.93 -13.49
N PHE E 499 -0.78 -40.12 -12.49
CA PHE E 499 -1.18 -38.71 -12.44
C PHE E 499 0.08 -37.84 -12.41
N GLU E 500 0.15 -36.89 -13.32
CA GLU E 500 1.31 -36.00 -13.39
C GLU E 500 0.87 -34.60 -13.77
N LEU E 501 1.68 -33.62 -13.38
CA LEU E 501 1.40 -32.20 -13.54
C LEU E 501 2.55 -31.51 -14.27
N LEU E 502 2.93 -32.07 -15.43
CA LEU E 502 4.04 -31.54 -16.22
C LEU E 502 3.67 -30.19 -16.81
N HIS E 503 4.69 -29.45 -17.25
CA HIS E 503 4.55 -28.07 -17.72
C HIS E 503 3.93 -28.02 -19.12
N ALA E 504 2.65 -28.39 -19.17
CA ALA E 504 1.82 -28.34 -20.36
C ALA E 504 0.40 -28.02 -19.92
N PRO E 505 -0.42 -27.45 -20.79
CA PRO E 505 -1.84 -27.30 -20.48
C PRO E 505 -2.53 -28.64 -20.29
N ALA E 506 -3.44 -28.69 -19.33
CA ALA E 506 -4.13 -29.93 -18.98
C ALA E 506 -5.15 -30.29 -20.05
N THR E 507 -5.26 -31.59 -20.35
CA THR E 507 -6.19 -32.06 -21.37
C THR E 507 -6.99 -33.27 -20.95
N VAL E 508 -6.70 -33.89 -19.80
CA VAL E 508 -7.45 -35.03 -19.29
C VAL E 508 -8.24 -34.56 -18.08
N CYS E 509 -9.56 -34.69 -18.14
CA CYS E 509 -10.44 -34.18 -17.09
C CYS E 509 -11.51 -35.22 -16.78
N GLY E 510 -12.47 -34.82 -15.95
CA GLY E 510 -13.58 -35.67 -15.61
C GLY E 510 -14.87 -35.19 -16.23
N PRO E 511 -15.99 -35.75 -15.77
CA PRO E 511 -17.30 -35.25 -16.24
C PRO E 511 -17.56 -33.84 -15.75
N LYS E 512 -18.29 -33.07 -16.55
CA LYS E 512 -18.62 -31.69 -16.25
C LYS E 512 -20.07 -31.60 -15.78
N LYS E 513 -20.31 -30.76 -14.77
CA LYS E 513 -21.61 -30.64 -14.15
C LYS E 513 -22.41 -29.56 -14.88
N SER E 514 -23.50 -29.97 -15.54
CA SER E 514 -24.37 -29.06 -16.25
C SER E 514 -25.77 -29.16 -15.67
N THR E 515 -26.31 -28.01 -15.26
CA THR E 515 -27.65 -27.96 -14.68
C THR E 515 -28.67 -27.59 -15.76
N ASN E 516 -29.92 -27.41 -15.34
CA ASN E 516 -30.98 -27.04 -16.27
C ASN E 516 -30.88 -25.56 -16.61
N LEU E 517 -31.65 -25.16 -17.62
CA LEU E 517 -31.68 -23.78 -18.09
C LEU E 517 -32.86 -23.05 -17.46
N VAL E 518 -32.58 -21.93 -16.81
CA VAL E 518 -33.58 -21.12 -16.12
C VAL E 518 -33.67 -19.79 -16.84
N LYS E 519 -34.89 -19.39 -17.20
CA LYS E 519 -35.14 -18.19 -17.99
C LYS E 519 -35.96 -17.19 -17.19
N ASN E 520 -35.64 -15.90 -17.39
CA ASN E 520 -36.33 -14.76 -16.78
C ASN E 520 -36.32 -14.83 -15.24
N LYS E 521 -35.22 -15.32 -14.68
CA LYS E 521 -35.06 -15.45 -13.24
C LYS E 521 -33.65 -15.02 -12.87
N CYS E 522 -33.52 -14.42 -11.69
CA CYS E 522 -32.24 -13.87 -11.25
C CYS E 522 -31.39 -15.03 -10.71
N VAL E 523 -30.38 -15.43 -11.47
CA VAL E 523 -29.55 -16.58 -11.17
C VAL E 523 -28.08 -16.16 -11.19
N ASN E 524 -27.20 -17.13 -10.95
CA ASN E 524 -25.75 -16.93 -10.95
C ASN E 524 -25.16 -17.88 -11.97
N PHE E 525 -25.04 -17.42 -13.21
CA PHE E 525 -24.57 -18.27 -14.30
C PHE E 525 -23.07 -18.50 -14.22
N ASN E 526 -22.64 -19.68 -14.65
CA ASN E 526 -21.23 -20.07 -14.68
C ASN E 526 -20.92 -20.75 -16.01
N PHE E 527 -21.26 -20.08 -17.11
CA PHE E 527 -21.19 -20.69 -18.44
C PHE E 527 -19.73 -20.76 -18.89
N ASN E 528 -19.21 -22.00 -19.02
CA ASN E 528 -17.84 -22.30 -19.44
C ASN E 528 -16.80 -21.61 -18.54
N GLY E 529 -17.09 -21.59 -17.24
CA GLY E 529 -16.18 -20.97 -16.30
C GLY E 529 -16.28 -19.46 -16.20
N LEU E 530 -17.22 -18.84 -16.90
CA LEU E 530 -17.44 -17.40 -16.81
C LEU E 530 -18.52 -17.15 -15.75
N LYS E 531 -18.10 -16.64 -14.61
CA LYS E 531 -19.04 -16.37 -13.52
C LYS E 531 -19.70 -15.01 -13.70
N GLY E 532 -20.90 -14.88 -13.16
CA GLY E 532 -21.63 -13.63 -13.27
C GLY E 532 -22.96 -13.73 -12.56
N THR E 533 -23.69 -12.62 -12.59
CA THR E 533 -24.97 -12.51 -11.92
C THR E 533 -25.93 -11.70 -12.80
N GLY E 534 -27.16 -12.19 -12.91
CA GLY E 534 -28.18 -11.52 -13.68
C GLY E 534 -29.26 -12.50 -14.07
N VAL E 535 -30.12 -12.07 -14.99
CA VAL E 535 -31.16 -12.91 -15.55
C VAL E 535 -30.76 -13.28 -16.97
N LEU E 536 -31.36 -14.34 -17.50
CA LEU E 536 -31.06 -14.81 -18.84
C LEU E 536 -32.32 -14.72 -19.70
N THR E 537 -32.22 -14.03 -20.82
CA THR E 537 -33.34 -13.85 -21.73
C THR E 537 -32.95 -14.31 -23.12
N GLU E 538 -33.96 -14.65 -23.92
CA GLU E 538 -33.72 -14.96 -25.32
C GLU E 538 -33.33 -13.70 -26.08
N SER E 539 -32.37 -13.85 -27.00
CA SER E 539 -31.79 -12.72 -27.70
C SER E 539 -31.91 -12.91 -29.20
N ASN E 540 -31.94 -11.78 -29.91
CA ASN E 540 -31.97 -11.77 -31.37
C ASN E 540 -30.59 -11.59 -31.98
N LYS E 541 -29.53 -11.61 -31.16
CA LYS E 541 -28.17 -11.39 -31.65
C LYS E 541 -27.69 -12.57 -32.48
N LYS E 542 -26.88 -12.26 -33.48
CA LYS E 542 -26.34 -13.27 -34.40
C LYS E 542 -24.84 -13.40 -34.13
N PHE E 543 -24.50 -14.34 -33.25
CA PHE E 543 -23.10 -14.65 -33.00
C PHE E 543 -22.51 -15.38 -34.20
N LEU E 544 -21.25 -15.09 -34.49
CA LEU E 544 -20.52 -15.99 -35.35
C LEU E 544 -20.18 -17.26 -34.57
N PRO E 545 -20.02 -18.41 -35.24
CA PRO E 545 -19.68 -19.65 -34.52
C PRO E 545 -18.25 -19.70 -34.00
N PHE E 546 -17.45 -18.66 -34.21
CA PHE E 546 -16.05 -18.63 -33.81
C PHE E 546 -15.83 -17.97 -32.47
N GLN E 547 -16.90 -17.53 -31.80
CA GLN E 547 -16.79 -16.87 -30.50
C GLN E 547 -17.96 -17.28 -29.62
N GLN E 548 -17.76 -17.12 -28.31
CA GLN E 548 -18.74 -17.57 -27.33
C GLN E 548 -19.28 -16.46 -26.43
N PHE E 549 -18.59 -15.33 -26.31
CA PHE E 549 -19.01 -14.26 -25.43
C PHE E 549 -19.34 -13.01 -26.25
N GLY E 550 -20.17 -12.15 -25.67
CA GLY E 550 -20.52 -10.88 -26.28
C GLY E 550 -20.24 -9.74 -25.34
N ARG E 551 -19.83 -8.60 -25.89
CA ARG E 551 -19.52 -7.44 -25.06
C ARG E 551 -20.10 -6.16 -25.64
N ASP E 552 -19.75 -5.02 -25.06
CA ASP E 552 -20.36 -3.75 -25.38
C ASP E 552 -19.29 -2.67 -25.33
N ILE E 553 -19.75 -1.41 -25.27
CA ILE E 553 -18.85 -0.26 -25.19
C ILE E 553 -18.04 -0.30 -23.90
N ALA E 554 -18.68 -0.62 -22.78
CA ALA E 554 -18.03 -0.66 -21.48
C ALA E 554 -17.25 -1.95 -21.23
N ASP E 555 -17.22 -2.85 -22.22
CA ASP E 555 -16.51 -4.13 -22.17
C ASP E 555 -17.00 -5.01 -21.02
N THR E 556 -18.32 -5.19 -20.97
CA THR E 556 -18.96 -6.02 -19.97
C THR E 556 -19.59 -7.22 -20.65
N THR E 557 -19.53 -8.37 -19.99
CA THR E 557 -20.12 -9.60 -20.53
C THR E 557 -21.64 -9.50 -20.48
N ASP E 558 -22.26 -9.33 -21.66
CA ASP E 558 -23.71 -9.15 -21.71
C ASP E 558 -24.40 -10.10 -22.67
N ALA E 559 -23.68 -11.03 -23.29
CA ALA E 559 -24.28 -11.99 -24.21
C ALA E 559 -23.40 -13.23 -24.24
N VAL E 560 -23.99 -14.39 -23.94
CA VAL E 560 -23.27 -15.65 -23.93
C VAL E 560 -24.04 -16.68 -24.75
N ARG E 561 -23.30 -17.68 -25.21
CA ARG E 561 -23.86 -18.82 -25.92
C ARG E 561 -23.77 -20.04 -25.02
N ASP E 562 -24.86 -20.78 -24.89
CA ASP E 562 -24.88 -21.96 -24.05
C ASP E 562 -24.02 -23.06 -24.67
N PRO E 563 -23.23 -23.78 -23.84
CA PRO E 563 -22.41 -24.89 -24.38
C PRO E 563 -23.23 -26.01 -24.99
N GLN E 564 -24.41 -26.27 -24.45
CA GLN E 564 -25.36 -27.18 -25.08
C GLN E 564 -26.35 -26.36 -25.90
N THR E 565 -26.58 -26.80 -27.15
CA THR E 565 -27.33 -26.12 -28.22
C THR E 565 -26.72 -24.79 -28.62
N LEU E 566 -27.19 -24.23 -29.74
CA LEU E 566 -26.58 -23.03 -30.31
C LEU E 566 -27.48 -21.80 -30.18
N GLU E 567 -28.50 -21.85 -29.33
CA GLU E 567 -29.31 -20.67 -29.08
C GLU E 567 -28.53 -19.65 -28.25
N ILE E 568 -28.77 -18.38 -28.52
CA ILE E 568 -28.00 -17.31 -27.90
C ILE E 568 -28.79 -16.75 -26.73
N LEU E 569 -28.09 -16.24 -25.72
CA LEU E 569 -28.70 -15.72 -24.52
C LEU E 569 -28.20 -14.30 -24.27
N ASP E 570 -29.08 -13.48 -23.70
CA ASP E 570 -28.77 -12.09 -23.38
C ASP E 570 -28.64 -11.94 -21.87
N ILE E 571 -27.60 -11.26 -21.43
CA ILE E 571 -27.35 -11.01 -20.02
C ILE E 571 -27.67 -9.55 -19.75
N THR E 572 -28.69 -9.30 -18.94
CA THR E 572 -28.88 -8.01 -18.34
C THR E 572 -28.80 -8.14 -16.83
N PRO E 573 -28.21 -7.17 -16.13
CA PRO E 573 -27.99 -7.32 -14.69
C PRO E 573 -29.29 -7.30 -13.89
N CYS E 574 -29.18 -7.74 -12.64
CA CYS E 574 -30.32 -7.77 -11.75
C CYS E 574 -30.79 -6.36 -11.45
N SER E 575 -32.10 -6.23 -11.20
CA SER E 575 -32.71 -4.92 -11.04
C SER E 575 -32.25 -4.26 -9.74
N PHE E 576 -31.78 -3.02 -9.86
CA PHE E 576 -31.31 -2.27 -8.72
C PHE E 576 -31.78 -0.83 -8.86
N GLY E 577 -31.82 -0.13 -7.73
CA GLY E 577 -32.20 1.26 -7.72
C GLY E 577 -32.33 1.80 -6.32
N GLY E 578 -32.26 3.12 -6.17
CA GLY E 578 -32.42 3.72 -4.87
C GLY E 578 -33.86 3.73 -4.42
N VAL E 579 -34.05 3.92 -3.11
CA VAL E 579 -35.36 4.01 -2.51
C VAL E 579 -35.52 5.42 -1.95
N SER E 580 -36.54 6.13 -2.42
CA SER E 580 -36.83 7.48 -1.95
C SER E 580 -38.18 7.49 -1.28
N VAL E 581 -38.26 8.09 -0.10
CA VAL E 581 -39.50 8.23 0.63
C VAL E 581 -40.12 9.59 0.31
N ILE E 582 -41.44 9.64 0.29
CA ILE E 582 -42.18 10.87 0.05
C ILE E 582 -42.94 11.16 1.34
N THR E 583 -42.36 11.97 2.20
CA THR E 583 -43.01 12.15 3.48
C THR E 583 -43.43 13.60 3.69
N PRO E 584 -44.52 13.82 4.41
CA PRO E 584 -44.76 15.12 5.02
C PRO E 584 -44.00 15.19 6.34
N GLY E 585 -44.22 16.27 7.08
CA GLY E 585 -43.55 16.43 8.36
C GLY E 585 -44.06 15.41 9.37
N THR E 586 -43.18 15.03 10.30
CA THR E 586 -43.60 14.19 11.41
C THR E 586 -44.42 14.98 12.42
N ASN E 587 -44.33 16.31 12.37
CA ASN E 587 -45.30 17.16 13.06
C ASN E 587 -46.68 17.00 12.46
N THR E 588 -46.77 16.69 11.17
CA THR E 588 -48.00 16.35 10.49
C THR E 588 -48.11 14.81 10.59
N SER E 589 -48.99 14.17 9.81
CA SER E 589 -49.22 12.73 9.93
C SER E 589 -48.00 11.93 9.50
N ASN E 590 -47.90 10.72 10.04
CA ASN E 590 -46.70 9.90 9.92
C ASN E 590 -46.74 8.91 8.76
N GLN E 591 -47.80 8.90 7.96
CA GLN E 591 -47.82 8.00 6.81
C GLN E 591 -46.95 8.56 5.69
N VAL E 592 -46.23 7.68 5.02
CA VAL E 592 -45.28 8.05 3.98
C VAL E 592 -45.67 7.36 2.68
N ALA E 593 -44.99 7.75 1.61
CA ALA E 593 -45.06 7.07 0.32
C ALA E 593 -43.65 6.79 -0.14
N VAL E 594 -43.45 5.66 -0.83
CA VAL E 594 -42.12 5.17 -1.17
C VAL E 594 -41.98 5.11 -2.68
N LEU E 595 -40.92 5.71 -3.20
CA LEU E 595 -40.59 5.68 -4.62
C LEU E 595 -39.36 4.81 -4.84
N TYR E 596 -39.49 3.82 -5.71
CA TYR E 596 -38.36 2.98 -6.12
C TYR E 596 -37.85 3.54 -7.44
N GLN E 597 -36.63 4.06 -7.43
CA GLN E 597 -36.13 4.85 -8.54
C GLN E 597 -35.69 3.96 -9.70
N GLY E 598 -36.30 4.18 -10.86
CA GLY E 598 -35.83 3.61 -12.12
C GLY E 598 -35.93 2.11 -12.25
N VAL E 599 -37.01 1.51 -11.76
CA VAL E 599 -37.24 0.08 -11.92
C VAL E 599 -38.62 -0.12 -12.53
N ASN E 600 -38.78 -1.23 -13.25
CA ASN E 600 -40.12 -1.64 -13.65
C ASN E 600 -40.87 -2.13 -12.43
N CYS E 601 -42.16 -1.81 -12.36
CA CYS E 601 -42.85 -1.98 -11.09
C CYS E 601 -43.45 -3.37 -10.95
N THR E 602 -43.36 -4.19 -12.00
CA THR E 602 -43.72 -5.59 -11.90
C THR E 602 -42.62 -6.44 -11.27
N GLU E 603 -41.44 -5.85 -11.03
CA GLU E 603 -40.32 -6.57 -10.43
C GLU E 603 -40.25 -6.44 -8.92
N VAL E 604 -40.92 -5.45 -8.33
CA VAL E 604 -40.99 -5.35 -6.87
C VAL E 604 -41.99 -6.30 -6.19
N PRO E 605 -43.24 -6.55 -6.65
CA PRO E 605 -44.14 -7.32 -5.78
C PRO E 605 -43.95 -8.83 -5.85
N VAL E 606 -42.96 -9.31 -6.60
CA VAL E 606 -42.61 -10.73 -6.54
C VAL E 606 -41.92 -11.03 -5.21
N ALA E 607 -41.19 -10.06 -4.67
CA ALA E 607 -40.35 -10.24 -3.48
C ALA E 607 -41.06 -9.83 -2.20
N ILE E 608 -42.37 -10.08 -2.11
CA ILE E 608 -43.11 -9.84 -0.85
C ILE E 608 -42.99 -11.13 -0.05
N HIS E 609 -41.89 -11.23 0.69
CA HIS E 609 -41.55 -12.44 1.44
C HIS E 609 -40.65 -11.99 2.59
N ALA E 610 -39.98 -12.93 3.24
CA ALA E 610 -39.05 -12.64 4.33
C ALA E 610 -37.65 -13.02 3.92
N ASP E 611 -36.67 -12.18 4.30
CA ASP E 611 -35.24 -12.37 4.05
C ASP E 611 -34.94 -12.51 2.56
N GLN E 612 -35.33 -11.49 1.80
CA GLN E 612 -35.20 -11.53 0.35
C GLN E 612 -34.69 -10.23 -0.28
N LEU E 613 -34.71 -9.10 0.43
CA LEU E 613 -34.27 -7.82 -0.13
C LEU E 613 -33.48 -7.07 0.92
N THR E 614 -32.83 -5.99 0.48
CA THR E 614 -32.19 -5.08 1.43
C THR E 614 -33.19 -4.36 2.34
N PRO E 615 -34.36 -3.86 1.87
CA PRO E 615 -35.39 -3.50 2.85
C PRO E 615 -35.97 -4.72 3.54
N THR E 616 -36.42 -4.53 4.78
CA THR E 616 -36.91 -5.62 5.61
C THR E 616 -38.42 -5.65 5.74
N TRP E 617 -39.12 -4.58 5.41
CA TRP E 617 -40.56 -4.53 5.60
C TRP E 617 -41.27 -5.34 4.51
N ARG E 618 -42.37 -5.97 4.91
CA ARG E 618 -43.16 -6.82 4.02
C ARG E 618 -44.59 -6.33 3.82
N VAL E 619 -45.20 -5.70 4.83
CA VAL E 619 -46.60 -5.30 4.72
C VAL E 619 -46.75 -4.06 3.84
N TYR E 620 -45.68 -3.27 3.69
CA TYR E 620 -45.80 -2.05 2.90
C TYR E 620 -45.79 -2.33 1.40
N SER E 621 -45.21 -3.46 0.98
CA SER E 621 -45.23 -3.82 -0.43
C SER E 621 -46.63 -4.18 -0.90
N THR E 622 -47.47 -4.67 0.00
CA THR E 622 -48.91 -4.80 -0.25
C THR E 622 -49.67 -3.57 0.23
N GLY E 623 -49.19 -2.39 -0.15
CA GLY E 623 -49.73 -1.16 0.36
C GLY E 623 -50.81 -0.55 -0.52
N SER E 624 -50.70 0.75 -0.80
CA SER E 624 -51.70 1.43 -1.60
C SER E 624 -51.48 1.16 -3.08
N ASN E 625 -52.18 1.92 -3.92
CA ASN E 625 -52.13 1.70 -5.36
C ASN E 625 -50.80 2.16 -5.93
N VAL E 626 -50.16 1.28 -6.70
CA VAL E 626 -48.92 1.63 -7.37
C VAL E 626 -49.22 2.50 -8.59
N PHE E 627 -48.19 3.19 -9.07
CA PHE E 627 -48.35 4.12 -10.18
C PHE E 627 -47.01 4.26 -10.87
N GLN E 628 -46.86 3.64 -12.04
CA GLN E 628 -45.62 3.73 -12.81
C GLN E 628 -45.45 5.13 -13.37
N THR E 629 -44.50 5.86 -12.81
CA THR E 629 -44.08 7.15 -13.33
C THR E 629 -42.85 6.93 -14.23
N ARG E 630 -42.23 8.03 -14.66
CA ARG E 630 -41.01 7.91 -15.43
C ARG E 630 -39.76 7.82 -14.56
N ALA E 631 -39.92 7.80 -13.24
CA ALA E 631 -38.82 7.58 -12.33
C ALA E 631 -39.08 6.36 -11.45
N GLY E 632 -39.55 5.27 -12.05
CA GLY E 632 -40.01 4.13 -11.29
C GLY E 632 -41.46 4.33 -10.87
N CYS E 633 -41.95 3.41 -10.04
CA CYS E 633 -43.32 3.51 -9.58
C CYS E 633 -43.35 3.99 -8.13
N LEU E 634 -44.37 4.76 -7.81
CA LEU E 634 -44.56 5.30 -6.47
C LEU E 634 -45.55 4.43 -5.72
N ILE E 635 -45.10 3.84 -4.61
CA ILE E 635 -45.91 2.92 -3.83
C ILE E 635 -46.34 3.64 -2.55
N GLY E 636 -47.65 3.72 -2.33
CA GLY E 636 -48.18 4.38 -1.16
C GLY E 636 -48.91 5.67 -1.43
N ALA E 637 -49.02 6.09 -2.69
CA ALA E 637 -49.73 7.31 -3.04
C ALA E 637 -50.55 7.07 -4.30
N GLU E 638 -51.70 7.72 -4.37
CA GLU E 638 -52.65 7.52 -5.45
C GLU E 638 -52.56 8.65 -6.47
N TYR E 639 -52.77 8.30 -7.74
CA TYR E 639 -52.73 9.29 -8.80
C TYR E 639 -54.05 10.03 -8.90
N VAL E 640 -53.98 11.35 -8.94
CA VAL E 640 -55.15 12.23 -8.94
C VAL E 640 -55.08 13.09 -10.19
N ASN E 641 -56.21 13.20 -10.90
CA ASN E 641 -56.19 13.72 -12.27
C ASN E 641 -55.93 15.22 -12.31
N ASN E 642 -56.58 16.00 -11.46
CA ASN E 642 -56.42 17.44 -11.55
C ASN E 642 -55.07 17.88 -10.97
N SER E 643 -54.64 19.08 -11.37
CA SER E 643 -53.29 19.54 -11.13
C SER E 643 -53.26 20.70 -10.16
N TYR E 644 -52.22 20.73 -9.33
CA TYR E 644 -51.95 21.81 -8.39
C TYR E 644 -50.48 22.20 -8.52
N GLU E 645 -50.06 23.15 -7.70
CA GLU E 645 -48.65 23.53 -7.68
C GLU E 645 -47.81 22.46 -7.00
N CYS E 646 -46.52 22.46 -7.31
CA CYS E 646 -45.63 21.41 -6.81
C CYS E 646 -45.31 21.65 -5.33
N ASP E 647 -45.40 20.59 -4.54
CA ASP E 647 -45.04 20.62 -3.13
C ASP E 647 -43.81 19.77 -2.83
N ILE E 648 -43.86 18.49 -3.16
CA ILE E 648 -42.71 17.60 -3.02
C ILE E 648 -42.35 17.09 -4.41
N PRO E 649 -41.23 17.54 -4.97
CA PRO E 649 -40.87 17.13 -6.33
C PRO E 649 -40.42 15.68 -6.38
N ILE E 650 -40.89 14.97 -7.40
CA ILE E 650 -40.53 13.57 -7.64
C ILE E 650 -39.74 13.42 -8.94
N GLY E 651 -40.30 13.87 -10.04
CA GLY E 651 -39.63 13.76 -11.33
C GLY E 651 -40.58 13.59 -12.49
N ALA E 652 -40.19 14.17 -13.64
CA ALA E 652 -40.96 14.13 -14.89
C ALA E 652 -42.37 14.70 -14.73
N GLY E 653 -42.48 15.76 -13.94
CA GLY E 653 -43.74 16.45 -13.77
C GLY E 653 -44.56 16.00 -12.58
N ILE E 654 -44.24 14.88 -11.96
CA ILE E 654 -45.00 14.37 -10.83
C ILE E 654 -44.54 15.08 -9.57
N CYS E 655 -45.48 15.64 -8.82
CA CYS E 655 -45.20 16.29 -7.55
C CYS E 655 -46.25 15.85 -6.54
N ALA E 656 -45.82 15.12 -5.51
CA ALA E 656 -46.76 14.63 -4.51
C ALA E 656 -47.04 15.69 -3.45
N SER E 657 -48.20 15.56 -2.81
CA SER E 657 -48.59 16.47 -1.74
C SER E 657 -49.59 15.77 -0.83
N TYR E 658 -49.80 16.35 0.34
CA TYR E 658 -50.73 15.83 1.33
C TYR E 658 -52.04 16.59 1.22
N GLN E 659 -53.08 15.90 0.75
CA GLN E 659 -54.40 16.49 0.56
C GLN E 659 -55.45 15.71 1.34
N THR E 660 -56.71 16.07 1.14
CA THR E 660 -57.81 15.44 1.85
C THR E 660 -58.24 14.14 1.19
N SER E 673 -59.10 10.08 6.26
CA SER E 673 -59.52 11.05 5.26
C SER E 673 -58.32 11.55 4.45
N GLN E 674 -57.35 12.14 5.14
CA GLN E 674 -56.17 12.67 4.49
C GLN E 674 -55.26 11.55 4.02
N SER E 675 -54.67 11.74 2.84
CA SER E 675 -53.76 10.75 2.27
C SER E 675 -52.77 11.46 1.36
N ILE E 676 -51.67 10.79 1.09
CA ILE E 676 -50.65 11.32 0.18
C ILE E 676 -51.09 11.03 -1.25
N ILE E 677 -51.21 12.08 -2.06
CA ILE E 677 -51.64 11.96 -3.44
C ILE E 677 -50.52 12.44 -4.36
N ALA E 678 -50.56 11.98 -5.60
CA ALA E 678 -49.59 12.37 -6.61
C ALA E 678 -50.32 12.99 -7.79
N TYR E 679 -49.69 14.00 -8.41
CA TYR E 679 -50.33 14.71 -9.50
C TYR E 679 -49.28 15.33 -10.41
N THR E 680 -49.70 15.68 -11.61
CA THR E 680 -48.87 16.42 -12.55
C THR E 680 -48.86 17.90 -12.14
N MET E 681 -47.73 18.56 -12.37
CA MET E 681 -47.56 19.96 -12.00
C MET E 681 -48.50 20.88 -12.77
N SER E 682 -49.00 21.90 -12.09
CA SER E 682 -49.72 23.00 -12.71
C SER E 682 -48.76 24.19 -12.77
N LEU E 683 -48.50 24.66 -13.98
CA LEU E 683 -47.48 25.71 -14.16
C LEU E 683 -47.99 27.06 -13.67
N GLY E 684 -49.26 27.35 -13.89
CA GLY E 684 -49.82 28.61 -13.43
C GLY E 684 -51.26 28.75 -13.89
N ALA E 685 -51.82 29.92 -13.59
CA ALA E 685 -53.19 30.20 -13.98
C ALA E 685 -53.24 30.52 -15.47
N GLU E 686 -54.13 29.83 -16.19
CA GLU E 686 -54.27 30.06 -17.61
C GLU E 686 -54.99 31.37 -17.88
N ASN E 687 -54.35 32.23 -18.68
CA ASN E 687 -54.92 33.53 -19.03
C ASN E 687 -54.82 33.75 -20.52
N SER E 688 -55.77 34.51 -21.04
CA SER E 688 -55.80 34.89 -22.46
C SER E 688 -55.84 36.42 -22.52
N VAL E 689 -54.77 37.01 -23.04
CA VAL E 689 -54.72 38.47 -23.15
C VAL E 689 -55.60 38.90 -24.31
N ALA E 690 -56.48 39.87 -24.05
CA ALA E 690 -57.43 40.34 -25.05
C ALA E 690 -56.70 41.25 -26.05
N TYR E 691 -56.00 40.59 -26.98
CA TYR E 691 -55.23 41.31 -27.96
C TYR E 691 -56.12 41.84 -29.08
N SER E 692 -55.85 43.07 -29.51
CA SER E 692 -56.50 43.65 -30.66
C SER E 692 -55.53 44.66 -31.29
N ASN E 693 -55.78 44.99 -32.55
CA ASN E 693 -54.91 45.93 -33.24
C ASN E 693 -55.34 47.38 -33.07
N ASN E 694 -56.36 47.64 -32.25
CA ASN E 694 -56.73 49.01 -31.93
C ASN E 694 -57.08 49.19 -30.46
N SER E 695 -56.77 48.22 -29.60
CA SER E 695 -57.14 48.28 -28.20
C SER E 695 -55.90 48.28 -27.33
N ILE E 696 -55.86 49.19 -26.36
CA ILE E 696 -54.75 49.30 -25.42
C ILE E 696 -55.32 49.31 -24.00
N ALA E 697 -54.48 48.95 -23.04
CA ALA E 697 -54.86 48.91 -21.64
C ALA E 697 -53.88 49.76 -20.85
N ILE E 698 -54.41 50.70 -20.07
CA ILE E 698 -53.60 51.68 -19.36
C ILE E 698 -54.07 51.74 -17.91
N PRO E 699 -53.18 51.61 -16.92
CA PRO E 699 -53.63 51.58 -15.53
C PRO E 699 -54.02 52.96 -15.01
N THR E 700 -55.07 52.96 -14.18
CA THR E 700 -55.58 54.18 -13.58
C THR E 700 -55.16 54.30 -12.11
N ASN E 701 -54.33 53.40 -11.62
CA ASN E 701 -53.89 53.39 -10.24
C ASN E 701 -52.57 52.65 -10.17
N PHE E 702 -52.02 52.55 -8.97
CA PHE E 702 -50.79 51.79 -8.76
C PHE E 702 -50.72 51.36 -7.31
N THR E 703 -49.82 50.42 -7.05
CA THR E 703 -49.46 50.05 -5.70
C THR E 703 -47.95 50.03 -5.59
N ILE E 704 -47.44 50.31 -4.40
CA ILE E 704 -46.01 50.35 -4.13
C ILE E 704 -45.71 49.21 -3.16
N SER E 705 -44.84 48.31 -3.58
CA SER E 705 -44.53 47.12 -2.81
C SER E 705 -43.05 47.07 -2.48
N VAL E 706 -42.72 46.42 -1.37
CA VAL E 706 -41.35 46.23 -0.93
C VAL E 706 -41.07 44.74 -0.96
N THR E 707 -40.04 44.34 -1.71
CA THR E 707 -39.70 42.94 -1.88
C THR E 707 -38.34 42.68 -1.26
N THR E 708 -38.27 41.70 -0.38
CA THR E 708 -37.00 41.35 0.24
C THR E 708 -36.16 40.52 -0.72
N GLU E 709 -34.86 40.46 -0.43
CA GLU E 709 -33.92 39.67 -1.25
C GLU E 709 -32.70 39.37 -0.39
N ILE E 710 -32.37 38.10 -0.25
CA ILE E 710 -31.36 37.64 0.70
C ILE E 710 -30.19 37.07 -0.08
N LEU E 711 -28.98 37.57 0.21
CA LEU E 711 -27.77 37.16 -0.51
C LEU E 711 -26.68 36.84 0.49
N PRO E 712 -26.06 35.67 0.42
CA PRO E 712 -24.84 35.44 1.22
C PRO E 712 -23.69 36.30 0.72
N VAL E 713 -22.80 36.66 1.64
CA VAL E 713 -21.66 37.51 1.36
C VAL E 713 -20.34 36.82 1.71
N SER E 714 -20.26 36.25 2.90
CA SER E 714 -19.06 35.52 3.32
C SER E 714 -19.49 34.31 4.13
N MET E 715 -18.56 33.41 4.35
CA MET E 715 -18.79 32.26 5.21
C MET E 715 -17.83 32.33 6.39
N THR E 716 -17.80 31.25 7.17
CA THR E 716 -16.94 31.21 8.35
C THR E 716 -15.49 31.00 7.92
N LYS E 717 -14.60 31.87 8.39
CA LYS E 717 -13.18 31.67 8.19
C LYS E 717 -12.70 30.49 9.03
N THR E 718 -11.78 29.72 8.48
CA THR E 718 -11.26 28.55 9.17
C THR E 718 -9.78 28.37 8.84
N SER E 719 -9.08 27.67 9.71
CA SER E 719 -7.67 27.37 9.52
C SER E 719 -7.37 26.03 10.15
N VAL E 720 -6.63 25.19 9.44
CA VAL E 720 -6.34 23.84 9.85
C VAL E 720 -4.82 23.68 9.89
N ASP E 721 -4.31 23.13 10.99
CA ASP E 721 -2.91 22.72 11.04
C ASP E 721 -2.83 21.21 10.83
N CYS E 722 -1.89 20.80 9.96
CA CYS E 722 -1.86 19.42 9.51
C CYS E 722 -1.33 18.48 10.59
N THR E 723 -0.35 18.93 11.38
CA THR E 723 0.41 17.98 12.21
C THR E 723 -0.36 17.58 13.47
N MET E 724 -1.20 18.46 14.02
CA MET E 724 -1.97 18.00 15.19
C MET E 724 -3.30 17.38 14.78
N TYR E 725 -3.79 17.66 13.57
CA TYR E 725 -5.00 16.99 13.12
C TYR E 725 -4.74 15.53 12.80
N ILE E 726 -3.64 15.25 12.10
CA ILE E 726 -3.41 13.91 11.57
C ILE E 726 -2.92 12.98 12.67
N CYS E 727 -1.83 13.35 13.33
CA CYS E 727 -1.16 12.43 14.25
C CYS E 727 -0.80 13.14 15.55
N GLY E 728 -1.80 13.74 16.19
CA GLY E 728 -1.64 14.45 17.47
C GLY E 728 -0.99 13.66 18.59
N ASP E 729 -0.47 14.41 19.57
CA ASP E 729 0.45 14.02 20.69
C ASP E 729 1.37 12.84 20.33
N SER E 730 2.06 12.99 19.20
CA SER E 730 2.99 11.98 18.71
C SER E 730 4.14 12.71 18.02
N THR E 731 5.35 12.57 18.58
CA THR E 731 6.53 13.18 17.95
C THR E 731 7.20 12.25 16.95
N GLU E 732 6.83 10.96 16.96
CA GLU E 732 7.44 10.03 16.03
C GLU E 732 6.87 10.18 14.63
N CYS E 733 5.60 10.61 14.51
CA CYS E 733 5.00 10.74 13.20
C CYS E 733 5.45 12.01 12.50
N SER E 734 6.00 12.97 13.26
CA SER E 734 6.49 14.21 12.67
C SER E 734 7.67 13.95 11.73
N ASN E 735 8.56 13.04 12.12
CA ASN E 735 9.62 12.61 11.22
C ASN E 735 9.05 11.79 10.06
N LEU E 736 7.92 11.12 10.28
CA LEU E 736 7.24 10.42 9.19
C LEU E 736 6.51 11.40 8.26
N LEU E 737 6.09 12.54 8.78
CA LEU E 737 5.25 13.44 7.99
C LEU E 737 6.08 14.33 7.06
N LEU E 738 7.29 14.71 7.47
CA LEU E 738 8.12 15.55 6.62
C LEU E 738 8.69 14.80 5.42
N GLN E 739 8.67 13.47 5.45
CA GLN E 739 9.06 12.74 4.24
C GLN E 739 7.95 12.69 3.20
N TYR E 740 6.73 13.10 3.56
CA TYR E 740 5.68 13.30 2.57
C TYR E 740 5.86 14.60 1.79
N GLY E 741 6.74 15.48 2.24
CA GLY E 741 7.04 16.71 1.52
C GLY E 741 6.21 17.89 1.97
N SER E 742 5.85 18.75 1.02
CA SER E 742 5.12 19.98 1.28
C SER E 742 3.63 19.85 0.99
N PHE E 743 3.05 18.69 1.28
CA PHE E 743 1.65 18.45 0.95
C PHE E 743 0.73 19.27 1.85
N CYS E 744 1.01 19.32 3.15
CA CYS E 744 0.15 20.06 4.07
C CYS E 744 0.58 21.52 4.22
N THR E 745 1.51 22.02 3.42
CA THR E 745 1.74 23.49 3.43
C THR E 745 0.79 24.07 2.38
N GLN E 746 0.53 23.33 1.32
CA GLN E 746 -0.44 23.75 0.29
C GLN E 746 -1.83 23.84 0.91
N LEU E 747 -2.21 22.94 1.79
CA LEU E 747 -3.53 23.03 2.47
C LEU E 747 -3.59 24.32 3.28
N LYS E 748 -2.53 24.63 4.00
CA LYS E 748 -2.58 25.85 4.80
C LYS E 748 -2.73 27.02 3.85
N ARG E 749 -1.99 27.09 2.76
CA ARG E 749 -2.10 28.28 1.91
C ARG E 749 -3.52 28.35 1.33
N ALA E 750 -4.09 27.24 0.91
CA ALA E 750 -5.42 27.32 0.31
C ALA E 750 -6.40 27.85 1.34
N LEU E 751 -6.34 27.33 2.54
CA LEU E 751 -7.29 27.78 3.57
C LEU E 751 -7.02 29.24 3.95
N THR E 752 -5.79 29.73 3.98
CA THR E 752 -5.54 31.17 4.26
C THR E 752 -6.08 32.04 3.14
N GLY E 753 -5.98 31.59 1.91
CA GLY E 753 -6.59 32.36 0.82
C GLY E 753 -8.08 32.41 0.99
N ILE E 754 -8.69 31.34 1.45
CA ILE E 754 -10.15 31.45 1.68
C ILE E 754 -10.45 32.37 2.85
N ALA E 755 -9.53 32.72 3.76
CA ALA E 755 -9.93 33.58 4.87
C ALA E 755 -9.57 35.03 4.62
N VAL E 756 -8.60 35.30 3.75
CA VAL E 756 -8.37 36.67 3.30
C VAL E 756 -9.52 37.12 2.40
N GLU E 757 -10.03 36.21 1.57
CA GLU E 757 -11.05 36.57 0.58
C GLU E 757 -12.39 36.84 1.25
N GLN E 758 -12.67 36.18 2.38
CA GLN E 758 -13.91 36.46 3.10
C GLN E 758 -13.92 37.85 3.70
N ASP E 759 -12.74 38.38 4.06
CA ASP E 759 -12.66 39.77 4.48
C ASP E 759 -12.75 40.70 3.29
N LYS E 760 -12.36 40.23 2.11
CA LYS E 760 -12.46 41.04 0.90
C LYS E 760 -13.90 41.14 0.42
N ASN E 761 -14.68 40.08 0.63
CA ASN E 761 -16.07 40.06 0.18
C ASN E 761 -16.93 41.04 0.98
N THR E 762 -16.71 41.11 2.29
CA THR E 762 -17.46 42.05 3.11
C THR E 762 -17.00 43.49 2.85
N GLN E 763 -15.71 43.67 2.54
CA GLN E 763 -15.18 45.00 2.31
C GLN E 763 -15.65 45.58 0.98
N GLU E 764 -15.86 44.74 -0.03
CA GLU E 764 -16.27 45.24 -1.33
C GLU E 764 -17.79 45.37 -1.46
N VAL E 765 -18.55 44.89 -0.49
CA VAL E 765 -20.00 45.04 -0.50
C VAL E 765 -20.45 46.23 0.33
N PHE E 766 -20.02 46.30 1.59
CA PHE E 766 -20.53 47.29 2.52
C PHE E 766 -19.75 48.59 2.52
N ALA E 767 -18.45 48.55 2.24
CA ALA E 767 -17.59 49.73 2.38
C ALA E 767 -17.44 50.50 1.08
N GLN E 768 -18.51 50.59 0.29
CA GLN E 768 -18.47 51.38 -0.94
C GLN E 768 -18.50 52.88 -0.69
N VAL E 769 -18.79 53.32 0.54
CA VAL E 769 -18.77 54.73 0.89
C VAL E 769 -17.47 55.03 1.63
N LYS E 770 -17.07 56.30 1.60
CA LYS E 770 -15.87 56.74 2.28
C LYS E 770 -16.15 57.56 3.53
N GLN E 771 -17.35 58.15 3.63
CA GLN E 771 -17.72 58.97 4.77
C GLN E 771 -18.97 58.40 5.41
N ILE E 772 -18.93 58.23 6.73
CA ILE E 772 -20.06 57.67 7.48
C ILE E 772 -21.09 58.78 7.65
N TYR E 773 -22.13 58.76 6.82
CA TYR E 773 -23.23 59.70 6.97
C TYR E 773 -24.11 59.30 8.15
N LYS E 774 -24.77 60.29 8.73
CA LYS E 774 -25.68 60.05 9.83
C LYS E 774 -26.99 60.78 9.58
N THR E 775 -28.08 60.18 10.04
CA THR E 775 -29.41 60.74 9.82
C THR E 775 -29.60 62.00 10.68
N PRO E 776 -30.41 62.95 10.21
CA PRO E 776 -30.74 64.10 11.05
C PRO E 776 -31.63 63.68 12.21
N PRO E 777 -31.58 64.41 13.34
CA PRO E 777 -32.46 64.06 14.47
C PRO E 777 -33.94 64.19 14.18
N ILE E 778 -34.34 65.12 13.30
CA ILE E 778 -35.73 65.23 12.90
C ILE E 778 -36.05 64.09 11.93
N LYS E 779 -37.14 63.39 12.19
CA LYS E 779 -37.50 62.18 11.45
C LYS E 779 -38.77 62.37 10.64
N TYR E 780 -38.91 63.53 9.99
CA TYR E 780 -40.03 63.80 9.10
C TYR E 780 -39.50 63.82 7.67
N PHE E 781 -39.50 62.65 7.04
CA PHE E 781 -39.03 62.52 5.66
C PHE E 781 -40.21 62.54 4.69
N GLY E 782 -41.00 63.58 4.69
CA GLY E 782 -42.04 63.69 3.66
C GLY E 782 -43.26 62.87 3.94
N GLY E 783 -43.47 62.56 5.19
CA GLY E 783 -44.57 61.65 5.47
C GLY E 783 -44.23 60.19 5.38
N PHE E 784 -43.00 59.85 4.97
CA PHE E 784 -42.55 58.47 4.93
C PHE E 784 -41.98 58.09 6.29
N ASN E 785 -42.39 56.93 6.80
CA ASN E 785 -41.97 56.46 8.11
C ASN E 785 -40.82 55.48 7.92
N PHE E 786 -39.64 55.87 8.42
CA PHE E 786 -38.42 55.08 8.29
C PHE E 786 -37.91 54.56 9.61
N SER E 787 -38.82 54.30 10.56
CA SER E 787 -38.37 53.83 11.87
C SER E 787 -37.90 52.39 11.81
N GLN E 788 -38.44 51.59 10.89
CA GLN E 788 -38.16 50.16 10.86
C GLN E 788 -36.75 49.86 10.36
N ILE E 789 -36.15 50.73 9.57
CA ILE E 789 -34.83 50.48 9.01
C ILE E 789 -33.75 51.40 9.59
N LEU E 790 -34.10 52.56 10.12
CA LEU E 790 -33.12 53.37 10.83
C LEU E 790 -32.86 52.76 12.21
N PRO E 791 -31.62 52.82 12.71
CA PRO E 791 -31.32 52.20 14.00
C PRO E 791 -31.89 52.99 15.16
N ASP E 792 -32.13 52.29 16.26
CA ASP E 792 -32.54 52.91 17.51
C ASP E 792 -31.37 52.96 18.47
N PRO E 793 -31.25 54.02 19.28
CA PRO E 793 -30.14 54.08 20.24
C PRO E 793 -30.38 53.31 21.53
N SER E 794 -31.54 52.64 21.66
CA SER E 794 -31.84 51.91 22.89
C SER E 794 -30.97 50.66 23.03
N LYS E 795 -30.86 49.88 21.96
CA LYS E 795 -30.00 48.71 21.99
C LYS E 795 -28.54 49.16 21.91
N PRO E 796 -27.64 48.57 22.71
CA PRO E 796 -26.21 48.93 22.61
C PRO E 796 -25.58 48.55 21.27
N SER E 797 -26.09 47.53 20.59
CA SER E 797 -25.75 47.28 19.21
C SER E 797 -26.73 48.03 18.32
N LYS E 798 -26.25 49.03 17.59
CA LYS E 798 -27.13 49.93 16.85
C LYS E 798 -27.69 49.25 15.60
N ARG E 799 -28.62 48.33 15.81
CA ARG E 799 -29.30 47.60 14.75
C ARG E 799 -30.77 47.97 14.77
N SER E 800 -31.32 48.05 13.57
CA SER E 800 -32.70 48.51 13.38
C SER E 800 -33.65 47.48 13.88
N PRO E 801 -34.96 47.74 13.94
CA PRO E 801 -35.84 46.69 14.31
C PRO E 801 -35.82 45.46 13.41
N ILE E 802 -35.71 45.60 12.10
CA ILE E 802 -35.68 44.46 11.11
C ILE E 802 -34.39 43.66 11.24
N GLU E 803 -33.25 44.30 11.45
CA GLU E 803 -31.97 43.60 11.68
C GLU E 803 -32.04 42.92 13.04
N ASP E 804 -32.84 43.38 13.99
CA ASP E 804 -32.96 42.61 15.22
C ASP E 804 -33.70 41.30 14.97
N LEU E 805 -34.66 41.31 14.05
CA LEU E 805 -35.34 40.07 13.68
C LEU E 805 -34.41 39.13 12.92
N LEU E 806 -33.57 39.69 12.06
CA LEU E 806 -32.73 38.88 11.18
C LEU E 806 -31.63 38.17 11.95
N PHE E 807 -31.13 38.79 13.03
CA PHE E 807 -30.09 38.14 13.82
C PHE E 807 -30.68 37.03 14.68
N ASN E 808 -31.95 37.12 15.04
CA ASN E 808 -32.59 36.07 15.82
C ASN E 808 -32.86 34.84 14.96
N LYS E 809 -33.28 35.04 13.71
CA LYS E 809 -33.70 33.90 12.85
C LYS E 809 -32.51 33.12 12.28
N VAL E 810 -31.29 33.63 12.39
CA VAL E 810 -30.10 32.89 11.96
C VAL E 810 -29.33 32.49 13.21
N THR E 811 -29.26 31.18 13.47
CA THR E 811 -28.61 30.64 14.66
C THR E 811 -27.34 29.91 14.23
N LEU E 812 -26.20 30.58 14.38
CA LEU E 812 -24.91 29.98 14.06
C LEU E 812 -24.52 28.96 15.11
N LEU E 833 -22.17 25.17 21.94
CA LEU E 833 -21.39 24.01 22.34
C LEU E 833 -20.43 23.60 21.24
N ILE E 834 -20.98 23.17 20.10
CA ILE E 834 -20.19 22.58 19.02
C ILE E 834 -19.34 23.62 18.28
N CYS E 835 -19.60 24.91 18.50
CA CYS E 835 -18.76 25.95 17.92
C CYS E 835 -17.37 25.96 18.54
N ALA E 836 -17.25 25.50 19.78
CA ALA E 836 -15.98 25.45 20.48
C ALA E 836 -15.43 24.03 20.64
N GLN E 837 -16.16 23.02 20.15
CA GLN E 837 -15.72 21.63 20.32
C GLN E 837 -14.70 21.16 19.30
N LYS E 838 -14.28 22.03 18.38
CA LYS E 838 -13.29 21.65 17.38
C LYS E 838 -11.92 21.52 18.04
N PHE E 839 -11.48 20.28 18.24
CA PHE E 839 -10.34 19.97 19.11
C PHE E 839 -9.14 19.41 18.35
N LYS E 840 -9.12 19.48 17.02
CA LYS E 840 -8.07 18.87 16.24
C LYS E 840 -7.31 19.90 15.43
N GLY E 841 -7.03 21.06 16.01
CA GLY E 841 -6.43 22.13 15.27
C GLY E 841 -7.38 22.86 14.36
N LEU E 842 -8.68 22.64 14.51
CA LEU E 842 -9.70 23.25 13.65
C LEU E 842 -10.16 24.60 14.21
N THR E 843 -9.22 25.55 14.24
CA THR E 843 -9.55 26.87 14.74
C THR E 843 -10.44 27.62 13.75
N VAL E 844 -11.26 28.52 14.28
CA VAL E 844 -12.19 29.31 13.48
C VAL E 844 -11.83 30.76 13.71
N LEU E 845 -11.26 31.41 12.70
CA LEU E 845 -10.86 32.79 12.82
C LEU E 845 -12.07 33.70 12.76
N PRO E 846 -12.15 34.70 13.63
CA PRO E 846 -13.29 35.63 13.62
C PRO E 846 -13.18 36.60 12.45
N PRO E 847 -14.31 37.14 11.98
CA PRO E 847 -14.25 38.11 10.89
C PRO E 847 -13.60 39.42 11.33
N LEU E 848 -12.98 40.10 10.36
CA LEU E 848 -12.32 41.37 10.64
C LEU E 848 -13.33 42.46 10.98
N LEU E 849 -14.46 42.49 10.29
CA LEU E 849 -15.51 43.46 10.53
C LEU E 849 -16.58 42.84 11.40
N THR E 850 -16.73 43.33 12.63
CA THR E 850 -17.80 42.83 13.48
C THR E 850 -19.13 43.40 13.04
N ASP E 851 -20.20 42.84 13.59
CA ASP E 851 -21.55 43.25 13.20
C ASP E 851 -21.90 44.64 13.72
N GLU E 852 -21.17 45.14 14.72
CA GLU E 852 -21.33 46.55 15.10
C GLU E 852 -20.82 47.47 14.00
N MET E 853 -19.67 47.14 13.40
CA MET E 853 -19.09 47.97 12.37
C MET E 853 -19.78 47.77 11.02
N ILE E 854 -20.30 46.56 10.76
CA ILE E 854 -21.04 46.32 9.53
C ILE E 854 -22.36 47.08 9.53
N ALA E 855 -23.04 47.09 10.69
CA ALA E 855 -24.28 47.85 10.82
C ALA E 855 -24.03 49.36 10.80
N GLN E 856 -22.81 49.80 11.07
CA GLN E 856 -22.49 51.21 10.93
C GLN E 856 -22.30 51.60 9.47
N TYR E 857 -21.78 50.67 8.65
CA TYR E 857 -21.81 50.87 7.20
C TYR E 857 -23.24 50.91 6.67
N THR E 858 -24.09 49.98 7.12
CA THR E 858 -25.47 49.94 6.65
C THR E 858 -26.25 51.16 7.13
N SER E 859 -25.86 51.71 8.28
CA SER E 859 -26.43 52.97 8.72
C SER E 859 -26.00 54.12 7.83
N ALA E 860 -24.77 54.07 7.32
CA ALA E 860 -24.26 55.14 6.48
C ALA E 860 -24.89 55.12 5.09
N LEU E 861 -25.17 53.93 4.55
CA LEU E 861 -25.83 53.85 3.26
C LEU E 861 -27.28 54.27 3.35
N LEU E 862 -27.97 53.91 4.44
CA LEU E 862 -29.35 54.33 4.61
C LEU E 862 -29.46 55.84 4.83
N ALA E 863 -28.54 56.42 5.60
CA ALA E 863 -28.58 57.85 5.85
C ALA E 863 -28.13 58.67 4.64
N GLY E 864 -27.49 58.03 3.67
CA GLY E 864 -27.12 58.72 2.45
C GLY E 864 -28.21 58.70 1.40
N THR E 865 -28.86 57.54 1.23
CA THR E 865 -29.87 57.40 0.18
C THR E 865 -31.17 58.12 0.52
N ILE E 866 -31.36 58.51 1.77
CA ILE E 866 -32.58 59.22 2.16
C ILE E 866 -32.39 60.73 2.06
N THR E 867 -31.29 61.24 2.57
CA THR E 867 -31.02 62.67 2.56
C THR E 867 -30.35 63.16 1.28
N SER E 868 -29.83 62.26 0.44
CA SER E 868 -29.13 62.69 -0.76
C SER E 868 -29.47 61.92 -2.03
N GLY E 869 -30.04 60.72 -1.95
CA GLY E 869 -30.41 59.98 -3.14
C GLY E 869 -29.26 59.21 -3.78
N TRP E 870 -29.11 59.34 -5.09
CA TRP E 870 -28.04 58.65 -5.81
C TRP E 870 -26.76 59.45 -5.83
N THR E 871 -26.73 60.65 -5.25
CA THR E 871 -25.64 61.57 -5.49
C THR E 871 -24.39 61.20 -4.69
N PHE E 872 -24.56 60.66 -3.47
CA PHE E 872 -23.41 60.36 -2.62
C PHE E 872 -22.61 59.16 -3.13
N GLY E 873 -23.15 58.43 -4.09
CA GLY E 873 -22.43 57.29 -4.67
C GLY E 873 -21.81 57.65 -5.99
N ALA E 874 -21.70 58.93 -6.28
CA ALA E 874 -21.16 59.38 -7.56
C ALA E 874 -20.42 60.69 -7.34
N GLY E 875 -20.03 61.00 -6.12
CA GLY E 875 -19.43 62.32 -5.87
C GLY E 875 -19.77 62.82 -4.49
N PRO E 876 -19.92 64.14 -4.29
CA PRO E 876 -20.26 64.71 -3.00
C PRO E 876 -21.72 64.40 -2.69
N ALA E 877 -22.14 64.32 -1.44
CA ALA E 877 -23.57 64.15 -1.16
C ALA E 877 -24.19 65.51 -1.09
N LEU E 878 -25.24 65.76 -1.84
CA LEU E 878 -26.02 66.99 -1.90
C LEU E 878 -27.39 66.78 -1.27
N GLN E 879 -27.82 67.77 -0.49
CA GLN E 879 -29.10 67.70 0.19
C GLN E 879 -30.25 67.81 -0.80
N ILE E 880 -31.32 67.08 -0.52
CA ILE E 880 -32.55 67.10 -1.31
C ILE E 880 -33.66 66.53 -0.43
N PRO E 881 -34.90 67.11 -0.48
CA PRO E 881 -36.01 66.60 0.29
C PRO E 881 -36.52 65.25 -0.21
N PHE E 882 -36.87 64.29 0.63
CA PHE E 882 -37.31 62.94 0.20
C PHE E 882 -38.58 63.00 -0.61
N PRO E 883 -39.61 63.81 -0.35
CA PRO E 883 -40.72 63.81 -1.22
C PRO E 883 -40.26 64.17 -2.64
N MET E 884 -39.20 64.92 -2.83
CA MET E 884 -38.67 65.38 -4.14
C MET E 884 -37.59 64.48 -4.67
N GLN E 885 -37.06 63.54 -3.91
CA GLN E 885 -36.10 62.57 -4.49
C GLN E 885 -36.95 61.45 -5.00
N MET E 886 -38.20 61.38 -4.61
CA MET E 886 -39.14 60.37 -5.10
C MET E 886 -39.82 60.84 -6.37
N ALA E 887 -39.94 62.14 -6.68
CA ALA E 887 -40.38 62.52 -8.01
C ALA E 887 -39.30 62.27 -9.04
N TYR E 888 -38.02 62.32 -8.63
CA TYR E 888 -36.94 61.99 -9.53
C TYR E 888 -36.93 60.50 -9.84
N ARG E 889 -37.23 59.67 -8.84
CA ARG E 889 -37.37 58.23 -9.08
C ARG E 889 -38.61 57.93 -9.90
N PHE E 890 -39.69 58.71 -9.71
CA PHE E 890 -40.89 58.53 -10.50
C PHE E 890 -40.67 58.97 -11.95
N ASN E 891 -39.87 60.02 -12.15
CA ASN E 891 -39.62 60.50 -13.50
C ASN E 891 -38.69 59.55 -14.27
N GLY E 892 -37.88 58.77 -13.56
CA GLY E 892 -37.04 57.81 -14.23
C GLY E 892 -37.81 56.60 -14.74
N ILE E 893 -38.96 56.31 -14.12
CA ILE E 893 -39.79 55.20 -14.57
C ILE E 893 -40.43 55.52 -15.91
N GLY E 894 -40.99 56.71 -16.04
CA GLY E 894 -41.71 57.08 -17.24
C GLY E 894 -42.93 57.92 -16.94
N VAL E 895 -43.47 57.79 -15.74
CA VAL E 895 -44.55 58.67 -15.31
C VAL E 895 -43.96 60.02 -14.92
N THR E 896 -44.79 61.06 -14.96
CA THR E 896 -44.30 62.38 -14.66
C THR E 896 -44.23 62.59 -13.15
N GLN E 897 -43.70 63.76 -12.77
CA GLN E 897 -43.54 64.06 -11.35
C GLN E 897 -44.84 64.56 -10.72
N ASN E 898 -45.83 64.91 -11.53
CA ASN E 898 -47.09 65.42 -10.99
C ASN E 898 -47.94 64.31 -10.36
N VAL E 899 -47.69 63.04 -10.70
CA VAL E 899 -48.46 61.96 -10.13
C VAL E 899 -47.99 61.64 -8.71
N LEU E 900 -46.83 62.08 -8.24
CA LEU E 900 -46.39 61.73 -6.87
C LEU E 900 -46.81 62.85 -5.93
N TYR E 901 -46.88 64.07 -6.40
CA TYR E 901 -47.18 65.16 -5.47
C TYR E 901 -48.68 65.21 -5.26
N GLU E 902 -49.50 65.01 -6.29
CA GLU E 902 -50.93 64.98 -6.02
C GLU E 902 -51.34 63.72 -5.25
N ASN E 903 -50.47 62.72 -5.18
CA ASN E 903 -50.77 61.48 -4.46
C ASN E 903 -49.75 61.20 -3.36
N GLN E 904 -49.06 62.16 -2.79
CA GLN E 904 -48.01 61.84 -1.81
C GLN E 904 -48.64 61.33 -0.53
N LYS E 905 -49.77 61.87 -0.10
CA LYS E 905 -50.37 61.34 1.11
C LYS E 905 -50.74 59.88 0.95
N LEU E 906 -51.17 59.49 -0.26
CA LEU E 906 -51.50 58.09 -0.51
C LEU E 906 -50.24 57.24 -0.64
N ILE E 907 -49.21 57.76 -1.30
CA ILE E 907 -47.99 57.00 -1.58
C ILE E 907 -47.22 56.75 -0.28
N ALA E 908 -47.12 57.77 0.58
CA ALA E 908 -46.42 57.61 1.85
C ALA E 908 -47.17 56.67 2.77
N ASN E 909 -48.50 56.67 2.70
CA ASN E 909 -49.28 55.71 3.48
C ASN E 909 -49.17 54.31 2.91
N GLN E 910 -49.02 54.21 1.57
CA GLN E 910 -48.87 52.90 0.94
C GLN E 910 -47.50 52.31 1.22
N PHE E 911 -46.49 53.15 1.34
CA PHE E 911 -45.13 52.67 1.59
C PHE E 911 -44.99 52.16 3.03
N ASN E 912 -45.64 52.83 3.98
CA ASN E 912 -45.48 52.46 5.39
C ASN E 912 -46.15 51.12 5.69
N SER E 913 -47.26 50.83 5.01
CA SER E 913 -47.91 49.54 5.18
C SER E 913 -47.10 48.43 4.54
N ALA E 914 -46.36 48.74 3.48
CA ALA E 914 -45.54 47.73 2.83
C ALA E 914 -44.32 47.38 3.66
N ILE E 915 -43.69 48.39 4.29
CA ILE E 915 -42.47 48.12 5.04
C ILE E 915 -42.80 47.52 6.40
N GLY E 916 -44.05 47.64 6.86
CA GLY E 916 -44.44 46.97 8.08
C GLY E 916 -44.78 45.52 7.85
N LYS E 917 -45.16 45.16 6.63
CA LYS E 917 -45.45 43.78 6.29
C LYS E 917 -44.20 42.94 6.10
N ILE E 918 -43.03 43.60 5.98
CA ILE E 918 -41.78 42.89 5.77
C ILE E 918 -41.37 42.12 7.02
N GLN E 919 -41.55 42.75 8.19
CA GLN E 919 -41.20 42.10 9.45
C GLN E 919 -42.09 40.91 9.74
N ASP E 920 -43.37 40.99 9.35
CA ASP E 920 -44.27 39.85 9.53
C ASP E 920 -43.98 38.77 8.49
N SER E 921 -43.48 39.15 7.32
CA SER E 921 -43.19 38.17 6.28
C SER E 921 -41.96 37.35 6.62
N LEU E 922 -40.92 38.00 7.14
CA LEU E 922 -39.69 37.29 7.47
C LEU E 922 -39.86 36.42 8.71
N SER E 923 -40.60 36.91 9.71
CA SER E 923 -40.72 36.18 10.97
C SER E 923 -41.65 34.97 10.87
N SER E 924 -42.45 34.96 9.80
CA SER E 924 -43.37 33.83 9.56
C SER E 924 -42.63 32.68 8.92
N THR E 925 -42.53 32.67 7.60
CA THR E 925 -41.99 31.47 6.94
C THR E 925 -40.61 31.18 7.49
N PRO E 926 -40.28 29.92 7.84
CA PRO E 926 -38.92 29.55 8.25
C PRO E 926 -37.89 29.63 7.12
N SER E 927 -38.30 29.38 5.88
CA SER E 927 -37.38 29.29 4.73
C SER E 927 -36.99 30.69 4.28
N ALA E 928 -37.37 31.69 5.06
CA ALA E 928 -37.05 33.08 4.71
C ALA E 928 -35.54 33.30 4.63
N LEU E 929 -34.77 32.85 5.62
CA LEU E 929 -33.32 33.10 5.68
C LEU E 929 -32.55 31.84 5.27
N GLY E 930 -33.21 30.86 4.69
CA GLY E 930 -32.53 29.64 4.25
C GLY E 930 -31.36 29.91 3.35
N LYS E 931 -31.36 31.02 2.64
CA LYS E 931 -30.15 31.32 1.87
C LYS E 931 -28.94 31.38 2.79
N LEU E 932 -29.09 32.02 3.94
CA LEU E 932 -28.00 32.13 4.90
C LEU E 932 -27.90 30.91 5.81
N GLN E 933 -29.01 30.17 5.98
CA GLN E 933 -28.98 29.02 6.88
C GLN E 933 -28.18 27.87 6.29
N ASP E 934 -28.31 27.61 4.98
CA ASP E 934 -27.53 26.54 4.37
C ASP E 934 -26.08 26.95 4.16
N VAL E 935 -25.74 28.23 4.26
CA VAL E 935 -24.34 28.64 4.23
C VAL E 935 -23.63 28.17 5.50
N VAL E 936 -24.24 28.41 6.66
CA VAL E 936 -23.60 28.04 7.91
C VAL E 936 -23.78 26.55 8.19
N ASN E 937 -24.85 25.93 7.67
CA ASN E 937 -25.05 24.49 7.88
C ASN E 937 -24.06 23.67 7.06
N HIS E 938 -23.70 24.15 5.87
CA HIS E 938 -22.75 23.41 5.04
C HIS E 938 -21.34 23.49 5.61
N ASN E 939 -21.01 24.61 6.26
CA ASN E 939 -19.71 24.73 6.90
C ASN E 939 -19.63 23.86 8.14
N ALA E 940 -20.71 23.82 8.93
CA ALA E 940 -20.71 23.04 10.17
C ALA E 940 -20.73 21.54 9.88
N GLN E 941 -21.50 21.12 8.88
CA GLN E 941 -21.59 19.70 8.59
C GLN E 941 -20.41 19.18 7.79
N ALA E 942 -19.56 20.06 7.26
CA ALA E 942 -18.31 19.62 6.65
C ALA E 942 -17.18 19.53 7.68
N LEU E 943 -17.25 20.32 8.75
CA LEU E 943 -16.31 20.17 9.85
C LEU E 943 -16.61 18.94 10.67
N ASN E 944 -17.89 18.54 10.73
CA ASN E 944 -18.28 17.39 11.55
C ASN E 944 -17.76 16.09 10.94
N THR E 945 -17.82 15.95 9.62
CA THR E 945 -17.28 14.74 8.99
C THR E 945 -15.77 14.73 9.03
N LEU E 946 -15.14 15.91 9.01
CA LEU E 946 -13.68 15.97 9.09
C LEU E 946 -13.19 15.54 10.47
N VAL E 947 -13.93 15.91 11.52
CA VAL E 947 -13.63 15.43 12.86
C VAL E 947 -13.89 13.93 12.96
N LYS E 948 -14.99 13.46 12.38
CA LYS E 948 -15.32 12.04 12.48
C LYS E 948 -14.48 11.16 11.57
N GLN E 949 -13.73 11.73 10.63
CA GLN E 949 -12.95 10.90 9.73
C GLN E 949 -11.66 10.39 10.36
N LEU E 950 -11.22 10.99 11.47
CA LEU E 950 -10.09 10.42 12.20
C LEU E 950 -10.52 9.33 13.18
N SER E 951 -11.82 9.10 13.32
CA SER E 951 -12.34 8.00 14.13
C SER E 951 -12.43 6.69 13.34
N SER E 952 -12.03 6.70 12.08
CA SER E 952 -12.08 5.53 11.22
C SER E 952 -10.70 4.91 11.08
N LYS E 953 -10.67 3.59 10.92
CA LYS E 953 -9.41 2.86 10.95
C LYS E 953 -8.61 3.02 9.66
N PHE E 954 -9.31 3.28 8.54
CA PHE E 954 -8.71 3.41 7.19
C PHE E 954 -7.93 2.15 6.80
N GLY E 955 -8.45 0.98 7.15
CA GLY E 955 -7.80 -0.27 6.84
C GLY E 955 -6.71 -0.68 7.80
N ALA E 956 -6.45 0.10 8.84
CA ALA E 956 -5.49 -0.28 9.86
C ALA E 956 -6.19 -1.03 10.98
N ILE E 957 -5.42 -1.41 12.00
CA ILE E 957 -5.98 -2.22 13.08
C ILE E 957 -6.69 -1.39 14.13
N SER E 958 -6.42 -0.10 14.21
CA SER E 958 -7.05 0.75 15.21
C SER E 958 -7.10 2.18 14.69
N SER E 959 -7.97 2.98 15.31
CA SER E 959 -8.16 4.36 14.92
C SER E 959 -7.22 5.33 15.61
N VAL E 960 -6.46 4.89 16.60
CA VAL E 960 -5.52 5.74 17.34
C VAL E 960 -4.13 5.17 17.14
N LEU E 961 -3.15 6.07 16.92
CA LEU E 961 -1.81 5.64 16.59
C LEU E 961 -0.99 5.30 17.83
N ASN E 962 -1.42 5.73 19.00
CA ASN E 962 -0.67 5.40 20.21
C ASN E 962 -0.88 3.94 20.61
N ASP E 963 -2.03 3.38 20.26
CA ASP E 963 -2.28 1.97 20.58
C ASP E 963 -1.54 1.04 19.63
N ILE E 964 -1.35 1.44 18.37
CA ILE E 964 -0.74 0.55 17.37
C ILE E 964 0.78 0.50 17.48
N PHE E 965 1.39 1.22 18.41
CA PHE E 965 2.79 1.01 18.75
C PHE E 965 2.98 0.19 20.01
N SER E 966 2.00 0.19 20.92
CA SER E 966 2.11 -0.62 22.12
C SER E 966 1.82 -2.10 21.85
N ARG E 967 0.86 -2.41 20.98
CA ARG E 967 0.47 -3.78 20.72
C ARG E 967 1.04 -4.33 19.41
N LEU E 968 1.85 -3.47 18.75
CA LEU E 968 2.48 -3.87 17.46
C LEU E 968 3.91 -3.31 17.41
N ASP E 969 4.80 -3.95 16.67
CA ASP E 969 6.26 -3.59 16.67
C ASP E 969 6.65 -2.46 15.73
N PRO E 970 7.87 -1.89 15.88
CA PRO E 970 8.36 -0.83 15.01
C PRO E 970 8.60 -1.02 13.50
N PRO E 971 9.18 -2.13 12.99
CA PRO E 971 9.46 -2.19 11.55
C PRO E 971 8.20 -2.19 10.69
N GLU E 972 7.16 -2.90 11.10
CA GLU E 972 5.91 -2.99 10.30
C GLU E 972 4.92 -1.93 10.77
N ALA E 973 5.28 -1.19 11.81
CA ALA E 973 4.38 -0.09 12.17
C ALA E 973 4.51 0.91 11.04
N GLU E 974 5.72 1.08 10.50
CA GLU E 974 5.71 2.13 9.50
C GLU E 974 4.66 1.89 8.43
N VAL E 975 4.46 0.63 8.03
CA VAL E 975 3.45 0.35 7.01
C VAL E 975 2.05 0.41 7.61
N GLN E 976 1.91 0.21 8.92
CA GLN E 976 0.60 0.34 9.55
C GLN E 976 0.22 1.80 9.75
N ILE E 977 1.21 2.65 10.08
CA ILE E 977 0.89 4.06 10.26
C ILE E 977 0.75 4.75 8.91
N ASP E 978 1.39 4.20 7.86
CA ASP E 978 1.30 4.79 6.53
C ASP E 978 -0.11 4.64 5.96
N ARG E 979 -0.80 3.55 6.30
CA ARG E 979 -2.18 3.39 5.88
C ARG E 979 -3.13 4.33 6.62
N LEU E 980 -2.74 4.80 7.81
CA LEU E 980 -3.54 5.74 8.57
C LEU E 980 -3.08 7.19 8.38
N ILE E 981 -1.81 7.41 8.05
CA ILE E 981 -1.36 8.77 7.81
C ILE E 981 -1.76 9.25 6.42
N THR E 982 -2.19 8.35 5.52
CA THR E 982 -2.69 8.80 4.23
C THR E 982 -4.22 8.84 4.19
N GLY E 983 -4.90 8.16 5.11
CA GLY E 983 -6.35 8.29 5.17
C GLY E 983 -6.79 9.64 5.69
N ARG E 984 -6.12 10.13 6.73
CA ARG E 984 -6.38 11.46 7.24
C ARG E 984 -5.76 12.52 6.34
N LEU E 985 -4.79 12.14 5.50
CA LEU E 985 -4.22 13.06 4.54
C LEU E 985 -5.19 13.34 3.41
N GLN E 986 -5.82 12.30 2.88
CA GLN E 986 -6.80 12.46 1.82
C GLN E 986 -8.10 13.06 2.35
N SER E 987 -8.39 12.88 3.63
CA SER E 987 -9.58 13.47 4.22
C SER E 987 -9.43 14.97 4.37
N LEU E 988 -8.20 15.44 4.62
CA LEU E 988 -7.98 16.87 4.73
C LEU E 988 -7.94 17.54 3.37
N GLN E 989 -7.43 16.84 2.35
CA GLN E 989 -7.45 17.37 0.99
C GLN E 989 -8.87 17.45 0.45
N THR E 990 -9.72 16.47 0.84
CA THR E 990 -11.12 16.51 0.44
C THR E 990 -11.85 17.68 1.08
N TYR E 991 -11.51 18.02 2.33
CA TYR E 991 -12.15 19.13 3.00
C TYR E 991 -11.73 20.47 2.41
N VAL E 992 -10.45 20.61 2.03
CA VAL E 992 -9.96 21.84 1.45
C VAL E 992 -10.57 22.08 0.07
N THR E 993 -10.67 21.01 -0.73
CA THR E 993 -11.18 21.12 -2.09
C THR E 993 -12.65 21.53 -2.11
N GLN E 994 -13.45 21.01 -1.17
CA GLN E 994 -14.83 21.45 -1.06
C GLN E 994 -14.94 22.86 -0.51
N GLN E 995 -13.91 23.34 0.20
CA GLN E 995 -13.92 24.71 0.68
C GLN E 995 -13.62 25.70 -0.44
N LEU E 996 -12.73 25.32 -1.37
CA LEU E 996 -12.49 26.17 -2.54
C LEU E 996 -13.70 26.21 -3.47
N ILE E 997 -14.45 25.11 -3.54
CA ILE E 997 -15.66 25.07 -4.35
C ILE E 997 -16.72 25.99 -3.74
N ARG E 998 -16.88 25.95 -2.43
CA ARG E 998 -17.87 26.79 -1.76
C ARG E 998 -17.45 28.25 -1.75
N ALA E 999 -16.14 28.51 -1.71
CA ALA E 999 -15.66 29.89 -1.73
C ALA E 999 -15.88 30.53 -3.09
N ALA E 1000 -15.81 29.75 -4.16
CA ALA E 1000 -16.11 30.27 -5.48
C ALA E 1000 -17.59 30.56 -5.64
N GLU E 1001 -18.45 29.75 -5.00
CA GLU E 1001 -19.88 30.00 -5.05
C GLU E 1001 -20.27 31.21 -4.21
N ILE E 1002 -19.58 31.42 -3.09
CA ILE E 1002 -19.86 32.57 -2.24
C ILE E 1002 -19.36 33.86 -2.88
N ARG E 1003 -18.15 33.83 -3.47
CA ARG E 1003 -17.59 35.02 -4.09
C ARG E 1003 -18.36 35.43 -5.34
N ALA E 1004 -18.96 34.46 -6.04
CA ALA E 1004 -19.87 34.81 -7.13
C ALA E 1004 -21.16 35.42 -6.62
N SER E 1005 -21.55 35.12 -5.38
CA SER E 1005 -22.71 35.74 -4.77
C SER E 1005 -22.37 37.06 -4.08
N ALA E 1006 -21.15 37.21 -3.59
CA ALA E 1006 -20.74 38.49 -3.01
C ALA E 1006 -20.45 39.51 -4.10
N ASN E 1007 -20.07 39.06 -5.30
CA ASN E 1007 -19.93 39.97 -6.42
C ASN E 1007 -21.28 40.45 -6.93
N LEU E 1008 -22.30 39.61 -6.81
CA LEU E 1008 -23.65 40.04 -7.16
C LEU E 1008 -24.20 41.04 -6.15
N ALA E 1009 -23.96 40.79 -4.86
CA ALA E 1009 -24.48 41.68 -3.82
C ALA E 1009 -23.75 43.02 -3.83
N ALA E 1010 -22.48 43.02 -4.24
CA ALA E 1010 -21.78 44.29 -4.45
C ALA E 1010 -22.34 45.04 -5.64
N THR E 1011 -22.80 44.31 -6.66
CA THR E 1011 -23.44 44.94 -7.81
C THR E 1011 -24.83 45.46 -7.44
N LYS E 1012 -25.55 44.73 -6.58
CA LYS E 1012 -26.86 45.19 -6.12
C LYS E 1012 -26.75 46.45 -5.29
N MET E 1013 -25.75 46.55 -4.42
CA MET E 1013 -25.58 47.76 -3.62
C MET E 1013 -25.10 48.92 -4.47
N SER E 1014 -24.33 48.64 -5.51
CA SER E 1014 -23.83 49.71 -6.35
C SER E 1014 -24.91 50.26 -7.26
N GLU E 1015 -25.89 49.44 -7.63
CA GLU E 1015 -26.86 49.81 -8.65
C GLU E 1015 -28.27 50.02 -8.10
N CYS E 1016 -28.78 49.11 -7.28
CA CYS E 1016 -30.12 49.29 -6.74
C CYS E 1016 -30.13 50.34 -5.63
N VAL E 1017 -29.06 50.41 -4.83
CA VAL E 1017 -29.04 51.30 -3.68
C VAL E 1017 -28.47 52.68 -4.04
N LEU E 1018 -27.34 52.72 -4.72
CA LEU E 1018 -26.71 53.98 -5.08
C LEU E 1018 -27.30 54.62 -6.34
N GLY E 1019 -28.45 54.17 -6.80
CA GLY E 1019 -29.05 54.73 -7.99
C GLY E 1019 -30.33 54.01 -8.30
N GLN E 1020 -30.96 54.43 -9.39
CA GLN E 1020 -32.17 53.80 -9.88
C GLN E 1020 -31.82 52.94 -11.08
N SER E 1021 -32.19 51.66 -11.02
CA SER E 1021 -31.79 50.69 -12.02
C SER E 1021 -32.87 50.57 -13.09
N LYS E 1022 -32.45 50.67 -14.35
CA LYS E 1022 -33.35 50.43 -15.47
C LYS E 1022 -33.37 48.98 -15.91
N ARG E 1023 -32.53 48.14 -15.31
CA ARG E 1023 -32.52 46.71 -15.61
C ARG E 1023 -33.73 46.07 -14.98
N VAL E 1024 -34.67 45.62 -15.81
CA VAL E 1024 -35.93 45.09 -15.31
C VAL E 1024 -35.71 43.70 -14.72
N ASP E 1025 -36.35 43.45 -13.57
CA ASP E 1025 -36.30 42.27 -12.70
C ASP E 1025 -34.94 42.09 -12.02
N PHE E 1026 -34.01 43.02 -12.16
CA PHE E 1026 -32.76 42.94 -11.41
C PHE E 1026 -32.97 43.31 -9.94
N CYS E 1027 -33.71 44.38 -9.69
CA CYS E 1027 -33.89 44.89 -8.34
C CYS E 1027 -35.35 44.75 -7.94
N GLY E 1028 -35.95 43.59 -8.17
CA GLY E 1028 -37.29 43.31 -7.74
C GLY E 1028 -38.29 43.36 -8.89
N LYS E 1029 -39.45 42.74 -8.67
CA LYS E 1029 -40.51 42.75 -9.67
C LYS E 1029 -41.17 44.11 -9.73
N GLY E 1030 -41.35 44.61 -10.95
CA GLY E 1030 -41.91 45.93 -11.16
C GLY E 1030 -40.83 46.96 -11.46
N TYR E 1031 -41.28 48.18 -11.73
CA TYR E 1031 -40.37 49.27 -12.02
C TYR E 1031 -39.69 49.73 -10.74
N HIS E 1032 -38.37 49.81 -10.76
CA HIS E 1032 -37.59 50.08 -9.56
C HIS E 1032 -37.68 51.53 -9.15
N LEU E 1033 -37.76 51.77 -7.84
CA LEU E 1033 -37.70 53.11 -7.27
C LEU E 1033 -36.45 53.32 -6.45
N MET E 1034 -36.25 52.53 -5.40
CA MET E 1034 -35.06 52.59 -4.56
C MET E 1034 -34.99 51.31 -3.74
N SER E 1035 -33.83 51.05 -3.15
CA SER E 1035 -33.61 49.87 -2.34
C SER E 1035 -32.94 50.27 -1.03
N PHE E 1036 -33.21 49.49 0.01
CA PHE E 1036 -32.65 49.74 1.33
C PHE E 1036 -31.89 48.51 1.81
N PRO E 1037 -30.58 48.61 2.02
CA PRO E 1037 -29.84 47.44 2.52
C PRO E 1037 -30.08 47.22 3.99
N GLN E 1038 -30.00 45.95 4.40
CA GLN E 1038 -30.05 45.58 5.80
C GLN E 1038 -28.98 44.53 6.04
N SER E 1039 -28.29 44.63 7.17
CA SER E 1039 -27.28 43.66 7.49
C SER E 1039 -27.91 42.36 7.98
N ALA E 1040 -27.14 41.29 7.93
CA ALA E 1040 -27.57 39.97 8.36
C ALA E 1040 -26.33 39.16 8.72
N PRO E 1041 -26.47 38.12 9.55
CA PRO E 1041 -25.31 37.27 9.83
C PRO E 1041 -24.82 36.52 8.59
N HIS E 1042 -23.59 36.85 8.18
CA HIS E 1042 -22.94 36.32 6.98
C HIS E 1042 -23.75 36.56 5.72
N GLY E 1043 -24.30 37.76 5.59
CA GLY E 1043 -25.07 38.08 4.40
C GLY E 1043 -25.59 39.49 4.44
N VAL E 1044 -26.31 39.86 3.39
CA VAL E 1044 -26.95 41.15 3.26
C VAL E 1044 -28.38 40.91 2.79
N VAL E 1045 -29.28 41.84 3.14
CA VAL E 1045 -30.69 41.72 2.84
C VAL E 1045 -31.17 43.06 2.29
N PHE E 1046 -31.83 43.03 1.14
CA PHE E 1046 -32.32 44.23 0.49
C PHE E 1046 -33.82 44.37 0.68
N LEU E 1047 -34.31 45.60 0.50
CA LEU E 1047 -35.74 45.91 0.53
C LEU E 1047 -36.04 46.72 -0.71
N HIS E 1048 -36.37 46.03 -1.79
CA HIS E 1048 -36.56 46.67 -3.09
C HIS E 1048 -37.93 47.34 -3.14
N VAL E 1049 -37.95 48.67 -3.02
CA VAL E 1049 -39.17 49.43 -3.20
C VAL E 1049 -39.42 49.61 -4.69
N THR E 1050 -40.50 49.01 -5.19
CA THR E 1050 -40.81 49.02 -6.61
C THR E 1050 -42.10 49.76 -6.87
N TYR E 1051 -42.58 49.69 -8.10
CA TYR E 1051 -43.78 50.39 -8.54
C TYR E 1051 -44.58 49.42 -9.41
N VAL E 1052 -45.68 48.91 -8.87
CA VAL E 1052 -46.50 47.92 -9.56
C VAL E 1052 -47.78 48.61 -10.02
N PRO E 1053 -48.02 48.71 -11.35
CA PRO E 1053 -49.28 49.23 -11.83
C PRO E 1053 -50.45 48.36 -11.37
N ALA E 1054 -51.64 48.92 -11.22
CA ALA E 1054 -52.82 48.17 -10.84
C ALA E 1054 -54.06 48.91 -11.33
N GLN E 1055 -55.18 48.17 -11.38
CA GLN E 1055 -56.49 48.64 -11.82
C GLN E 1055 -56.42 49.19 -13.25
N GLU E 1056 -56.09 48.31 -14.18
CA GLU E 1056 -55.97 48.68 -15.60
C GLU E 1056 -57.36 48.90 -16.17
N LYS E 1057 -57.49 49.80 -17.12
CA LYS E 1057 -58.74 50.12 -17.80
C LYS E 1057 -58.53 49.97 -19.30
N ASN E 1058 -59.45 49.28 -19.95
CA ASN E 1058 -59.37 49.07 -21.39
C ASN E 1058 -59.62 50.38 -22.14
N PHE E 1059 -59.00 50.50 -23.31
CA PHE E 1059 -59.10 51.72 -24.11
C PHE E 1059 -58.97 51.34 -25.58
N THR E 1060 -59.34 52.29 -26.44
CA THR E 1060 -59.17 52.16 -27.88
C THR E 1060 -58.16 53.19 -28.35
N THR E 1061 -57.10 52.74 -29.00
CA THR E 1061 -55.97 53.58 -29.34
C THR E 1061 -55.80 53.70 -30.85
N ALA E 1062 -54.98 54.67 -31.25
CA ALA E 1062 -54.63 54.91 -32.64
C ALA E 1062 -53.15 55.20 -32.74
N PRO E 1063 -52.51 54.84 -33.86
CA PRO E 1063 -51.09 55.19 -34.02
C PRO E 1063 -50.86 56.68 -34.20
N ALA E 1064 -51.68 57.34 -35.01
CA ALA E 1064 -51.51 58.77 -35.27
C ALA E 1064 -52.88 59.33 -35.65
N ILE E 1065 -52.95 60.66 -35.69
CA ILE E 1065 -54.14 61.36 -36.15
C ILE E 1065 -53.75 62.31 -37.27
N CYS E 1066 -54.70 62.59 -38.15
CA CYS E 1066 -54.50 63.51 -39.27
C CYS E 1066 -55.54 64.61 -39.19
N HIS E 1067 -55.09 65.85 -39.01
CA HIS E 1067 -56.01 66.97 -38.84
C HIS E 1067 -55.95 67.96 -39.99
N ASP E 1068 -54.81 68.57 -40.25
CA ASP E 1068 -54.65 69.48 -41.38
C ASP E 1068 -54.01 68.78 -42.57
N GLY E 1069 -54.52 67.61 -42.94
CA GLY E 1069 -53.97 66.86 -44.05
C GLY E 1069 -52.59 66.27 -43.80
N LYS E 1070 -52.17 66.21 -42.53
CA LYS E 1070 -50.85 65.72 -42.18
C LYS E 1070 -50.93 64.95 -40.87
N ALA E 1071 -50.05 63.97 -40.72
CA ALA E 1071 -50.09 63.09 -39.57
C ALA E 1071 -49.53 63.77 -38.33
N HIS E 1072 -50.06 63.38 -37.16
CA HIS E 1072 -49.60 63.87 -35.88
C HIS E 1072 -49.26 62.69 -34.99
N PHE E 1073 -48.02 62.61 -34.55
CA PHE E 1073 -47.55 61.56 -33.65
C PHE E 1073 -47.34 62.14 -32.26
N PRO E 1074 -47.62 61.37 -31.20
CA PRO E 1074 -47.41 61.89 -29.84
C PRO E 1074 -45.93 62.04 -29.54
N ARG E 1075 -45.61 63.08 -28.77
CA ARG E 1075 -44.20 63.31 -28.42
C ARG E 1075 -43.75 62.35 -27.34
N GLU E 1076 -44.36 62.43 -26.16
CA GLU E 1076 -44.11 61.50 -25.05
C GLU E 1076 -45.48 61.03 -24.56
N GLY E 1077 -46.02 59.99 -25.19
CA GLY E 1077 -47.30 59.48 -24.77
C GLY E 1077 -47.96 58.65 -25.86
N VAL E 1078 -49.24 58.38 -25.64
CA VAL E 1078 -50.04 57.51 -26.51
C VAL E 1078 -51.43 58.12 -26.67
N PHE E 1079 -51.94 58.08 -27.90
CA PHE E 1079 -53.30 58.53 -28.17
C PHE E 1079 -54.29 57.46 -27.72
N VAL E 1080 -55.28 57.85 -26.92
CA VAL E 1080 -56.34 56.94 -26.48
C VAL E 1080 -57.67 57.61 -26.73
N SER E 1081 -58.72 56.78 -26.76
CA SER E 1081 -60.09 57.25 -26.87
C SER E 1081 -60.95 56.55 -25.83
N ASN E 1082 -61.82 57.30 -25.17
CA ASN E 1082 -62.77 56.73 -24.23
C ASN E 1082 -64.09 56.35 -24.90
N GLY E 1083 -64.11 56.30 -26.22
CA GLY E 1083 -65.32 56.00 -26.96
C GLY E 1083 -65.78 57.17 -27.81
N THR E 1084 -65.66 58.39 -27.26
CA THR E 1084 -66.14 59.59 -27.91
C THR E 1084 -65.01 60.51 -28.34
N HIS E 1085 -64.17 60.93 -27.40
CA HIS E 1085 -63.13 61.92 -27.66
C HIS E 1085 -61.75 61.27 -27.60
N TRP E 1086 -60.77 61.95 -28.18
CA TRP E 1086 -59.41 61.46 -28.25
C TRP E 1086 -58.52 62.23 -27.29
N PHE E 1087 -57.73 61.51 -26.51
CA PHE E 1087 -56.85 62.11 -25.52
C PHE E 1087 -55.46 61.51 -25.63
N VAL E 1088 -54.47 62.28 -25.19
CA VAL E 1088 -53.09 61.83 -25.10
C VAL E 1088 -52.75 61.66 -23.62
N THR E 1089 -52.06 60.57 -23.29
CA THR E 1089 -51.82 60.22 -21.90
C THR E 1089 -50.46 59.57 -21.77
N GLN E 1090 -50.01 59.43 -20.53
CA GLN E 1090 -48.77 58.72 -20.26
C GLN E 1090 -48.96 57.23 -20.53
N ARG E 1091 -47.85 56.55 -20.80
CA ARG E 1091 -47.92 55.12 -21.12
C ARG E 1091 -48.24 54.28 -19.89
N ASN E 1092 -47.69 54.67 -18.73
CA ASN E 1092 -47.78 53.87 -17.53
C ASN E 1092 -48.78 54.41 -16.51
N PHE E 1093 -49.46 55.52 -16.81
CA PHE E 1093 -50.48 56.05 -15.93
C PHE E 1093 -51.50 56.80 -16.77
N TYR E 1094 -52.74 56.79 -16.30
CA TYR E 1094 -53.85 57.39 -17.04
C TYR E 1094 -54.10 58.80 -16.51
N GLU E 1095 -53.70 59.79 -17.30
CA GLU E 1095 -54.19 61.16 -17.16
C GLU E 1095 -54.48 61.68 -18.57
N PRO E 1096 -55.76 61.85 -18.90
CA PRO E 1096 -56.09 62.31 -20.25
C PRO E 1096 -55.81 63.79 -20.41
N GLN E 1097 -55.26 64.14 -21.58
CA GLN E 1097 -54.94 65.52 -21.91
C GLN E 1097 -55.56 65.87 -23.25
N ILE E 1098 -55.87 67.15 -23.42
CA ILE E 1098 -56.40 67.65 -24.67
C ILE E 1098 -55.31 67.60 -25.73
N ILE E 1099 -55.64 67.09 -26.91
CA ILE E 1099 -54.67 67.00 -28.00
C ILE E 1099 -54.27 68.39 -28.43
N THR E 1100 -52.99 68.71 -28.26
CA THR E 1100 -52.49 70.06 -28.46
C THR E 1100 -51.21 69.94 -29.29
N THR E 1101 -50.94 70.97 -30.12
CA THR E 1101 -49.88 70.86 -31.10
C THR E 1101 -48.48 70.92 -30.50
N ASP E 1102 -48.34 71.24 -29.21
CA ASP E 1102 -47.06 71.07 -28.56
C ASP E 1102 -46.91 69.69 -27.94
N ASN E 1103 -48.03 69.01 -27.65
CA ASN E 1103 -47.98 67.64 -27.18
C ASN E 1103 -47.65 66.67 -28.30
N THR E 1104 -47.87 67.06 -29.56
CA THR E 1104 -47.64 66.20 -30.70
C THR E 1104 -46.59 66.83 -31.61
N PHE E 1105 -46.02 65.99 -32.48
CA PHE E 1105 -45.11 66.44 -33.53
C PHE E 1105 -45.54 65.81 -34.84
N VAL E 1106 -45.33 66.54 -35.94
CA VAL E 1106 -45.84 66.13 -37.24
C VAL E 1106 -44.72 65.56 -38.08
N SER E 1107 -45.09 64.71 -39.04
CA SER E 1107 -44.13 64.16 -40.00
C SER E 1107 -44.89 63.73 -41.25
N GLY E 1108 -44.81 64.55 -42.30
CA GLY E 1108 -45.34 64.17 -43.60
C GLY E 1108 -46.86 64.15 -43.66
N ASN E 1109 -47.35 63.65 -44.80
CA ASN E 1109 -48.79 63.55 -45.03
C ASN E 1109 -49.36 62.34 -44.30
N CYS E 1110 -50.68 62.30 -44.23
CA CYS E 1110 -51.40 61.22 -43.53
C CYS E 1110 -51.93 60.17 -44.51
N ASP E 1111 -51.17 59.88 -45.56
CA ASP E 1111 -51.53 58.85 -46.53
C ASP E 1111 -50.62 57.63 -46.46
N VAL E 1112 -49.77 57.54 -45.44
CA VAL E 1112 -48.79 56.46 -45.36
C VAL E 1112 -48.91 55.64 -44.07
N VAL E 1113 -49.47 56.18 -43.00
CA VAL E 1113 -49.60 55.44 -41.75
C VAL E 1113 -50.82 54.53 -41.84
N ILE E 1114 -50.64 53.26 -41.52
CA ILE E 1114 -51.71 52.28 -41.54
C ILE E 1114 -52.44 52.36 -40.21
N GLY E 1115 -53.74 52.66 -40.26
CA GLY E 1115 -54.54 52.76 -39.06
C GLY E 1115 -54.71 54.16 -38.50
N ILE E 1116 -54.34 55.19 -39.26
CA ILE E 1116 -54.47 56.56 -38.78
C ILE E 1116 -55.94 56.96 -38.76
N VAL E 1117 -56.35 57.68 -37.72
CA VAL E 1117 -57.74 58.09 -37.55
C VAL E 1117 -57.83 59.60 -37.73
N ASN E 1118 -59.07 60.10 -37.75
CA ASN E 1118 -59.36 61.51 -37.97
C ASN E 1118 -59.72 62.16 -36.65
N ASN E 1119 -59.07 63.28 -36.34
CA ASN E 1119 -59.41 64.10 -35.18
C ASN E 1119 -58.91 65.51 -35.43
N THR E 1120 -59.20 66.39 -34.49
CA THR E 1120 -58.85 67.81 -34.58
C THR E 1120 -57.77 68.12 -33.57
N VAL E 1121 -56.68 68.73 -34.04
CA VAL E 1121 -55.58 69.14 -33.18
C VAL E 1121 -55.84 70.57 -32.71
N TYR E 1122 -55.93 70.76 -31.40
CA TYR E 1122 -56.23 72.06 -30.84
C TYR E 1122 -54.96 72.88 -30.76
N ASP E 1123 -54.85 73.89 -31.62
CA ASP E 1123 -53.74 74.84 -31.53
C ASP E 1123 -54.00 75.81 -30.39
N PRO E 1124 -53.06 75.98 -29.45
CA PRO E 1124 -53.32 76.86 -28.31
C PRO E 1124 -53.06 78.33 -28.61
N LEU E 1125 -52.26 78.66 -29.62
CA LEU E 1125 -51.98 80.06 -29.93
C LEU E 1125 -53.16 80.73 -30.62
N GLN E 1126 -53.98 79.96 -31.33
CA GLN E 1126 -55.10 80.52 -32.08
C GLN E 1126 -56.20 81.17 -31.23
N PRO E 1127 -56.78 80.53 -30.18
CA PRO E 1127 -57.92 81.21 -29.50
C PRO E 1127 -57.52 82.41 -28.68
N GLU E 1128 -56.26 82.49 -28.25
CA GLU E 1128 -55.75 83.75 -27.69
C GLU E 1128 -55.64 84.80 -28.79
N LEU E 1129 -55.22 84.38 -29.98
CA LEU E 1129 -55.10 85.31 -31.10
C LEU E 1129 -56.47 85.64 -31.69
N ASP E 1130 -57.35 84.64 -31.84
CA ASP E 1130 -58.61 84.86 -32.56
C ASP E 1130 -59.59 85.67 -31.73
N SER E 1131 -59.52 85.55 -30.40
CA SER E 1131 -60.28 86.47 -29.56
C SER E 1131 -59.71 87.88 -29.63
N PHE E 1132 -58.39 87.99 -29.85
CA PHE E 1132 -57.79 89.30 -30.06
C PHE E 1132 -58.08 89.83 -31.45
N LYS E 1133 -58.31 88.94 -32.42
CA LYS E 1133 -58.82 89.37 -33.73
C LYS E 1133 -60.21 89.97 -33.60
N GLU E 1134 -61.03 89.42 -32.69
CA GLU E 1134 -62.37 89.95 -32.48
C GLU E 1134 -62.33 91.35 -31.87
N GLU E 1135 -61.37 91.61 -30.98
CA GLU E 1135 -61.18 92.96 -30.46
C GLU E 1135 -60.57 93.86 -31.52
N LEU E 1136 -59.68 93.33 -32.36
CA LEU E 1136 -59.07 94.13 -33.42
C LEU E 1136 -60.07 94.47 -34.51
N ASP E 1137 -60.93 93.51 -34.87
CA ASP E 1137 -61.97 93.78 -35.87
C ASP E 1137 -63.02 94.74 -35.32
N LYS E 1138 -63.29 94.66 -34.01
CA LYS E 1138 -64.11 95.67 -33.36
C LYS E 1138 -63.40 97.03 -33.37
N TYR E 1139 -62.08 97.02 -33.14
CA TYR E 1139 -61.31 98.26 -33.24
C TYR E 1139 -61.25 98.76 -34.69
N PHE E 1140 -61.17 97.84 -35.65
CA PHE E 1140 -61.21 98.23 -37.05
C PHE E 1140 -62.60 98.69 -37.46
N LYS E 1141 -63.64 98.12 -36.84
CA LYS E 1141 -64.98 98.68 -36.99
C LYS E 1141 -65.06 100.03 -36.30
N ASN E 1142 -64.37 100.20 -35.17
CA ASN E 1142 -64.25 101.50 -34.52
C ASN E 1142 -63.36 102.44 -35.32
N HIS E 1143 -62.38 101.89 -36.06
CA HIS E 1143 -61.53 102.72 -36.91
C HIS E 1143 -62.32 103.29 -38.08
N THR E 1144 -63.24 102.50 -38.63
CA THR E 1144 -64.06 102.93 -39.76
C THR E 1144 -65.42 103.47 -39.34
N SER E 1145 -65.69 103.56 -38.04
CA SER E 1145 -66.96 104.13 -37.59
C SER E 1145 -67.13 105.63 -37.89
N PRO E 1146 -66.12 106.53 -37.71
CA PRO E 1146 -66.51 107.87 -38.11
C PRO E 1146 -66.21 108.14 -39.60
N VAL F 1 79.43 -39.96 0.94
CA VAL F 1 79.62 -40.70 2.18
C VAL F 1 79.30 -42.19 1.95
N GLN F 2 80.18 -43.06 2.45
CA GLN F 2 79.97 -44.50 2.34
C GLN F 2 80.53 -45.18 3.57
N LEU F 3 79.76 -46.08 4.16
CA LEU F 3 80.14 -46.77 5.39
C LEU F 3 80.69 -48.15 5.09
N VAL F 4 81.84 -48.46 5.71
CA VAL F 4 82.45 -49.78 5.63
C VAL F 4 82.54 -50.32 7.05
N GLN F 5 81.95 -51.50 7.28
CA GLN F 5 81.95 -52.10 8.60
C GLN F 5 83.09 -53.08 8.74
N SER F 6 83.43 -53.40 10.00
CA SER F 6 84.55 -54.26 10.30
C SER F 6 84.21 -55.72 9.99
N GLY F 7 85.24 -56.55 9.99
CA GLY F 7 85.10 -57.96 9.66
C GLY F 7 84.55 -58.78 10.81
N ALA F 8 84.57 -60.09 10.63
CA ALA F 8 84.06 -61.00 11.63
C ALA F 8 85.00 -61.07 12.84
N GLU F 9 84.40 -61.34 14.00
CA GLU F 9 85.12 -61.44 15.26
C GLU F 9 85.17 -62.91 15.69
N VAL F 10 85.74 -63.14 16.88
CA VAL F 10 85.87 -64.49 17.40
C VAL F 10 84.53 -64.93 17.99
N LYS F 11 84.08 -66.13 17.62
CA LYS F 11 82.82 -66.67 18.12
C LYS F 11 82.97 -67.25 19.52
N LYS F 12 84.19 -67.55 19.95
CA LYS F 12 84.41 -68.16 21.25
C LYS F 12 84.18 -67.14 22.35
N PRO F 13 83.40 -67.47 23.40
CA PRO F 13 83.18 -66.52 24.49
C PRO F 13 84.37 -66.38 25.42
N GLY F 14 84.19 -65.61 26.49
CA GLY F 14 85.26 -65.34 27.43
C GLY F 14 86.08 -64.10 27.12
N SER F 15 85.75 -63.38 26.06
CA SER F 15 86.45 -62.15 25.70
C SER F 15 85.40 -61.13 25.24
N SER F 16 85.86 -60.06 24.59
CA SER F 16 85.00 -58.99 24.13
C SER F 16 84.82 -59.06 22.62
N VAL F 17 83.79 -58.36 22.14
CA VAL F 17 83.50 -58.25 20.71
C VAL F 17 83.60 -56.77 20.32
N LYS F 18 84.31 -56.51 19.23
CA LYS F 18 84.56 -55.15 18.75
C LYS F 18 84.01 -55.01 17.34
N VAL F 19 83.21 -53.97 17.12
CA VAL F 19 82.71 -53.64 15.80
C VAL F 19 83.17 -52.22 15.44
N SER F 20 83.69 -52.07 14.23
CA SER F 20 84.24 -50.82 13.75
C SER F 20 83.56 -50.41 12.45
N CYS F 21 83.33 -49.11 12.29
CA CYS F 21 82.70 -48.61 11.09
C CYS F 21 83.37 -47.32 10.65
N LYS F 22 83.71 -47.25 9.36
CA LYS F 22 84.45 -46.13 8.79
C LYS F 22 83.56 -45.44 7.76
N ALA F 23 83.38 -44.12 7.92
CA ALA F 23 82.57 -43.32 7.00
C ALA F 23 83.52 -42.59 6.06
N SER F 24 83.83 -43.25 4.95
CA SER F 24 84.71 -42.66 3.93
C SER F 24 83.93 -41.62 3.16
N GLY F 25 84.44 -40.38 3.15
CA GLY F 25 83.76 -39.27 2.51
C GLY F 25 82.71 -38.65 3.40
N GLY F 26 82.62 -37.32 3.39
CA GLY F 26 81.62 -36.62 4.18
C GLY F 26 81.79 -36.74 5.67
N THR F 27 83.03 -36.68 6.16
CA THR F 27 83.31 -36.80 7.58
C THR F 27 82.91 -35.51 8.27
N PHE F 28 81.68 -35.47 8.79
CA PHE F 28 81.12 -34.29 9.44
C PHE F 28 80.79 -34.63 10.89
N SER F 29 81.11 -33.71 11.79
CA SER F 29 80.84 -33.89 13.20
C SER F 29 79.34 -33.72 13.49
N ASN F 30 78.94 -34.18 14.67
CA ASN F 30 77.62 -34.11 15.31
C ASN F 30 76.59 -35.03 14.63
N TYR F 31 76.93 -35.65 13.51
CA TYR F 31 76.10 -36.71 12.94
C TYR F 31 76.20 -37.95 13.80
N ALA F 32 75.06 -38.43 14.28
CA ALA F 32 75.03 -39.64 15.09
C ALA F 32 75.32 -40.86 14.23
N LEU F 33 75.99 -41.84 14.82
CA LEU F 33 76.24 -43.12 14.16
C LEU F 33 75.53 -44.19 14.99
N SER F 34 74.46 -44.74 14.43
CA SER F 34 73.66 -45.74 15.12
C SER F 34 74.12 -47.13 14.75
N TRP F 35 74.02 -48.04 15.72
CA TRP F 35 74.39 -49.45 15.55
C TRP F 35 73.13 -50.30 15.72
N VAL F 36 72.94 -51.27 14.83
CA VAL F 36 71.76 -52.13 14.86
C VAL F 36 72.23 -53.59 14.79
N ARG F 37 71.47 -54.47 15.44
CA ARG F 37 71.77 -55.88 15.54
C ARG F 37 70.67 -56.69 14.87
N GLN F 38 71.04 -57.55 13.93
CA GLN F 38 70.11 -58.35 13.17
C GLN F 38 70.38 -59.84 13.41
N ALA F 39 69.32 -60.60 13.63
CA ALA F 39 69.40 -62.03 13.91
C ALA F 39 68.61 -62.81 12.86
N PRO F 40 68.98 -64.07 12.61
CA PRO F 40 68.14 -64.91 11.75
C PRO F 40 66.78 -65.21 12.34
N GLY F 41 66.70 -65.38 13.66
CA GLY F 41 65.44 -65.67 14.33
C GLY F 41 64.82 -64.51 15.09
N GLN F 42 65.28 -63.29 14.88
CA GLN F 42 64.77 -62.13 15.60
C GLN F 42 64.93 -60.90 14.71
N GLY F 43 63.99 -59.97 14.82
CA GLY F 43 64.07 -58.75 14.05
C GLY F 43 65.15 -57.81 14.57
N LEU F 44 65.44 -56.78 13.77
CA LEU F 44 66.47 -55.83 14.15
C LEU F 44 66.00 -54.96 15.32
N GLU F 45 66.96 -54.56 16.15
CA GLU F 45 66.67 -53.74 17.33
C GLU F 45 67.78 -52.73 17.52
N TRP F 46 67.40 -51.59 18.09
CA TRP F 46 68.31 -50.46 18.27
C TRP F 46 69.08 -50.60 19.58
N MET F 47 70.36 -50.23 19.54
CA MET F 47 71.17 -50.14 20.75
C MET F 47 71.61 -48.71 21.06
N GLY F 48 72.30 -48.05 20.14
CA GLY F 48 72.80 -46.72 20.46
C GLY F 48 73.31 -46.00 19.24
N GLY F 49 73.29 -44.66 19.34
CA GLY F 49 73.86 -43.77 18.36
C GLY F 49 74.84 -42.80 19.00
N ILE F 50 76.05 -42.75 18.46
CA ILE F 50 77.14 -41.97 19.05
C ILE F 50 77.23 -40.61 18.37
N ILE F 51 77.32 -39.55 19.18
CA ILE F 51 77.51 -38.20 18.71
C ILE F 51 78.92 -37.77 19.10
N PRO F 52 79.76 -37.32 18.16
CA PRO F 52 81.18 -37.12 18.48
C PRO F 52 81.48 -35.90 19.34
N ILE F 53 80.90 -34.75 19.04
CA ILE F 53 81.35 -33.49 19.63
C ILE F 53 80.47 -33.05 20.80
N PHE F 54 79.17 -33.37 20.77
CA PHE F 54 78.32 -33.01 21.91
C PHE F 54 78.61 -33.89 23.12
N GLY F 55 79.02 -35.14 22.88
CA GLY F 55 79.36 -36.04 23.96
C GLY F 55 78.21 -36.86 24.49
N THR F 56 76.99 -36.62 24.04
CA THR F 56 75.86 -37.43 24.48
C THR F 56 75.92 -38.81 23.84
N THR F 57 75.77 -39.84 24.67
CA THR F 57 75.97 -41.22 24.26
C THR F 57 74.82 -42.06 24.84
N ASN F 58 73.59 -41.64 24.54
CA ASN F 58 72.41 -42.29 25.10
C ASN F 58 72.26 -43.71 24.56
N TYR F 59 72.00 -44.65 25.48
CA TYR F 59 71.88 -46.07 25.20
C TYR F 59 70.42 -46.51 25.28
N ALA F 60 70.21 -47.81 25.16
CA ALA F 60 68.90 -48.42 25.35
C ALA F 60 68.98 -49.44 26.49
N GLN F 61 67.85 -50.06 26.78
CA GLN F 61 67.69 -50.95 27.92
C GLN F 61 68.35 -52.31 27.65
N LYS F 62 68.74 -52.98 28.74
CA LYS F 62 69.18 -54.38 28.88
C LYS F 62 70.61 -54.63 28.45
N PHE F 63 71.43 -53.60 28.21
CA PHE F 63 72.84 -53.81 27.96
C PHE F 63 73.71 -52.73 28.61
N GLN F 64 73.15 -51.96 29.55
CA GLN F 64 73.86 -50.83 30.12
C GLN F 64 75.01 -51.28 31.03
N GLY F 65 76.12 -50.57 30.95
CA GLY F 65 77.32 -50.92 31.68
C GLY F 65 78.20 -51.95 31.01
N ARG F 66 77.82 -52.44 29.83
CA ARG F 66 78.57 -53.45 29.12
C ARG F 66 79.12 -52.98 27.78
N VAL F 67 78.80 -51.75 27.35
CA VAL F 67 79.19 -51.23 26.05
C VAL F 67 80.07 -50.00 26.24
N THR F 68 81.09 -49.89 25.41
CA THR F 68 81.93 -48.70 25.35
C THR F 68 82.03 -48.26 23.90
N ILE F 69 81.56 -47.05 23.61
CA ILE F 69 81.49 -46.53 22.25
C ILE F 69 82.42 -45.32 22.15
N THR F 70 83.29 -45.33 21.15
CA THR F 70 84.19 -44.20 20.91
C THR F 70 84.18 -43.85 19.43
N ALA F 71 84.52 -42.59 19.16
CA ALA F 71 84.57 -42.09 17.79
C ALA F 71 85.54 -40.91 17.73
N ASP F 72 86.15 -40.72 16.57
CA ASP F 72 87.00 -39.57 16.34
C ASP F 72 86.13 -38.31 16.22
N GLU F 73 86.74 -37.16 16.53
CA GLU F 73 86.02 -35.89 16.49
C GLU F 73 85.55 -35.54 15.08
N SER F 74 86.39 -35.79 14.09
CA SER F 74 86.01 -35.60 12.69
C SER F 74 85.49 -36.89 12.06
N THR F 75 84.55 -37.53 12.77
CA THR F 75 83.88 -38.79 12.39
C THR F 75 84.89 -39.89 12.10
N SER F 76 85.25 -40.07 10.82
CA SER F 76 86.17 -41.07 10.30
C SER F 76 85.79 -42.48 10.74
N THR F 77 86.44 -42.98 11.80
CA THR F 77 86.18 -44.32 12.31
C THR F 77 85.42 -44.25 13.63
N ALA F 78 84.65 -45.30 13.90
CA ALA F 78 83.94 -45.44 15.16
C ALA F 78 84.05 -46.88 15.65
N TYR F 79 84.25 -47.05 16.94
CA TYR F 79 84.44 -48.35 17.55
C TYR F 79 83.42 -48.58 18.66
N MET F 80 82.95 -49.83 18.76
CA MET F 80 82.08 -50.26 19.84
C MET F 80 82.64 -51.56 20.40
N GLU F 81 82.89 -51.58 21.71
CA GLU F 81 83.38 -52.74 22.42
C GLU F 81 82.33 -53.22 23.40
N LEU F 82 81.99 -54.51 23.32
CA LEU F 82 80.99 -55.10 24.20
C LEU F 82 81.59 -56.32 24.87
N SER F 83 81.52 -56.38 26.20
CA SER F 83 82.06 -57.47 26.97
C SER F 83 80.94 -58.43 27.37
N SER F 84 81.27 -59.40 28.22
CA SER F 84 80.36 -60.43 28.76
C SER F 84 79.69 -61.23 27.64
N LEU F 85 80.53 -61.97 26.90
CA LEU F 85 80.04 -62.82 25.83
C LEU F 85 79.28 -64.00 26.40
N ARG F 86 78.15 -64.32 25.77
CA ARG F 86 77.30 -65.43 26.22
C ARG F 86 76.91 -66.33 25.04
N SER F 87 76.01 -67.28 25.29
CA SER F 87 75.63 -68.27 24.29
C SER F 87 74.55 -67.77 23.35
N GLU F 88 74.01 -66.57 23.57
CA GLU F 88 72.95 -66.02 22.72
C GLU F 88 73.41 -64.76 22.00
N ASP F 89 74.71 -64.68 21.69
CA ASP F 89 75.28 -63.50 21.04
C ASP F 89 75.58 -63.75 19.56
N THR F 90 74.88 -64.68 18.93
CA THR F 90 75.04 -64.93 17.50
C THR F 90 74.10 -64.03 16.70
N ALA F 91 74.68 -63.11 15.95
CA ALA F 91 73.95 -62.09 15.19
C ALA F 91 74.90 -61.47 14.19
N VAL F 92 74.43 -60.42 13.52
CA VAL F 92 75.25 -59.61 12.63
C VAL F 92 75.00 -58.14 12.99
N TYR F 93 76.06 -57.33 12.93
CA TYR F 93 75.99 -55.94 13.33
C TYR F 93 76.09 -55.04 12.10
N TYR F 94 75.17 -54.09 11.98
CA TYR F 94 75.21 -53.09 10.93
C TYR F 94 75.30 -51.71 11.57
N CYS F 95 75.82 -50.75 10.81
CA CYS F 95 75.95 -49.38 11.28
C CYS F 95 75.40 -48.43 10.22
N ALA F 96 74.73 -47.37 10.67
CA ALA F 96 74.20 -46.36 9.78
C ALA F 96 74.37 -44.99 10.42
N ARG F 97 74.79 -44.01 9.62
CA ARG F 97 74.95 -42.66 10.16
C ARG F 97 73.59 -42.06 10.45
N LEU F 98 73.21 -42.07 11.73
CA LEU F 98 71.88 -41.64 12.14
C LEU F 98 71.75 -40.12 11.99
N ASP F 99 70.67 -39.70 11.34
CA ASP F 99 70.51 -38.30 10.95
C ASP F 99 69.91 -37.53 12.12
N GLY F 100 70.73 -36.73 12.79
CA GLY F 100 70.28 -35.91 13.88
C GLY F 100 70.46 -34.44 13.62
N TYR F 101 70.44 -33.62 14.67
CA TYR F 101 70.62 -32.19 14.52
C TYR F 101 72.07 -31.85 14.22
N SER F 102 72.29 -30.91 13.31
CA SER F 102 73.61 -30.38 13.00
C SER F 102 73.67 -28.95 13.52
N PHE F 103 74.65 -28.66 14.38
CA PHE F 103 74.75 -27.34 14.96
C PHE F 103 75.57 -26.37 14.11
N GLY F 104 76.50 -26.90 13.29
CA GLY F 104 77.38 -26.03 12.53
C GLY F 104 76.69 -25.26 11.43
N HIS F 105 75.71 -25.90 10.76
CA HIS F 105 75.04 -25.26 9.65
C HIS F 105 73.52 -25.38 9.66
N ASP F 106 72.95 -26.21 10.54
CA ASP F 106 71.50 -26.49 10.61
C ASP F 106 70.95 -27.02 9.28
N ARG F 107 71.77 -27.74 8.52
CA ARG F 107 71.51 -27.91 7.10
C ARG F 107 70.43 -28.96 6.82
N TYR F 108 70.63 -30.19 7.25
CA TYR F 108 69.76 -31.30 6.87
C TYR F 108 69.16 -31.91 8.13
N TYR F 109 67.82 -32.02 8.16
CA TYR F 109 67.21 -32.74 9.27
C TYR F 109 67.37 -34.25 9.10
N GLN F 110 67.23 -34.75 7.87
CA GLN F 110 67.37 -36.19 7.59
C GLN F 110 67.69 -36.31 6.10
N ASP F 111 68.95 -36.59 5.77
CA ASP F 111 69.38 -36.56 4.37
C ASP F 111 68.88 -37.76 3.59
N GLY F 112 68.60 -38.87 4.26
CA GLY F 112 68.26 -40.11 3.58
C GLY F 112 69.27 -41.18 3.92
N MET F 113 68.80 -42.30 4.47
CA MET F 113 69.70 -43.34 4.97
C MET F 113 70.20 -44.15 3.78
N ASP F 114 71.31 -43.70 3.20
CA ASP F 114 71.91 -44.35 2.04
C ASP F 114 73.16 -45.14 2.37
N ASP F 115 73.88 -44.79 3.43
CA ASP F 115 75.10 -45.47 3.81
C ASP F 115 74.82 -46.52 4.89
N TRP F 116 75.43 -47.69 4.74
CA TRP F 116 75.19 -48.81 5.63
C TRP F 116 76.41 -49.71 5.64
N GLY F 117 76.43 -50.64 6.59
CA GLY F 117 77.43 -51.68 6.62
C GLY F 117 77.26 -52.63 5.45
N PRO F 118 78.36 -52.91 4.74
CA PRO F 118 78.30 -53.87 3.61
C PRO F 118 77.92 -55.29 4.03
N GLY F 119 78.31 -55.71 5.23
CA GLY F 119 77.98 -57.05 5.70
C GLY F 119 79.17 -57.98 5.75
N THR F 120 79.57 -58.38 6.95
CA THR F 120 80.70 -59.28 7.13
C THR F 120 80.30 -60.48 7.99
N ASP G 1 62.38 -50.51 30.02
CA ASP G 1 61.75 -49.57 29.10
C ASP G 1 60.34 -50.04 28.72
N ILE G 2 59.90 -49.66 27.52
CA ILE G 2 58.60 -50.03 26.99
C ILE G 2 58.79 -50.68 25.62
N GLN G 3 57.78 -51.44 25.21
CA GLN G 3 57.77 -52.09 23.91
C GLN G 3 56.64 -51.51 23.07
N MET G 4 56.97 -51.10 21.85
CA MET G 4 55.99 -50.62 20.88
C MET G 4 55.59 -51.83 20.03
N THR G 5 54.42 -52.39 20.35
CA THR G 5 53.97 -53.64 19.76
C THR G 5 53.44 -53.43 18.35
N GLN G 6 53.17 -54.54 17.67
CA GLN G 6 52.69 -54.54 16.30
C GLN G 6 51.78 -55.72 16.05
N SER G 7 51.04 -55.65 14.94
CA SER G 7 50.32 -56.79 14.43
C SER G 7 51.32 -57.81 13.85
N PRO G 8 50.94 -59.10 13.81
CA PRO G 8 51.83 -60.10 13.22
C PRO G 8 52.06 -59.87 11.73
N SER G 9 53.24 -60.27 11.26
CA SER G 9 53.70 -59.98 9.91
C SER G 9 53.39 -61.10 8.92
N SER G 10 52.33 -61.87 9.15
CA SER G 10 51.93 -62.94 8.22
C SER G 10 50.98 -62.39 7.15
N LEU G 11 51.52 -61.47 6.34
CA LEU G 11 50.77 -60.81 5.30
C LEU G 11 51.25 -61.31 3.94
N SER G 12 50.30 -61.68 3.08
CA SER G 12 50.62 -62.19 1.75
C SER G 12 49.46 -61.89 0.81
N ALA G 13 49.79 -61.57 -0.44
CA ALA G 13 48.78 -61.23 -1.43
C ALA G 13 49.30 -61.60 -2.81
N SER G 14 48.36 -61.71 -3.76
CA SER G 14 48.71 -62.01 -5.14
C SER G 14 49.05 -60.73 -5.88
N VAL G 15 49.48 -60.88 -7.14
CA VAL G 15 49.86 -59.74 -7.96
C VAL G 15 48.59 -59.05 -8.46
N GLY G 16 48.49 -57.75 -8.20
CA GLY G 16 47.32 -56.98 -8.57
C GLY G 16 46.37 -56.66 -7.44
N ASP G 17 46.71 -57.00 -6.20
CA ASP G 17 45.88 -56.75 -5.04
C ASP G 17 46.49 -55.63 -4.20
N ARG G 18 45.88 -55.37 -3.04
CA ARG G 18 46.33 -54.35 -2.12
C ARG G 18 46.85 -54.99 -0.84
N VAL G 19 48.10 -54.70 -0.50
CA VAL G 19 48.71 -55.18 0.74
C VAL G 19 48.41 -54.15 1.82
N THR G 20 48.21 -54.63 3.05
CA THR G 20 47.77 -53.80 4.17
C THR G 20 48.72 -54.02 5.35
N ILE G 21 50.01 -53.77 5.12
CA ILE G 21 51.01 -53.96 6.17
C ILE G 21 50.78 -52.95 7.27
N THR G 22 50.62 -53.42 8.51
CA THR G 22 50.16 -52.61 9.62
C THR G 22 51.27 -52.44 10.65
N CYS G 23 51.56 -51.18 10.99
CA CYS G 23 52.40 -50.81 12.12
C CYS G 23 51.56 -49.97 13.06
N ARG G 24 51.37 -50.46 14.29
CA ARG G 24 50.55 -49.77 15.26
C ARG G 24 51.36 -48.69 15.99
N ALA G 25 50.72 -48.00 16.93
CA ALA G 25 51.37 -46.97 17.72
C ALA G 25 50.59 -46.76 19.00
N SER G 26 51.29 -46.70 20.14
CA SER G 26 50.68 -46.31 21.39
C SER G 26 50.79 -44.81 21.68
N GLN G 27 51.58 -44.09 20.89
CA GLN G 27 51.72 -42.65 21.03
C GLN G 27 51.65 -42.03 19.63
N ALA G 28 51.99 -40.75 19.54
CA ALA G 28 51.99 -40.03 18.27
C ALA G 28 53.24 -39.18 18.18
N ILE G 29 53.96 -39.31 17.06
CA ILE G 29 55.14 -38.50 16.78
C ILE G 29 55.06 -38.07 15.31
N ARG G 30 55.76 -36.99 14.98
CA ARG G 30 55.62 -36.34 13.68
C ARG G 30 56.88 -36.41 12.83
N ASN G 31 58.02 -35.97 13.37
CA ASN G 31 59.24 -35.85 12.58
C ASN G 31 60.08 -37.13 12.58
N ASP G 32 59.63 -38.19 13.23
CA ASP G 32 60.36 -39.44 13.33
C ASP G 32 59.82 -40.48 12.36
N LEU G 33 58.96 -40.08 11.41
CA LEU G 33 58.37 -41.01 10.46
C LEU G 33 59.40 -41.51 9.46
N GLY G 34 59.35 -42.81 9.17
CA GLY G 34 60.26 -43.43 8.23
C GLY G 34 60.29 -44.95 8.37
N TRP G 35 60.41 -45.65 7.25
CA TRP G 35 60.43 -47.10 7.23
C TRP G 35 61.73 -47.60 6.61
N TYR G 36 62.14 -48.79 7.04
CA TYR G 36 63.32 -49.46 6.50
C TYR G 36 62.91 -50.80 5.91
N GLN G 37 63.67 -51.25 4.91
CA GLN G 37 63.46 -52.55 4.29
C GLN G 37 64.77 -53.33 4.29
N GLN G 38 64.68 -54.66 4.34
CA GLN G 38 65.87 -55.50 4.46
C GLN G 38 65.61 -56.83 3.78
N LYS G 39 66.30 -57.08 2.67
CA LYS G 39 66.36 -58.40 2.09
C LYS G 39 67.41 -59.23 2.82
N PRO G 40 67.26 -60.56 2.88
CA PRO G 40 68.25 -61.40 3.58
C PRO G 40 69.61 -61.42 2.90
N GLY G 41 70.63 -60.93 3.61
CA GLY G 41 71.99 -60.93 3.12
C GLY G 41 72.51 -59.58 2.63
N LYS G 42 71.63 -58.61 2.40
CA LYS G 42 72.03 -57.31 1.89
C LYS G 42 71.90 -56.23 2.96
N ALA G 43 72.42 -55.04 2.64
CA ALA G 43 72.34 -53.87 3.50
C ALA G 43 70.90 -53.35 3.56
N PRO G 44 70.51 -52.73 4.68
CA PRO G 44 69.17 -52.13 4.75
C PRO G 44 69.03 -50.93 3.83
N LYS G 45 67.80 -50.66 3.42
CA LYS G 45 67.47 -49.52 2.57
C LYS G 45 66.33 -48.74 3.19
N CYS G 46 66.44 -47.41 3.16
CA CYS G 46 65.36 -46.54 3.61
C CYS G 46 64.19 -46.62 2.64
N LEU G 47 62.98 -46.69 3.18
CA LEU G 47 61.80 -46.80 2.33
C LEU G 47 61.20 -45.43 2.02
N ILE G 48 60.92 -44.64 3.06
CA ILE G 48 60.28 -43.35 2.89
C ILE G 48 61.03 -42.31 3.70
N TYR G 49 61.12 -41.09 3.17
CA TYR G 49 61.69 -39.97 3.91
C TYR G 49 60.82 -39.62 5.12
N ALA G 50 59.51 -39.56 4.93
CA ALA G 50 58.55 -39.35 6.01
C ALA G 50 57.23 -39.99 5.59
N ALA G 51 56.16 -39.66 6.31
CA ALA G 51 54.84 -40.20 5.96
C ALA G 51 54.33 -39.60 4.66
N SER G 52 54.55 -38.30 4.45
CA SER G 52 54.04 -37.60 3.28
C SER G 52 55.04 -37.52 2.14
N SER G 53 56.22 -38.13 2.29
CA SER G 53 57.26 -38.06 1.28
C SER G 53 57.81 -39.44 0.98
N LEU G 54 58.32 -39.61 -0.24
CA LEU G 54 58.90 -40.86 -0.69
C LEU G 54 60.40 -40.70 -0.89
N GLN G 55 61.09 -41.84 -0.99
CA GLN G 55 62.54 -41.83 -1.20
C GLN G 55 62.86 -41.37 -2.63
N SER G 56 63.97 -40.65 -2.76
CA SER G 56 64.50 -40.34 -4.08
C SER G 56 65.11 -41.60 -4.68
N GLY G 57 64.33 -42.33 -5.47
CA GLY G 57 64.79 -43.59 -6.02
C GLY G 57 63.89 -44.77 -5.68
N VAL G 58 62.63 -44.48 -5.41
CA VAL G 58 61.63 -45.52 -5.19
C VAL G 58 60.44 -45.20 -6.10
N PRO G 59 59.73 -46.19 -6.63
CA PRO G 59 58.48 -45.90 -7.35
C PRO G 59 57.33 -45.65 -6.36
N SER G 60 56.14 -45.47 -6.92
CA SER G 60 54.93 -45.25 -6.13
C SER G 60 54.25 -46.56 -5.74
N ARG G 61 54.98 -47.68 -5.78
CA ARG G 61 54.42 -48.96 -5.35
C ARG G 61 54.15 -48.97 -3.85
N PHE G 62 55.15 -48.58 -3.06
CA PHE G 62 55.00 -48.49 -1.62
C PHE G 62 54.39 -47.13 -1.27
N SER G 63 53.29 -47.15 -0.52
CA SER G 63 52.70 -45.92 0.00
C SER G 63 52.54 -46.05 1.51
N GLY G 64 53.14 -45.12 2.25
CA GLY G 64 53.02 -45.11 3.70
C GLY G 64 52.02 -44.09 4.20
N SER G 65 50.85 -44.57 4.60
CA SER G 65 49.77 -43.70 5.08
C SER G 65 49.70 -43.78 6.60
N GLY G 66 49.88 -42.64 7.25
CA GLY G 66 49.79 -42.58 8.70
C GLY G 66 49.96 -41.19 9.28
N SER G 67 49.06 -40.83 10.19
CA SER G 67 49.14 -39.55 10.87
C SER G 67 48.92 -39.63 12.37
N GLY G 68 48.47 -40.77 12.90
CA GLY G 68 48.18 -40.89 14.32
C GLY G 68 48.66 -42.20 14.91
N THR G 69 47.74 -42.93 15.55
CA THR G 69 48.08 -44.19 16.21
C THR G 69 48.15 -45.37 15.26
N GLU G 70 47.82 -45.19 13.98
CA GLU G 70 47.88 -46.26 12.99
C GLU G 70 48.83 -45.87 11.86
N PHE G 71 49.51 -46.87 11.30
CA PHE G 71 50.39 -46.68 10.16
C PHE G 71 50.23 -47.86 9.23
N THR G 72 50.08 -47.60 7.93
CA THR G 72 49.92 -48.67 6.95
C THR G 72 50.88 -48.47 5.79
N LEU G 73 51.41 -49.58 5.30
CA LEU G 73 52.08 -49.66 4.01
C LEU G 73 51.13 -50.35 3.04
N THR G 74 50.91 -49.71 1.89
CA THR G 74 49.93 -50.14 0.92
C THR G 74 50.58 -50.23 -0.46
N ILE G 75 50.25 -51.31 -1.18
CA ILE G 75 50.79 -51.59 -2.51
C ILE G 75 49.64 -51.55 -3.51
N SER G 76 49.82 -50.77 -4.58
CA SER G 76 48.82 -50.75 -5.65
C SER G 76 48.90 -52.03 -6.49
N SER G 77 50.11 -52.44 -6.86
CA SER G 77 50.31 -53.66 -7.64
C SER G 77 51.67 -54.25 -7.26
N LEU G 78 51.68 -55.53 -6.91
CA LEU G 78 52.86 -56.14 -6.31
C LEU G 78 53.95 -56.42 -7.35
N GLN G 79 55.15 -56.66 -6.85
CA GLN G 79 56.37 -56.86 -7.62
C GLN G 79 57.05 -58.14 -7.17
N PRO G 80 57.68 -58.88 -8.09
CA PRO G 80 58.46 -60.06 -7.66
C PRO G 80 59.64 -59.77 -6.75
N GLU G 81 60.18 -58.56 -6.75
CA GLU G 81 61.29 -58.19 -5.88
C GLU G 81 60.83 -57.55 -4.58
N ASP G 82 59.64 -57.89 -4.10
CA ASP G 82 59.13 -57.34 -2.84
C ASP G 82 59.52 -58.18 -1.63
N PHE G 83 60.19 -59.30 -1.82
CA PHE G 83 60.48 -60.24 -0.74
C PHE G 83 61.55 -59.69 0.20
N ALA G 84 61.12 -59.02 1.27
CA ALA G 84 62.03 -58.42 2.24
C ALA G 84 61.29 -58.31 3.57
N THR G 85 61.90 -57.59 4.51
CA THR G 85 61.33 -57.33 5.81
C THR G 85 61.22 -55.83 6.02
N TYR G 86 60.06 -55.37 6.46
CA TYR G 86 59.76 -53.94 6.58
C TYR G 86 59.60 -53.57 8.05
N PHE G 87 60.21 -52.45 8.44
CA PHE G 87 60.22 -52.00 9.83
C PHE G 87 59.86 -50.52 9.88
N CYS G 88 58.85 -50.18 10.68
CA CYS G 88 58.50 -48.79 10.90
C CYS G 88 59.40 -48.18 11.99
N LEU G 89 59.52 -46.85 11.95
CA LEU G 89 60.36 -46.13 12.91
C LEU G 89 59.49 -45.16 13.70
N GLN G 90 59.47 -45.33 15.01
CA GLN G 90 58.71 -44.47 15.91
C GLN G 90 59.56 -44.14 17.12
N GLN G 91 59.22 -43.03 17.78
CA GLN G 91 59.73 -42.54 19.07
C GLN G 91 61.18 -42.07 19.00
N ASN G 92 61.52 -41.09 19.85
CA ASN G 92 62.87 -40.52 19.85
C ASN G 92 63.90 -41.51 20.39
N ILE G 93 63.48 -42.42 21.26
CA ILE G 93 64.39 -43.38 21.89
C ILE G 93 64.57 -44.59 20.97
N TYR G 94 63.79 -44.63 19.89
CA TYR G 94 63.82 -45.60 18.79
C TYR G 94 63.66 -47.05 19.21
N PRO G 95 62.45 -47.50 19.64
CA PRO G 95 62.24 -48.94 19.75
C PRO G 95 61.92 -49.54 18.39
N ARG G 96 62.80 -50.42 17.90
CA ARG G 96 62.58 -51.01 16.59
C ARG G 96 61.49 -52.09 16.66
N THR G 97 61.02 -52.49 15.48
CA THR G 97 59.90 -53.43 15.40
C THR G 97 60.31 -54.73 14.71
N PHE G 98 59.32 -55.60 14.45
CA PHE G 98 59.53 -56.85 13.75
C PHE G 98 58.82 -56.80 12.41
N GLY G 99 59.45 -57.38 11.39
CA GLY G 99 58.87 -57.38 10.06
C GLY G 99 59.24 -58.63 9.30
N GLN G 100 58.33 -59.05 8.42
CA GLN G 100 58.53 -60.20 7.55
C GLN G 100 57.56 -60.11 6.39
N GLY G 101 58.04 -60.36 5.18
CA GLY G 101 57.18 -60.29 4.01
C GLY G 101 57.50 -61.33 2.96
N THR G 102 56.49 -62.12 2.58
CA THR G 102 56.64 -63.15 1.56
C THR G 102 55.28 -63.41 0.94
N LYS G 103 55.20 -63.30 -0.39
CA LYS G 103 53.94 -63.57 -1.08
C LYS G 103 53.69 -65.07 -1.14
N VAL G 104 52.52 -65.49 -0.67
CA VAL G 104 52.10 -66.88 -0.74
C VAL G 104 50.59 -66.97 -0.77
N VAL H 1 2.84 -87.22 -5.60
CA VAL H 1 4.20 -87.76 -5.63
C VAL H 1 4.60 -88.24 -4.24
N GLN H 2 5.27 -89.39 -4.17
CA GLN H 2 5.78 -89.92 -2.92
C GLN H 2 7.06 -90.69 -3.20
N LEU H 3 8.09 -90.43 -2.40
CA LEU H 3 9.39 -91.06 -2.57
C LEU H 3 9.55 -92.20 -1.57
N VAL H 4 9.88 -93.39 -2.07
CA VAL H 4 10.08 -94.58 -1.25
C VAL H 4 11.52 -95.04 -1.42
N GLN H 5 12.24 -95.14 -0.32
CA GLN H 5 13.65 -95.55 -0.35
C GLN H 5 13.76 -97.06 -0.22
N SER H 6 14.82 -97.61 -0.82
CA SER H 6 15.11 -99.03 -0.71
C SER H 6 15.80 -99.34 0.62
N GLY H 7 16.10 -100.63 0.83
CA GLY H 7 16.70 -101.06 2.07
C GLY H 7 18.17 -100.73 2.18
N ALA H 8 18.73 -101.01 3.35
CA ALA H 8 20.13 -100.75 3.64
C ALA H 8 20.98 -101.91 3.14
N GLU H 9 22.28 -101.88 3.43
CA GLU H 9 23.21 -102.89 2.96
C GLU H 9 24.12 -103.29 4.12
N VAL H 10 25.19 -104.01 3.80
CA VAL H 10 26.10 -104.50 4.82
C VAL H 10 26.94 -103.34 5.36
N LYS H 11 27.13 -103.32 6.69
CA LYS H 11 27.87 -102.27 7.37
C LYS H 11 29.39 -102.42 7.17
N LYS H 12 29.85 -103.61 6.82
CA LYS H 12 31.29 -103.88 6.73
C LYS H 12 31.93 -103.11 5.57
N PRO H 13 33.13 -102.55 5.77
CA PRO H 13 33.77 -101.77 4.70
C PRO H 13 34.34 -102.63 3.59
N GLY H 14 34.99 -101.99 2.62
CA GLY H 14 35.52 -102.70 1.47
C GLY H 14 34.54 -102.97 0.36
N SER H 15 33.31 -102.46 0.47
CA SER H 15 32.27 -102.67 -0.52
C SER H 15 31.58 -101.34 -0.80
N SER H 16 30.77 -101.32 -1.85
CA SER H 16 30.03 -100.15 -2.26
C SER H 16 28.56 -100.32 -1.91
N VAL H 17 27.99 -99.30 -1.27
CA VAL H 17 26.59 -99.31 -0.87
C VAL H 17 25.76 -98.66 -1.98
N LYS H 18 24.59 -99.23 -2.23
CA LYS H 18 23.70 -98.77 -3.29
C LYS H 18 22.33 -98.53 -2.72
N VAL H 19 21.76 -97.35 -3.00
CA VAL H 19 20.43 -96.98 -2.55
C VAL H 19 19.62 -96.50 -3.75
N SER H 20 18.30 -96.54 -3.60
CA SER H 20 17.42 -96.15 -4.69
C SER H 20 16.15 -95.52 -4.11
N CYS H 21 15.73 -94.42 -4.72
CA CYS H 21 14.50 -93.74 -4.36
C CYS H 21 13.52 -93.82 -5.53
N LYS H 22 12.34 -94.39 -5.28
CA LYS H 22 11.29 -94.52 -6.28
C LYS H 22 10.27 -93.41 -6.07
N ALA H 23 10.00 -92.63 -7.11
CA ALA H 23 9.08 -91.50 -7.02
C ALA H 23 7.75 -91.91 -7.65
N SER H 24 6.88 -92.48 -6.84
CA SER H 24 5.57 -92.93 -7.30
C SER H 24 4.64 -91.73 -7.45
N GLY H 25 4.00 -91.62 -8.61
CA GLY H 25 3.08 -90.52 -8.88
C GLY H 25 3.78 -89.25 -9.30
N GLY H 26 3.19 -88.53 -10.25
CA GLY H 26 3.78 -87.30 -10.72
C GLY H 26 5.05 -87.51 -11.54
N THR H 27 4.89 -88.05 -12.75
CA THR H 27 6.03 -88.30 -13.64
C THR H 27 6.49 -86.97 -14.21
N PHE H 28 7.35 -86.30 -13.44
CA PHE H 28 7.83 -84.97 -13.75
C PHE H 28 9.34 -84.93 -13.61
N SER H 29 9.96 -84.01 -14.35
CA SER H 29 11.41 -83.90 -14.40
C SER H 29 11.84 -82.46 -14.13
N ASN H 30 13.15 -82.25 -14.16
CA ASN H 30 13.91 -81.03 -13.88
C ASN H 30 13.82 -80.56 -12.43
N TYR H 31 13.10 -81.27 -11.57
CA TYR H 31 13.14 -81.05 -10.13
C TYR H 31 14.20 -82.01 -9.59
N ALA H 32 15.31 -81.43 -9.11
CA ALA H 32 16.45 -82.23 -8.69
C ALA H 32 16.13 -83.00 -7.41
N LEU H 33 16.34 -84.30 -7.43
CA LEU H 33 16.08 -85.14 -6.26
C LEU H 33 17.27 -84.99 -5.33
N SER H 34 17.12 -84.11 -4.34
CA SER H 34 18.22 -83.79 -3.44
C SER H 34 18.39 -84.87 -2.38
N TRP H 35 19.60 -85.38 -2.26
CA TRP H 35 19.95 -86.39 -1.26
C TRP H 35 20.62 -85.70 -0.09
N VAL H 36 20.22 -86.05 1.14
CA VAL H 36 20.74 -85.41 2.33
C VAL H 36 20.88 -86.44 3.43
N ARG H 37 21.91 -86.26 4.27
CA ARG H 37 22.24 -87.19 5.34
C ARG H 37 21.64 -86.70 6.65
N GLN H 38 20.82 -87.54 7.28
CA GLN H 38 20.21 -87.22 8.56
C GLN H 38 20.72 -88.19 9.62
N ALA H 39 21.14 -87.64 10.76
CA ALA H 39 21.56 -88.45 11.90
C ALA H 39 21.33 -87.65 13.16
N PRO H 40 21.06 -88.30 14.29
CA PRO H 40 20.91 -87.55 15.55
C PRO H 40 22.22 -86.96 16.06
N GLY H 41 23.37 -87.48 15.63
CA GLY H 41 24.64 -87.04 16.16
C GLY H 41 25.42 -86.09 15.26
N GLN H 42 24.95 -85.91 14.03
CA GLN H 42 25.65 -85.04 13.08
C GLN H 42 24.63 -84.23 12.29
N GLY H 43 25.12 -83.15 11.68
CA GLY H 43 24.26 -82.27 10.91
C GLY H 43 24.01 -82.79 9.50
N LEU H 44 23.14 -82.06 8.80
CA LEU H 44 22.77 -82.38 7.43
C LEU H 44 23.67 -81.64 6.45
N GLU H 45 23.87 -82.25 5.28
CA GLU H 45 24.69 -81.66 4.24
C GLU H 45 24.26 -82.21 2.88
N TRP H 46 24.46 -81.39 1.85
CA TRP H 46 23.98 -81.73 0.51
C TRP H 46 24.93 -82.71 -0.16
N MET H 47 24.42 -83.89 -0.52
CA MET H 47 25.17 -84.90 -1.24
C MET H 47 25.00 -84.83 -2.75
N GLY H 48 23.85 -84.39 -3.23
CA GLY H 48 23.67 -84.18 -4.66
C GLY H 48 22.24 -84.25 -5.13
N GLY H 49 21.96 -83.60 -6.26
CA GLY H 49 20.62 -83.59 -6.82
C GLY H 49 20.60 -84.08 -8.25
N ILE H 50 19.79 -85.10 -8.53
CA ILE H 50 19.77 -85.74 -9.83
C ILE H 50 18.57 -85.23 -10.63
N ILE H 51 18.81 -84.90 -11.89
CA ILE H 51 17.80 -84.42 -12.82
C ILE H 51 17.65 -85.47 -13.91
N PRO H 52 16.43 -85.93 -14.24
CA PRO H 52 16.27 -86.98 -15.26
C PRO H 52 16.59 -86.54 -16.68
N ILE H 53 16.10 -85.36 -17.09
CA ILE H 53 16.26 -84.96 -18.49
C ILE H 53 17.63 -84.35 -18.75
N PHE H 54 18.25 -83.74 -17.73
CA PHE H 54 19.55 -83.11 -17.92
C PHE H 54 20.69 -84.02 -17.48
N GLY H 55 20.64 -84.51 -16.24
CA GLY H 55 21.67 -85.40 -15.74
C GLY H 55 22.98 -84.74 -15.40
N THR H 56 22.97 -83.49 -14.96
CA THR H 56 24.20 -82.83 -14.52
C THR H 56 24.67 -83.42 -13.20
N THR H 57 25.96 -83.28 -12.94
CA THR H 57 26.62 -83.92 -11.80
C THR H 57 27.34 -82.85 -10.98
N ASN H 58 26.58 -81.85 -10.56
CA ASN H 58 27.11 -80.81 -9.67
C ASN H 58 27.07 -81.32 -8.23
N TYR H 59 28.23 -81.40 -7.59
CA TYR H 59 28.35 -81.95 -6.25
C TYR H 59 28.93 -80.91 -5.30
N ALA H 60 28.94 -81.28 -4.02
CA ALA H 60 29.50 -80.44 -2.97
C ALA H 60 30.97 -80.82 -2.74
N GLN H 61 31.54 -80.33 -1.67
CA GLN H 61 32.95 -80.50 -1.36
C GLN H 61 33.15 -81.81 -0.58
N LYS H 62 34.38 -82.34 -0.67
CA LYS H 62 34.97 -83.41 0.14
C LYS H 62 34.45 -84.81 -0.19
N PHE H 63 33.52 -84.93 -1.15
CA PHE H 63 33.12 -86.24 -1.64
C PHE H 63 32.90 -86.22 -3.15
N GLN H 64 33.82 -85.58 -3.87
CA GLN H 64 33.77 -85.58 -5.33
C GLN H 64 34.37 -86.87 -5.87
N GLY H 65 33.55 -87.69 -6.51
CA GLY H 65 33.97 -88.95 -7.06
C GLY H 65 33.68 -90.15 -6.17
N ARG H 66 33.46 -89.93 -4.88
CA ARG H 66 33.08 -91.03 -3.99
C ARG H 66 31.61 -91.40 -4.14
N VAL H 67 30.79 -90.51 -4.69
CA VAL H 67 29.36 -90.73 -4.84
C VAL H 67 28.99 -90.57 -6.31
N THR H 68 28.06 -91.41 -6.76
CA THR H 68 27.53 -91.32 -8.12
C THR H 68 26.02 -91.45 -8.06
N ILE H 69 25.31 -90.40 -8.49
CA ILE H 69 23.85 -90.39 -8.49
C ILE H 69 23.39 -90.33 -9.94
N THR H 70 22.52 -91.27 -10.32
CA THR H 70 21.95 -91.34 -11.66
C THR H 70 20.46 -91.65 -11.54
N ALA H 71 19.78 -91.67 -12.68
CA ALA H 71 18.36 -91.96 -12.70
C ALA H 71 17.98 -92.56 -14.04
N ASP H 72 16.68 -92.80 -14.21
CA ASP H 72 16.14 -93.34 -15.45
C ASP H 72 15.87 -92.19 -16.43
N GLU H 73 15.10 -92.46 -17.48
CA GLU H 73 14.82 -91.44 -18.50
C GLU H 73 13.94 -90.32 -17.95
N SER H 74 12.90 -90.67 -17.19
CA SER H 74 11.98 -89.67 -16.65
C SER H 74 11.41 -90.17 -15.33
N THR H 75 11.71 -89.42 -14.26
CA THR H 75 11.25 -89.63 -12.88
C THR H 75 11.69 -91.04 -12.45
N SER H 76 10.75 -92.00 -12.40
CA SER H 76 10.96 -93.41 -12.09
C SER H 76 11.71 -93.63 -10.76
N THR H 77 12.85 -94.29 -10.84
CA THR H 77 13.72 -94.52 -9.69
C THR H 77 15.06 -93.83 -9.91
N ALA H 78 15.68 -93.41 -8.81
CA ALA H 78 16.98 -92.76 -8.82
C ALA H 78 17.96 -93.61 -8.02
N TYR H 79 19.09 -93.93 -8.64
CA TYR H 79 20.12 -94.77 -8.04
C TYR H 79 21.25 -93.90 -7.49
N MET H 80 21.81 -94.33 -6.36
CA MET H 80 22.97 -93.66 -5.78
C MET H 80 23.94 -94.72 -5.27
N GLU H 81 25.18 -94.65 -5.75
CA GLU H 81 26.25 -95.55 -5.36
C GLU H 81 27.31 -94.80 -4.59
N LEU H 82 27.72 -95.35 -3.45
CA LEU H 82 28.79 -94.77 -2.63
C LEU H 82 29.84 -95.85 -2.37
N SER H 83 31.09 -95.55 -2.71
CA SER H 83 32.19 -96.48 -2.48
C SER H 83 33.00 -96.04 -1.27
N SER H 84 33.92 -96.91 -0.86
CA SER H 84 34.85 -96.71 0.25
C SER H 84 34.10 -96.45 1.56
N LEU H 85 33.41 -97.50 2.02
CA LEU H 85 32.65 -97.44 3.26
C LEU H 85 33.57 -97.22 4.46
N ARG H 86 33.10 -96.43 5.41
CA ARG H 86 33.89 -96.02 6.55
C ARG H 86 32.98 -95.96 7.78
N SER H 87 33.49 -95.35 8.85
CA SER H 87 32.77 -95.31 10.13
C SER H 87 32.04 -94.00 10.37
N GLU H 88 32.52 -92.89 9.82
CA GLU H 88 31.94 -91.58 10.08
C GLU H 88 30.87 -91.19 9.08
N ASP H 89 30.61 -92.01 8.07
CA ASP H 89 29.63 -91.68 7.05
C ASP H 89 28.26 -92.31 7.29
N THR H 90 28.06 -92.98 8.43
CA THR H 90 26.79 -93.65 8.68
C THR H 90 25.71 -92.65 9.10
N ALA H 91 24.56 -92.74 8.42
CA ALA H 91 23.41 -91.86 8.62
C ALA H 91 22.23 -92.53 7.91
N VAL H 92 21.12 -91.80 7.77
CA VAL H 92 20.02 -92.21 6.92
C VAL H 92 19.95 -91.23 5.75
N TYR H 93 19.71 -91.77 4.55
CA TYR H 93 19.68 -90.97 3.34
C TYR H 93 18.24 -90.57 3.05
N TYR H 94 18.01 -89.28 2.84
CA TYR H 94 16.68 -88.76 2.54
C TYR H 94 16.72 -88.09 1.18
N CYS H 95 15.79 -88.49 0.30
CA CYS H 95 15.63 -87.88 -1.01
C CYS H 95 14.40 -86.98 -0.99
N ALA H 96 14.58 -85.75 -1.46
CA ALA H 96 13.52 -84.75 -1.42
C ALA H 96 13.38 -84.07 -2.78
N ARG H 97 12.15 -83.65 -3.08
CA ARG H 97 11.85 -82.93 -4.31
C ARG H 97 12.02 -81.43 -4.04
N LEU H 98 13.26 -80.96 -4.21
CA LEU H 98 13.58 -79.57 -3.91
C LEU H 98 13.08 -78.65 -5.02
N ASP H 99 12.68 -77.45 -4.62
CA ASP H 99 12.12 -76.47 -5.55
C ASP H 99 13.20 -75.89 -6.45
N GLY H 100 12.82 -75.58 -7.68
CA GLY H 100 13.76 -75.01 -8.62
C GLY H 100 13.14 -74.85 -9.99
N TYR H 101 13.99 -74.62 -10.98
CA TYR H 101 13.56 -74.45 -12.36
C TYR H 101 13.04 -75.77 -12.92
N SER H 102 11.94 -75.70 -13.65
CA SER H 102 11.38 -76.85 -14.36
C SER H 102 11.17 -76.49 -15.82
N PHE H 103 11.56 -77.40 -16.71
CA PHE H 103 11.42 -77.20 -18.14
C PHE H 103 10.42 -78.17 -18.76
N GLY H 104 9.51 -78.72 -17.94
CA GLY H 104 8.52 -79.65 -18.43
C GLY H 104 7.19 -78.99 -18.73
N HIS H 105 6.22 -79.19 -17.83
CA HIS H 105 4.90 -78.58 -18.02
C HIS H 105 4.92 -77.07 -17.76
N ASP H 106 5.91 -76.60 -17.00
CA ASP H 106 6.14 -75.19 -16.66
C ASP H 106 4.92 -74.57 -15.97
N ARG H 107 4.54 -75.17 -14.85
CA ARG H 107 3.36 -74.71 -14.12
C ARG H 107 3.69 -74.05 -12.79
N TYR H 108 4.46 -74.69 -11.92
CA TYR H 108 4.77 -74.16 -10.59
C TYR H 108 6.28 -74.11 -10.41
N TYR H 109 6.79 -72.97 -9.98
CA TYR H 109 8.15 -72.91 -9.46
C TYR H 109 8.21 -73.48 -8.05
N GLN H 110 7.17 -73.22 -7.25
CA GLN H 110 7.03 -73.74 -5.89
C GLN H 110 5.83 -74.68 -5.90
N ASP H 111 6.06 -75.94 -6.28
CA ASP H 111 4.97 -76.90 -6.32
C ASP H 111 4.55 -77.36 -4.93
N GLY H 112 5.51 -77.52 -4.02
CA GLY H 112 5.19 -78.01 -2.67
C GLY H 112 5.74 -79.40 -2.50
N MET H 113 6.62 -79.53 -1.51
CA MET H 113 7.27 -80.80 -1.22
C MET H 113 6.43 -81.56 -0.19
N ASP H 114 5.98 -82.76 -0.55
CA ASP H 114 5.19 -83.60 0.33
C ASP H 114 5.66 -85.05 0.26
N ASP H 115 6.91 -85.26 -0.13
CA ASP H 115 7.46 -86.60 -0.32
C ASP H 115 8.73 -86.81 0.51
N TRP H 116 8.77 -87.95 1.21
CA TRP H 116 9.91 -88.31 2.04
C TRP H 116 10.02 -89.82 2.10
N GLY H 117 11.27 -90.31 2.15
CA GLY H 117 11.53 -91.72 2.30
C GLY H 117 11.15 -92.22 3.67
N PRO H 118 10.83 -93.52 3.78
CA PRO H 118 10.52 -94.10 5.09
C PRO H 118 11.69 -94.08 6.07
N GLY H 119 12.91 -94.21 5.56
CA GLY H 119 14.08 -94.19 6.42
C GLY H 119 14.72 -95.55 6.62
N THR H 120 15.81 -95.80 5.90
CA THR H 120 16.54 -97.06 6.03
C THR H 120 18.02 -96.80 6.31
N ASP I 1 32.56 -74.50 -0.36
CA ASP I 1 31.45 -73.98 0.42
C ASP I 1 31.95 -73.08 1.55
N ILE I 2 31.09 -72.18 2.02
CA ILE I 2 31.40 -71.31 3.15
C ILE I 2 30.46 -71.66 4.31
N GLN I 3 30.99 -71.59 5.52
CA GLN I 3 30.30 -72.11 6.69
C GLN I 3 29.40 -71.04 7.31
N MET I 4 28.37 -71.50 8.02
CA MET I 4 27.48 -70.63 8.77
C MET I 4 27.05 -71.36 10.03
N THR I 5 26.39 -70.64 10.93
CA THR I 5 25.97 -71.16 12.21
C THR I 5 24.44 -71.11 12.33
N GLN I 6 23.94 -71.69 13.42
CA GLN I 6 22.52 -71.70 13.71
C GLN I 6 22.31 -71.44 15.20
N SER I 7 21.05 -71.56 15.62
CA SER I 7 20.68 -71.28 17.00
C SER I 7 21.21 -72.38 17.94
N PRO I 8 21.46 -72.05 19.20
CA PRO I 8 21.83 -73.08 20.17
C PRO I 8 20.67 -74.01 20.48
N SER I 9 21.00 -75.18 21.02
CA SER I 9 20.01 -76.21 21.31
C SER I 9 19.31 -76.02 22.64
N SER I 10 19.77 -75.09 23.48
CA SER I 10 19.19 -74.90 24.81
C SER I 10 18.17 -73.76 24.78
N LEU I 11 17.03 -74.06 24.16
CA LEU I 11 15.87 -73.16 24.13
C LEU I 11 14.71 -73.89 24.79
N SER I 12 14.54 -73.66 26.10
CA SER I 12 13.49 -74.30 26.88
C SER I 12 12.50 -73.26 27.35
N ALA I 13 11.22 -73.55 27.18
CA ALA I 13 10.15 -72.62 27.55
C ALA I 13 8.89 -73.42 27.83
N SER I 14 7.91 -72.74 28.43
CA SER I 14 6.62 -73.34 28.77
C SER I 14 5.63 -73.13 27.63
N VAL I 15 4.36 -73.41 27.89
CA VAL I 15 3.30 -73.28 26.89
C VAL I 15 2.94 -71.80 26.74
N GLY I 16 3.02 -71.30 25.51
CA GLY I 16 2.67 -69.92 25.23
C GLY I 16 3.84 -68.96 25.33
N ASP I 17 4.94 -69.28 24.66
CA ASP I 17 6.14 -68.48 24.69
C ASP I 17 6.68 -68.30 23.28
N ARG I 18 7.44 -67.22 23.09
CA ARG I 18 8.03 -66.90 21.79
C ARG I 18 9.48 -67.38 21.77
N VAL I 19 9.85 -68.10 20.72
CA VAL I 19 11.19 -68.63 20.58
C VAL I 19 11.90 -67.80 19.51
N THR I 20 13.23 -67.79 19.54
CA THR I 20 14.06 -66.92 18.72
C THR I 20 15.11 -67.73 17.95
N ILE I 21 14.65 -68.75 17.22
CA ILE I 21 15.55 -69.68 16.53
C ILE I 21 16.21 -68.95 15.36
N THR I 22 17.50 -68.67 15.49
CA THR I 22 18.19 -67.77 14.58
C THR I 22 19.12 -68.55 13.65
N CYS I 23 19.03 -68.24 12.35
CA CYS I 23 19.93 -68.77 11.34
C CYS I 23 20.81 -67.63 10.84
N ARG I 24 22.11 -67.72 11.10
CA ARG I 24 23.06 -66.72 10.65
C ARG I 24 23.56 -67.07 9.25
N ALA I 25 23.72 -66.04 8.42
CA ALA I 25 24.04 -66.21 7.02
C ALA I 25 25.30 -65.43 6.67
N SER I 26 25.70 -65.52 5.40
CA SER I 26 26.87 -64.82 4.89
C SER I 26 26.63 -64.13 3.55
N GLN I 27 25.53 -64.42 2.85
CA GLN I 27 25.25 -63.82 1.56
C GLN I 27 23.81 -63.28 1.55
N ALA I 28 23.60 -62.27 0.70
CA ALA I 28 22.31 -61.57 0.65
C ALA I 28 21.38 -62.29 -0.32
N ILE I 29 20.59 -63.23 0.20
CA ILE I 29 19.60 -63.97 -0.58
C ILE I 29 18.31 -64.05 0.23
N ARG I 30 17.19 -64.12 -0.49
CA ARG I 30 15.87 -64.02 0.14
C ARG I 30 15.09 -65.33 0.06
N ASN I 31 14.84 -65.84 -1.14
CA ASN I 31 14.01 -67.04 -1.29
C ASN I 31 14.78 -68.32 -1.05
N ASP I 32 16.09 -68.26 -1.06
CA ASP I 32 16.90 -69.48 -1.03
C ASP I 32 17.05 -69.98 0.40
N LEU I 33 16.87 -69.09 1.38
CA LEU I 33 16.73 -69.49 2.78
C LEU I 33 15.49 -70.33 2.98
N GLY I 34 15.58 -71.30 3.88
CA GLY I 34 14.42 -72.10 4.24
C GLY I 34 14.60 -72.73 5.60
N TRP I 35 13.47 -73.13 6.20
CA TRP I 35 13.45 -73.81 7.49
C TRP I 35 12.75 -75.14 7.31
N TYR I 36 13.45 -76.22 7.64
CA TYR I 36 12.93 -77.59 7.59
C TYR I 36 12.90 -78.16 9.00
N GLN I 37 12.04 -79.17 9.19
CA GLN I 37 11.95 -79.88 10.46
C GLN I 37 12.22 -81.36 10.26
N GLN I 38 12.79 -81.99 11.29
CA GLN I 38 13.08 -83.43 11.29
C GLN I 38 12.76 -83.93 12.70
N LYS I 39 11.65 -84.63 12.86
CA LYS I 39 11.34 -85.26 14.13
C LYS I 39 12.27 -86.45 14.34
N PRO I 40 12.72 -86.69 15.58
CA PRO I 40 13.64 -87.83 15.82
C PRO I 40 12.94 -89.17 15.70
N GLY I 41 13.29 -89.92 14.65
CA GLY I 41 12.69 -91.22 14.42
C GLY I 41 11.37 -91.20 13.68
N LYS I 42 10.93 -90.03 13.20
CA LYS I 42 9.67 -89.91 12.49
C LYS I 42 9.91 -89.26 11.12
N ALA I 43 8.81 -89.03 10.41
CA ALA I 43 8.90 -88.48 9.06
C ALA I 43 9.27 -87.00 9.10
N PRO I 44 10.12 -86.54 8.18
CA PRO I 44 10.47 -85.12 8.15
C PRO I 44 9.40 -84.30 7.44
N LYS I 45 9.58 -82.98 7.51
CA LYS I 45 8.69 -82.03 6.85
C LYS I 45 9.44 -80.70 6.71
N CYS I 46 8.75 -79.72 6.16
CA CYS I 46 9.26 -78.36 6.08
C CYS I 46 8.54 -77.45 7.06
N LEU I 47 9.14 -76.28 7.31
CA LEU I 47 8.49 -75.24 8.10
C LEU I 47 8.16 -74.02 7.25
N ILE I 48 9.16 -73.40 6.62
CA ILE I 48 8.91 -72.32 5.66
C ILE I 48 9.84 -72.46 4.47
N TYR I 49 9.29 -72.24 3.27
CA TYR I 49 10.08 -72.31 2.05
C TYR I 49 11.00 -71.10 1.90
N ALA I 50 10.60 -69.97 2.46
CA ALA I 50 11.42 -68.76 2.50
C ALA I 50 10.91 -67.89 3.64
N ALA I 51 11.48 -66.69 3.75
CA ALA I 51 11.04 -65.77 4.80
C ALA I 51 9.66 -65.20 4.49
N SER I 52 9.41 -64.88 3.21
CA SER I 52 8.16 -64.26 2.80
C SER I 52 7.14 -65.25 2.24
N SER I 53 7.44 -66.55 2.23
CA SER I 53 6.54 -67.56 1.73
C SER I 53 6.37 -68.67 2.77
N LEU I 54 5.15 -69.21 2.84
CA LEU I 54 4.81 -70.29 3.75
C LEU I 54 4.54 -71.57 2.94
N GLN I 55 4.09 -72.60 3.64
CA GLN I 55 3.69 -73.85 3.01
C GLN I 55 2.23 -74.15 3.30
N SER I 56 1.62 -74.98 2.45
CA SER I 56 0.29 -75.52 2.69
C SER I 56 0.44 -76.81 3.48
N GLY I 57 -0.07 -76.82 4.71
CA GLY I 57 0.01 -78.01 5.53
C GLY I 57 0.72 -77.79 6.86
N VAL I 58 0.71 -76.56 7.35
CA VAL I 58 1.39 -76.23 8.60
C VAL I 58 0.41 -75.48 9.50
N PRO I 59 0.48 -75.62 10.81
CA PRO I 59 -0.20 -74.67 11.69
C PRO I 59 0.48 -73.30 11.65
N SER I 60 -0.26 -72.28 12.07
CA SER I 60 0.22 -70.91 11.99
C SER I 60 1.17 -70.53 13.11
N ARG I 61 1.56 -71.47 13.97
CA ARG I 61 2.50 -71.17 15.05
C ARG I 61 3.90 -70.86 14.52
N PHE I 62 4.36 -71.63 13.53
CA PHE I 62 5.69 -71.41 12.95
C PHE I 62 5.66 -70.17 12.07
N SER I 63 6.48 -69.17 12.42
CA SER I 63 6.57 -67.95 11.65
C SER I 63 8.03 -67.56 11.44
N GLY I 64 8.30 -66.90 10.33
CA GLY I 64 9.64 -66.46 10.00
C GLY I 64 9.71 -64.96 9.86
N SER I 65 10.89 -64.41 10.16
CA SER I 65 11.10 -62.97 10.10
C SER I 65 12.57 -62.69 9.80
N GLY I 66 12.83 -61.47 9.35
CA GLY I 66 14.17 -61.05 9.03
C GLY I 66 14.49 -61.21 7.56
N SER I 67 15.34 -60.32 7.04
CA SER I 67 15.79 -60.42 5.66
C SER I 67 17.26 -60.06 5.48
N GLY I 68 18.03 -59.97 6.57
CA GLY I 68 19.43 -59.62 6.48
C GLY I 68 20.35 -60.82 6.57
N THR I 69 21.34 -60.76 7.45
CA THR I 69 22.27 -61.87 7.64
C THR I 69 21.79 -62.87 8.68
N GLU I 70 20.66 -62.62 9.33
CA GLU I 70 20.06 -63.59 10.24
C GLU I 70 18.57 -63.70 9.96
N PHE I 71 18.03 -64.90 10.15
CA PHE I 71 16.62 -65.19 9.90
C PHE I 71 16.05 -65.89 11.12
N THR I 72 14.95 -65.38 11.66
CA THR I 72 14.45 -65.79 12.96
C THR I 72 13.13 -66.52 12.80
N LEU I 73 13.06 -67.73 13.37
CA LEU I 73 11.84 -68.49 13.50
C LEU I 73 11.27 -68.30 14.90
N THR I 74 9.94 -68.17 14.96
CA THR I 74 9.22 -67.86 16.19
C THR I 74 7.95 -68.70 16.24
N ILE I 75 7.65 -69.22 17.44
CA ILE I 75 6.42 -69.94 17.73
C ILE I 75 5.52 -69.03 18.55
N SER I 76 4.28 -68.85 18.09
CA SER I 76 3.33 -68.01 18.82
C SER I 76 2.87 -68.68 20.12
N SER I 77 2.59 -69.98 20.07
CA SER I 77 2.13 -70.73 21.24
C SER I 77 2.84 -72.08 21.24
N LEU I 78 3.82 -72.23 22.13
CA LEU I 78 4.62 -73.45 22.17
C LEU I 78 3.82 -74.61 22.73
N GLN I 79 3.96 -75.77 22.10
CA GLN I 79 3.29 -76.99 22.50
C GLN I 79 4.30 -78.13 22.52
N PRO I 80 4.05 -79.17 23.32
CA PRO I 80 4.94 -80.35 23.28
C PRO I 80 4.91 -81.12 21.97
N GLU I 81 3.88 -80.92 21.14
CA GLU I 81 3.80 -81.62 19.85
C GLU I 81 4.79 -81.09 18.82
N ASP I 82 5.44 -79.96 19.07
CA ASP I 82 6.45 -79.40 18.18
C ASP I 82 7.85 -79.88 18.49
N PHE I 83 7.99 -81.05 19.12
CA PHE I 83 9.31 -81.61 19.43
C PHE I 83 9.94 -82.13 18.15
N ALA I 84 10.80 -81.31 17.55
CA ALA I 84 11.48 -81.67 16.32
C ALA I 84 12.77 -80.86 16.23
N THR I 85 13.64 -81.29 15.33
CA THR I 85 14.93 -80.64 15.11
C THR I 85 14.86 -79.79 13.85
N TYR I 86 15.16 -78.51 13.97
CA TYR I 86 14.94 -77.55 12.90
C TYR I 86 16.27 -77.18 12.25
N PHE I 87 16.31 -77.16 10.91
CA PHE I 87 17.54 -76.91 10.18
C PHE I 87 17.30 -75.89 9.06
N CYS I 88 18.36 -75.14 8.75
CA CYS I 88 18.27 -73.97 7.90
C CYS I 88 18.98 -74.22 6.57
N LEU I 89 18.36 -73.76 5.49
CA LEU I 89 18.85 -73.97 4.12
C LEU I 89 19.27 -72.64 3.52
N GLN I 90 20.51 -72.58 3.03
CA GLN I 90 21.06 -71.38 2.41
C GLN I 90 21.78 -71.77 1.12
N GLN I 91 21.92 -70.78 0.23
CA GLN I 91 22.87 -70.78 -0.89
C GLN I 91 22.59 -71.84 -1.95
N ASN I 92 23.39 -71.85 -3.02
CA ASN I 92 23.07 -72.67 -4.18
C ASN I 92 23.50 -74.13 -3.97
N ILE I 93 24.64 -74.34 -3.31
CA ILE I 93 25.15 -75.69 -3.09
C ILE I 93 24.39 -76.38 -1.96
N TYR I 94 23.69 -75.59 -1.13
CA TYR I 94 22.98 -75.93 0.11
C TYR I 94 23.88 -76.51 1.19
N PRO I 95 24.79 -75.74 1.81
CA PRO I 95 25.48 -76.22 3.02
C PRO I 95 24.56 -76.07 4.22
N ARG I 96 24.02 -77.18 4.70
CA ARG I 96 23.11 -77.15 5.83
C ARG I 96 23.88 -77.25 7.14
N THR I 97 23.23 -76.79 8.22
CA THR I 97 23.88 -76.56 9.49
C THR I 97 23.08 -77.28 10.58
N PHE I 98 23.77 -77.69 11.64
CA PHE I 98 23.19 -78.45 12.74
C PHE I 98 22.10 -77.66 13.47
N GLY I 99 21.22 -78.39 14.14
CA GLY I 99 20.13 -77.80 14.90
C GLY I 99 19.42 -78.82 15.77
N GLN I 100 18.87 -78.37 16.89
CA GLN I 100 18.22 -79.28 17.84
C GLN I 100 17.21 -78.47 18.65
N GLY I 101 15.92 -78.82 18.52
CA GLY I 101 14.89 -78.13 19.25
C GLY I 101 14.19 -79.01 20.27
N THR I 102 14.45 -78.76 21.55
CA THR I 102 13.86 -79.52 22.64
C THR I 102 13.55 -78.58 23.79
N LYS I 103 12.35 -78.72 24.36
CA LYS I 103 11.95 -77.93 25.52
C LYS I 103 12.14 -78.77 26.77
N VAL I 104 12.98 -78.29 27.67
CA VAL I 104 13.27 -79.02 28.90
C VAL I 104 13.62 -78.04 30.03
C1 NAG J . -13.93 75.16 -11.97
C2 NAG J . -13.89 76.69 -12.10
C3 NAG J . -12.71 77.11 -12.98
C4 NAG J . -11.40 76.52 -12.43
C5 NAG J . -11.54 75.00 -12.31
C6 NAG J . -10.34 74.34 -11.68
C7 NAG J . -15.98 77.96 -11.93
C8 NAG J . -17.21 78.41 -12.64
N2 NAG J . -15.12 77.21 -12.64
O3 NAG J . -12.63 78.53 -13.02
O4 NAG J . -10.32 76.83 -13.31
O5 NAG J . -12.67 74.68 -11.48
O6 NAG J . -10.50 72.93 -11.63
O7 NAG J . -15.75 78.25 -10.75
C1 NAG J . -9.42 77.77 -12.68
C2 NAG J . -8.00 77.46 -13.14
C3 NAG J . -7.02 78.47 -12.54
C4 NAG J . -7.46 79.90 -12.86
C5 NAG J . -8.90 80.12 -12.41
C6 NAG J . -9.45 81.48 -12.80
C7 NAG J . -6.98 75.29 -13.62
C8 NAG J . -6.65 73.92 -13.09
N2 NAG J . -7.61 76.12 -12.79
O3 NAG J . -5.72 78.24 -13.06
O4 NAG J . -6.62 80.84 -12.20
O5 NAG J . -9.76 79.14 -13.01
O6 NAG J . -8.43 82.47 -12.79
O7 NAG J . -6.67 75.63 -14.76
C1 NAG K . 0.61 65.59 -24.93
C2 NAG K . 1.30 66.68 -25.77
C3 NAG K . 2.78 66.36 -25.94
C4 NAG K . 3.45 66.11 -24.59
C5 NAG K . 2.68 65.04 -23.81
C6 NAG K . 3.19 64.81 -22.41
C7 NAG K . 0.18 67.99 -27.51
C8 NAG K . -0.45 67.97 -28.87
N2 NAG K . 0.66 66.83 -27.06
O3 NAG K . 3.43 67.43 -26.61
O4 NAG K . 4.79 65.67 -24.78
O5 NAG K . 1.30 65.43 -23.69
O6 NAG K . 2.17 64.99 -21.46
O7 NAG K . 0.25 69.02 -26.85
C1 NAG K . 5.72 66.69 -24.35
C2 NAG K . 7.02 66.02 -23.89
C3 NAG K . 8.04 67.08 -23.50
C4 NAG K . 8.26 68.08 -24.63
C5 NAG K . 6.91 68.68 -25.05
C6 NAG K . 7.03 69.60 -26.24
C7 NAG K . 6.68 63.79 -22.93
C8 NAG K . 6.42 63.00 -21.68
N2 NAG K . 6.76 65.12 -22.78
O3 NAG K . 9.27 66.43 -23.18
O4 NAG K . 9.13 69.12 -24.20
O5 NAG K . 6.01 67.63 -25.42
O6 NAG K . 6.92 70.95 -25.85
O7 NAG K . 6.82 63.24 -24.02
C1 NAG L . -30.54 86.66 -7.11
C2 NAG L . -29.77 87.88 -6.63
C3 NAG L . -30.33 89.14 -7.29
C4 NAG L . -30.32 88.99 -8.81
C5 NAG L . -31.04 87.70 -9.23
C6 NAG L . -30.93 87.40 -10.71
C7 NAG L . -28.88 87.55 -4.37
C8 NAG L . -29.11 87.76 -2.89
N2 NAG L . -29.84 88.01 -5.18
O3 NAG L . -29.54 90.27 -6.92
O4 NAG L . -30.98 90.12 -9.39
O5 NAG L . -30.46 86.57 -8.54
O6 NAG L . -29.59 87.04 -11.06
O7 NAG L . -27.87 86.99 -4.79
C1 NAG L . -30.08 90.89 -10.22
C2 NAG L . -30.75 92.22 -10.59
C3 NAG L . -29.80 93.06 -11.45
C4 NAG L . -28.44 93.22 -10.78
C5 NAG L . -27.88 91.86 -10.36
C6 NAG L . -26.61 91.95 -9.54
C7 NAG L . -33.11 92.70 -11.04
C8 NAG L . -34.32 92.34 -11.85
N2 NAG L . -32.00 92.00 -11.28
O3 NAG L . -30.38 94.34 -11.68
O4 NAG L . -27.54 93.82 -11.70
O5 NAG L . -28.83 91.16 -9.54
O6 NAG L . -26.86 91.73 -8.16
O7 NAG L . -33.13 93.60 -10.21
C1 BMA L . -27.15 95.15 -11.30
C2 BMA L . -26.17 95.69 -12.38
C3 BMA L . -25.86 97.18 -12.13
C4 BMA L . -27.13 98.03 -11.86
C5 BMA L . -27.96 97.37 -10.74
C6 BMA L . -29.26 98.11 -10.46
O2 BMA L . -26.75 95.61 -13.67
O3 BMA L . -25.13 97.75 -13.21
O4 BMA L . -26.77 99.33 -11.47
O5 BMA L . -28.28 96.02 -11.15
O6 BMA L . -29.70 97.75 -9.17
C1 NAG M . -50.32 82.82 -3.14
C2 NAG M . -50.55 82.69 -1.63
C3 NAG M . -52.01 82.34 -1.35
C4 NAG M . -52.95 83.33 -2.02
C5 NAG M . -52.63 83.44 -3.50
C6 NAG M . -53.43 84.51 -4.22
C7 NAG M . -49.07 81.85 0.13
C8 NAG M . -48.18 80.73 0.57
N2 NAG M . -49.66 81.70 -1.05
O3 NAG M . -52.23 82.30 0.05
O4 NAG M . -54.30 82.93 -1.84
O5 NAG M . -51.25 83.79 -3.69
O6 NAG M . -53.49 85.71 -3.45
O7 NAG M . -49.24 82.86 0.82
C1 NAG M . -54.99 83.85 -0.96
C2 NAG M . -56.48 83.55 -1.01
C3 NAG M . -57.24 84.48 -0.07
C4 NAG M . -56.66 84.44 1.33
C5 NAG M . -55.16 84.71 1.29
C6 NAG M . -54.47 84.56 2.63
C7 NAG M . -57.92 82.80 -2.86
C8 NAG M . -58.33 83.06 -4.28
N2 NAG M . -57.00 83.64 -2.36
O3 NAG M . -58.62 84.09 -0.05
O4 NAG M . -57.29 85.42 2.15
O5 NAG M . -54.51 83.78 0.40
O6 NAG M . -55.02 83.48 3.37
O7 NAG M . -58.39 81.89 -2.20
C1 BMA M . -58.14 84.78 3.14
C2 BMA M . -58.16 85.66 4.42
C3 BMA M . -59.16 85.07 5.44
C4 BMA M . -60.54 84.76 4.79
C5 BMA M . -60.35 83.90 3.52
C6 BMA M . -61.65 83.63 2.79
O2 BMA M . -58.58 86.98 4.13
O3 BMA M . -59.33 85.94 6.55
O4 BMA M . -61.36 84.07 5.72
O5 BMA M . -59.47 84.60 2.63
O6 BMA M . -61.35 82.84 1.64
C1 NAG N . -25.00 75.09 3.39
C2 NAG N . -25.57 75.42 4.77
C3 NAG N . -24.52 75.16 5.84
C4 NAG N . -23.97 73.74 5.73
C5 NAG N . -23.48 73.47 4.30
C6 NAG N . -23.03 72.05 4.07
C7 NAG N . -27.32 77.15 4.78
C8 NAG N . -27.60 78.62 4.85
N2 NAG N . -26.02 76.80 4.83
O3 NAG N . -25.11 75.36 7.13
O4 NAG N . -22.86 73.58 6.62
O5 NAG N . -24.54 73.73 3.36
O6 NAG N . -21.89 72.00 3.23
O7 NAG N . -28.21 76.32 4.67
C1 NAG N . -23.16 72.73 7.74
C2 NAG N . -21.97 72.74 8.70
C3 NAG N . -22.26 71.88 9.92
C4 NAG N . -23.57 72.32 10.59
C5 NAG N . -24.71 72.32 9.57
C6 NAG N . -26.00 72.86 10.13
C7 NAG N . -19.87 73.08 7.47
C8 NAG N . -18.68 72.43 6.83
N2 NAG N . -20.77 72.26 8.03
O3 NAG N . -21.18 72.00 10.85
O4 NAG N . -23.89 71.46 11.67
O5 NAG N . -24.36 73.13 8.45
O6 NAG N . -26.17 74.23 9.80
O7 NAG N . -20.01 74.30 7.48
C1 NAG O . 15.27 -23.50 -23.19
C2 NAG O . 16.69 -23.20 -23.68
C3 NAG O . 17.62 -24.35 -23.33
C4 NAG O . 17.56 -24.67 -21.84
C5 NAG O . 16.11 -24.92 -21.42
C6 NAG O . 15.94 -25.14 -19.93
C7 NAG O . 16.57 -21.71 -25.63
C8 NAG O . 16.60 -21.62 -27.12
N2 NAG O . 16.70 -22.93 -25.10
O3 NAG O . 18.95 -24.01 -23.71
O4 NAG O . 18.33 -25.83 -21.55
O5 NAG O . 15.30 -23.79 -21.78
O6 NAG O . 14.68 -25.74 -19.64
O7 NAG O . 16.41 -20.72 -24.92
C1 NAG O . 19.53 -25.47 -20.82
C2 NAG O . 19.98 -26.64 -19.95
C3 NAG O . 21.27 -26.28 -19.21
C4 NAG O . 22.34 -25.81 -20.19
C5 NAG O . 21.80 -24.67 -21.06
C6 NAG O . 22.77 -24.26 -22.15
C7 NAG O . 18.70 -28.28 -18.62
C8 NAG O . 17.60 -28.47 -17.64
N2 NAG O . 18.94 -27.01 -19.00
O3 NAG O . 21.74 -27.42 -18.49
O4 NAG O . 23.48 -25.35 -19.48
O5 NAG O . 20.59 -25.09 -21.72
O6 NAG O . 23.54 -25.36 -22.61
O7 NAG O . 19.37 -29.20 -19.06
C1 NAG P . -33.34 50.65 -47.46
C2 NAG P . -34.02 51.37 -48.63
C3 NAG P . -35.13 50.50 -49.21
C4 NAG P . -34.60 49.13 -49.60
C5 NAG P . -33.90 48.48 -48.40
C6 NAG P . -33.24 47.17 -48.72
C7 NAG P . -34.31 53.80 -48.83
C8 NAG P . -34.95 55.03 -48.25
N2 NAG P . -34.56 52.66 -48.19
O3 NAG P . -35.70 51.16 -50.34
O4 NAG P . -35.66 48.29 -50.04
O5 NAG P . -32.87 49.36 -47.91
O6 NAG P . -32.55 47.23 -49.97
O7 NAG P . -33.62 53.84 -49.84
C1 NAG P . -35.54 48.06 -51.46
C2 NAG P . -36.51 46.94 -51.85
C3 NAG P . -36.45 46.70 -53.37
C4 NAG P . -36.68 48.00 -54.13
C5 NAG P . -35.71 49.07 -53.65
C6 NAG P . -35.97 50.43 -54.26
C7 NAG P . -37.17 44.87 -50.71
C8 NAG P . -36.69 43.65 -49.97
N2 NAG P . -36.22 45.71 -51.14
O3 NAG P . -37.43 45.74 -53.74
O4 NAG P . -36.49 47.79 -55.52
O5 NAG P . -35.83 49.25 -52.23
O6 NAG P . -36.27 51.41 -53.27
O7 NAG P . -38.36 45.09 -50.90
C1 NAG Q . -45.23 32.84 -42.26
C2 NAG Q . -46.35 32.89 -43.31
C3 NAG Q . -46.72 31.48 -43.77
C4 NAG Q . -45.48 30.73 -44.25
C5 NAG Q . -44.44 30.73 -43.15
C6 NAG Q . -43.13 30.08 -43.55
C7 NAG Q . -47.76 34.88 -42.98
C8 NAG Q . -49.00 35.42 -42.36
N2 NAG Q . -47.52 33.58 -42.78
O3 NAG Q . -47.69 31.57 -44.81
O4 NAG Q . -45.83 29.40 -44.62
O5 NAG Q . -44.12 32.08 -42.78
O6 NAG Q . -42.70 30.53 -44.83
O7 NAG Q . -47.00 35.59 -43.64
C1 NAG Q . -45.65 29.25 -46.05
C2 NAG Q . -45.46 27.77 -46.37
C3 NAG Q . -45.26 27.58 -47.88
C4 NAG Q . -46.41 28.22 -48.65
C5 NAG Q . -46.59 29.69 -48.24
C6 NAG Q . -47.80 30.33 -48.85
C7 NAG Q . -44.50 26.38 -44.59
C8 NAG Q . -43.24 25.89 -43.96
N2 NAG Q . -44.34 27.21 -45.64
O3 NAG Q . -45.19 26.19 -48.18
O4 NAG Q . -46.14 28.16 -50.05
O5 NAG Q . -46.76 29.78 -46.81
O6 NAG Q . -48.95 30.14 -48.05
O7 NAG Q . -45.60 26.03 -44.20
C1 NAG R . -29.90 70.73 -50.30
C2 NAG R . -29.92 70.80 -51.81
C3 NAG R . -30.82 71.94 -52.29
C4 NAG R . -32.21 71.84 -51.66
C5 NAG R . -32.11 71.69 -50.14
C6 NAG R . -33.43 71.41 -49.48
C7 NAG R . -27.85 69.92 -52.81
C8 NAG R . -26.49 70.27 -53.32
N2 NAG R . -28.59 70.95 -52.35
O3 NAG R . -30.93 71.90 -53.70
O4 NAG R . -32.93 73.04 -51.96
O5 NAG R . -31.24 70.60 -49.80
O6 NAG R . -33.71 70.01 -49.46
O7 NAG R . -28.28 68.78 -52.81
C1 NAG R . -34.08 72.77 -52.80
C2 NAG R . -34.78 74.10 -53.09
C3 NAG R . -36.01 73.87 -53.97
C4 NAG R . -35.62 73.13 -55.24
C5 NAG R . -34.84 71.85 -54.92
C6 NAG R . -34.30 71.15 -56.13
C7 NAG R . -34.60 75.92 -51.45
C8 NAG R . -35.11 76.48 -50.16
N2 NAG R . -35.15 74.77 -51.85
O3 NAG R . -36.61 75.12 -54.28
O4 NAG R . -36.79 72.78 -55.98
O5 NAG R . -33.72 72.15 -54.06
O6 NAG R . -32.88 71.27 -56.21
O7 NAG R . -33.74 76.50 -52.11
C1 BMA R . -36.91 73.58 -57.18
C2 BMA R . -37.78 72.80 -58.19
C3 BMA R . -38.09 73.68 -59.41
C4 BMA R . -38.62 75.07 -59.01
C5 BMA R . -37.63 75.74 -58.04
C6 BMA R . -38.11 77.09 -57.55
O2 BMA R . -39.02 72.44 -57.62
O3 BMA R . -39.01 73.04 -60.29
O4 BMA R . -38.77 75.88 -60.16
O5 BMA R . -37.47 74.87 -56.89
O6 BMA R . -36.97 77.92 -57.32
C1 NAG S . -21.72 85.96 -38.66
C2 NAG S . -20.21 86.00 -38.92
C3 NAG S . -19.56 87.10 -38.09
C4 NAG S . -20.26 88.45 -38.31
C5 NAG S . -21.75 88.30 -38.07
C6 NAG S . -22.54 89.54 -38.38
C7 NAG S . -19.34 83.81 -39.59
C8 NAG S . -18.70 82.53 -39.12
N2 NAG S . -19.59 84.71 -38.64
O3 NAG S . -18.18 87.18 -38.44
O4 NAG S . -19.75 89.43 -37.42
O5 NAG S . -22.28 87.26 -38.90
O6 NAG S . -23.30 89.97 -37.26
O7 NAG S . -19.61 84.00 -40.77
C1 NAG S . -18.85 90.35 -38.09
C2 NAG S . -19.14 91.79 -37.64
C3 NAG S . -18.14 92.75 -38.28
C4 NAG S . -16.71 92.31 -38.01
C5 NAG S . -16.52 90.86 -38.45
C6 NAG S . -15.16 90.29 -38.11
C7 NAG S . -21.22 93.01 -37.20
C8 NAG S . -22.62 93.31 -37.69
N2 NAG S . -20.50 92.19 -37.96
O3 NAG S . -18.35 94.07 -37.78
O4 NAG S . -15.80 93.14 -38.71
O5 NAG S . -17.49 90.02 -37.81
O6 NAG S . -14.14 90.87 -38.91
O7 NAG S . -20.78 93.49 -36.16
C1 BMA S . -15.03 93.97 -37.81
C2 BMA S . -14.07 94.85 -38.64
C3 BMA S . -13.33 95.85 -37.73
C4 BMA S . -14.28 96.59 -36.77
C5 BMA S . -15.17 95.59 -36.01
C6 BMA S . -16.19 96.25 -35.11
O2 BMA S . -14.79 95.62 -39.59
O3 BMA S . -12.56 96.78 -38.48
O4 BMA S . -13.53 97.36 -35.84
O5 BMA S . -15.87 94.79 -36.98
O6 BMA S . -16.88 95.24 -34.39
C1 NAG T . -25.64 -9.39 -40.92
C2 NAG T . -25.98 -8.34 -41.97
C3 NAG T . -27.40 -8.57 -42.50
C4 NAG T . -27.57 -10.01 -43.00
C5 NAG T . -27.14 -11.00 -41.92
C6 NAG T . -27.14 -12.44 -42.38
C7 NAG T . -24.76 -6.25 -41.60
C8 NAG T . -24.80 -4.89 -40.98
N2 NAG T . -25.86 -7.00 -41.43
O3 NAG T . -27.65 -7.65 -43.55
O4 NAG T . -28.93 -10.25 -43.34
O5 NAG T . -25.81 -10.71 -41.47
O6 NAG T . -25.86 -12.82 -42.86
O7 NAG T . -23.79 -6.65 -42.23
C1 NAG T . -29.10 -10.35 -44.77
C2 NAG T . -30.12 -11.44 -45.09
C3 NAG T . -30.36 -11.52 -46.59
C4 NAG T . -30.76 -10.16 -47.16
C5 NAG T . -29.72 -9.11 -46.77
C6 NAG T . -30.12 -7.71 -47.17
C7 NAG T . -30.51 -13.56 -43.91
C8 NAG T . -29.91 -14.85 -43.43
N2 NAG T . -29.69 -12.73 -44.57
O3 NAG T . -31.37 -12.48 -46.86
O4 NAG T . -30.87 -10.22 -48.57
O5 NAG T . -29.53 -9.10 -45.35
O6 NAG T . -31.29 -7.29 -46.48
O7 NAG T . -31.69 -13.28 -43.70
C1 NAG U . -17.38 60.87 -46.95
C2 NAG U . -16.01 61.58 -46.82
C3 NAG U . -15.03 61.05 -47.89
C4 NAG U . -14.96 59.53 -47.85
C5 NAG U . -16.36 58.96 -48.04
C6 NAG U . -16.42 57.45 -47.97
C7 NAG U . -16.43 63.82 -45.92
C8 NAG U . -16.56 65.28 -46.24
N2 NAG U . -16.16 63.02 -46.95
O3 NAG U . -13.74 61.61 -47.66
O4 NAG U . -14.10 59.07 -48.89
O5 NAG U . -17.20 59.45 -46.98
O6 NAG U . -15.59 56.94 -46.94
O7 NAG U . -16.57 63.39 -44.79
C1 NAG U . -12.91 58.42 -48.36
C2 NAG U . -12.09 57.88 -49.53
C3 NAG U . -10.81 57.21 -49.01
C4 NAG U . -10.04 58.15 -48.10
C5 NAG U . -10.94 58.69 -46.99
C6 NAG U . -10.25 59.73 -46.12
C7 NAG U . -13.46 57.29 -51.47
C8 NAG U . -14.22 56.21 -52.17
N2 NAG U . -12.86 56.95 -50.33
O3 NAG U . -10.00 56.82 -50.11
O4 NAG U . -8.93 57.47 -47.52
O5 NAG U . -12.10 59.32 -47.56
O6 NAG U . -9.06 60.20 -46.72
O7 NAG U . -13.39 58.44 -51.92
C1 NAG V . 44.98 12.10 -13.53
C2 NAG V . 44.59 12.08 -15.03
C3 NAG V . 45.04 13.36 -15.77
C4 NAG V . 44.64 14.61 -14.97
C5 NAG V . 45.11 14.51 -13.52
C6 NAG V . 44.69 15.68 -12.68
C7 NAG V . 46.04 10.20 -16.10
C8 NAG V . 47.38 10.77 -15.68
N2 NAG V . 44.89 10.84 -15.77
O3 NAG V . 44.44 13.40 -17.06
O4 NAG V . 45.14 15.83 -15.55
O5 NAG V . 44.52 13.33 -12.93
O6 NAG V . 44.64 16.87 -13.44
O7 NAG V . 46.00 9.14 -16.74
C1 NAG V . 46.48 15.83 -16.10
C2 NAG V . 46.50 16.84 -17.24
C3 NAG V . 47.89 16.92 -17.86
C4 NAG V . 48.94 17.21 -16.80
C5 NAG V . 48.83 16.19 -15.66
C6 NAG V . 49.76 16.51 -14.50
C7 NAG V . 44.32 17.11 -18.35
C8 NAG V . 43.43 16.65 -19.45
N2 NAG V . 45.51 16.51 -18.26
O3 NAG V . 47.92 17.94 -18.86
O4 NAG V . 50.24 17.16 -17.36
O5 NAG V . 47.50 16.18 -15.13
O6 NAG V . 50.96 17.12 -14.96
O7 NAG V . 43.99 18.00 -17.57
C1 NAG W . -20.20 -25.16 20.84
C2 NAG W . -19.86 -25.40 19.36
C3 NAG W . -21.11 -25.84 18.61
C4 NAG W . -21.80 -27.02 19.29
C5 NAG W . -22.00 -26.75 20.79
C6 NAG W . -22.48 -27.96 21.56
C7 NAG W . -18.02 -24.20 18.29
C8 NAG W . -17.56 -22.90 17.69
N2 NAG W . -19.27 -24.22 18.75
O3 NAG W . -20.76 -26.19 17.27
O4 NAG W . -23.06 -27.25 18.69
O5 NAG W . -20.75 -26.36 21.40
O6 NAG W . -22.06 -27.93 22.91
O7 NAG W . -17.29 -25.19 18.34
C1 NAG W . -23.11 -28.50 17.98
C2 NAG W . -24.50 -28.64 17.32
C3 NAG W . -24.58 -29.94 16.53
C4 NAG W . -23.44 -30.04 15.53
C5 NAG W . -22.09 -29.85 16.23
C6 NAG W . -20.92 -29.80 15.28
C7 NAG W . -26.72 -27.96 18.11
C8 NAG W . -27.70 -27.99 19.24
N2 NAG W . -25.55 -28.57 18.32
O3 NAG W . -25.83 -30.02 15.86
O4 NAG W . -23.46 -31.30 14.88
O5 NAG W . -22.08 -28.61 16.95
O6 NAG W . -21.34 -29.50 13.95
O7 NAG W . -26.97 -27.41 17.05
C1 NAG X . -56.10 53.60 -5.83
C2 NAG X . -57.23 54.62 -5.67
C3 NAG X . -57.33 55.07 -4.21
C4 NAG X . -57.47 53.87 -3.29
C5 NAG X . -56.32 52.89 -3.53
C6 NAG X . -56.45 51.61 -2.74
C7 NAG X . -57.73 55.94 -7.68
C8 NAG X . -57.40 57.17 -8.46
N2 NAG X . -57.04 55.76 -6.55
O3 NAG X . -58.44 55.95 -4.08
O4 NAG X . -57.44 54.28 -1.92
O5 NAG X . -56.29 52.51 -4.92
O6 NAG X . -57.80 51.19 -2.65
O7 NAG X . -58.59 55.15 -8.05
C1 NAG X . -58.76 54.18 -1.35
C2 NAG X . -58.67 53.70 0.10
C3 NAG X . -60.06 53.68 0.74
C4 NAG X . -60.75 55.03 0.60
C5 NAG X . -60.77 55.45 -0.86
C6 NAG X . -61.32 56.85 -1.06
C7 NAG X . -57.17 52.04 1.11
C8 NAG X . -56.63 50.64 1.04
N2 NAG X . -58.05 52.38 0.18
O3 NAG X . -59.94 53.32 2.12
O4 NAG X . -62.07 54.95 1.08
O5 NAG X . -59.43 55.46 -1.38
O6 NAG X . -60.59 57.56 -2.05
O7 NAG X . -56.82 52.83 1.99
C1 NAG Y . -61.85 45.70 -22.66
C2 NAG Y . -62.81 45.20 -23.75
C3 NAG Y . -63.22 43.75 -23.52
C4 NAG Y . -62.00 42.92 -23.12
C5 NAG Y . -61.54 43.36 -21.74
C6 NAG Y . -60.06 43.18 -21.51
C7 NAG Y . -64.02 47.19 -24.53
C8 NAG Y . -65.32 47.94 -24.51
N2 NAG Y . -64.00 46.05 -23.84
O3 NAG Y . -63.80 43.23 -24.71
O4 NAG Y . -62.28 41.52 -23.17
O5 NAG Y . -61.84 44.75 -21.50
O6 NAG Y . -59.64 43.83 -20.32
O7 NAG Y . -63.05 47.60 -25.16
C1 NAG Y . -63.27 41.06 -22.21
C2 NAG Y . -64.32 40.18 -22.93
C3 NAG Y . -64.62 38.95 -22.11
C4 NAG Y . -63.35 38.12 -21.93
C5 NAG Y . -62.31 38.93 -21.16
C6 NAG Y . -60.94 38.90 -21.80
C7 NAG Y . -66.07 41.05 -24.41
C8 NAG Y . -67.33 41.86 -24.49
N2 NAG Y . -65.54 40.93 -23.19
O3 NAG Y . -65.61 38.16 -22.76
O4 NAG Y . -63.64 36.94 -21.21
O5 NAG Y . -62.69 40.32 -21.03
O6 NAG Y . -60.81 37.82 -22.71
O7 NAG Y . -65.56 40.54 -25.39
C1 NAG Z . -43.55 54.38 12.31
C2 NAG Z . -44.21 55.36 13.29
C3 NAG Z . -44.06 54.85 14.73
C4 NAG Z . -44.56 53.43 14.86
C5 NAG Z . -43.90 52.52 13.82
C6 NAG Z . -44.45 51.12 13.80
C7 NAG Z . -44.29 57.71 12.59
C8 NAG Z . -43.55 59.01 12.54
N2 NAG Z . -43.65 56.69 13.16
O3 NAG Z . -44.77 55.72 15.59
O4 NAG Z . -44.25 52.92 16.16
O5 NAG Z . -44.10 53.07 12.51
O6 NAG Z . -45.86 51.12 13.99
O7 NAG Z . -45.42 57.58 12.14
C1 NAG Z . -45.46 52.79 16.94
C2 NAG Z . -45.30 51.62 17.92
C3 NAG Z . -46.55 51.49 18.79
C4 NAG Z . -46.86 52.81 19.48
C5 NAG Z . -46.94 53.95 18.47
C6 NAG Z . -47.07 55.31 19.12
C7 NAG Z . -43.80 49.85 17.15
C8 NAG Z . -43.69 48.56 16.40
N2 NAG Z . -45.02 50.38 17.23
O3 NAG Z . -46.35 50.46 19.75
O4 NAG Z . -48.10 52.72 20.18
O5 NAG Z . -45.74 54.00 17.68
O6 NAG Z . -45.81 55.90 19.36
O7 NAG Z . -42.82 50.38 17.67
C1 NAG AA . -65.18 60.79 -22.81
C2 NAG AA . -66.63 60.67 -22.34
C3 NAG AA . -67.38 61.97 -22.61
C4 NAG AA . -66.66 63.16 -22.00
C5 NAG AA . -65.19 63.19 -22.46
C6 NAG AA . -64.36 64.24 -21.76
C7 NAG AA . -67.62 58.41 -22.34
C8 NAG AA . -67.26 58.32 -20.89
N2 NAG AA . -67.29 59.54 -22.98
O3 NAG AA . -68.70 61.88 -22.09
O4 NAG AA . -67.31 64.36 -22.38
O5 NAG AA . -64.56 61.93 -22.19
O6 NAG AA . -64.64 64.27 -20.36
O7 NAG AA . -68.19 57.49 -22.92
C1 NAG AA . -67.88 65.02 -21.21
C2 NAG AA . -68.07 66.50 -21.53
C3 NAG AA . -68.62 67.23 -20.32
C4 NAG AA . -69.90 66.56 -19.83
C5 NAG AA . -69.68 65.06 -19.62
C6 NAG AA . -70.97 64.31 -19.30
C7 NAG AA . -66.74 68.00 -22.96
C8 NAG AA . -65.38 68.52 -23.28
N2 NAG AA . -66.81 67.12 -21.97
O3 NAG AA . -68.87 68.59 -20.66
O4 NAG AA . -70.28 67.13 -18.57
O5 NAG AA . -69.15 64.46 -20.81
O6 NAG AA . -71.09 63.13 -20.09
O7 NAG AA . -67.74 68.36 -23.60
C1 BMA AA . -71.45 67.98 -18.67
C2 BMA AA . -71.19 69.22 -17.75
C3 BMA AA . -72.34 70.23 -17.89
C4 BMA AA . -72.69 70.52 -19.37
C5 BMA AA . -72.94 69.21 -20.13
C6 BMA AA . -73.22 69.42 -21.60
O2 BMA AA . -70.00 69.89 -18.16
O3 BMA AA . -72.04 71.44 -17.22
O4 BMA AA . -73.85 71.34 -19.44
O5 BMA AA . -71.76 68.38 -20.01
O6 BMA AA . -74.21 70.43 -21.73
C1 NAG BA . -60.54 61.86 -42.74
C2 NAG BA . -61.11 60.63 -43.43
C3 NAG BA . -60.66 60.58 -44.88
C4 NAG BA . -61.02 61.88 -45.61
C5 NAG BA . -60.50 63.09 -44.82
C6 NAG BA . -60.98 64.41 -45.38
C7 NAG BA . -61.59 58.46 -42.39
C8 NAG BA . -61.01 57.27 -41.67
N2 NAG BA . -60.72 59.41 -42.72
O3 NAG BA . -61.26 59.47 -45.53
O4 NAG BA . -60.44 61.87 -46.90
O5 NAG BA . -60.95 63.05 -43.47
O6 NAG BA . -62.30 64.31 -45.88
O7 NAG BA . -62.78 58.54 -42.65
C1 NAG BA . -61.44 61.77 -47.94
C2 NAG BA . -60.71 61.72 -49.29
C3 NAG BA . -61.73 61.56 -50.43
C4 NAG BA . -62.64 60.36 -50.18
C5 NAG BA . -63.28 60.46 -48.80
C6 NAG BA . -64.10 59.24 -48.44
C7 NAG BA . -58.58 62.92 -49.29
C8 NAG BA . -57.88 64.23 -49.54
N2 NAG BA . -59.90 62.90 -49.49
O3 NAG BA . -61.03 61.40 -51.65
O4 NAG BA . -63.64 60.31 -51.17
O5 NAG BA . -62.27 60.60 -47.79
O6 NAG BA . -65.32 59.60 -47.81
O7 NAG BA . -57.96 61.93 -48.90
C1 NAG CA . -24.46 -32.17 -26.58
C2 NAG CA . -25.78 -32.12 -25.81
C3 NAG CA . -26.94 -32.51 -26.73
C4 NAG CA . -26.93 -31.71 -28.04
C5 NAG CA . -25.51 -31.63 -28.65
C6 NAG CA . -25.42 -30.62 -29.77
C7 NAG CA . -25.59 -34.25 -24.48
C8 NAG CA . -25.63 -34.80 -23.09
N2 NAG CA . -25.78 -32.92 -24.59
O3 NAG CA . -28.17 -32.31 -26.04
O4 NAG CA . -27.73 -32.38 -29.00
O5 NAG CA . -24.53 -31.25 -27.68
O6 NAG CA . -24.15 -29.97 -29.78
O7 NAG CA . -25.41 -34.99 -25.45
C1 NAG CA . -29.04 -31.80 -29.18
C2 NAG CA . -29.63 -32.41 -30.46
C3 NAG CA . -31.05 -31.89 -30.68
C4 NAG CA . -31.91 -32.13 -29.44
C5 NAG CA . -31.23 -31.53 -28.21
C6 NAG CA . -31.96 -31.85 -26.93
C7 NAG CA . -27.96 -33.01 -32.15
C8 NAG CA . -27.18 -32.54 -33.34
N2 NAG CA . -28.79 -32.12 -31.62
O3 NAG CA . -31.62 -32.54 -31.80
O4 NAG CA . -33.19 -31.53 -29.62
O5 NAG CA . -29.91 -32.07 -28.07
O6 NAG CA . -31.10 -32.46 -25.97
O7 NAG CA . -27.84 -34.15 -31.69
C1 NAG DA . -50.79 108.66 -39.14
C2 NAG DA . -49.37 108.12 -39.29
C3 NAG DA . -48.61 108.92 -40.35
C4 NAG DA . -49.38 108.93 -41.66
C5 NAG DA . -50.80 109.44 -41.44
C6 NAG DA . -51.66 109.35 -42.68
C7 NAG DA . -47.77 107.23 -37.64
C8 NAG DA . -47.14 107.43 -36.30
N2 NAG DA . -48.66 108.16 -38.01
O3 NAG DA . -47.32 108.34 -40.55
O4 NAG DA . -48.72 109.76 -42.61
O5 NAG DA . -51.45 108.65 -40.43
O6 NAG DA . -51.57 108.07 -43.28
O7 NAG DA . -47.48 106.28 -38.36
C1 NAG EA . 49.69 9.00 39.96
C2 NAG EA . 50.20 8.08 38.84
C3 NAG EA . 49.25 6.89 38.68
C4 NAG EA . 49.04 6.17 40.01
C5 NAG EA . 48.57 7.17 41.07
C6 NAG EA . 48.45 6.55 42.44
C7 NAG EA . 51.41 8.68 36.80
C8 NAG EA . 51.39 9.50 35.55
N2 NAG EA . 50.34 8.80 37.59
O3 NAG EA . 49.79 5.99 37.72
O4 NAG EA . 48.05 5.16 39.85
O5 NAG EA . 49.51 8.24 41.17
O6 NAG EA . 47.32 7.04 43.14
O7 NAG EA . 52.35 7.94 37.08
C1 NAG FA . 24.45 33.17 29.41
C2 NAG FA . 24.32 32.56 30.81
C3 NAG FA . 23.62 33.54 31.76
C4 NAG FA . 24.34 34.88 31.76
C5 NAG FA . 24.47 35.42 30.34
C6 NAG FA . 25.29 36.69 30.26
C7 NAG FA . 24.20 30.11 30.92
C8 NAG FA . 23.30 28.91 30.85
N2 NAG FA . 23.60 31.29 30.76
O3 NAG FA . 23.60 32.99 33.07
O4 NAG FA . 23.62 35.82 32.55
O5 NAG FA . 25.13 34.45 29.51
O6 NAG FA . 26.68 36.40 30.15
O7 NAG FA . 25.40 30.01 31.12
C1 NAG GA . 12.72 50.25 2.12
C2 NAG GA . 13.14 49.59 0.78
C3 NAG GA . 12.86 50.52 -0.39
C4 NAG GA . 11.46 51.08 -0.30
C5 NAG GA . 11.37 52.02 0.89
C6 NAG GA . 10.01 52.03 1.56
C7 NAG GA . 14.98 47.94 0.97
C8 NAG GA . 13.93 46.87 1.10
N2 NAG GA . 14.53 49.20 0.82
O3 NAG GA . 13.03 49.79 -1.61
O4 NAG GA . 11.14 51.79 -1.50
O5 NAG GA . 12.35 51.69 1.89
O6 NAG GA . 9.43 50.73 1.57
O7 NAG GA . 16.17 47.68 0.99
C1 NAG HA . -8.08 56.67 26.52
C2 NAG HA . -8.84 56.50 27.84
C3 NAG HA . -8.51 57.65 28.79
C4 NAG HA . -7.00 57.77 28.98
C5 NAG HA . -6.30 57.87 27.62
C6 NAG HA . -4.79 57.86 27.73
C7 NAG HA . -11.03 55.34 27.79
C8 NAG HA . -10.31 54.11 28.28
N2 NAG HA . -10.28 56.44 27.60
O3 NAG HA . -9.13 57.43 30.04
O4 NAG HA . -6.69 58.92 29.75
O5 NAG HA . -6.66 56.75 26.79
O6 NAG HA . -4.22 56.82 26.95
O7 NAG HA . -12.23 55.33 27.58
C1 NAG IA . -9.32 34.09 30.93
C2 NAG IA . -9.75 35.48 30.45
C3 NAG IA . -10.18 36.33 31.64
C4 NAG IA . -11.25 35.62 32.46
C5 NAG IA . -10.76 34.23 32.88
C6 NAG IA . -11.81 33.42 33.60
C7 NAG IA . -8.61 36.12 28.38
C8 NAG IA . -7.45 36.85 27.78
N2 NAG IA . -8.68 36.14 29.71
O3 NAG IA . -10.69 37.58 31.18
O4 NAG IA . -11.58 36.38 33.62
O5 NAG IA . -10.37 33.49 31.71
O6 NAG IA . -13.05 34.11 33.69
O7 NAG IA . -9.43 35.55 27.69
C1 NAG JA . -40.47 71.20 7.14
C2 NAG JA . -41.68 72.05 6.76
C3 NAG JA . -42.05 72.99 7.91
C4 NAG JA . -42.24 72.22 9.20
C5 NAG JA . -41.02 71.34 9.49
C6 NAG JA . -41.22 70.42 10.67
C7 NAG JA . -42.25 72.77 4.49
C8 NAG JA . -41.85 73.61 3.31
N2 NAG JA . -41.43 72.81 5.54
O3 NAG JA . -43.23 73.71 7.58
O4 NAG JA . -42.44 73.11 10.29
O5 NAG JA . -40.74 70.49 8.36
O6 NAG JA . -41.96 69.26 10.30
O7 NAG JA . -43.27 72.09 4.47
C1 NAG KA . 57.09 10.53 13.38
C2 NAG KA . 58.35 9.65 13.32
C3 NAG KA . 58.32 8.79 12.05
C4 NAG KA . 57.01 8.01 11.96
C5 NAG KA . 55.82 8.96 12.05
C6 NAG KA . 54.48 8.26 12.05
C7 NAG KA . 60.24 10.67 14.49
C8 NAG KA . 61.46 11.52 14.36
N2 NAG KA . 59.55 10.45 13.37
O3 NAG KA . 59.42 7.88 12.08
O4 NAG KA . 56.95 7.30 10.73
O5 NAG KA . 55.90 9.72 13.27
O6 NAG KA . 53.52 9.01 12.77
O7 NAG KA . 59.88 10.22 15.58
C1 NAG LA . 67.12 26.03 30.64
C2 NAG LA . 68.15 27.15 30.88
C3 NAG LA . 69.20 27.14 29.77
C4 NAG LA . 69.83 25.76 29.63
C5 NAG LA . 68.75 24.70 29.45
C6 NAG LA . 69.31 23.28 29.45
C7 NAG LA . 67.19 29.05 32.11
C8 NAG LA . 66.53 30.39 31.99
N2 NAG LA . 67.51 28.45 30.96
O3 NAG LA . 70.20 28.11 30.05
O4 NAG LA . 70.70 25.74 28.51
O5 NAG LA . 67.81 24.76 30.53
O6 NAG LA . 68.34 22.35 29.00
O7 NAG LA . 67.41 28.52 33.20
C1 NAG MA . -10.70 3.40 47.55
C2 NAG MA . -12.14 3.54 48.05
C3 NAG MA . -12.41 4.96 48.53
C4 NAG MA . -11.39 5.37 49.58
C5 NAG MA . -9.97 5.17 49.03
C6 NAG MA . -8.90 5.46 50.07
C7 NAG MA . -14.21 2.48 47.23
C8 NAG MA . -15.06 2.19 46.04
N2 NAG MA . -13.09 3.17 46.99
O3 NAG MA . -13.73 5.04 49.07
O4 NAG MA . -11.57 6.73 49.94
O5 NAG MA . -9.79 3.82 48.60
O6 NAG MA . -7.74 6.03 49.47
O7 NAG MA . -14.52 2.11 48.35
C1 NAG NA . 32.59 37.43 -8.19
C2 NAG NA . 32.86 38.78 -7.53
C3 NAG NA . 33.41 39.77 -8.56
C4 NAG NA . 34.63 39.19 -9.27
C5 NAG NA . 34.29 37.84 -9.88
C6 NAG NA . 35.48 37.14 -10.49
C7 NAG NA . 31.36 39.15 -5.62
C8 NAG NA . 30.08 39.78 -5.16
N2 NAG NA . 31.65 39.32 -6.91
O3 NAG NA . 33.76 40.99 -7.91
O4 NAG NA . 35.06 40.07 -10.30
O5 NAG NA . 33.79 36.96 -8.85
O6 NAG NA . 36.67 37.90 -10.33
O7 NAG NA . 32.10 38.54 -4.86
C1 NAG OA . -63.42 98.13 -44.99
C2 NAG OA . -63.25 96.75 -45.66
C3 NAG OA . -64.60 96.25 -46.17
C4 NAG OA . -65.64 96.26 -45.07
C5 NAG OA . -65.73 97.63 -44.43
C6 NAG OA . -66.65 97.68 -43.24
C7 NAG OA . -61.43 95.83 -47.02
C8 NAG OA . -60.49 96.07 -48.17
N2 NAG OA . -62.28 96.82 -46.74
O3 NAG OA . -64.44 94.93 -46.69
O4 NAG OA . -66.91 95.90 -45.60
O5 NAG OA . -64.43 98.03 -43.95
O6 NAG OA . -66.06 98.37 -42.14
O7 NAG OA . -61.43 94.78 -46.39
C1 NAG PA . -4.92 -40.62 -42.68
C2 NAG PA . -4.95 -41.69 -43.78
C3 NAG PA . -5.82 -42.87 -43.33
C4 NAG PA . -5.37 -43.41 -41.97
C5 NAG PA . -5.32 -42.28 -40.95
C6 NAG PA . -4.75 -42.71 -39.62
C7 NAG PA . -4.77 -41.22 -46.20
C8 NAG PA . -3.44 -41.93 -46.17
N2 NAG PA . -5.44 -41.15 -45.03
O3 NAG PA . -5.75 -43.91 -44.31
O4 NAG PA . -6.26 -44.42 -41.52
O5 NAG PA . -4.48 -41.21 -41.43
O6 NAG PA . -4.85 -44.11 -39.45
O7 NAG PA . -5.23 -40.74 -47.23
C1 NAG QA . 23.40 -36.22 -47.05
C2 NAG QA . 22.35 -36.60 -46.00
C3 NAG QA . 22.91 -36.41 -44.59
C4 NAG QA . 24.23 -37.14 -44.42
C5 NAG QA . 25.21 -36.69 -45.50
C6 NAG QA . 26.51 -37.45 -45.46
C7 NAG QA . 19.92 -36.39 -46.36
C8 NAG QA . 18.79 -35.43 -46.52
N2 NAG QA . 21.13 -35.83 -46.17
O3 NAG QA . 21.97 -36.90 -43.64
O4 NAG QA . 24.78 -36.86 -43.14
O5 NAG QA . 24.63 -36.93 -46.79
O6 NAG QA . 26.70 -38.24 -46.63
O7 NAG QA . 19.78 -37.61 -46.38
C1 NAG RA . 11.46 -3.52 -48.17
C2 NAG RA . 12.92 -3.66 -48.61
C3 NAG RA . 13.29 -2.55 -49.59
C4 NAG RA . 12.31 -2.50 -50.75
C5 NAG RA . 10.87 -2.40 -50.23
C6 NAG RA . 9.84 -2.46 -51.32
C7 NAG RA . 14.95 -4.36 -47.42
C8 NAG RA . 15.75 -4.23 -46.16
N2 NAG RA . 13.82 -3.66 -47.47
O3 NAG RA . 14.61 -2.77 -50.09
O4 NAG RA . 12.59 -1.38 -51.59
O5 NAG RA . 10.60 -3.48 -49.34
O6 NAG RA . 8.61 -3.00 -50.84
O7 NAG RA . 15.32 -5.07 -48.36
C1 NAG SA . -17.38 13.69 -45.61
C2 NAG SA . -18.62 12.78 -45.61
C3 NAG SA . -19.75 13.40 -46.42
C4 NAG SA . -19.97 14.84 -45.98
C5 NAG SA . -18.77 15.66 -46.42
C6 NAG SA . -18.43 16.79 -45.46
C7 NAG SA . -18.61 10.30 -45.49
C8 NAG SA . -19.34 10.42 -44.19
N2 NAG SA . -18.30 11.46 -46.11
O3 NAG SA . -20.94 12.65 -46.22
O4 NAG SA . -21.14 15.37 -46.60
O5 NAG SA . -17.59 14.85 -46.55
O6 NAG SA . -18.72 16.44 -44.11
O7 NAG SA . -18.31 9.22 -45.98
C1 NAG TA . 6.75 36.78 -49.55
C2 NAG TA . 8.26 36.95 -49.65
C3 NAG TA . 8.68 37.08 -51.11
C4 NAG TA . 8.16 35.91 -51.93
C5 NAG TA . 6.64 35.79 -51.74
C6 NAG TA . 6.05 34.57 -52.44
C7 NAG TA . 9.53 37.99 -47.82
C8 NAG TA . 9.90 39.28 -47.14
N2 NAG TA . 8.72 38.10 -48.87
O3 NAG TA . 10.11 37.13 -51.20
O4 NAG TA . 8.44 36.12 -53.31
O5 NAG TA . 6.34 35.65 -50.34
O6 NAG TA . 4.90 34.91 -53.18
O7 NAG TA . 9.96 36.90 -47.43
C1 NAG UA . -9.99 71.52 -38.12
C2 NAG UA . -10.27 73.02 -37.99
C3 NAG UA . -9.43 73.80 -39.00
C4 NAG UA . -7.96 73.45 -38.86
C5 NAG UA . -7.76 71.94 -38.93
C6 NAG UA . -6.34 71.51 -38.65
C7 NAG UA . -12.39 74.08 -37.32
C8 NAG UA . -13.84 74.26 -37.65
N2 NAG UA . -11.69 73.31 -38.17
O3 NAG UA . -9.62 75.20 -38.80
O4 NAG UA . -7.21 74.07 -39.90
O5 NAG UA . -8.59 71.28 -37.95
O6 NAG UA . -5.97 71.80 -37.31
O7 NAG UA . -11.87 74.58 -36.32
C1 NAG VA . 6.46 -40.80 -65.41
C2 NAG VA . 6.79 -41.49 -66.74
C3 NAG VA . 5.54 -42.13 -67.33
C4 NAG VA . 4.87 -43.06 -66.32
C5 NAG VA . 4.62 -42.32 -65.01
C6 NAG VA . 4.09 -43.22 -63.92
C7 NAG VA . 8.39 -40.88 -68.50
C8 NAG VA . 8.88 -39.78 -69.40
N2 NAG VA . 7.39 -40.55 -67.68
O3 NAG VA . 5.88 -42.85 -68.50
O4 NAG VA . 3.64 -43.53 -66.85
O5 NAG VA . 5.85 -41.76 -64.52
O6 NAG VA . 3.91 -44.56 -64.37
O7 NAG VA . 8.88 -42.00 -68.51
C1 NAG WA . 9.91 -37.75 -23.22
C2 NAG WA . 10.72 -38.42 -22.09
C3 NAG WA . 10.32 -37.83 -20.73
C4 NAG WA . 10.43 -36.32 -20.74
C5 NAG WA . 9.61 -35.73 -21.89
C6 NAG WA . 9.75 -34.23 -22.03
C7 NAG WA . 11.48 -40.73 -21.72
C8 NAG WA . 11.11 -42.17 -21.80
N2 NAG WA . 10.53 -39.86 -22.09
O3 NAG WA . 11.16 -38.37 -19.71
O4 NAG WA . 9.95 -35.78 -19.51
O5 NAG WA . 10.05 -36.31 -23.13
O6 NAG WA . 10.61 -33.69 -21.03
O7 NAG WA . 12.58 -40.36 -21.35
C1 NAG XA . 18.16 26.68 -32.69
C2 NAG XA . 17.96 28.17 -32.39
C3 NAG XA . 18.76 29.01 -33.37
C4 NAG XA . 20.23 28.60 -33.36
C5 NAG XA . 20.37 27.10 -33.62
C6 NAG XA . 21.79 26.61 -33.49
C7 NAG XA . 15.84 28.84 -31.35
C8 NAG XA . 14.40 29.17 -31.59
N2 NAG XA . 16.55 28.51 -32.44
O3 NAG XA . 18.63 30.39 -33.02
O4 NAG XA . 20.94 29.32 -34.37
O5 NAG XA . 19.58 26.38 -32.66
O6 NAG XA . 22.67 27.64 -33.06
O7 NAG XA . 16.34 28.86 -30.23
C1 NAG YA . -63.65 103.65 -30.12
C2 NAG YA . -62.97 103.39 -28.77
C3 NAG YA . -63.18 104.58 -27.83
C4 NAG YA . -62.75 105.88 -28.49
C5 NAG YA . -63.45 106.04 -29.84
C6 NAG YA . -62.98 107.26 -30.61
C7 NAG YA . -62.70 101.32 -27.48
C8 NAG YA . -63.38 100.10 -26.93
N2 NAG YA . -63.48 102.16 -28.17
O3 NAG YA . -62.44 104.37 -26.63
O4 NAG YA . -63.08 106.98 -27.65
O5 NAG YA . -63.18 104.90 -30.66
O6 NAG YA . -62.98 107.01 -32.01
O7 NAG YA . -61.50 101.52 -27.32
C1 NAG ZA . -41.13 -41.58 34.39
C2 NAG ZA . -39.97 -42.48 34.82
C3 NAG ZA . -39.17 -42.93 33.59
C4 NAG ZA . -40.08 -43.56 32.55
C5 NAG ZA . -41.23 -42.62 32.20
C6 NAG ZA . -42.24 -43.23 31.26
C7 NAG ZA . -38.51 -42.42 36.79
C8 NAG ZA . -37.65 -41.55 37.66
N2 NAG ZA . -39.11 -41.80 35.76
O3 NAG ZA . -38.17 -43.86 33.99
O4 NAG ZA . -39.34 -43.85 31.36
O5 NAG ZA . -41.94 -42.26 33.41
O6 NAG ZA . -41.60 -43.94 30.20
O7 NAG ZA . -38.65 -43.62 36.99
C1 NAG AB . -46.61 -12.62 14.82
C2 NAG AB . -47.51 -13.78 14.37
C3 NAG AB . -48.48 -13.30 13.28
C4 NAG AB . -49.25 -12.07 13.76
C5 NAG AB . -48.29 -10.99 14.25
C6 NAG AB . -49.01 -9.80 14.85
C7 NAG AB . -47.08 -16.18 14.06
C8 NAG AB . -46.14 -17.20 13.51
N2 NAG AB . -46.71 -14.90 13.88
O3 NAG AB . -49.37 -14.35 12.94
O4 NAG AB . -50.05 -11.56 12.69
O5 NAG AB . -47.43 -11.52 15.26
O6 NAG AB . -50.11 -10.21 15.66
O7 NAG AB . -48.11 -16.48 14.64
C1 NAG BB . -46.53 21.80 14.08
C2 NAG BB . -45.87 23.18 13.94
C3 NAG BB . -46.76 24.25 14.57
C4 NAG BB . -48.17 24.20 14.01
C5 NAG BB . -48.74 22.79 14.17
C6 NAG BB . -50.11 22.62 13.54
C7 NAG BB . -43.43 23.01 13.82
C8 NAG BB . -42.15 23.06 14.60
N2 NAG BB . -44.55 23.19 14.53
O3 NAG BB . -46.19 25.53 14.34
O4 NAG BB . -49.01 25.12 14.69
O5 NAG BB . -47.87 21.84 13.54
O6 NAG BB . -50.46 21.25 13.44
O7 NAG BB . -43.44 22.83 12.62
C1 NAG CB . -58.70 10.37 -14.91
C2 NAG CB . -60.14 10.07 -15.34
C3 NAG CB . -60.20 8.73 -16.07
C4 NAG CB . -59.23 8.71 -17.25
C5 NAG CB . -57.81 9.08 -16.76
C6 NAG CB . -56.82 9.21 -17.90
C7 NAG CB . -61.91 11.04 -13.94
C8 NAG CB . -62.75 10.87 -12.72
N2 NAG CB . -61.03 10.06 -14.19
O3 NAG CB . -61.52 8.52 -16.55
O4 NAG CB . -59.20 7.43 -17.84
O5 NAG CB . -57.84 10.34 -16.07
O6 NAG CB . -56.24 10.51 -17.93
O7 NAG CB . -62.02 12.01 -14.68
C1 NAG DB . -57.33 44.54 -37.31
C2 NAG DB . -57.80 45.69 -38.22
C3 NAG DB . -59.06 45.27 -38.97
C4 NAG DB . -58.83 43.98 -39.73
C5 NAG DB . -58.29 42.89 -38.79
C6 NAG DB . -57.90 41.62 -39.52
C7 NAG DB . -57.50 48.08 -37.77
C8 NAG DB . -57.85 49.22 -36.86
N2 NAG DB . -58.04 46.89 -37.44
O3 NAG DB . -59.45 46.31 -39.86
O4 NAG DB . -60.04 43.53 -40.32
O5 NAG DB . -57.12 43.36 -38.11
O6 NAG DB . -56.63 41.77 -40.13
O7 NAG DB . -56.78 48.22 -38.73
C1 NAG EB . -53.05 -28.55 53.17
C2 NAG EB . -54.35 -28.07 52.50
C3 NAG EB . -54.93 -26.88 53.28
C4 NAG EB . -55.09 -27.21 54.75
C5 NAG EB . -53.77 -27.72 55.33
C6 NAG EB . -53.88 -28.16 56.76
C7 NAG EB . -54.41 -28.53 50.10
C8 NAG EB . -54.11 -28.01 48.72
N2 NAG EB . -54.11 -27.71 51.12
O3 NAG EB . -56.19 -26.53 52.71
O4 NAG EB . -55.51 -26.06 55.46
O5 NAG EB . -53.30 -28.84 54.57
O6 NAG EB . -53.29 -27.22 57.65
O7 NAG EB . -54.91 -29.64 50.27
C1 NAG FB . -32.06 15.57 34.92
C2 NAG FB . -33.57 15.51 35.17
C3 NAG FB . -34.05 16.84 35.75
C4 NAG FB . -33.25 17.22 36.98
C5 NAG FB . -31.75 17.21 36.66
C6 NAG FB . -30.88 17.44 37.88
C7 NAG FB . -34.92 14.03 33.72
C8 NAG FB . -34.85 13.01 34.82
N2 NAG FB . -34.29 15.19 33.96
O3 NAG FB . -35.43 16.74 36.09
O4 NAG FB . -33.61 18.53 37.43
O5 NAG FB . -31.38 15.92 36.14
O6 NAG FB . -31.52 17.00 39.07
O7 NAG FB . -35.51 13.82 32.67
C1 NAG GB . -42.17 -2.55 -17.83
C2 NAG GB . -41.71 -2.19 -19.25
C3 NAG GB . -42.91 -2.18 -20.21
C4 NAG GB . -43.66 -3.51 -20.13
C5 NAG GB . -44.04 -3.83 -18.69
C6 NAG GB . -44.67 -5.19 -18.53
C7 NAG GB . -39.74 -0.76 -19.51
C8 NAG GB . -39.21 0.64 -19.49
N2 NAG GB . -41.04 -0.90 -19.26
O3 NAG GB . -42.46 -1.96 -21.54
O4 NAG GB . -44.85 -3.44 -20.91
O5 NAG GB . -42.86 -3.82 -17.86
O6 NAG GB . -43.68 -6.20 -18.38
O7 NAG GB . -39.01 -1.72 -19.74
#